data_4H6D
#
_entry.id   4H6D
#
_cell.length_a   79.480
_cell.length_b   191.840
_cell.length_c   101.890
_cell.angle_alpha   90.00
_cell.angle_beta   112.72
_cell.angle_gamma   90.00
#
_symmetry.space_group_name_H-M   'P 1 21 1'
#
loop_
_entity.id
_entity.type
_entity.pdbx_description
1 polymer 'Pyrimidine precursor biosynthesis enzyme THI5'
2 non-polymer "PYRIDOXAL-5'-PHOSPHATE"
#
_entity_poly.entity_id   1
_entity_poly.type   'polypeptide(L)'
_entity_poly.pdbx_seq_one_letter_code
;MSTDKITFLLNWQPTPYHIPIFLAQTKGYFKEQGLDMAILEPTNPSDVTELIGSGKVDMGLKAMIHTLAAKARGFPVTSV
ASLLDEPFTGVLYLKGSGITKSFQSLKGKKIGYVGEFGKIQIDELTKHYGMKPEDYTAVRCGMNVAKYIIEGKIDAGIGI
ECMQQVELEEYLAKQGRPASDAKMLRIDKLACLGCCCFCTVLYICNDEFLKKNPEKVRKFLKAIKKATDYVLADPVKAWK
EYIDFKPQLNNDLSYKQYQRCYAYFSSSLYNVHRDWKKVTGYGKRLAILPPDYVSNYTNEYLSWPEPEEVSDPLEATRLM
AIHQEKCRQEGTFKRLALPAHHHHHH
;
_entity_poly.pdbx_strand_id   F,A,B,C,D,E,G,H
#
loop_
_chem_comp.id
_chem_comp.type
_chem_comp.name
_chem_comp.formula
PLP non-polymer PYRIDOXAL-5'-PHOSPHATE 'C8 H10 N O6 P'
#
# COMPACT_ATOMS: atom_id res chain seq x y z
N ASP A 4 19.90 6.67 18.55
CA ASP A 4 20.22 5.59 19.49
C ASP A 4 19.71 5.85 20.93
N LYS A 5 18.60 6.58 21.05
CA LYS A 5 17.89 6.69 22.31
C LYS A 5 17.09 5.41 22.54
N ILE A 6 16.86 5.06 23.79
CA ILE A 6 15.93 3.98 24.11
C ILE A 6 14.55 4.53 24.47
N THR A 7 13.52 4.00 23.83
CA THR A 7 12.17 4.49 24.08
C THR A 7 11.47 3.72 25.18
N PHE A 8 10.93 4.45 26.15
CA PHE A 8 10.19 3.88 27.24
C PHE A 8 8.79 4.48 27.23
N LEU A 9 7.77 3.65 26.98
CA LEU A 9 6.40 4.15 26.88
C LEU A 9 5.51 3.76 28.07
N LEU A 10 5.05 4.76 28.83
CA LEU A 10 4.19 4.54 30.00
C LEU A 10 2.87 3.85 29.62
N ASN A 11 2.11 3.41 30.61
CA ASN A 11 0.84 2.79 30.32
C ASN A 11 -0.27 3.81 30.29
N TRP A 12 0.01 4.99 30.82
CA TRP A 12 -1.05 5.91 31.17
C TRP A 12 -0.53 7.34 30.99
N GLN A 13 -1.41 8.32 31.03
CA GLN A 13 -0.95 9.68 31.24
C GLN A 13 -0.07 9.61 32.48
N PRO A 14 0.77 10.62 32.67
CA PRO A 14 1.57 10.61 33.90
C PRO A 14 0.69 10.46 35.16
N THR A 15 1.06 9.51 36.01
CA THR A 15 0.34 9.23 37.24
C THR A 15 1.33 9.35 38.36
N PRO A 16 0.83 9.50 39.60
CA PRO A 16 1.68 9.51 40.79
C PRO A 16 2.58 8.29 40.82
N TYR A 17 2.13 7.14 40.30
CA TYR A 17 2.96 5.93 40.41
C TYR A 17 4.04 5.77 39.34
N HIS A 18 4.19 6.77 38.48
CA HIS A 18 5.29 6.77 37.54
C HIS A 18 6.52 7.42 38.14
N ILE A 19 6.37 7.96 39.34
CA ILE A 19 7.43 8.74 39.96
C ILE A 19 8.83 8.12 39.87
N PRO A 20 8.97 6.80 40.12
CA PRO A 20 10.34 6.26 40.12
C PRO A 20 11.06 6.41 38.77
N ILE A 21 10.30 6.43 37.68
CA ILE A 21 10.86 6.56 36.35
C ILE A 21 11.23 8.00 36.09
N PHE A 22 10.29 8.91 36.27
CA PHE A 22 10.61 10.32 36.09
C PHE A 22 11.78 10.77 36.94
N LEU A 23 11.83 10.33 38.18
CA LEU A 23 12.97 10.66 39.03
C LEU A 23 14.28 10.08 38.52
N ALA A 24 14.28 8.83 38.06
CA ALA A 24 15.49 8.24 37.52
C ALA A 24 16.00 9.12 36.39
N GLN A 25 15.08 9.81 35.73
CA GLN A 25 15.44 10.75 34.68
C GLN A 25 16.01 12.04 35.26
N THR A 26 15.21 12.72 36.08
CA THR A 26 15.51 14.07 36.56
C THR A 26 16.73 14.10 37.46
N LYS A 27 16.90 13.04 38.23
CA LYS A 27 18.00 12.95 39.18
C LYS A 27 19.32 12.49 38.54
N GLY A 28 19.26 12.15 37.26
CA GLY A 28 20.45 11.77 36.54
C GLY A 28 20.87 10.33 36.69
N TYR A 29 19.98 9.48 37.19
CA TYR A 29 20.34 8.09 37.38
C TYR A 29 20.49 7.39 36.04
N PHE A 30 19.63 7.70 35.10
CA PHE A 30 19.73 7.08 33.78
C PHE A 30 21.03 7.52 33.17
N LYS A 31 21.28 8.82 33.20
CA LYS A 31 22.49 9.40 32.63
C LYS A 31 23.72 8.74 33.19
N GLU A 32 23.78 8.56 34.50
CA GLU A 32 24.96 7.99 35.14
C GLU A 32 25.17 6.52 34.79
N GLN A 33 24.22 5.93 34.08
CA GLN A 33 24.34 4.55 33.61
C GLN A 33 24.67 4.50 32.13
N GLY A 34 24.81 5.66 31.51
CA GLY A 34 25.10 5.73 30.10
C GLY A 34 23.89 5.38 29.28
N LEU A 35 22.71 5.59 29.85
CA LEU A 35 21.47 5.38 29.14
C LEU A 35 20.86 6.70 28.72
N ASP A 36 20.32 6.73 27.51
CA ASP A 36 19.59 7.89 27.04
C ASP A 36 18.14 7.48 26.82
N MET A 37 17.29 7.74 27.81
CA MET A 37 15.93 7.27 27.76
C MET A 37 15.01 8.33 27.24
N ALA A 38 14.15 7.95 26.30
CA ALA A 38 13.12 8.83 25.82
C ALA A 38 11.78 8.38 26.32
N ILE A 39 11.35 8.94 27.43
CA ILE A 39 10.08 8.56 28.02
C ILE A 39 8.89 9.10 27.23
N LEU A 40 7.99 8.23 26.84
CA LEU A 40 6.82 8.65 26.10
C LEU A 40 5.54 8.30 26.84
N GLU A 41 4.51 9.15 26.66
CA GLU A 41 3.20 8.91 27.23
C GLU A 41 2.21 8.61 26.12
N PRO A 42 1.36 7.59 26.31
CA PRO A 42 0.34 7.26 25.31
C PRO A 42 -0.91 8.10 25.43
N THR A 43 -1.63 8.23 24.34
CA THR A 43 -2.92 8.89 24.34
C THR A 43 -3.94 7.83 24.59
N ASN A 44 -3.58 6.60 24.23
CA ASN A 44 -4.47 5.47 24.39
C ASN A 44 -3.73 4.23 24.86
N PRO A 45 -3.93 3.86 26.11
CA PRO A 45 -3.25 2.69 26.66
C PRO A 45 -3.38 1.49 25.73
N SER A 46 -4.54 1.32 25.09
CA SER A 46 -4.75 0.23 24.13
C SER A 46 -3.63 0.10 23.08
N ASP A 47 -2.96 1.22 22.75
CA ASP A 47 -1.89 1.22 21.76
C ASP A 47 -0.58 0.65 22.31
N VAL A 48 -0.44 0.60 23.63
CA VAL A 48 0.86 0.35 24.25
C VAL A 48 1.52 -1.01 23.97
N THR A 49 0.85 -2.13 24.28
CA THR A 49 1.50 -3.44 24.12
C THR A 49 1.85 -3.71 22.66
N GLU A 50 0.94 -3.35 21.76
CA GLU A 50 1.22 -3.53 20.35
C GLU A 50 2.47 -2.77 19.87
N LEU A 51 2.64 -1.52 20.30
CA LEU A 51 3.82 -0.75 19.91
C LEU A 51 5.11 -1.36 20.45
N ILE A 52 5.12 -1.78 21.71
CA ILE A 52 6.31 -2.38 22.31
C ILE A 52 6.57 -3.77 21.74
N GLY A 53 5.51 -4.55 21.56
CA GLY A 53 5.64 -5.90 21.03
C GLY A 53 6.23 -5.88 19.62
N SER A 54 5.78 -4.92 18.82
CA SER A 54 6.24 -4.78 17.45
C SER A 54 7.64 -4.16 17.32
N GLY A 55 8.25 -3.79 18.43
CA GLY A 55 9.60 -3.25 18.41
C GLY A 55 9.69 -1.79 18.03
N LYS A 56 8.58 -1.17 17.62
CA LYS A 56 8.58 0.26 17.34
C LYS A 56 9.07 1.06 18.57
N VAL A 57 8.66 0.59 19.75
CA VAL A 57 9.07 1.12 21.03
C VAL A 57 9.83 0.04 21.77
N ASP A 58 10.90 0.40 22.47
CA ASP A 58 11.74 -0.59 23.15
C ASP A 58 11.18 -1.14 24.49
N MET A 59 10.84 -0.25 25.43
CA MET A 59 10.34 -0.67 26.73
C MET A 59 9.11 0.15 27.14
N GLY A 60 8.65 -0.08 28.37
CA GLY A 60 7.47 0.57 28.89
C GLY A 60 6.85 -0.14 30.08
N LEU A 61 5.56 0.09 30.30
CA LEU A 61 4.84 -0.49 31.42
C LEU A 61 3.50 -0.91 30.91
N LYS A 62 2.97 -2.00 31.44
CA LYS A 62 1.55 -2.31 31.31
C LYS A 62 1.19 -3.24 32.48
N ALA A 63 -0.11 -3.47 32.67
CA ALA A 63 -0.60 -4.38 33.66
C ALA A 63 -0.19 -5.84 33.38
N MET A 64 -0.18 -6.65 34.44
CA MET A 64 0.13 -8.08 34.34
C MET A 64 -0.66 -8.85 33.25
N ILE A 65 -1.96 -8.64 33.22
CA ILE A 65 -2.82 -9.35 32.29
C ILE A 65 -2.50 -8.95 30.84
N HIS A 66 -2.37 -7.65 30.59
CA HIS A 66 -2.20 -7.21 29.21
C HIS A 66 -0.87 -7.73 28.71
N THR A 67 0.07 -7.92 29.62
CA THR A 67 1.42 -8.39 29.25
C THR A 67 1.33 -9.85 28.85
N LEU A 68 0.49 -10.57 29.57
CA LEU A 68 0.20 -11.95 29.23
C LEU A 68 -0.48 -11.97 27.88
N ALA A 69 -1.62 -11.29 27.77
CA ALA A 69 -2.41 -11.29 26.53
C ALA A 69 -1.62 -10.79 25.33
N ALA A 70 -0.60 -9.98 25.58
CA ALA A 70 0.23 -9.44 24.50
C ALA A 70 0.98 -10.54 23.71
N LYS A 71 1.59 -11.49 24.43
CA LYS A 71 2.32 -12.56 23.76
C LYS A 71 1.34 -13.50 23.08
N ALA A 72 0.29 -13.87 23.80
CA ALA A 72 -0.77 -14.68 23.24
C ALA A 72 -1.26 -14.07 21.93
N ARG A 73 -1.49 -12.76 21.92
CA ARG A 73 -2.04 -12.11 20.74
C ARG A 73 -0.99 -11.78 19.68
N GLY A 74 0.24 -12.27 19.89
CA GLY A 74 1.27 -12.20 18.87
C GLY A 74 2.32 -11.14 19.03
N PHE A 75 2.25 -10.39 20.13
CA PHE A 75 3.22 -9.35 20.39
C PHE A 75 4.21 -9.78 21.47
N PRO A 76 5.47 -10.03 21.09
CA PRO A 76 6.54 -10.54 21.97
C PRO A 76 7.08 -9.51 22.97
N VAL A 77 6.50 -9.53 24.17
CA VAL A 77 6.99 -8.70 25.28
C VAL A 77 7.31 -9.57 26.49
N THR A 78 8.27 -9.14 27.27
CA THR A 78 8.62 -9.84 28.47
C THR A 78 8.66 -8.86 29.64
N SER A 79 7.99 -9.21 30.74
CA SER A 79 8.12 -8.45 31.99
C SER A 79 9.49 -8.69 32.65
N VAL A 80 10.24 -7.62 32.84
CA VAL A 80 11.58 -7.75 33.43
C VAL A 80 11.64 -7.19 34.85
N ALA A 81 10.52 -6.67 35.34
CA ALA A 81 10.45 -6.10 36.67
C ALA A 81 9.04 -5.66 36.99
N SER A 82 8.82 -5.33 38.24
CA SER A 82 7.50 -4.99 38.73
C SER A 82 7.47 -3.58 39.36
N LEU A 83 6.48 -2.78 39.02
CA LEU A 83 6.38 -1.40 39.52
C LEU A 83 5.39 -1.24 40.68
N LEU A 84 4.16 -1.63 40.41
CA LEU A 84 3.08 -1.51 41.37
C LEU A 84 2.45 -2.89 41.62
N ASP A 85 2.54 -3.40 42.84
CA ASP A 85 2.09 -4.75 43.17
C ASP A 85 0.65 -4.84 43.69
N GLU A 86 -0.16 -5.63 43.02
CA GLU A 86 -1.50 -6.00 43.49
C GLU A 86 -2.31 -4.84 44.06
N PRO A 87 -2.52 -3.79 43.27
CA PRO A 87 -3.43 -2.73 43.71
C PRO A 87 -4.89 -3.18 43.58
N PHE A 88 -5.69 -2.93 44.60
CA PHE A 88 -7.08 -3.37 44.56
C PHE A 88 -7.80 -2.87 43.32
N THR A 89 -8.27 -3.80 42.51
CA THR A 89 -9.04 -3.45 41.33
C THR A 89 -10.47 -3.92 41.51
N GLY A 90 -11.41 -3.22 40.89
CA GLY A 90 -12.80 -3.61 41.01
C GLY A 90 -13.73 -2.65 40.31
N VAL A 91 -15.02 -2.94 40.37
CA VAL A 91 -16.01 -2.01 39.85
C VAL A 91 -16.32 -0.94 40.88
N LEU A 92 -16.02 0.30 40.56
CA LEU A 92 -16.27 1.39 41.48
C LEU A 92 -17.63 1.97 41.20
N TYR A 93 -18.30 2.43 42.25
CA TYR A 93 -19.60 3.10 42.11
C TYR A 93 -19.85 3.98 43.32
N LEU A 94 -20.71 4.98 43.15
CA LEU A 94 -21.07 5.83 44.29
C LEU A 94 -22.34 5.29 44.93
N LYS A 95 -22.41 5.36 46.27
CA LYS A 95 -23.60 4.95 46.99
C LYS A 95 -24.86 5.74 46.57
N GLY A 96 -25.91 4.99 46.24
CA GLY A 96 -27.11 5.56 45.66
C GLY A 96 -27.00 5.62 44.13
N SER A 97 -26.32 4.66 43.54
CA SER A 97 -26.10 4.69 42.09
C SER A 97 -27.33 4.41 41.22
N GLY A 98 -28.24 3.54 41.67
CA GLY A 98 -28.12 2.79 42.90
C GLY A 98 -27.61 1.37 42.69
N ILE A 99 -26.40 1.14 43.19
CA ILE A 99 -25.72 -0.14 43.03
C ILE A 99 -25.35 -0.66 44.41
N THR A 100 -25.25 -1.97 44.55
CA THR A 100 -24.99 -2.55 45.86
C THR A 100 -23.93 -3.64 45.80
N LYS A 101 -23.63 -4.21 46.98
CA LYS A 101 -22.63 -5.26 47.07
C LYS A 101 -22.97 -6.48 46.20
N SER A 102 -24.24 -6.61 45.83
CA SER A 102 -24.66 -7.75 45.02
C SER A 102 -24.49 -7.50 43.53
N PHE A 103 -23.66 -8.33 42.90
CA PHE A 103 -23.35 -8.20 41.50
C PHE A 103 -24.62 -8.17 40.62
N GLN A 104 -25.77 -8.44 41.23
CA GLN A 104 -27.03 -8.44 40.49
C GLN A 104 -27.52 -7.04 40.16
N SER A 105 -27.08 -6.06 40.96
CA SER A 105 -27.46 -4.66 40.77
C SER A 105 -26.93 -4.08 39.45
N LEU A 106 -25.88 -4.71 38.92
CA LEU A 106 -25.32 -4.30 37.65
C LEU A 106 -26.32 -4.40 36.50
N LYS A 107 -27.43 -5.08 36.74
CA LYS A 107 -28.46 -5.23 35.70
C LYS A 107 -29.04 -3.88 35.28
N GLY A 108 -28.99 -3.63 33.97
CA GLY A 108 -29.56 -2.43 33.38
C GLY A 108 -28.78 -1.16 33.66
N LYS A 109 -27.61 -1.31 34.25
CA LYS A 109 -26.74 -0.18 34.54
C LYS A 109 -25.72 -0.01 33.43
N LYS A 110 -25.22 1.21 33.27
CA LYS A 110 -24.13 1.45 32.33
C LYS A 110 -22.84 1.29 33.11
N ILE A 111 -22.03 0.34 32.69
CA ILE A 111 -20.81 0.06 33.37
C ILE A 111 -19.63 0.30 32.48
N GLY A 112 -18.79 1.22 32.89
CA GLY A 112 -17.62 1.56 32.11
C GLY A 112 -16.35 0.79 32.33
N TYR A 113 -15.57 0.71 31.29
CA TYR A 113 -14.33 0.01 31.33
C TYR A 113 -13.34 0.81 30.51
N VAL A 114 -12.06 0.55 30.69
CA VAL A 114 -11.03 1.23 29.95
C VAL A 114 -10.60 0.45 28.76
N GLY A 115 -10.04 -0.71 29.06
CA GLY A 115 -9.50 -1.65 28.11
C GLY A 115 -10.49 -2.59 27.49
N GLU A 116 -10.02 -3.37 26.54
CA GLU A 116 -10.96 -4.28 26.00
C GLU A 116 -11.17 -5.31 27.06
N PHE A 117 -10.11 -5.66 27.75
CA PHE A 117 -10.13 -6.68 28.77
C PHE A 117 -11.01 -6.48 29.97
N GLY A 118 -11.30 -5.27 30.28
CA GLY A 118 -12.19 -4.94 31.37
C GLY A 118 -13.58 -5.37 30.98
N LYS A 119 -13.93 -5.19 29.71
CA LYS A 119 -15.21 -5.66 29.21
C LYS A 119 -15.24 -7.18 29.28
N ILE A 120 -14.17 -7.79 28.76
CA ILE A 120 -14.02 -9.23 28.81
C ILE A 120 -14.19 -9.74 30.23
N GLN A 121 -13.70 -9.00 31.22
CA GLN A 121 -13.82 -9.41 32.61
C GLN A 121 -15.26 -9.35 33.12
N ILE A 122 -15.92 -8.23 32.88
CA ILE A 122 -17.30 -8.07 33.27
C ILE A 122 -18.20 -9.04 32.53
N ASP A 123 -18.01 -9.13 31.22
CA ASP A 123 -18.79 -10.05 30.39
C ASP A 123 -18.82 -11.46 30.99
N GLU A 124 -17.68 -11.91 31.51
CA GLU A 124 -17.55 -13.26 32.01
C GLU A 124 -18.12 -13.40 33.43
N LEU A 125 -17.99 -12.34 34.22
CA LEU A 125 -18.58 -12.33 35.56
C LEU A 125 -20.10 -12.43 35.55
N THR A 126 -20.71 -11.92 34.48
CA THR A 126 -22.16 -11.94 34.38
C THR A 126 -22.72 -13.36 34.33
N LYS A 127 -21.95 -14.28 33.75
CA LYS A 127 -22.38 -15.67 33.65
C LYS A 127 -22.41 -16.34 35.04
N HIS A 128 -21.40 -16.05 35.86
CA HIS A 128 -21.32 -16.63 37.20
C HIS A 128 -22.41 -16.12 38.13
N TYR A 129 -23.20 -15.16 37.66
CA TYR A 129 -24.26 -14.60 38.49
C TYR A 129 -25.62 -14.63 37.79
N GLY A 130 -25.72 -15.48 36.78
CA GLY A 130 -27.00 -15.77 36.14
C GLY A 130 -27.41 -14.84 35.02
N MET A 131 -26.81 -13.66 34.97
CA MET A 131 -27.17 -12.69 33.93
C MET A 131 -26.33 -12.87 32.67
N LYS A 132 -26.78 -12.27 31.59
CA LYS A 132 -26.11 -12.42 30.31
C LYS A 132 -25.55 -11.08 29.80
N PRO A 133 -24.41 -11.15 29.10
CA PRO A 133 -24.12 -10.00 28.22
C PRO A 133 -25.09 -10.04 27.03
N GLU A 134 -26.04 -9.11 26.98
CA GLU A 134 -25.99 -7.94 27.84
C GLU A 134 -27.31 -7.66 28.56
N ASP A 135 -27.29 -7.84 29.87
CA ASP A 135 -28.34 -7.34 30.74
C ASP A 135 -27.83 -6.00 31.28
N TYR A 136 -26.67 -5.61 30.78
CA TYR A 136 -26.01 -4.37 31.17
C TYR A 136 -25.29 -3.77 29.97
N THR A 137 -25.08 -2.46 29.99
CA THR A 137 -24.38 -1.81 28.90
C THR A 137 -22.94 -1.51 29.27
N ALA A 138 -22.01 -2.03 28.49
CA ALA A 138 -20.60 -1.73 28.69
C ALA A 138 -20.15 -0.50 27.86
N VAL A 139 -19.47 0.43 28.51
CA VAL A 139 -19.05 1.66 27.85
C VAL A 139 -17.53 1.84 27.94
N ARG A 140 -16.88 1.97 26.78
CA ARG A 140 -15.42 2.20 26.77
C ARG A 140 -15.12 3.65 27.16
N CYS A 141 -14.29 3.81 28.18
CA CYS A 141 -14.06 5.13 28.74
C CYS A 141 -12.59 5.53 28.74
N GLY A 142 -11.73 4.61 28.33
CA GLY A 142 -10.31 4.87 28.38
C GLY A 142 -9.86 5.41 29.73
N MET A 143 -9.02 6.44 29.71
CA MET A 143 -8.43 6.94 30.95
C MET A 143 -9.37 7.81 31.80
N ASN A 144 -10.66 7.82 31.44
CA ASN A 144 -11.64 8.72 32.04
C ASN A 144 -12.76 8.02 32.79
N VAL A 145 -12.52 6.83 33.31
CA VAL A 145 -13.59 6.09 33.95
C VAL A 145 -14.14 6.88 35.15
N ALA A 146 -13.26 7.23 36.08
CA ALA A 146 -13.74 7.91 37.27
C ALA A 146 -14.50 9.16 36.89
N LYS A 147 -13.91 9.95 35.98
CA LYS A 147 -14.54 11.19 35.51
C LYS A 147 -15.96 10.96 35.01
N TYR A 148 -16.14 9.93 34.19
CA TYR A 148 -17.45 9.63 33.64
C TYR A 148 -18.42 9.15 34.72
N ILE A 149 -17.87 8.58 35.78
CA ILE A 149 -18.72 8.17 36.88
C ILE A 149 -19.31 9.42 37.53
N ILE A 150 -18.42 10.32 37.93
CA ILE A 150 -18.81 11.57 38.58
C ILE A 150 -19.83 12.41 37.79
N GLU A 151 -19.75 12.34 36.46
CA GLU A 151 -20.64 13.13 35.61
C GLU A 151 -21.93 12.37 35.26
N GLY A 152 -22.06 11.15 35.77
CA GLY A 152 -23.25 10.36 35.56
C GLY A 152 -23.45 9.82 34.15
N LYS A 153 -22.37 9.75 33.36
CA LYS A 153 -22.44 9.15 32.03
C LYS A 153 -22.44 7.63 32.11
N ILE A 154 -21.94 7.13 33.24
CA ILE A 154 -21.97 5.71 33.53
C ILE A 154 -22.36 5.57 34.98
N ASP A 155 -22.80 4.38 35.38
CA ASP A 155 -23.29 4.18 36.74
C ASP A 155 -22.20 3.67 37.65
N ALA A 156 -21.35 2.82 37.08
CA ALA A 156 -20.14 2.36 37.73
C ALA A 156 -19.12 2.04 36.65
N GLY A 157 -17.87 1.85 37.06
CA GLY A 157 -16.82 1.48 36.12
C GLY A 157 -15.58 0.90 36.78
N ILE A 158 -14.72 0.30 35.97
CA ILE A 158 -13.55 -0.41 36.48
C ILE A 158 -12.40 0.51 36.83
N GLY A 159 -11.74 0.25 37.96
CA GLY A 159 -10.66 1.12 38.40
C GLY A 159 -9.80 0.61 39.54
N ILE A 160 -8.77 1.38 39.89
CA ILE A 160 -7.80 1.02 40.90
C ILE A 160 -8.11 1.80 42.18
N GLU A 161 -8.04 1.12 43.31
CA GLU A 161 -8.30 1.76 44.60
C GLU A 161 -7.47 3.03 44.87
N CYS A 162 -6.26 3.11 44.32
CA CYS A 162 -5.37 4.21 44.66
C CYS A 162 -5.32 5.27 43.57
N MET A 163 -6.21 5.13 42.59
CA MET A 163 -6.34 6.15 41.56
C MET A 163 -7.79 6.54 41.36
N GLN A 164 -8.54 5.75 40.62
CA GLN A 164 -9.95 6.06 40.42
C GLN A 164 -10.74 6.25 41.74
N GLN A 165 -10.56 5.36 42.69
CA GLN A 165 -11.32 5.47 43.93
C GLN A 165 -11.04 6.79 44.62
N VAL A 166 -9.77 7.17 44.68
CA VAL A 166 -9.41 8.46 45.28
C VAL A 166 -10.08 9.63 44.56
N GLU A 167 -10.17 9.54 43.22
CA GLU A 167 -10.73 10.63 42.45
C GLU A 167 -12.19 10.78 42.87
N LEU A 168 -12.84 9.66 43.17
CA LEU A 168 -14.22 9.69 43.60
C LEU A 168 -14.33 10.30 44.99
N GLU A 169 -13.43 9.90 45.88
CA GLU A 169 -13.51 10.34 47.26
C GLU A 169 -13.34 11.84 47.29
N GLU A 170 -12.43 12.34 46.46
CA GLU A 170 -12.17 13.76 46.46
C GLU A 170 -13.37 14.52 45.93
N TYR A 171 -14.09 13.91 45.00
CA TYR A 171 -15.30 14.51 44.47
C TYR A 171 -16.38 14.54 45.54
N LEU A 172 -16.54 13.42 46.24
CA LEU A 172 -17.50 13.33 47.34
C LEU A 172 -17.24 14.41 48.42
N ALA A 173 -15.98 14.58 48.81
CA ALA A 173 -15.62 15.62 49.74
C ALA A 173 -16.15 17.00 49.32
N LYS A 174 -16.09 17.29 48.02
CA LYS A 174 -16.65 18.52 47.49
C LYS A 174 -18.17 18.58 47.70
N GLN A 175 -18.87 17.48 47.43
CA GLN A 175 -20.32 17.41 47.65
C GLN A 175 -20.68 17.26 49.12
N GLY A 176 -19.66 17.31 49.99
CA GLY A 176 -19.86 17.15 51.41
C GLY A 176 -20.22 15.74 51.84
N ARG A 177 -20.41 14.84 50.88
CA ARG A 177 -20.59 13.42 51.18
C ARG A 177 -19.31 12.80 51.80
N PRO A 178 -19.47 11.70 52.56
CA PRO A 178 -18.32 11.01 53.19
C PRO A 178 -17.56 10.10 52.21
N ALA A 179 -16.25 9.97 52.41
CA ALA A 179 -15.43 9.13 51.54
C ALA A 179 -15.99 7.71 51.41
N SER A 180 -16.63 7.22 52.47
CA SER A 180 -17.17 5.86 52.47
C SER A 180 -18.22 5.64 51.39
N ASP A 181 -18.66 6.71 50.75
CA ASP A 181 -19.75 6.60 49.77
C ASP A 181 -19.21 6.13 48.43
N ALA A 182 -17.89 6.18 48.32
CA ALA A 182 -17.17 5.62 47.18
C ALA A 182 -16.91 4.14 47.42
N LYS A 183 -17.61 3.28 46.67
CA LYS A 183 -17.56 1.85 46.93
C LYS A 183 -17.04 1.03 45.77
N MET A 184 -16.47 -0.13 46.09
CA MET A 184 -15.91 -1.01 45.09
C MET A 184 -16.40 -2.43 45.25
N LEU A 185 -16.94 -3.00 44.16
CA LEU A 185 -17.15 -4.44 44.04
C LEU A 185 -15.84 -5.04 43.59
N ARG A 186 -15.10 -5.66 44.50
CA ARG A 186 -13.79 -6.19 44.14
C ARG A 186 -13.83 -7.48 43.27
N ILE A 187 -13.05 -7.47 42.19
CA ILE A 187 -12.92 -8.61 41.29
C ILE A 187 -11.99 -9.66 41.89
N ASP A 188 -11.22 -9.22 42.89
CA ASP A 188 -10.35 -10.10 43.66
C ASP A 188 -11.19 -11.06 44.53
N LYS A 189 -12.21 -10.51 45.18
CA LYS A 189 -13.05 -11.27 46.10
C LYS A 189 -14.19 -11.98 45.36
N CYS A 195 -6.27 -12.90 43.72
CA CYS A 195 -5.77 -12.61 42.36
C CYS A 195 -6.16 -11.22 41.85
N CYS A 196 -6.13 -10.21 42.72
CA CYS A 196 -6.32 -8.82 42.28
C CYS A 196 -5.06 -8.39 41.56
N CYS A 197 -4.23 -9.40 41.28
CA CYS A 197 -2.93 -9.22 40.69
C CYS A 197 -3.03 -8.86 39.21
N PHE A 198 -4.23 -8.90 38.62
CA PHE A 198 -4.33 -8.63 37.19
C PHE A 198 -3.84 -7.23 36.85
N CYS A 199 -4.06 -6.28 37.75
CA CYS A 199 -3.63 -4.91 37.50
C CYS A 199 -2.31 -4.53 38.17
N THR A 200 -1.46 -5.51 38.47
CA THR A 200 -0.09 -5.21 38.87
C THR A 200 0.53 -4.53 37.68
N VAL A 201 1.31 -3.47 37.89
CA VAL A 201 1.94 -2.77 36.77
C VAL A 201 3.41 -3.13 36.60
N LEU A 202 3.76 -3.59 35.40
CA LEU A 202 5.09 -4.15 35.14
C LEU A 202 5.97 -3.32 34.22
N TYR A 203 7.29 -3.42 34.45
CA TYR A 203 8.29 -2.95 33.51
C TYR A 203 8.45 -4.02 32.43
N ILE A 204 8.08 -3.70 31.21
CA ILE A 204 8.19 -4.67 30.09
C ILE A 204 9.16 -4.26 28.95
N CYS A 205 9.77 -5.27 28.31
CA CYS A 205 10.63 -5.03 27.17
C CYS A 205 10.12 -5.77 25.95
N ASN A 206 10.48 -5.25 24.79
CA ASN A 206 10.35 -5.99 23.55
C ASN A 206 11.32 -7.17 23.58
N ASP A 207 10.82 -8.37 23.25
CA ASP A 207 11.64 -9.57 23.39
C ASP A 207 12.96 -9.43 22.62
N GLU A 208 12.86 -8.93 21.38
CA GLU A 208 14.03 -8.72 20.56
C GLU A 208 14.97 -7.70 21.16
N PHE A 209 14.43 -6.59 21.66
CA PHE A 209 15.27 -5.57 22.29
C PHE A 209 16.04 -6.14 23.47
N LEU A 210 15.35 -6.92 24.29
CA LEU A 210 15.96 -7.52 25.46
C LEU A 210 17.06 -8.48 25.05
N LYS A 211 16.85 -9.21 23.96
CA LYS A 211 17.83 -10.17 23.48
C LYS A 211 19.12 -9.45 23.12
N LYS A 212 18.99 -8.32 22.42
CA LYS A 212 20.15 -7.62 21.89
C LYS A 212 20.83 -6.68 22.90
N ASN A 213 20.10 -6.24 23.92
CA ASN A 213 20.64 -5.27 24.87
C ASN A 213 20.49 -5.64 26.33
N PRO A 214 20.86 -6.88 26.70
CA PRO A 214 20.63 -7.36 28.06
C PRO A 214 21.25 -6.46 29.11
N GLU A 215 22.44 -5.93 28.83
CA GLU A 215 23.17 -5.13 29.81
C GLU A 215 22.54 -3.76 30.03
N LYS A 216 21.93 -3.21 28.98
CA LYS A 216 21.28 -1.91 29.07
C LYS A 216 20.02 -2.01 29.94
N VAL A 217 19.27 -3.09 29.73
CA VAL A 217 18.15 -3.38 30.59
C VAL A 217 18.57 -3.55 32.05
N ARG A 218 19.64 -4.30 32.27
CA ARG A 218 20.13 -4.49 33.62
C ARG A 218 20.47 -3.13 34.22
N LYS A 219 21.05 -2.25 33.43
CA LYS A 219 21.46 -0.95 33.92
C LYS A 219 20.23 -0.09 34.11
N PHE A 220 19.27 -0.25 33.24
CA PHE A 220 18.02 0.47 33.37
C PHE A 220 17.41 0.21 34.74
N LEU A 221 17.29 -1.07 35.09
CA LEU A 221 16.67 -1.45 36.35
C LEU A 221 17.52 -0.99 37.56
N LYS A 222 18.82 -0.87 37.38
CA LYS A 222 19.65 -0.35 38.45
C LYS A 222 19.26 1.10 38.75
N ALA A 223 19.06 1.88 37.70
CA ALA A 223 18.65 3.27 37.82
C ALA A 223 17.26 3.32 38.45
N ILE A 224 16.36 2.52 37.92
CA ILE A 224 15.00 2.44 38.48
C ILE A 224 15.02 2.04 39.97
N LYS A 225 15.85 1.08 40.33
CA LYS A 225 15.98 0.71 41.74
C LYS A 225 16.46 1.86 42.60
N LYS A 226 17.51 2.54 42.16
CA LYS A 226 18.04 3.65 42.94
C LYS A 226 16.96 4.69 43.23
N ALA A 227 16.15 5.03 42.22
CA ALA A 227 15.10 6.01 42.40
C ALA A 227 13.96 5.46 43.27
N THR A 228 13.66 4.17 43.10
CA THR A 228 12.58 3.53 43.85
C THR A 228 12.92 3.56 45.33
N ASP A 229 14.18 3.35 45.65
CA ASP A 229 14.64 3.47 47.01
C ASP A 229 14.39 4.86 47.57
N TYR A 230 14.85 5.86 46.83
CA TYR A 230 14.66 7.26 47.21
C TYR A 230 13.18 7.55 47.49
N VAL A 231 12.32 7.17 46.57
CA VAL A 231 10.90 7.40 46.73
C VAL A 231 10.35 6.76 48.01
N LEU A 232 10.78 5.54 48.32
CA LEU A 232 10.24 4.88 49.50
C LEU A 232 10.88 5.44 50.77
N ALA A 233 12.15 5.78 50.69
CA ALA A 233 12.87 6.30 51.84
C ALA A 233 12.37 7.68 52.24
N ASP A 234 12.22 8.55 51.25
CA ASP A 234 11.82 9.91 51.51
C ASP A 234 10.76 10.37 50.52
N PRO A 235 9.53 9.85 50.69
CA PRO A 235 8.46 10.09 49.73
C PRO A 235 8.16 11.56 49.51
N VAL A 236 8.34 12.38 50.54
CA VAL A 236 7.91 13.78 50.46
C VAL A 236 8.86 14.64 49.63
N LYS A 237 10.16 14.47 49.84
CA LYS A 237 11.12 15.18 49.04
C LYS A 237 10.99 14.67 47.61
N ALA A 238 10.91 13.36 47.45
CA ALA A 238 10.69 12.77 46.14
C ALA A 238 9.53 13.48 45.45
N TRP A 239 8.36 13.55 46.11
CA TRP A 239 7.17 14.08 45.45
C TRP A 239 7.37 15.50 44.99
N LYS A 240 8.01 16.30 45.82
CA LYS A 240 8.31 17.68 45.47
C LYS A 240 9.14 17.80 44.19
N GLU A 241 10.16 16.96 44.05
CA GLU A 241 10.95 16.94 42.82
C GLU A 241 10.09 16.54 41.62
N TYR A 242 9.30 15.50 41.80
CA TYR A 242 8.46 15.00 40.75
C TYR A 242 7.58 16.13 40.21
N ILE A 243 6.79 16.75 41.07
CA ILE A 243 5.83 17.75 40.61
C ILE A 243 6.45 19.07 40.19
N ASP A 244 7.74 19.25 40.48
CA ASP A 244 8.48 20.40 40.00
C ASP A 244 8.71 20.23 38.51
N PHE A 245 8.88 18.97 38.11
CA PHE A 245 9.11 18.59 36.72
C PHE A 245 7.78 18.40 35.97
N LYS A 246 6.82 17.81 36.65
CA LYS A 246 5.52 17.51 36.06
C LYS A 246 4.40 18.20 36.84
N PRO A 247 4.26 19.53 36.69
CA PRO A 247 3.29 20.37 37.40
C PRO A 247 1.83 19.93 37.30
N GLN A 248 1.49 19.12 36.29
CA GLN A 248 0.11 18.69 36.13
C GLN A 248 -0.27 17.79 37.28
N LEU A 249 0.73 17.34 38.02
CA LEU A 249 0.51 16.45 39.15
C LEU A 249 0.57 17.20 40.47
N ASN A 250 0.72 18.53 40.38
CA ASN A 250 0.81 19.37 41.57
C ASN A 250 -0.56 19.83 42.06
N ASN A 251 -1.36 18.90 42.51
CA ASN A 251 -2.66 19.20 43.08
C ASN A 251 -2.95 18.24 44.22
N ASP A 252 -4.05 18.47 44.93
CA ASP A 252 -4.29 17.67 46.10
C ASP A 252 -4.71 16.26 45.72
N LEU A 253 -5.51 16.14 44.67
CA LEU A 253 -5.90 14.80 44.20
C LEU A 253 -4.69 13.93 43.93
N SER A 254 -3.74 14.43 43.17
CA SER A 254 -2.55 13.68 42.81
C SER A 254 -1.76 13.24 44.05
N TYR A 255 -1.74 14.08 45.06
CA TYR A 255 -1.00 13.81 46.28
C TYR A 255 -1.68 12.73 47.10
N LYS A 256 -2.99 12.79 47.19
CA LYS A 256 -3.72 11.75 47.89
C LYS A 256 -3.53 10.40 47.18
N GLN A 257 -3.67 10.40 45.86
CA GLN A 257 -3.34 9.23 45.05
C GLN A 257 -1.93 8.73 45.33
N TYR A 258 -0.98 9.63 45.35
CA TYR A 258 0.39 9.27 45.63
C TYR A 258 0.49 8.51 46.95
N GLN A 259 -0.18 9.01 47.98
CA GLN A 259 -0.11 8.38 49.30
C GLN A 259 -0.70 6.98 49.28
N ARG A 260 -1.83 6.82 48.62
CA ARG A 260 -2.44 5.51 48.51
C ARG A 260 -1.57 4.56 47.68
N CYS A 261 -0.77 5.09 46.78
CA CYS A 261 0.08 4.26 45.97
C CYS A 261 1.27 3.75 46.78
N TYR A 262 1.68 4.52 47.78
CA TYR A 262 2.93 4.27 48.50
C TYR A 262 3.06 2.83 48.94
N ALA A 263 2.00 2.28 49.52
CA ALA A 263 2.05 0.94 50.08
C ALA A 263 2.12 -0.17 49.01
N TYR A 264 1.76 0.15 47.78
CA TYR A 264 1.76 -0.81 46.66
C TYR A 264 3.05 -0.83 45.84
N PHE A 265 3.88 0.19 45.95
CA PHE A 265 5.14 0.17 45.23
C PHE A 265 5.91 -1.10 45.57
N SER A 266 6.53 -1.71 44.58
CA SER A 266 7.42 -2.84 44.82
C SER A 266 8.77 -2.31 45.22
N SER A 267 9.28 -2.73 46.38
CA SER A 267 10.55 -2.23 46.87
C SER A 267 11.71 -2.94 46.20
N SER A 268 11.45 -4.14 45.70
CA SER A 268 12.49 -5.02 45.15
C SER A 268 12.43 -5.12 43.64
N LEU A 269 11.29 -4.73 43.06
CA LEU A 269 11.09 -4.78 41.62
C LEU A 269 10.88 -6.20 41.11
N TYR A 270 10.99 -7.19 41.98
CA TYR A 270 10.84 -8.57 41.56
C TYR A 270 9.44 -8.91 41.10
N ASN A 271 9.36 -9.66 40.00
CA ASN A 271 8.12 -10.32 39.59
C ASN A 271 7.76 -11.34 40.66
N VAL A 272 6.51 -11.33 41.08
CA VAL A 272 6.07 -12.30 42.08
C VAL A 272 5.50 -13.56 41.42
N HIS A 273 6.17 -14.69 41.66
CA HIS A 273 5.86 -15.93 40.94
C HIS A 273 4.43 -16.37 41.15
N ARG A 274 4.00 -16.35 42.42
CA ARG A 274 2.64 -16.75 42.78
C ARG A 274 1.62 -16.01 41.94
N ASP A 275 1.77 -14.68 41.88
CA ASP A 275 0.84 -13.80 41.18
C ASP A 275 0.74 -14.14 39.70
N TRP A 276 1.90 -14.25 39.07
CA TRP A 276 1.95 -14.58 37.67
C TRP A 276 1.24 -15.89 37.43
N LYS A 277 1.54 -16.87 38.29
CA LYS A 277 0.91 -18.18 38.20
C LYS A 277 -0.61 -18.06 38.20
N LYS A 278 -1.14 -17.31 39.16
CA LYS A 278 -2.59 -17.15 39.31
C LYS A 278 -3.22 -16.50 38.08
N VAL A 279 -2.65 -15.40 37.64
CA VAL A 279 -3.20 -14.63 36.52
C VAL A 279 -3.13 -15.39 35.20
N THR A 280 -2.05 -16.15 35.00
CA THR A 280 -1.95 -17.00 33.83
C THR A 280 -3.09 -18.01 33.83
N GLY A 281 -3.42 -18.54 35.01
CA GLY A 281 -4.57 -19.40 35.16
C GLY A 281 -5.82 -18.71 34.66
N TYR A 282 -6.19 -17.65 35.38
CA TYR A 282 -7.27 -16.75 34.97
C TYR A 282 -7.27 -16.55 33.45
N GLY A 283 -6.08 -16.26 32.91
CA GLY A 283 -5.92 -16.00 31.50
C GLY A 283 -6.38 -17.13 30.62
N LYS A 284 -6.00 -18.36 30.99
CA LYS A 284 -6.36 -19.56 30.21
C LYS A 284 -7.85 -19.83 30.28
N ARG A 285 -8.41 -19.72 31.48
CA ARG A 285 -9.85 -19.89 31.68
C ARG A 285 -10.66 -18.91 30.84
N LEU A 286 -10.28 -17.64 30.87
CA LEU A 286 -10.96 -16.62 30.07
C LEU A 286 -10.77 -16.78 28.56
N ALA A 287 -10.01 -17.79 28.15
CA ALA A 287 -9.73 -18.03 26.73
C ALA A 287 -8.78 -17.01 26.12
N ILE A 288 -8.33 -16.05 26.94
CA ILE A 288 -7.39 -15.03 26.51
C ILE A 288 -6.05 -15.67 26.16
N LEU A 289 -5.73 -16.75 26.86
CA LEU A 289 -4.46 -17.43 26.66
C LEU A 289 -4.64 -18.87 26.19
N PRO A 290 -3.78 -19.32 25.26
CA PRO A 290 -3.69 -20.71 24.81
C PRO A 290 -3.41 -21.68 25.97
N PRO A 291 -3.73 -22.97 25.79
CA PRO A 291 -3.58 -24.01 26.81
C PRO A 291 -2.13 -24.25 27.22
N ASP A 292 -1.22 -24.14 26.27
CA ASP A 292 0.19 -24.41 26.51
C ASP A 292 0.97 -23.12 26.79
N TYR A 293 0.25 -22.04 27.07
CA TYR A 293 0.87 -20.73 27.25
C TYR A 293 1.81 -20.70 28.44
N VAL A 294 2.95 -20.02 28.26
CA VAL A 294 3.95 -19.89 29.32
C VAL A 294 4.18 -18.42 29.71
N SER A 295 4.14 -18.15 31.03
CA SER A 295 4.29 -16.81 31.59
C SER A 295 5.53 -16.11 31.08
N ASN A 296 5.34 -14.91 30.54
CA ASN A 296 6.43 -14.17 29.90
C ASN A 296 7.07 -13.12 30.82
N TYR A 297 7.78 -13.58 31.84
CA TYR A 297 8.50 -12.67 32.69
C TYR A 297 9.86 -13.24 33.04
N THR A 298 10.69 -12.44 33.71
CA THR A 298 11.97 -12.92 34.21
C THR A 298 12.63 -11.97 35.22
N ASN A 299 13.25 -12.54 36.24
CA ASN A 299 13.94 -11.73 37.21
C ASN A 299 15.46 -11.70 36.97
N GLU A 300 15.88 -12.19 35.81
CA GLU A 300 17.31 -12.32 35.50
C GLU A 300 18.06 -11.00 35.49
N TYR A 301 17.36 -9.92 35.16
CA TYR A 301 18.03 -8.65 34.92
C TYR A 301 18.00 -7.74 36.14
N LEU A 302 17.52 -8.30 37.25
CA LEU A 302 17.60 -7.65 38.55
C LEU A 302 18.90 -8.09 39.24
N SER A 303 19.59 -7.13 39.85
CA SER A 303 20.96 -7.33 40.31
C SER A 303 21.09 -7.27 41.85
N TRP A 304 20.06 -7.74 42.53
CA TRP A 304 20.04 -7.82 44.00
C TRP A 304 19.18 -9.00 44.42
N PRO A 305 19.40 -9.53 45.62
CA PRO A 305 18.72 -10.75 46.06
C PRO A 305 17.21 -10.66 46.04
N GLU A 306 16.56 -11.75 45.63
CA GLU A 306 15.12 -11.87 45.65
C GLU A 306 14.63 -11.94 47.09
N PRO A 307 13.46 -11.36 47.39
CA PRO A 307 12.92 -11.40 48.75
C PRO A 307 12.20 -12.72 49.02
N GLU A 308 11.95 -13.02 50.30
CA GLU A 308 11.25 -14.25 50.66
C GLU A 308 9.77 -14.16 50.31
N GLU A 309 9.22 -15.21 49.71
CA GLU A 309 7.81 -15.24 49.35
C GLU A 309 6.94 -14.96 50.57
N VAL A 310 5.93 -14.12 50.41
CA VAL A 310 5.03 -13.80 51.50
C VAL A 310 4.40 -15.07 52.05
N SER A 311 4.53 -15.26 53.37
CA SER A 311 4.10 -16.48 54.03
C SER A 311 2.60 -16.77 53.87
N ASP A 312 1.76 -15.82 54.26
CA ASP A 312 0.32 -15.96 54.08
C ASP A 312 -0.24 -14.83 53.24
N PRO A 313 -0.34 -15.05 51.93
CA PRO A 313 -0.72 -14.03 50.95
C PRO A 313 -2.13 -13.49 51.13
N LEU A 314 -3.06 -14.33 51.55
CA LEU A 314 -4.44 -13.90 51.69
C LEU A 314 -4.68 -13.06 52.94
N GLU A 315 -3.85 -13.24 53.95
CA GLU A 315 -3.94 -12.41 55.15
C GLU A 315 -3.25 -11.06 54.89
N ALA A 316 -2.15 -11.09 54.15
CA ALA A 316 -1.48 -9.87 53.73
C ALA A 316 -2.43 -8.98 52.91
N THR A 317 -3.31 -9.61 52.15
CA THR A 317 -4.26 -8.88 51.34
C THR A 317 -5.36 -8.23 52.17
N ARG A 318 -5.84 -8.93 53.18
CA ARG A 318 -6.88 -8.34 54.00
C ARG A 318 -6.27 -7.38 55.00
N LEU A 319 -4.97 -7.52 55.25
CA LEU A 319 -4.25 -6.58 56.10
C LEU A 319 -4.01 -5.28 55.36
N MET A 320 -3.79 -5.39 54.06
CA MET A 320 -3.57 -4.22 53.21
C MET A 320 -4.83 -3.38 53.11
N ALA A 321 -5.97 -4.06 52.96
CA ALA A 321 -7.26 -3.38 52.90
C ALA A 321 -7.44 -2.47 54.10
N ILE A 322 -7.05 -2.95 55.28
CA ILE A 322 -7.08 -2.15 56.49
C ILE A 322 -6.08 -1.00 56.40
N HIS A 323 -4.83 -1.35 56.14
CA HIS A 323 -3.73 -0.40 56.00
C HIS A 323 -4.09 0.78 55.12
N GLN A 324 -4.76 0.50 54.01
CA GLN A 324 -5.15 1.52 53.05
C GLN A 324 -6.30 2.39 53.54
N GLU A 325 -7.19 1.80 54.32
CA GLU A 325 -8.26 2.55 54.94
C GLU A 325 -7.68 3.55 55.94
N LYS A 326 -6.66 3.13 56.69
CA LYS A 326 -5.95 4.02 57.61
C LYS A 326 -5.26 5.15 56.85
N CYS A 327 -4.62 4.81 55.74
CA CYS A 327 -3.96 5.81 54.91
C CYS A 327 -4.93 6.91 54.49
N ARG A 328 -6.17 6.50 54.17
CA ARG A 328 -7.16 7.44 53.70
C ARG A 328 -7.51 8.48 54.75
N GLN A 329 -7.65 8.04 55.99
CA GLN A 329 -8.15 8.93 57.03
C GLN A 329 -7.03 9.58 57.83
N GLU A 330 -5.82 9.08 57.68
CA GLU A 330 -4.69 9.63 58.41
C GLU A 330 -3.75 10.43 57.52
N GLY A 331 -3.87 10.23 56.20
CA GLY A 331 -2.99 10.85 55.22
C GLY A 331 -1.51 10.65 55.52
N THR A 332 -1.05 9.41 55.44
CA THR A 332 0.29 9.07 55.86
C THR A 332 1.05 8.28 54.81
N PHE A 333 2.36 8.18 54.97
CA PHE A 333 3.18 7.29 54.15
C PHE A 333 3.71 6.10 54.97
N LYS A 334 2.99 4.99 54.95
CA LYS A 334 3.45 3.81 55.66
C LYS A 334 3.43 2.55 54.78
N ARG A 335 4.49 1.75 54.88
CA ARG A 335 4.59 0.48 54.17
C ARG A 335 3.86 -0.58 54.96
N LEU A 336 3.21 -1.52 54.29
CA LEU A 336 2.51 -2.60 54.99
C LEU A 336 3.51 -3.52 55.69
N ALA A 337 3.30 -3.76 56.98
CA ALA A 337 4.20 -4.60 57.77
C ALA A 337 3.68 -6.05 57.89
N LEU A 338 4.61 -7.01 57.86
CA LEU A 338 4.24 -8.43 57.89
C LEU A 338 5.00 -9.24 58.94
N ASP B 4 1.26 -2.81 13.14
CA ASP B 4 1.17 -1.95 11.95
C ASP B 4 0.42 -0.63 12.20
N LYS B 5 0.50 -0.14 13.44
CA LYS B 5 0.01 1.20 13.78
C LYS B 5 1.02 2.23 13.31
N ILE B 6 0.55 3.41 12.95
CA ILE B 6 1.44 4.55 12.67
C ILE B 6 1.63 5.44 13.91
N THR B 7 2.88 5.71 14.25
CA THR B 7 3.18 6.51 15.41
C THR B 7 3.27 7.99 15.09
N PHE B 8 2.48 8.78 15.79
CA PHE B 8 2.53 10.24 15.68
C PHE B 8 2.91 10.87 17.03
N LEU B 9 4.09 11.48 17.08
CA LEU B 9 4.62 12.05 18.33
C LEU B 9 4.56 13.58 18.37
N LEU B 10 3.78 14.10 19.32
CA LEU B 10 3.58 15.54 19.44
C LEU B 10 4.89 16.19 19.79
N ASN B 11 4.94 17.49 19.61
CA ASN B 11 6.10 18.29 19.96
C ASN B 11 6.19 18.68 21.48
N TRP B 12 5.11 18.45 22.22
CA TRP B 12 4.96 19.01 23.56
C TRP B 12 3.91 18.19 24.30
N GLN B 13 3.77 18.35 25.63
CA GLN B 13 2.59 17.85 26.34
C GLN B 13 1.37 18.28 25.55
N PRO B 14 0.23 17.62 25.76
CA PRO B 14 -0.95 18.11 25.04
C PRO B 14 -1.20 19.60 25.27
N THR B 15 -1.39 20.34 24.18
CA THR B 15 -1.65 21.78 24.23
C THR B 15 -2.95 22.06 23.52
N PRO B 16 -3.55 23.21 23.78
CA PRO B 16 -4.72 23.62 23.01
C PRO B 16 -4.50 23.53 21.50
N TYR B 17 -3.28 23.76 21.01
CA TYR B 17 -3.11 23.77 19.55
C TYR B 17 -2.92 22.37 18.94
N HIS B 18 -3.07 21.34 19.74
CA HIS B 18 -3.00 20.00 19.20
C HIS B 18 -4.38 19.53 18.83
N ILE B 19 -5.37 20.36 19.14
CA ILE B 19 -6.76 19.98 18.96
C ILE B 19 -7.09 19.27 17.61
N PRO B 20 -6.58 19.79 16.49
CA PRO B 20 -6.97 19.17 15.22
C PRO B 20 -6.60 17.69 15.14
N ILE B 21 -5.47 17.32 15.77
CA ILE B 21 -5.01 15.95 15.75
C ILE B 21 -5.90 15.09 16.63
N PHE B 22 -6.07 15.47 17.88
CA PHE B 22 -6.91 14.69 18.76
C PHE B 22 -8.33 14.54 18.22
N LEU B 23 -8.86 15.58 17.60
CA LEU B 23 -10.20 15.50 17.08
C LEU B 23 -10.27 14.55 15.89
N ALA B 24 -9.27 14.64 15.01
CA ALA B 24 -9.17 13.68 13.91
C ALA B 24 -9.23 12.24 14.44
N GLN B 25 -8.72 12.03 15.65
CA GLN B 25 -8.82 10.75 16.34
C GLN B 25 -10.21 10.47 16.92
N THR B 26 -10.69 11.36 17.78
CA THR B 26 -11.93 11.11 18.48
C THR B 26 -13.15 11.07 17.56
N LYS B 27 -13.13 11.91 16.53
CA LYS B 27 -14.25 12.01 15.60
C LYS B 27 -14.25 10.91 14.54
N GLY B 28 -13.23 10.07 14.55
CA GLY B 28 -13.13 8.94 13.64
C GLY B 28 -12.66 9.28 12.24
N TYR B 29 -12.06 10.44 12.05
CA TYR B 29 -11.58 10.80 10.74
C TYR B 29 -10.41 9.94 10.34
N PHE B 30 -9.52 9.64 11.28
CA PHE B 30 -8.40 8.74 10.97
C PHE B 30 -8.94 7.37 10.58
N LYS B 31 -9.84 6.85 11.40
CA LYS B 31 -10.44 5.55 11.18
C LYS B 31 -11.09 5.48 9.79
N GLU B 32 -11.83 6.52 9.44
CA GLU B 32 -12.52 6.51 8.16
C GLU B 32 -11.56 6.56 6.97
N GLN B 33 -10.27 6.70 7.23
CA GLN B 33 -9.26 6.72 6.17
C GLN B 33 -8.47 5.42 6.19
N GLY B 34 -8.86 4.52 7.09
CA GLY B 34 -8.15 3.26 7.22
C GLY B 34 -6.80 3.43 7.85
N LEU B 35 -6.66 4.50 8.64
CA LEU B 35 -5.41 4.77 9.37
C LEU B 35 -5.59 4.44 10.84
N ASP B 36 -4.57 3.78 11.40
CA ASP B 36 -4.55 3.48 12.83
C ASP B 36 -3.38 4.24 13.43
N MET B 37 -3.70 5.40 14.00
CA MET B 37 -2.69 6.31 14.52
C MET B 37 -2.49 6.09 16.00
N ALA B 38 -1.24 5.94 16.41
CA ALA B 38 -0.90 5.91 17.83
C ALA B 38 -0.25 7.22 18.21
N ILE B 39 -1.05 8.13 18.73
CA ILE B 39 -0.56 9.44 19.14
C ILE B 39 0.24 9.34 20.44
N LEU B 40 1.48 9.81 20.41
CA LEU B 40 2.32 9.83 21.59
C LEU B 40 2.71 11.25 22.05
N GLU B 41 2.87 11.42 23.35
CA GLU B 41 3.34 12.69 23.89
C GLU B 41 4.73 12.54 24.52
N PRO B 42 5.67 13.42 24.18
CA PRO B 42 7.04 13.32 24.72
C PRO B 42 7.14 13.86 26.14
N THR B 43 8.16 13.43 26.86
CA THR B 43 8.46 13.96 28.18
C THR B 43 9.46 15.10 28.00
N ASN B 44 10.12 15.07 26.86
CA ASN B 44 11.16 16.03 26.56
C ASN B 44 11.21 16.36 25.07
N PRO B 45 10.74 17.55 24.68
CA PRO B 45 10.66 18.02 23.30
C PRO B 45 11.92 17.72 22.54
N SER B 46 13.04 17.82 23.23
CA SER B 46 14.36 17.59 22.63
C SER B 46 14.57 16.18 22.07
N ASP B 47 13.87 15.19 22.64
CA ASP B 47 13.93 13.80 22.14
C ASP B 47 13.21 13.65 20.81
N VAL B 48 12.30 14.57 20.50
CA VAL B 48 11.38 14.38 19.37
C VAL B 48 11.99 14.22 17.98
N THR B 49 12.76 15.18 17.48
CA THR B 49 13.26 15.06 16.10
C THR B 49 14.19 13.86 15.92
N GLU B 50 15.02 13.56 16.91
CA GLU B 50 15.89 12.39 16.82
C GLU B 50 15.08 11.08 16.73
N LEU B 51 14.00 10.95 17.47
CA LEU B 51 13.16 9.77 17.38
C LEU B 51 12.49 9.62 16.00
N ILE B 52 11.96 10.71 15.47
CA ILE B 52 11.30 10.67 14.18
C ILE B 52 12.31 10.51 13.05
N GLY B 53 13.43 11.20 13.15
CA GLY B 53 14.48 11.12 12.14
C GLY B 53 15.07 9.73 12.02
N SER B 54 15.20 9.06 13.16
CA SER B 54 15.76 7.73 13.21
C SER B 54 14.76 6.63 12.84
N GLY B 55 13.52 6.99 12.55
CA GLY B 55 12.55 6.01 12.10
C GLY B 55 11.89 5.23 13.21
N LYS B 56 12.35 5.41 14.45
CA LYS B 56 11.71 4.76 15.59
C LYS B 56 10.24 5.17 15.67
N VAL B 57 9.99 6.45 15.39
CA VAL B 57 8.65 7.02 15.33
C VAL B 57 8.40 7.49 13.89
N ASP B 58 7.18 7.29 13.39
CA ASP B 58 6.90 7.62 12.00
C ASP B 58 6.71 9.11 11.74
N MET B 59 5.77 9.74 12.43
CA MET B 59 5.43 11.15 12.22
C MET B 59 5.40 11.93 13.54
N GLY B 60 5.26 13.25 13.44
CA GLY B 60 5.10 14.10 14.61
C GLY B 60 4.87 15.58 14.36
N LEU B 61 5.05 16.38 15.40
CA LEU B 61 5.14 17.83 15.27
C LEU B 61 6.50 18.32 15.73
N LYS B 62 7.05 19.33 15.07
CA LYS B 62 8.21 20.06 15.58
C LYS B 62 8.27 21.43 14.91
N ALA B 63 9.08 22.32 15.47
CA ALA B 63 8.99 23.70 15.06
C ALA B 63 9.96 23.87 13.92
N MET B 64 9.71 24.83 13.04
CA MET B 64 10.47 24.98 11.81
C MET B 64 11.98 24.94 12.03
N ILE B 65 12.51 25.74 12.93
CA ILE B 65 13.94 25.70 13.15
C ILE B 65 14.46 24.30 13.48
N HIS B 66 13.71 23.54 14.29
CA HIS B 66 14.05 22.19 14.76
C HIS B 66 14.09 21.19 13.66
N THR B 67 13.08 21.26 12.83
CA THR B 67 12.92 20.51 11.59
C THR B 67 14.05 20.80 10.61
N LEU B 68 14.48 22.04 10.49
CA LEU B 68 15.63 22.34 9.66
C LEU B 68 16.89 21.72 10.24
N ALA B 69 17.20 22.08 11.47
CA ALA B 69 18.38 21.57 12.16
C ALA B 69 18.41 20.06 12.25
N ALA B 70 17.23 19.42 12.19
CA ALA B 70 17.17 17.96 12.28
C ALA B 70 17.92 17.30 11.13
N LYS B 71 17.69 17.75 9.91
CA LYS B 71 18.31 17.15 8.74
C LYS B 71 19.78 17.51 8.74
N ALA B 72 20.08 18.76 9.06
CA ALA B 72 21.46 19.18 9.16
C ALA B 72 22.20 18.26 10.12
N ARG B 73 21.57 17.96 11.26
CA ARG B 73 22.25 17.20 12.30
C ARG B 73 22.21 15.70 12.03
N GLY B 74 21.69 15.32 10.87
CA GLY B 74 21.74 13.93 10.45
C GLY B 74 20.47 13.11 10.58
N PHE B 75 19.39 13.74 11.00
CA PHE B 75 18.11 13.04 11.14
C PHE B 75 17.17 13.44 10.03
N PRO B 76 16.87 12.52 9.13
CA PRO B 76 16.06 12.76 7.93
C PRO B 76 14.57 12.91 8.20
N VAL B 77 14.13 14.15 8.35
CA VAL B 77 12.70 14.42 8.48
C VAL B 77 12.26 15.45 7.44
N THR B 78 11.00 15.37 7.03
CA THR B 78 10.47 16.29 6.04
C THR B 78 9.15 16.86 6.51
N SER B 79 9.01 18.17 6.41
CA SER B 79 7.75 18.81 6.77
C SER B 79 6.76 18.57 5.65
N VAL B 80 5.61 18.01 5.95
CA VAL B 80 4.63 17.72 4.92
C VAL B 80 3.38 18.58 5.06
N ALA B 81 3.35 19.41 6.09
CA ALA B 81 2.22 20.29 6.33
C ALA B 81 2.51 21.21 7.52
N SER B 82 1.65 22.19 7.72
CA SER B 82 1.83 23.21 8.73
C SER B 82 0.64 23.26 9.66
N LEU B 83 0.91 23.28 10.98
CA LEU B 83 -0.15 23.33 12.00
C LEU B 83 -0.44 24.73 12.56
N LEU B 84 0.61 25.39 13.06
CA LEU B 84 0.50 26.71 13.67
C LEU B 84 1.47 27.70 13.00
N ASP B 85 0.94 28.75 12.40
CA ASP B 85 1.76 29.64 11.57
C ASP B 85 2.23 30.88 12.30
N GLU B 86 3.54 31.10 12.30
CA GLU B 86 4.16 32.31 12.82
C GLU B 86 3.56 32.83 14.12
N PRO B 87 3.54 32.01 15.16
CA PRO B 87 3.14 32.57 16.45
C PRO B 87 4.25 33.45 17.00
N PHE B 88 3.90 34.58 17.61
CA PHE B 88 4.89 35.50 18.15
C PHE B 88 5.73 34.80 19.19
N THR B 89 7.04 34.73 18.96
CA THR B 89 7.99 34.15 19.90
C THR B 89 8.92 35.24 20.38
N GLY B 90 9.43 35.10 21.59
CA GLY B 90 10.30 36.14 22.14
C GLY B 90 10.68 35.84 23.56
N VAL B 91 11.46 36.72 24.17
CA VAL B 91 11.77 36.61 25.59
C VAL B 91 10.67 37.25 26.42
N LEU B 92 9.99 36.45 27.24
CA LEU B 92 8.92 36.93 28.07
C LEU B 92 9.44 37.32 29.47
N TYR B 93 8.90 38.39 30.03
CA TYR B 93 9.29 38.79 31.35
C TYR B 93 8.12 39.52 31.98
N LEU B 94 8.12 39.61 33.32
CA LEU B 94 7.12 40.41 34.01
C LEU B 94 7.65 41.81 34.32
N LYS B 95 6.82 42.84 34.16
CA LYS B 95 7.23 44.20 34.49
C LYS B 95 7.71 44.31 35.93
N GLY B 96 8.91 44.84 36.11
CA GLY B 96 9.52 44.94 37.42
C GLY B 96 10.45 43.79 37.69
N SER B 97 10.98 43.20 36.62
CA SER B 97 11.79 41.98 36.70
C SER B 97 13.17 42.11 37.37
N GLY B 98 13.90 43.21 37.15
CA GLY B 98 13.47 44.33 36.34
C GLY B 98 14.12 44.30 34.97
N ILE B 99 13.28 44.12 33.96
CA ILE B 99 13.78 43.99 32.60
C ILE B 99 13.00 44.97 31.75
N THR B 100 13.61 45.41 30.66
CA THR B 100 13.00 46.46 29.86
C THR B 100 13.07 46.14 28.38
N LYS B 101 12.53 47.03 27.57
CA LYS B 101 12.56 46.86 26.12
C LYS B 101 13.99 46.77 25.56
N SER B 102 14.97 47.26 26.30
CA SER B 102 16.35 47.26 25.84
C SER B 102 17.05 45.96 26.18
N PHE B 103 17.48 45.25 25.20
CA PHE B 103 18.09 43.98 25.41
C PHE B 103 19.22 44.05 26.40
N GLN B 104 19.69 45.23 26.66
CA GLN B 104 20.83 45.38 27.56
C GLN B 104 20.46 44.96 28.98
N SER B 105 19.18 45.00 29.30
CA SER B 105 18.72 44.66 30.64
C SER B 105 18.93 43.20 30.96
N LEU B 106 19.09 42.39 29.93
CA LEU B 106 19.34 40.97 30.11
C LEU B 106 20.64 40.71 30.85
N LYS B 107 21.47 41.74 31.01
CA LYS B 107 22.74 41.57 31.70
C LYS B 107 22.57 41.16 33.17
N GLY B 108 23.19 40.05 33.53
CA GLY B 108 23.18 39.56 34.89
C GLY B 108 21.89 38.91 35.31
N LYS B 109 20.97 38.77 34.36
CA LYS B 109 19.69 38.13 34.63
C LYS B 109 19.75 36.64 34.31
N LYS B 110 18.91 35.85 34.97
CA LYS B 110 18.77 34.45 34.62
C LYS B 110 17.70 34.31 33.54
N ILE B 111 18.05 33.70 32.42
CA ILE B 111 17.17 33.67 31.27
C ILE B 111 16.90 32.25 30.84
N GLY B 112 15.62 31.87 30.86
CA GLY B 112 15.22 30.51 30.56
C GLY B 112 14.97 30.23 29.09
N TYR B 113 15.30 29.02 28.67
CA TYR B 113 15.10 28.58 27.32
C TYR B 113 14.57 27.19 27.41
N VAL B 114 13.85 26.75 26.40
CA VAL B 114 13.30 25.42 26.41
C VAL B 114 14.17 24.22 26.23
N GLY B 115 15.06 24.23 25.27
CA GLY B 115 15.85 23.03 25.09
C GLY B 115 17.26 23.16 24.64
N GLU B 116 17.39 23.64 23.42
CA GLU B 116 18.70 23.81 22.84
C GLU B 116 18.84 25.07 22.07
N PHE B 117 17.95 25.22 21.13
CA PHE B 117 17.93 26.34 20.24
C PHE B 117 17.73 27.68 20.84
N GLY B 118 17.00 27.78 21.93
CA GLY B 118 16.84 29.05 22.56
C GLY B 118 18.14 29.57 23.06
N LYS B 119 18.99 28.75 23.64
CA LYS B 119 20.25 29.28 24.09
C LYS B 119 21.04 29.74 22.91
N ILE B 120 21.08 28.93 21.90
CA ILE B 120 21.80 29.33 20.70
C ILE B 120 21.30 30.68 20.18
N GLN B 121 20.00 30.90 20.23
CA GLN B 121 19.43 32.16 19.77
C GLN B 121 19.84 33.34 20.65
N ILE B 122 19.66 33.20 21.96
CA ILE B 122 20.04 34.25 22.91
C ILE B 122 21.55 34.50 22.85
N ASP B 123 22.35 33.44 22.93
CA ASP B 123 23.81 33.53 22.84
C ASP B 123 24.24 34.42 21.68
N GLU B 124 23.55 34.29 20.54
CA GLU B 124 23.93 35.02 19.34
C GLU B 124 23.42 36.46 19.37
N LEU B 125 22.25 36.67 19.96
CA LEU B 125 21.71 38.01 20.08
C LEU B 125 22.58 38.90 20.97
N THR B 126 23.29 38.29 21.92
CA THR B 126 24.11 39.06 22.85
C THR B 126 25.26 39.77 22.13
N LYS B 127 25.74 39.18 21.05
CA LYS B 127 26.82 39.79 20.27
C LYS B 127 26.36 41.06 19.55
N HIS B 128 25.15 41.04 19.00
CA HIS B 128 24.60 42.18 18.29
C HIS B 128 24.29 43.36 19.18
N TYR B 129 24.44 43.17 20.50
CA TYR B 129 24.15 44.22 21.47
C TYR B 129 25.33 44.49 22.42
N GLY B 130 26.52 44.05 22.02
CA GLY B 130 27.73 44.41 22.74
C GLY B 130 28.13 43.49 23.88
N MET B 131 27.18 42.72 24.40
CA MET B 131 27.47 41.83 25.51
C MET B 131 27.92 40.43 25.05
N LYS B 132 28.48 39.66 25.97
CA LYS B 132 29.02 38.34 25.65
C LYS B 132 28.28 37.24 26.39
N PRO B 133 28.14 36.07 25.76
CA PRO B 133 27.88 34.89 26.58
C PRO B 133 29.16 34.55 27.38
N GLU B 134 29.14 34.76 28.68
CA GLU B 134 27.91 35.03 29.40
C GLU B 134 27.99 36.24 30.33
N ASP B 135 27.28 37.29 29.95
CA ASP B 135 27.02 38.39 30.85
C ASP B 135 25.65 38.10 31.43
N TYR B 136 25.12 36.92 31.09
CA TYR B 136 23.82 36.48 31.55
C TYR B 136 23.85 34.98 31.76
N THR B 137 22.97 34.46 32.61
CA THR B 137 22.91 33.02 32.87
C THR B 137 21.75 32.37 32.12
N ALA B 138 22.06 31.40 31.25
CA ALA B 138 21.03 30.66 30.56
C ALA B 138 20.61 29.41 31.34
N VAL B 139 19.30 29.21 31.49
CA VAL B 139 18.78 28.11 32.27
C VAL B 139 17.84 27.25 31.43
N ARG B 140 18.13 25.95 31.30
CA ARG B 140 17.24 25.05 30.58
C ARG B 140 16.03 24.72 31.45
N CYS B 141 14.83 24.96 30.90
CA CYS B 141 13.59 24.83 31.66
C CYS B 141 12.59 23.87 31.04
N GLY B 142 12.89 23.39 29.85
CA GLY B 142 11.99 22.49 29.19
C GLY B 142 10.61 23.08 29.02
N MET B 143 9.60 22.29 29.30
CA MET B 143 8.25 22.77 29.08
C MET B 143 7.72 23.67 30.18
N ASN B 144 8.62 24.09 31.08
CA ASN B 144 8.23 24.84 32.26
C ASN B 144 8.71 26.29 32.32
N VAL B 145 8.99 26.91 31.18
CA VAL B 145 9.54 28.26 31.17
C VAL B 145 8.64 29.25 31.93
N ALA B 146 7.39 29.37 31.50
CA ALA B 146 6.50 30.31 32.15
C ALA B 146 6.41 30.04 33.64
N LYS B 147 6.22 28.78 34.01
CA LYS B 147 6.12 28.40 35.41
C LYS B 147 7.34 28.86 36.21
N TYR B 148 8.54 28.63 35.70
CA TYR B 148 9.72 29.09 36.41
C TYR B 148 9.84 30.63 36.47
N ILE B 149 9.23 31.33 35.52
CA ILE B 149 9.23 32.79 35.54
C ILE B 149 8.39 33.21 36.73
N ILE B 150 7.17 32.71 36.79
CA ILE B 150 6.23 33.05 37.86
C ILE B 150 6.80 32.77 39.25
N GLU B 151 7.61 31.74 39.37
CA GLU B 151 8.15 31.36 40.67
C GLU B 151 9.46 32.07 40.99
N GLY B 152 9.93 32.89 40.05
CA GLY B 152 11.15 33.66 40.25
C GLY B 152 12.46 32.89 40.18
N LYS B 153 12.42 31.68 39.60
CA LYS B 153 13.63 30.90 39.42
C LYS B 153 14.44 31.44 38.26
N ILE B 154 13.76 32.15 37.36
CA ILE B 154 14.42 32.84 36.28
C ILE B 154 13.79 34.21 36.17
N ASP B 155 14.46 35.13 35.48
CA ASP B 155 13.99 36.52 35.41
C ASP B 155 13.13 36.75 34.18
N ALA B 156 13.51 36.07 33.10
CA ALA B 156 12.75 36.04 31.86
C ALA B 156 13.04 34.71 31.18
N GLY B 157 12.23 34.34 30.20
CA GLY B 157 12.47 33.13 29.41
C GLY B 157 11.79 33.11 28.06
N ILE B 158 12.20 32.19 27.19
CA ILE B 158 11.68 32.11 25.82
C ILE B 158 10.34 31.41 25.72
N GLY B 159 9.43 31.96 24.94
CA GLY B 159 8.08 31.43 24.84
C GLY B 159 7.20 31.97 23.73
N ILE B 160 6.00 31.43 23.62
CA ILE B 160 5.02 31.75 22.58
C ILE B 160 3.94 32.67 23.14
N GLU B 161 3.58 33.71 22.39
CA GLU B 161 2.57 34.65 22.81
C GLU B 161 1.25 33.98 23.19
N CYS B 162 0.93 32.86 22.57
CA CYS B 162 -0.38 32.25 22.80
C CYS B 162 -0.35 31.11 23.77
N MET B 163 0.80 30.90 24.40
CA MET B 163 0.91 29.85 25.42
C MET B 163 1.56 30.40 26.66
N GLN B 164 2.88 30.53 26.65
CA GLN B 164 3.58 31.07 27.82
C GLN B 164 3.07 32.45 28.26
N GLN B 165 2.90 33.37 27.32
CA GLN B 165 2.44 34.72 27.65
C GLN B 165 1.09 34.66 28.35
N VAL B 166 0.19 33.83 27.85
CA VAL B 166 -1.13 33.71 28.47
C VAL B 166 -0.99 33.17 29.87
N GLU B 167 -0.05 32.26 30.08
CA GLU B 167 0.10 31.67 31.41
C GLU B 167 0.52 32.75 32.39
N LEU B 168 1.30 33.72 31.90
CA LEU B 168 1.74 34.83 32.72
C LEU B 168 0.58 35.79 33.00
N GLU B 169 -0.20 36.07 31.98
CA GLU B 169 -1.31 36.99 32.12
C GLU B 169 -2.29 36.47 33.12
N GLU B 170 -2.55 35.17 33.07
CA GLU B 170 -3.45 34.54 34.02
C GLU B 170 -2.93 34.60 35.46
N TYR B 171 -1.63 34.45 35.63
CA TYR B 171 -1.00 34.60 36.93
C TYR B 171 -1.11 36.02 37.43
N LEU B 172 -0.88 36.97 36.55
CA LEU B 172 -1.00 38.38 36.88
C LEU B 172 -2.40 38.71 37.35
N ALA B 173 -3.40 38.19 36.66
CA ALA B 173 -4.78 38.43 37.05
C ALA B 173 -5.05 38.00 38.49
N LYS B 174 -4.39 36.92 38.92
CA LYS B 174 -4.49 36.44 40.30
C LYS B 174 -3.87 37.43 41.30
N GLN B 175 -2.70 37.96 40.96
CA GLN B 175 -2.05 38.98 41.77
C GLN B 175 -2.71 40.35 41.66
N GLY B 176 -3.80 40.44 40.89
CA GLY B 176 -4.48 41.70 40.65
C GLY B 176 -3.76 42.65 39.71
N ARG B 177 -2.56 42.28 39.28
CA ARG B 177 -1.82 43.03 38.28
C ARG B 177 -2.54 43.00 36.92
N PRO B 178 -2.28 43.98 36.05
CA PRO B 178 -2.89 44.02 34.71
C PRO B 178 -2.17 43.12 33.71
N ALA B 179 -2.90 42.59 32.74
CA ALA B 179 -2.29 41.72 31.74
C ALA B 179 -1.10 42.39 31.05
N SER B 180 -1.16 43.71 30.90
CA SER B 180 -0.10 44.44 30.21
C SER B 180 1.25 44.28 30.87
N ASP B 181 1.28 43.74 32.08
CA ASP B 181 2.53 43.64 32.83
C ASP B 181 3.36 42.44 32.38
N ALA B 182 2.72 41.60 31.57
CA ALA B 182 3.40 40.48 30.92
C ALA B 182 3.96 40.92 29.58
N LYS B 183 5.27 41.01 29.48
CA LYS B 183 5.90 41.66 28.35
C LYS B 183 6.82 40.73 27.59
N MET B 184 6.98 41.00 26.29
CA MET B 184 7.86 40.22 25.42
C MET B 184 8.84 41.09 24.64
N LEU B 185 10.11 40.72 24.72
CA LEU B 185 11.12 41.19 23.77
C LEU B 185 11.05 40.31 22.53
N CYS B 195 10.47 37.34 10.55
CA CYS B 195 10.88 35.94 10.69
C CYS B 195 10.62 35.34 12.08
N CYS B 196 9.46 35.65 12.67
CA CYS B 196 9.05 35.01 13.92
C CYS B 196 8.60 33.60 13.57
N CYS B 197 8.91 33.23 12.33
CA CYS B 197 8.50 31.97 11.75
C CYS B 197 9.30 30.79 12.32
N PHE B 198 10.32 31.06 13.13
CA PHE B 198 11.11 29.94 13.65
C PHE B 198 10.27 29.00 14.49
N CYS B 199 9.24 29.51 15.17
CA CYS B 199 8.39 28.64 15.97
C CYS B 199 7.05 28.28 15.33
N THR B 200 6.95 28.36 14.01
CA THR B 200 5.85 27.74 13.29
C THR B 200 5.87 26.24 13.59
N VAL B 201 4.73 25.64 13.88
CA VAL B 201 4.73 24.22 14.21
C VAL B 201 4.27 23.41 13.02
N LEU B 202 5.06 22.41 12.65
CA LEU B 202 4.86 21.62 11.44
C LEU B 202 4.48 20.16 11.69
N TYR B 203 3.69 19.61 10.77
CA TYR B 203 3.51 18.16 10.65
C TYR B 203 4.73 17.59 9.92
N ILE B 204 5.51 16.75 10.59
CA ILE B 204 6.71 16.19 9.95
C ILE B 204 6.67 14.67 9.84
N CYS B 205 7.37 14.14 8.83
CA CYS B 205 7.52 12.69 8.63
C CYS B 205 8.97 12.25 8.59
N ASN B 206 9.18 10.99 8.93
CA ASN B 206 10.45 10.34 8.69
C ASN B 206 10.64 10.17 7.19
N ASP B 207 11.78 10.59 6.66
CA ASP B 207 11.97 10.59 5.23
C ASP B 207 11.68 9.23 4.62
N GLU B 208 12.22 8.19 5.24
CA GLU B 208 11.99 6.81 4.79
C GLU B 208 10.52 6.42 4.89
N PHE B 209 9.86 6.76 5.98
CA PHE B 209 8.45 6.44 6.12
C PHE B 209 7.67 7.08 4.98
N LEU B 210 7.97 8.33 4.67
CA LEU B 210 7.22 9.07 3.67
C LEU B 210 7.43 8.44 2.30
N LYS B 211 8.65 7.99 2.06
CA LYS B 211 8.98 7.30 0.81
C LYS B 211 8.09 6.07 0.63
N LYS B 212 8.00 5.24 1.67
CA LYS B 212 7.28 3.98 1.61
C LYS B 212 5.77 4.06 1.73
N ASN B 213 5.25 5.15 2.27
CA ASN B 213 3.81 5.25 2.53
C ASN B 213 3.17 6.55 2.07
N PRO B 214 3.48 6.99 0.85
CA PRO B 214 3.01 8.31 0.41
C PRO B 214 1.51 8.49 0.53
N GLU B 215 0.77 7.42 0.26
CA GLU B 215 -0.69 7.52 0.22
C GLU B 215 -1.27 7.62 1.62
N LYS B 216 -0.62 7.00 2.59
CA LYS B 216 -1.08 7.05 3.99
C LYS B 216 -0.92 8.46 4.58
N VAL B 217 0.21 9.06 4.27
CA VAL B 217 0.46 10.46 4.61
C VAL B 217 -0.59 11.36 3.95
N ARG B 218 -0.87 11.12 2.68
CA ARG B 218 -1.86 11.94 1.99
C ARG B 218 -3.21 11.81 2.69
N LYS B 219 -3.51 10.59 3.15
CA LYS B 219 -4.78 10.32 3.78
C LYS B 219 -4.77 10.90 5.18
N PHE B 220 -3.61 10.85 5.80
CA PHE B 220 -3.43 11.45 7.13
C PHE B 220 -3.80 12.92 7.09
N LEU B 221 -3.23 13.64 6.13
CA LEU B 221 -3.48 15.07 6.00
C LEU B 221 -4.93 15.36 5.62
N LYS B 222 -5.58 14.42 4.93
CA LYS B 222 -7.00 14.59 4.63
C LYS B 222 -7.80 14.60 5.92
N ALA B 223 -7.49 13.66 6.80
CA ALA B 223 -8.17 13.58 8.09
C ALA B 223 -7.89 14.83 8.90
N ILE B 224 -6.62 15.20 8.95
CA ILE B 224 -6.23 16.42 9.66
C ILE B 224 -6.97 17.65 9.12
N LYS B 225 -7.07 17.73 7.79
CA LYS B 225 -7.78 18.86 7.17
C LYS B 225 -9.23 18.90 7.60
N LYS B 226 -9.89 17.75 7.59
CA LYS B 226 -11.28 17.70 7.93
C LYS B 226 -11.49 18.25 9.33
N ALA B 227 -10.62 17.85 10.25
CA ALA B 227 -10.75 18.28 11.65
C ALA B 227 -10.38 19.74 11.80
N THR B 228 -9.36 20.17 11.07
CA THR B 228 -8.93 21.56 11.13
C THR B 228 -10.09 22.48 10.72
N ASP B 229 -10.81 22.07 9.71
CA ASP B 229 -11.97 22.79 9.25
C ASP B 229 -12.99 22.91 10.36
N TYR B 230 -13.35 21.78 10.95
CA TYR B 230 -14.29 21.77 12.06
C TYR B 230 -13.87 22.71 13.18
N VAL B 231 -12.59 22.65 13.55
CA VAL B 231 -12.09 23.50 14.62
C VAL B 231 -12.26 24.97 14.28
N LEU B 232 -11.94 25.36 13.05
CA LEU B 232 -12.04 26.76 12.66
C LEU B 232 -13.49 27.20 12.47
N ALA B 233 -14.31 26.33 11.90
CA ALA B 233 -15.73 26.61 11.67
C ALA B 233 -16.50 26.77 12.97
N ASP B 234 -16.28 25.86 13.91
CA ASP B 234 -17.02 25.86 15.17
C ASP B 234 -16.10 25.58 16.37
N PRO B 235 -15.30 26.58 16.74
CA PRO B 235 -14.25 26.39 17.73
C PRO B 235 -14.80 25.95 19.07
N VAL B 236 -16.01 26.38 19.39
CA VAL B 236 -16.51 26.13 20.74
C VAL B 236 -16.98 24.69 20.93
N LYS B 237 -17.70 24.16 19.95
CA LYS B 237 -18.10 22.76 20.02
C LYS B 237 -16.84 21.92 19.98
N ALA B 238 -15.94 22.25 19.05
CA ALA B 238 -14.67 21.55 18.95
C ALA B 238 -14.02 21.48 20.33
N TRP B 239 -13.89 22.63 20.99
CA TRP B 239 -13.18 22.68 22.26
C TRP B 239 -13.82 21.76 23.29
N LYS B 240 -15.13 21.72 23.31
CA LYS B 240 -15.83 20.88 24.25
C LYS B 240 -15.52 19.41 24.04
N GLU B 241 -15.48 18.98 22.78
CA GLU B 241 -15.11 17.60 22.47
C GLU B 241 -13.68 17.30 22.94
N TYR B 242 -12.78 18.21 22.60
CA TYR B 242 -11.38 18.04 22.93
C TYR B 242 -11.22 17.80 24.43
N ILE B 243 -11.77 18.68 25.26
CA ILE B 243 -11.53 18.58 26.69
C ILE B 243 -12.35 17.51 27.36
N ASP B 244 -13.32 16.95 26.64
CA ASP B 244 -14.06 15.80 27.13
C ASP B 244 -13.12 14.62 27.11
N PHE B 245 -12.27 14.59 26.08
CA PHE B 245 -11.31 13.54 25.91
C PHE B 245 -10.04 13.77 26.74
N LYS B 246 -9.61 15.02 26.77
CA LYS B 246 -8.38 15.41 27.46
C LYS B 246 -8.68 16.44 28.55
N PRO B 247 -9.23 15.98 29.69
CA PRO B 247 -9.69 16.83 30.80
C PRO B 247 -8.61 17.72 31.39
N GLN B 248 -7.35 17.35 31.22
CA GLN B 248 -6.28 18.17 31.77
C GLN B 248 -6.31 19.54 31.13
N LEU B 249 -7.03 19.65 30.01
CA LEU B 249 -7.10 20.91 29.30
C LEU B 249 -8.38 21.65 29.63
N ASN B 250 -9.15 21.09 30.54
CA ASN B 250 -10.42 21.69 30.92
C ASN B 250 -10.28 22.69 32.05
N ASN B 251 -9.61 23.79 31.76
CA ASN B 251 -9.44 24.84 32.73
C ASN B 251 -9.42 26.20 32.02
N ASP B 252 -9.41 27.28 32.79
CA ASP B 252 -9.60 28.55 32.13
C ASP B 252 -8.34 28.92 31.38
N LEU B 253 -7.18 28.63 31.97
CA LEU B 253 -5.94 28.91 31.29
C LEU B 253 -5.90 28.30 29.88
N SER B 254 -6.24 27.03 29.80
CA SER B 254 -6.17 26.32 28.52
C SER B 254 -7.10 26.93 27.50
N TYR B 255 -8.27 27.37 27.94
CA TYR B 255 -9.25 27.98 27.05
C TYR B 255 -8.77 29.33 26.54
N LYS B 256 -8.18 30.14 27.41
CA LYS B 256 -7.67 31.41 26.95
C LYS B 256 -6.56 31.18 25.93
N GLN B 257 -5.66 30.23 26.23
CA GLN B 257 -4.62 29.83 25.29
C GLN B 257 -5.23 29.42 23.96
N TYR B 258 -6.30 28.64 24.03
CA TYR B 258 -6.97 28.15 22.84
C TYR B 258 -7.42 29.32 21.98
N GLN B 259 -7.97 30.34 22.63
CA GLN B 259 -8.49 31.49 21.92
C GLN B 259 -7.40 32.28 21.21
N ARG B 260 -6.26 32.43 21.90
CA ARG B 260 -5.09 33.09 21.32
C ARG B 260 -4.48 32.28 20.19
N CYS B 261 -4.65 30.97 20.24
CA CYS B 261 -4.14 30.10 19.19
C CYS B 261 -4.96 30.20 17.92
N TYR B 262 -6.25 30.44 18.08
CA TYR B 262 -7.22 30.40 16.97
C TYR B 262 -6.78 31.15 15.70
N ALA B 263 -6.25 32.35 15.87
CA ALA B 263 -5.84 33.15 14.73
C ALA B 263 -4.58 32.61 14.02
N TYR B 264 -3.79 31.79 14.71
CA TYR B 264 -2.54 31.24 14.15
C TYR B 264 -2.68 29.90 13.46
N PHE B 265 -3.77 29.18 13.67
CA PHE B 265 -3.96 27.89 13.02
C PHE B 265 -3.86 28.10 11.53
N SER B 266 -3.18 27.21 10.84
CA SER B 266 -3.17 27.24 9.39
C SER B 266 -4.47 26.60 8.86
N SER B 267 -5.22 27.34 8.06
CA SER B 267 -6.48 26.82 7.52
C SER B 267 -6.25 25.87 6.35
N SER B 268 -5.11 26.05 5.67
CA SER B 268 -4.79 25.29 4.46
C SER B 268 -3.76 24.17 4.68
N LEU B 269 -3.02 24.27 5.79
CA LEU B 269 -1.98 23.30 6.12
C LEU B 269 -0.72 23.48 5.28
N TYR B 270 -0.77 24.37 4.29
CA TYR B 270 0.36 24.58 3.40
C TYR B 270 1.61 25.12 4.08
N ASN B 271 2.76 24.58 3.73
CA ASN B 271 4.04 25.17 4.12
C ASN B 271 4.16 26.47 3.39
N VAL B 272 4.52 27.53 4.10
CA VAL B 272 4.69 28.85 3.47
C VAL B 272 6.12 29.07 2.96
N HIS B 273 6.28 29.19 1.65
CA HIS B 273 7.60 29.22 1.04
C HIS B 273 8.47 30.34 1.58
N ARG B 274 7.87 31.52 1.69
CA ARG B 274 8.60 32.70 2.17
C ARG B 274 9.23 32.43 3.53
N ASP B 275 8.42 31.90 4.44
CA ASP B 275 8.86 31.63 5.81
C ASP B 275 10.03 30.66 5.87
N TRP B 276 9.90 29.55 5.14
CA TRP B 276 10.95 28.56 5.11
C TRP B 276 12.22 29.17 4.56
N LYS B 277 12.08 29.96 3.50
CA LYS B 277 13.22 30.66 2.92
C LYS B 277 13.93 31.50 3.97
N LYS B 278 13.17 32.32 4.70
CA LYS B 278 13.76 33.20 5.73
C LYS B 278 14.50 32.41 6.83
N VAL B 279 13.82 31.42 7.40
CA VAL B 279 14.38 30.65 8.52
C VAL B 279 15.62 29.83 8.12
N THR B 280 15.62 29.31 6.90
CA THR B 280 16.79 28.63 6.35
C THR B 280 17.99 29.58 6.30
N GLY B 281 17.74 30.83 5.90
CA GLY B 281 18.75 31.86 5.95
C GLY B 281 19.29 32.01 7.36
N TYR B 282 18.41 32.41 8.28
CA TYR B 282 18.71 32.46 9.71
C TYR B 282 19.53 31.25 10.11
N GLY B 283 19.10 30.07 9.66
CA GLY B 283 19.76 28.82 10.01
C GLY B 283 21.22 28.76 9.60
N LYS B 284 21.48 29.19 8.36
CA LYS B 284 22.83 29.18 7.81
C LYS B 284 23.75 30.17 8.54
N ARG B 285 23.23 31.38 8.75
CA ARG B 285 23.96 32.41 9.50
C ARG B 285 24.35 31.94 10.91
N LEU B 286 23.40 31.35 11.64
CA LEU B 286 23.65 30.80 12.98
C LEU B 286 24.60 29.60 12.98
N ALA B 287 25.00 29.13 11.80
CA ALA B 287 25.89 27.99 11.67
C ALA B 287 25.19 26.66 11.96
N ILE B 288 23.89 26.72 12.24
CA ILE B 288 23.09 25.54 12.50
C ILE B 288 22.96 24.69 11.23
N LEU B 289 22.99 25.37 10.09
CA LEU B 289 22.83 24.72 8.82
C LEU B 289 24.06 24.94 7.94
N PRO B 290 24.45 23.90 7.17
CA PRO B 290 25.51 23.93 6.18
C PRO B 290 25.19 24.91 5.06
N PRO B 291 26.21 25.36 4.31
CA PRO B 291 26.07 26.36 3.25
C PRO B 291 25.19 25.92 2.09
N ASP B 292 25.23 24.63 1.78
CA ASP B 292 24.48 24.12 0.64
C ASP B 292 23.19 23.49 1.09
N TYR B 293 22.76 23.78 2.31
CA TYR B 293 21.57 23.17 2.89
C TYR B 293 20.29 23.51 2.13
N VAL B 294 19.41 22.52 1.98
CA VAL B 294 18.17 22.74 1.25
C VAL B 294 16.95 22.47 2.13
N SER B 295 16.01 23.39 2.14
CA SER B 295 14.81 23.29 2.95
C SER B 295 14.11 21.95 2.79
N ASN B 296 13.84 21.31 3.92
CA ASN B 296 13.23 19.99 3.91
C ASN B 296 11.72 19.98 4.14
N TYR B 297 10.98 20.53 3.19
CA TYR B 297 9.53 20.47 3.25
C TYR B 297 8.93 20.13 1.90
N THR B 298 7.62 19.90 1.87
CA THR B 298 6.91 19.69 0.62
C THR B 298 5.39 19.77 0.73
N ASN B 299 4.77 20.39 -0.26
CA ASN B 299 3.32 20.49 -0.25
C ASN B 299 2.64 19.42 -1.12
N GLU B 300 3.42 18.43 -1.54
CA GLU B 300 2.95 17.40 -2.46
C GLU B 300 1.82 16.57 -1.92
N TYR B 301 1.79 16.37 -0.61
CA TYR B 301 0.84 15.43 -0.04
C TYR B 301 -0.44 16.10 0.45
N LEU B 302 -0.54 17.38 0.14
CA LEU B 302 -1.79 18.11 0.35
C LEU B 302 -2.66 18.00 -0.91
N SER B 303 -3.95 17.78 -0.71
CA SER B 303 -4.84 17.42 -1.81
C SER B 303 -5.91 18.49 -2.09
N TRP B 304 -5.52 19.75 -1.95
CA TRP B 304 -6.39 20.87 -2.26
C TRP B 304 -5.54 22.04 -2.69
N PRO B 305 -6.13 22.99 -3.44
CA PRO B 305 -5.35 24.12 -3.98
C PRO B 305 -4.61 24.96 -2.93
N GLU B 306 -3.38 25.34 -3.27
CA GLU B 306 -2.57 26.23 -2.46
C GLU B 306 -3.19 27.63 -2.47
N PRO B 307 -3.12 28.34 -1.32
CA PRO B 307 -3.66 29.70 -1.25
C PRO B 307 -2.69 30.73 -1.85
N GLU B 308 -3.20 31.93 -2.14
CA GLU B 308 -2.34 33.00 -2.65
C GLU B 308 -1.37 33.55 -1.61
N ASP B 312 1.29 41.66 1.47
CA ASP B 312 2.22 42.38 2.34
C ASP B 312 2.39 41.69 3.71
N PRO B 313 3.38 40.78 3.80
CA PRO B 313 3.64 39.96 4.99
C PRO B 313 3.94 40.76 6.27
N LEU B 314 4.68 41.87 6.15
CA LEU B 314 5.07 42.64 7.33
C LEU B 314 3.92 43.48 7.92
N GLU B 315 2.94 43.82 7.08
CA GLU B 315 1.75 44.53 7.54
C GLU B 315 0.76 43.53 8.17
N ALA B 316 0.67 42.34 7.58
CA ALA B 316 -0.12 41.25 8.16
C ALA B 316 0.39 40.89 9.57
N THR B 317 1.70 41.00 9.77
CA THR B 317 2.31 40.70 11.06
C THR B 317 2.00 41.76 12.14
N ARG B 318 2.03 43.04 11.75
CA ARG B 318 1.70 44.10 12.70
C ARG B 318 0.17 44.21 12.89
N LEU B 319 -0.56 43.72 11.89
CA LEU B 319 -2.03 43.64 11.99
C LEU B 319 -2.46 42.54 12.95
N MET B 320 -1.72 41.43 12.92
CA MET B 320 -1.94 40.31 13.84
C MET B 320 -1.69 40.75 15.30
N ALA B 321 -0.59 41.47 15.52
CA ALA B 321 -0.26 41.93 16.85
C ALA B 321 -1.44 42.67 17.47
N GLY B 331 -11.94 38.31 24.48
CA GLY B 331 -12.19 36.88 24.59
C GLY B 331 -13.05 36.31 23.46
N THR B 332 -12.51 36.35 22.24
CA THR B 332 -13.27 36.01 21.05
C THR B 332 -12.56 35.03 20.13
N PHE B 333 -13.30 34.47 19.20
CA PHE B 333 -12.69 33.64 18.17
C PHE B 333 -12.78 34.31 16.79
N LYS B 334 -11.75 35.06 16.42
CA LYS B 334 -11.75 35.67 15.10
C LYS B 334 -10.45 35.40 14.32
N ARG B 335 -10.61 35.08 13.03
CA ARG B 335 -9.47 34.91 12.12
C ARG B 335 -9.00 36.28 11.64
N LEU B 336 -7.68 36.42 11.44
CA LEU B 336 -7.14 37.69 10.96
C LEU B 336 -7.59 37.93 9.51
N ALA B 337 -8.14 39.12 9.25
CA ALA B 337 -8.63 39.48 7.92
C ALA B 337 -7.62 40.32 7.11
N LEU B 338 -7.53 40.04 5.80
CA LEU B 338 -6.53 40.70 4.95
C LEU B 338 -7.12 41.31 3.68
N ASP C 4 11.75 -22.80 2.37
CA ASP C 4 12.77 -22.04 1.65
C ASP C 4 12.63 -22.07 0.10
N LYS C 5 11.40 -22.18 -0.37
CA LYS C 5 11.11 -22.03 -1.78
C LYS C 5 11.14 -20.55 -2.13
N ILE C 6 11.46 -20.24 -3.39
CA ILE C 6 11.36 -18.87 -3.90
C ILE C 6 10.06 -18.68 -4.65
N THR C 7 9.30 -17.65 -4.29
CA THR C 7 8.02 -17.43 -4.96
C THR C 7 8.16 -16.53 -6.20
N PHE C 8 7.61 -16.99 -7.32
CA PHE C 8 7.56 -16.20 -8.53
C PHE C 8 6.11 -16.02 -8.98
N LEU C 9 5.62 -14.79 -8.99
CA LEU C 9 4.21 -14.50 -9.26
C LEU C 9 4.01 -13.84 -10.60
N LEU C 10 3.34 -14.54 -11.51
CA LEU C 10 3.12 -14.01 -12.86
C LEU C 10 2.29 -12.75 -12.84
N ASN C 11 2.30 -12.06 -13.96
CA ASN C 11 1.49 -10.87 -14.11
C ASN C 11 0.00 -11.10 -14.42
N TRP C 12 -0.41 -12.36 -14.56
CA TRP C 12 -1.63 -12.66 -15.32
C TRP C 12 -1.94 -14.14 -15.17
N GLN C 13 -3.11 -14.59 -15.64
CA GLN C 13 -3.33 -16.02 -15.87
C GLN C 13 -2.22 -16.50 -16.80
N PRO C 14 -1.96 -17.81 -16.81
CA PRO C 14 -0.98 -18.29 -17.78
C PRO C 14 -1.27 -17.82 -19.22
N THR C 15 -0.25 -17.27 -19.86
CA THR C 15 -0.36 -16.79 -21.24
C THR C 15 0.71 -17.48 -22.05
N PRO C 16 0.55 -17.48 -23.37
CA PRO C 16 1.59 -17.94 -24.28
C PRO C 16 2.94 -17.30 -23.99
N TYR C 17 2.97 -16.04 -23.56
CA TYR C 17 4.29 -15.43 -23.33
C TYR C 17 4.97 -15.78 -21.98
N HIS C 18 4.32 -16.62 -21.18
CA HIS C 18 4.95 -17.11 -19.95
C HIS C 18 5.84 -18.32 -20.22
N ILE C 19 5.80 -18.78 -21.46
CA ILE C 19 6.44 -20.03 -21.79
C ILE C 19 7.88 -20.18 -21.23
N PRO C 20 8.71 -19.13 -21.36
CA PRO C 20 10.10 -19.33 -20.93
C PRO C 20 10.20 -19.72 -19.47
N ILE C 21 9.25 -19.29 -18.65
CA ILE C 21 9.31 -19.54 -17.22
C ILE C 21 8.88 -20.96 -16.98
N PHE C 22 7.73 -21.32 -17.50
CA PHE C 22 7.23 -22.66 -17.28
C PHE C 22 8.22 -23.70 -17.78
N LEU C 23 8.84 -23.43 -18.92
CA LEU C 23 9.81 -24.36 -19.48
C LEU C 23 11.07 -24.46 -18.61
N ALA C 24 11.56 -23.34 -18.11
CA ALA C 24 12.66 -23.39 -17.18
C ALA C 24 12.33 -24.31 -15.97
N GLN C 25 11.05 -24.41 -15.65
CA GLN C 25 10.57 -25.32 -14.61
C GLN C 25 10.54 -26.77 -15.09
N THR C 26 9.79 -27.00 -16.18
CA THR C 26 9.53 -28.37 -16.65
C THR C 26 10.79 -29.07 -17.17
N LYS C 27 11.67 -28.30 -17.80
CA LYS C 27 12.90 -28.84 -18.39
C LYS C 27 14.02 -29.03 -17.37
N GLY C 28 13.74 -28.64 -16.12
CA GLY C 28 14.70 -28.79 -15.05
C GLY C 28 15.81 -27.77 -14.99
N TYR C 29 15.66 -26.66 -15.69
CA TYR C 29 16.69 -25.64 -15.66
C TYR C 29 16.79 -24.97 -14.30
N PHE C 30 15.66 -24.74 -13.65
CA PHE C 30 15.69 -24.17 -12.31
C PHE C 30 16.37 -25.14 -11.37
N LYS C 31 15.91 -26.40 -11.40
CA LYS C 31 16.46 -27.46 -10.55
C LYS C 31 17.98 -27.55 -10.70
N GLU C 32 18.46 -27.54 -11.94
CA GLU C 32 19.89 -27.66 -12.19
C GLU C 32 20.70 -26.47 -11.67
N GLN C 33 20.01 -25.44 -11.18
CA GLN C 33 20.69 -24.27 -10.64
C GLN C 33 20.56 -24.28 -9.13
N GLY C 34 19.92 -25.31 -8.60
CA GLY C 34 19.73 -25.42 -7.17
C GLY C 34 18.66 -24.46 -6.67
N LEU C 35 17.79 -24.06 -7.59
CA LEU C 35 16.67 -23.20 -7.25
C LEU C 35 15.36 -24.00 -7.12
N ASP C 36 14.58 -23.66 -6.11
CA ASP C 36 13.28 -24.26 -5.94
C ASP C 36 12.21 -23.18 -6.11
N MET C 37 11.68 -23.07 -7.32
CA MET C 37 10.78 -21.98 -7.64
C MET C 37 9.34 -22.42 -7.47
N ALA C 38 8.56 -21.61 -6.76
CA ALA C 38 7.13 -21.84 -6.64
C ALA C 38 6.41 -20.80 -7.48
N ILE C 39 6.06 -21.18 -8.70
CA ILE C 39 5.38 -20.27 -9.61
C ILE C 39 3.91 -20.12 -9.22
N LEU C 40 3.47 -18.87 -9.05
CA LEU C 40 2.09 -18.57 -8.69
C LEU C 40 1.42 -17.69 -9.74
N GLU C 41 0.11 -17.88 -9.90
CA GLU C 41 -0.68 -17.07 -10.82
C GLU C 41 -1.67 -16.21 -10.03
N PRO C 42 -1.78 -14.93 -10.37
CA PRO C 42 -2.72 -14.07 -9.65
C PRO C 42 -4.14 -14.23 -10.16
N THR C 43 -5.11 -13.90 -9.33
CA THR C 43 -6.50 -13.83 -9.77
C THR C 43 -6.79 -12.40 -10.21
N ASN C 44 -5.97 -11.48 -9.70
CA ASN C 44 -6.10 -10.07 -10.00
C ASN C 44 -4.74 -9.39 -10.17
N PRO C 45 -4.36 -9.16 -11.43
CA PRO C 45 -3.06 -8.57 -11.78
C PRO C 45 -2.68 -7.46 -10.83
N SER C 46 -3.68 -6.73 -10.34
CA SER C 46 -3.48 -5.51 -9.54
C SER C 46 -2.83 -5.82 -8.20
N ASP C 47 -3.17 -6.99 -7.66
CA ASP C 47 -2.56 -7.49 -6.42
C ASP C 47 -1.04 -7.71 -6.54
N VAL C 48 -0.56 -7.86 -7.77
CA VAL C 48 0.81 -8.31 -7.98
C VAL C 48 1.93 -7.42 -7.45
N THR C 49 2.01 -6.15 -7.88
CA THR C 49 3.14 -5.32 -7.44
C THR C 49 3.14 -5.14 -5.92
N GLU C 50 1.96 -4.95 -5.35
CA GLU C 50 1.89 -4.81 -3.90
C GLU C 50 2.43 -6.03 -3.15
N LEU C 51 2.06 -7.23 -3.60
CA LEU C 51 2.57 -8.47 -2.98
C LEU C 51 4.08 -8.64 -3.07
N ILE C 52 4.64 -8.41 -4.25
CA ILE C 52 6.09 -8.46 -4.43
C ILE C 52 6.83 -7.33 -3.70
N GLY C 53 6.29 -6.10 -3.77
CA GLY C 53 6.91 -4.97 -3.13
C GLY C 53 7.02 -5.18 -1.63
N SER C 54 5.98 -5.77 -1.06
CA SER C 54 5.86 -5.99 0.37
C SER C 54 6.65 -7.22 0.85
N GLY C 55 7.30 -7.90 -0.08
CA GLY C 55 8.15 -9.04 0.30
C GLY C 55 7.41 -10.33 0.62
N LYS C 56 6.08 -10.27 0.64
CA LYS C 56 5.27 -11.49 0.79
C LYS C 56 5.61 -12.52 -0.32
N VAL C 57 5.85 -12.01 -1.53
CA VAL C 57 6.27 -12.79 -2.67
C VAL C 57 7.63 -12.28 -3.14
N ASP C 58 8.54 -13.17 -3.51
CA ASP C 58 9.90 -12.77 -3.83
C ASP C 58 10.07 -12.10 -5.21
N MET C 59 9.63 -12.77 -6.26
CA MET C 59 9.77 -12.26 -7.62
C MET C 59 8.45 -12.34 -8.40
N GLY C 60 8.50 -11.90 -9.66
CA GLY C 60 7.36 -12.01 -10.54
C GLY C 60 7.50 -11.19 -11.81
N LEU C 61 6.37 -11.02 -12.48
CA LEU C 61 6.35 -10.23 -13.68
C LEU C 61 5.32 -9.15 -13.52
N LYS C 62 5.55 -8.05 -14.24
CA LYS C 62 4.58 -6.97 -14.36
C LYS C 62 5.08 -6.11 -15.50
N ALA C 63 4.20 -5.29 -16.06
CA ALA C 63 4.58 -4.41 -17.17
C ALA C 63 5.35 -3.20 -16.65
N MET C 64 5.99 -2.47 -17.57
CA MET C 64 6.94 -1.42 -17.20
C MET C 64 6.30 -0.28 -16.40
N ILE C 65 5.25 0.31 -16.96
CA ILE C 65 4.57 1.41 -16.33
C ILE C 65 4.02 1.07 -14.95
N HIS C 66 3.76 -0.21 -14.71
CA HIS C 66 3.32 -0.63 -13.39
C HIS C 66 4.52 -0.75 -12.46
N THR C 67 5.63 -1.27 -13.00
CA THR C 67 6.83 -1.46 -12.19
C THR C 67 7.33 -0.12 -11.62
N LEU C 68 7.35 0.90 -12.46
CA LEU C 68 7.71 2.26 -12.07
C LEU C 68 6.81 2.76 -10.97
N ALA C 69 5.51 2.80 -11.24
CA ALA C 69 4.52 3.23 -10.27
C ALA C 69 4.57 2.46 -8.94
N ALA C 70 5.07 1.23 -8.97
CA ALA C 70 5.21 0.46 -7.74
C ALA C 70 6.14 1.12 -6.70
N LYS C 71 7.33 1.55 -7.12
CA LYS C 71 8.26 2.20 -6.22
C LYS C 71 7.73 3.56 -5.80
N ALA C 72 7.23 4.31 -6.77
CA ALA C 72 6.58 5.58 -6.48
C ALA C 72 5.53 5.42 -5.38
N ARG C 73 4.67 4.42 -5.52
CA ARG C 73 3.59 4.21 -4.57
C ARG C 73 4.02 3.52 -3.26
N GLY C 74 5.32 3.30 -3.12
CA GLY C 74 5.88 2.83 -1.86
C GLY C 74 6.26 1.38 -1.78
N PHE C 75 6.12 0.66 -2.89
CA PHE C 75 6.48 -0.76 -2.95
C PHE C 75 7.82 -0.93 -3.67
N PRO C 76 8.86 -1.34 -2.94
CA PRO C 76 10.24 -1.48 -3.44
C PRO C 76 10.45 -2.72 -4.34
N VAL C 77 10.30 -2.52 -5.64
CA VAL C 77 10.60 -3.55 -6.61
C VAL C 77 11.62 -3.05 -7.63
N THR C 78 12.44 -3.96 -8.12
CA THR C 78 13.41 -3.62 -9.13
C THR C 78 13.30 -4.59 -10.33
N SER C 79 13.26 -4.03 -11.52
CA SER C 79 13.31 -4.85 -12.72
C SER C 79 14.73 -5.37 -12.93
N VAL C 80 14.90 -6.68 -12.96
CA VAL C 80 16.21 -7.28 -13.16
C VAL C 80 16.37 -7.93 -14.53
N ALA C 81 15.31 -7.89 -15.33
CA ALA C 81 15.34 -8.45 -16.69
C ALA C 81 14.07 -8.15 -17.41
N SER C 82 14.08 -8.40 -18.71
CA SER C 82 12.97 -8.10 -19.59
C SER C 82 12.44 -9.38 -20.29
N LEU C 83 11.11 -9.53 -20.33
CA LEU C 83 10.49 -10.72 -20.93
C LEU C 83 9.93 -10.46 -22.32
N LEU C 84 9.02 -9.49 -22.40
CA LEU C 84 8.36 -9.13 -23.65
C LEU C 84 8.55 -7.65 -23.97
N ASP C 85 9.22 -7.34 -25.07
CA ASP C 85 9.65 -5.97 -25.39
C ASP C 85 8.67 -5.23 -26.28
N GLU C 86 8.21 -4.07 -25.82
CA GLU C 86 7.39 -3.16 -26.62
C GLU C 86 6.30 -3.82 -27.49
N PRO C 87 5.39 -4.58 -26.86
CA PRO C 87 4.24 -5.07 -27.62
C PRO C 87 3.24 -3.95 -27.88
N PHE C 88 2.71 -3.86 -29.09
CA PHE C 88 1.78 -2.79 -29.42
C PHE C 88 0.60 -2.76 -28.47
N THR C 89 0.44 -1.66 -27.75
CA THR C 89 -0.69 -1.48 -26.85
C THR C 89 -1.57 -0.36 -27.38
N GLY C 90 -2.87 -0.44 -27.11
CA GLY C 90 -3.78 0.60 -27.55
C GLY C 90 -5.21 0.26 -27.24
N VAL C 91 -6.12 1.13 -27.67
CA VAL C 91 -7.53 0.85 -27.48
C VAL C 91 -8.03 0.02 -28.63
N LEU C 92 -8.50 -1.19 -28.34
CA LEU C 92 -8.98 -2.10 -29.37
C LEU C 92 -10.47 -1.92 -29.55
N TYR C 93 -10.94 -2.02 -30.78
CA TYR C 93 -12.37 -1.98 -31.06
C TYR C 93 -12.68 -2.75 -32.33
N LEU C 94 -13.94 -3.13 -32.52
CA LEU C 94 -14.32 -3.81 -33.75
C LEU C 94 -14.93 -2.80 -34.69
N LYS C 95 -14.62 -2.90 -35.97
CA LYS C 95 -15.22 -2.00 -36.95
C LYS C 95 -16.76 -2.02 -36.93
N GLY C 96 -17.36 -0.83 -36.81
CA GLY C 96 -18.81 -0.72 -36.71
C GLY C 96 -19.24 -0.63 -35.26
N SER C 97 -18.32 -0.19 -34.41
CA SER C 97 -18.54 -0.17 -32.96
C SER C 97 -19.63 0.77 -32.45
N GLY C 98 -19.83 1.94 -33.05
CA GLY C 98 -19.01 2.46 -34.14
C GLY C 98 -17.93 3.43 -33.66
N ILE C 99 -16.69 3.02 -33.81
CA ILE C 99 -15.56 3.81 -33.38
C ILE C 99 -14.63 3.94 -34.56
N THR C 100 -13.85 5.01 -34.58
CA THR C 100 -12.99 5.29 -35.71
C THR C 100 -11.59 5.68 -35.29
N LYS C 101 -10.73 5.94 -36.27
CA LYS C 101 -9.35 6.34 -36.02
C LYS C 101 -9.28 7.63 -35.20
N SER C 102 -10.34 8.42 -35.22
CA SER C 102 -10.36 9.68 -34.47
C SER C 102 -10.74 9.45 -33.00
N PHE C 103 -9.82 9.77 -32.11
CA PHE C 103 -10.05 9.68 -30.68
C PHE C 103 -11.35 10.38 -30.22
N GLN C 104 -11.99 11.16 -31.08
CA GLN C 104 -13.24 11.81 -30.72
C GLN C 104 -14.43 10.85 -30.66
N SER C 105 -14.31 9.71 -31.34
CA SER C 105 -15.38 8.73 -31.40
C SER C 105 -15.59 8.08 -30.03
N LEU C 106 -14.58 8.19 -29.18
CA LEU C 106 -14.66 7.64 -27.85
C LEU C 106 -15.73 8.31 -27.01
N LYS C 107 -16.29 9.41 -27.51
CA LYS C 107 -17.34 10.11 -26.79
C LYS C 107 -18.62 9.28 -26.66
N GLY C 108 -19.07 9.13 -25.43
CA GLY C 108 -20.31 8.43 -25.13
C GLY C 108 -20.20 6.93 -25.26
N LYS C 109 -18.98 6.43 -25.47
CA LYS C 109 -18.74 5.00 -25.58
C LYS C 109 -18.30 4.43 -24.24
N LYS C 110 -18.52 3.14 -24.03
CA LYS C 110 -18.02 2.47 -22.84
C LYS C 110 -16.65 1.90 -23.19
N ILE C 111 -15.65 2.27 -22.41
CA ILE C 111 -14.28 1.90 -22.73
C ILE C 111 -13.67 1.12 -21.59
N GLY C 112 -13.20 -0.08 -21.89
CA GLY C 112 -12.68 -0.98 -20.88
C GLY C 112 -11.21 -0.83 -20.66
N TYR C 113 -10.79 -1.03 -19.42
CA TYR C 113 -9.40 -0.98 -19.01
C TYR C 113 -9.17 -2.12 -18.06
N VAL C 114 -7.94 -2.57 -17.94
CA VAL C 114 -7.65 -3.68 -17.06
C VAL C 114 -7.66 -3.43 -15.57
N GLY C 115 -6.81 -2.58 -15.05
CA GLY C 115 -6.81 -2.36 -13.63
C GLY C 115 -6.85 -0.99 -13.03
N GLU C 116 -5.95 -0.13 -13.44
CA GLU C 116 -5.92 1.20 -12.90
C GLU C 116 -5.52 2.20 -13.90
N PHE C 117 -4.25 2.10 -14.21
CA PHE C 117 -3.59 3.00 -15.10
C PHE C 117 -4.19 3.04 -16.42
N GLY C 118 -4.82 1.98 -16.82
CA GLY C 118 -5.38 2.06 -18.12
C GLY C 118 -6.31 3.23 -18.03
N LYS C 119 -7.05 3.36 -16.94
CA LYS C 119 -7.96 4.48 -16.87
C LYS C 119 -7.21 5.76 -16.83
N ILE C 120 -6.25 5.81 -15.95
CA ILE C 120 -5.41 6.98 -15.84
C ILE C 120 -4.92 7.41 -17.22
N GLN C 121 -4.60 6.44 -18.08
CA GLN C 121 -4.09 6.75 -19.41
C GLN C 121 -5.17 7.36 -20.31
N ILE C 122 -6.33 6.72 -20.37
CA ILE C 122 -7.44 7.25 -21.15
C ILE C 122 -7.91 8.61 -20.63
N ASP C 123 -8.08 8.70 -19.32
CA ASP C 123 -8.49 9.94 -18.66
C ASP C 123 -7.65 11.14 -19.13
N GLU C 124 -6.35 10.91 -19.29
CA GLU C 124 -5.42 11.98 -19.64
C GLU C 124 -5.44 12.27 -21.15
N LEU C 125 -5.62 11.22 -21.94
CA LEU C 125 -5.72 11.40 -23.40
C LEU C 125 -6.92 12.25 -23.79
N THR C 126 -7.97 12.20 -22.98
CA THR C 126 -9.20 12.93 -23.29
C THR C 126 -8.97 14.43 -23.29
N LYS C 127 -8.04 14.88 -22.46
CA LYS C 127 -7.73 16.31 -22.40
C LYS C 127 -7.06 16.79 -23.68
N HIS C 128 -6.13 15.99 -24.19
CA HIS C 128 -5.42 16.34 -25.40
C HIS C 128 -6.31 16.38 -26.63
N TYR C 129 -7.56 15.98 -26.48
CA TYR C 129 -8.47 15.95 -27.62
C TYR C 129 -9.77 16.70 -27.33
N GLY C 130 -9.72 17.57 -26.33
CA GLY C 130 -10.82 18.49 -26.08
C GLY C 130 -11.93 17.99 -25.18
N MET C 131 -12.04 16.67 -25.04
CA MET C 131 -13.08 16.08 -24.21
C MET C 131 -12.65 15.93 -22.75
N LYS C 132 -13.62 15.71 -21.87
CA LYS C 132 -13.35 15.59 -20.45
C LYS C 132 -13.68 14.22 -19.91
N PRO C 133 -12.94 13.76 -18.90
CA PRO C 133 -13.50 12.68 -18.09
C PRO C 133 -14.61 13.29 -17.22
N GLU C 134 -15.86 12.95 -17.51
CA GLU C 134 -16.17 11.85 -18.41
C GLU C 134 -17.20 12.21 -19.46
N ASP C 135 -16.73 12.24 -20.70
CA ASP C 135 -17.60 12.28 -21.86
C ASP C 135 -17.67 10.84 -22.33
N TYR C 136 -17.05 9.96 -21.55
CA TYR C 136 -17.01 8.53 -21.82
C TYR C 136 -17.08 7.74 -20.51
N THR C 137 -17.56 6.51 -20.55
CA THR C 137 -17.60 5.68 -19.36
C THR C 137 -16.47 4.66 -19.32
N ALA C 138 -15.67 4.71 -18.27
CA ALA C 138 -14.59 3.75 -18.09
C ALA C 138 -15.02 2.54 -17.29
N VAL C 139 -14.70 1.35 -17.80
CA VAL C 139 -15.19 0.12 -17.19
C VAL C 139 -14.02 -0.80 -16.85
N ARG C 140 -13.87 -1.17 -15.57
CA ARG C 140 -12.79 -2.06 -15.15
C ARG C 140 -13.15 -3.50 -15.52
N CYS C 141 -12.29 -4.14 -16.31
CA CYS C 141 -12.61 -5.44 -16.86
C CYS C 141 -11.62 -6.51 -16.44
N GLY C 142 -10.54 -6.10 -15.78
CA GLY C 142 -9.49 -7.04 -15.42
C GLY C 142 -8.98 -7.82 -16.62
N MET C 143 -8.83 -9.13 -16.45
CA MET C 143 -8.24 -9.94 -17.50
C MET C 143 -9.20 -10.30 -18.63
N ASN C 144 -10.37 -9.66 -18.65
CA ASN C 144 -11.44 -9.99 -19.58
C ASN C 144 -11.80 -8.89 -20.58
N VAL C 145 -10.85 -8.03 -20.92
CA VAL C 145 -11.19 -6.90 -21.79
C VAL C 145 -11.72 -7.38 -23.13
N ALA C 146 -10.93 -8.22 -23.80
CA ALA C 146 -11.32 -8.68 -25.14
C ALA C 146 -12.66 -9.39 -25.10
N LYS C 147 -12.83 -10.28 -24.12
CA LYS C 147 -14.09 -10.98 -23.92
C LYS C 147 -15.28 -10.04 -23.82
N TYR C 148 -15.18 -9.00 -22.98
CA TYR C 148 -16.27 -8.05 -22.82
C TYR C 148 -16.51 -7.24 -24.08
N ILE C 149 -15.47 -7.05 -24.89
CA ILE C 149 -15.67 -6.37 -26.17
C ILE C 149 -16.56 -7.21 -27.06
N ILE C 150 -16.20 -8.49 -27.19
CA ILE C 150 -16.91 -9.41 -28.06
C ILE C 150 -18.37 -9.54 -27.65
N GLU C 151 -18.64 -9.48 -26.35
CA GLU C 151 -20.01 -9.63 -25.85
C GLU C 151 -20.81 -8.31 -25.86
N GLY C 152 -20.17 -7.23 -26.23
CA GLY C 152 -20.84 -5.95 -26.30
C GLY C 152 -21.08 -5.24 -24.99
N LYS C 153 -20.36 -5.64 -23.95
CA LYS C 153 -20.54 -4.99 -22.66
C LYS C 153 -19.75 -3.67 -22.64
N ILE C 154 -18.75 -3.57 -23.51
CA ILE C 154 -18.01 -2.33 -23.71
C ILE C 154 -17.87 -2.14 -25.19
N ASP C 155 -17.52 -0.93 -25.62
CA ASP C 155 -17.44 -0.63 -27.04
C ASP C 155 -16.01 -0.76 -27.56
N ALA C 156 -15.07 -0.44 -26.71
CA ALA C 156 -13.67 -0.68 -26.98
C ALA C 156 -12.97 -0.84 -25.65
N GLY C 157 -11.75 -1.35 -25.67
CA GLY C 157 -10.99 -1.53 -24.44
C GLY C 157 -9.48 -1.61 -24.67
N ILE C 158 -8.70 -1.46 -23.61
CA ILE C 158 -7.25 -1.48 -23.72
C ILE C 158 -6.67 -2.90 -23.79
N GLY C 159 -5.70 -3.11 -24.67
CA GLY C 159 -5.10 -4.43 -24.84
C GLY C 159 -3.82 -4.49 -25.63
N ILE C 160 -3.25 -5.69 -25.70
CA ILE C 160 -2.00 -5.96 -26.39
C ILE C 160 -2.28 -6.55 -27.78
N GLU C 161 -1.52 -6.13 -28.78
CA GLU C 161 -1.72 -6.62 -30.14
C GLU C 161 -1.59 -8.13 -30.27
N CYS C 162 -0.77 -8.75 -29.42
CA CYS C 162 -0.51 -10.18 -29.56
C CYS C 162 -1.32 -11.03 -28.58
N MET C 163 -2.29 -10.42 -27.92
CA MET C 163 -3.17 -11.17 -27.04
C MET C 163 -4.61 -10.77 -27.27
N GLN C 164 -5.04 -9.64 -26.74
CA GLN C 164 -6.41 -9.21 -26.93
C GLN C 164 -6.79 -9.05 -28.40
N GLN C 165 -5.92 -8.46 -29.22
CA GLN C 165 -6.25 -8.28 -30.64
C GLN C 165 -6.45 -9.63 -31.35
N VAL C 166 -5.59 -10.60 -31.05
CA VAL C 166 -5.77 -11.92 -31.60
C VAL C 166 -7.08 -12.55 -31.17
N GLU C 167 -7.51 -12.30 -29.93
CA GLU C 167 -8.74 -12.92 -29.46
C GLU C 167 -9.89 -12.36 -30.25
N LEU C 168 -9.76 -11.10 -30.68
CA LEU C 168 -10.81 -10.47 -31.46
C LEU C 168 -10.82 -11.00 -32.87
N GLU C 169 -9.64 -11.18 -33.44
CA GLU C 169 -9.49 -11.69 -34.81
C GLU C 169 -10.07 -13.07 -34.92
N GLU C 170 -9.80 -13.90 -33.93
CA GLU C 170 -10.35 -15.23 -33.91
C GLU C 170 -11.87 -15.22 -33.79
N TYR C 171 -12.40 -14.28 -33.02
CA TYR C 171 -13.84 -14.15 -32.93
C TYR C 171 -14.45 -13.71 -34.24
N LEU C 172 -13.79 -12.77 -34.92
CA LEU C 172 -14.26 -12.29 -36.22
C LEU C 172 -14.29 -13.41 -37.24
N ALA C 173 -13.25 -14.24 -37.25
CA ALA C 173 -13.20 -15.39 -38.13
C ALA C 173 -14.45 -16.25 -37.98
N LYS C 174 -14.88 -16.46 -36.74
CA LYS C 174 -16.11 -17.21 -36.49
C LYS C 174 -17.32 -16.54 -37.13
N GLN C 175 -17.41 -15.22 -37.01
CA GLN C 175 -18.52 -14.47 -37.60
C GLN C 175 -18.33 -14.29 -39.09
N GLY C 176 -17.26 -14.87 -39.63
CA GLY C 176 -16.97 -14.74 -41.05
C GLY C 176 -16.47 -13.37 -41.47
N ARG C 177 -16.39 -12.44 -40.52
CA ARG C 177 -15.76 -11.14 -40.76
C ARG C 177 -14.23 -11.29 -40.94
N PRO C 178 -13.59 -10.31 -41.59
CA PRO C 178 -12.15 -10.34 -41.85
C PRO C 178 -11.33 -9.86 -40.66
N ALA C 179 -10.13 -10.40 -40.48
CA ALA C 179 -9.28 -10.01 -39.34
C ALA C 179 -9.07 -8.50 -39.28
N SER C 180 -9.09 -7.85 -40.44
CA SER C 180 -8.84 -6.41 -40.50
C SER C 180 -9.91 -5.61 -39.74
N ASP C 181 -11.01 -6.25 -39.37
CA ASP C 181 -12.11 -5.55 -38.70
C ASP C 181 -11.80 -5.32 -37.22
N ALA C 182 -10.74 -5.97 -36.74
CA ALA C 182 -10.23 -5.77 -35.39
C ALA C 182 -9.21 -4.65 -35.41
N LYS C 183 -9.58 -3.50 -34.87
CA LYS C 183 -8.76 -2.29 -34.99
C LYS C 183 -8.22 -1.76 -33.66
N MET C 184 -7.08 -1.07 -33.72
CA MET C 184 -6.46 -0.48 -32.54
C MET C 184 -6.12 0.99 -32.73
N LEU C 185 -6.56 1.82 -31.80
CA LEU C 185 -6.07 3.19 -31.67
C LEU C 185 -4.83 3.14 -30.83
N ARG C 186 -3.66 3.25 -31.43
CA ARG C 186 -2.43 3.05 -30.68
C ARG C 186 -2.09 4.24 -29.75
N ILE C 187 -1.74 3.92 -28.51
CA ILE C 187 -1.32 4.92 -27.53
C ILE C 187 0.13 5.30 -27.75
N ASP C 188 0.82 4.46 -28.53
CA ASP C 188 2.18 4.74 -28.98
C ASP C 188 2.19 5.89 -30.00
N CYS C 195 6.94 5.15 -27.67
CA CYS C 195 6.83 4.76 -26.26
C CYS C 195 5.68 3.80 -25.98
N CYS C 196 5.44 2.84 -26.87
CA CYS C 196 4.48 1.76 -26.60
C CYS C 196 5.10 0.83 -25.59
N CYS C 197 6.20 1.30 -25.02
CA CYS C 197 7.02 0.55 -24.11
C CYS C 197 6.35 0.42 -22.74
N PHE C 198 5.21 1.09 -22.53
CA PHE C 198 4.60 1.02 -21.20
C PHE C 198 4.20 -0.41 -20.85
N CYS C 199 3.82 -1.20 -21.85
CA CYS C 199 3.42 -2.60 -21.58
C CYS C 199 4.49 -3.63 -21.89
N THR C 200 5.76 -3.22 -21.84
CA THR C 200 6.86 -4.18 -21.82
C THR C 200 6.74 -5.00 -20.57
N VAL C 201 6.90 -6.31 -20.65
CA VAL C 201 6.74 -7.14 -19.46
C VAL C 201 8.09 -7.53 -18.87
N LEU C 202 8.27 -7.26 -17.57
CA LEU C 202 9.57 -7.39 -16.92
C LEU C 202 9.62 -8.45 -15.85
N TYR C 203 10.81 -9.02 -15.69
CA TYR C 203 11.11 -9.84 -14.53
C TYR C 203 11.47 -8.90 -13.39
N ILE C 204 10.66 -8.92 -12.32
CA ILE C 204 10.94 -8.03 -11.19
C ILE C 204 11.21 -8.73 -9.86
N CYS C 205 12.03 -8.09 -9.02
CA CYS C 205 12.34 -8.62 -7.71
C CYS C 205 11.92 -7.68 -6.60
N ASN C 206 11.63 -8.23 -5.42
CA ASN C 206 11.55 -7.46 -4.19
C ASN C 206 12.95 -6.91 -3.88
N ASP C 207 13.04 -5.60 -3.62
CA ASP C 207 14.34 -4.95 -3.40
C ASP C 207 15.15 -5.63 -2.29
N GLU C 208 14.47 -5.93 -1.18
CA GLU C 208 15.08 -6.65 -0.07
C GLU C 208 15.53 -8.06 -0.47
N PHE C 209 14.67 -8.80 -1.14
CA PHE C 209 15.03 -10.13 -1.59
C PHE C 209 16.29 -10.09 -2.47
N LEU C 210 16.33 -9.13 -3.39
CA LEU C 210 17.44 -9.02 -4.32
C LEU C 210 18.74 -8.71 -3.57
N LYS C 211 18.63 -7.87 -2.56
CA LYS C 211 19.78 -7.50 -1.72
C LYS C 211 20.38 -8.73 -1.03
N LYS C 212 19.52 -9.55 -0.44
CA LYS C 212 19.96 -10.74 0.29
C LYS C 212 20.33 -11.97 -0.58
N ASN C 213 19.82 -12.06 -1.80
CA ASN C 213 20.05 -13.23 -2.62
C ASN C 213 20.52 -12.94 -4.03
N PRO C 214 21.51 -12.07 -4.20
CA PRO C 214 21.96 -11.65 -5.53
C PRO C 214 22.35 -12.83 -6.44
N GLU C 215 22.96 -13.86 -5.88
CA GLU C 215 23.44 -14.99 -6.66
C GLU C 215 22.29 -15.88 -7.15
N LYS C 216 21.24 -16.01 -6.34
CA LYS C 216 20.08 -16.83 -6.71
C LYS C 216 19.35 -16.19 -7.89
N VAL C 217 19.17 -14.88 -7.82
CA VAL C 217 18.62 -14.10 -8.91
C VAL C 217 19.49 -14.26 -10.18
N ARG C 218 20.80 -14.14 -10.03
CA ARG C 218 21.67 -14.34 -11.19
C ARG C 218 21.47 -15.74 -11.78
N LYS C 219 21.29 -16.73 -10.90
CA LYS C 219 21.10 -18.10 -11.33
C LYS C 219 19.72 -18.26 -11.96
N PHE C 220 18.75 -17.56 -11.39
CA PHE C 220 17.41 -17.59 -11.91
C PHE C 220 17.41 -17.14 -13.37
N LEU C 221 18.02 -15.99 -13.62
CA LEU C 221 18.08 -15.48 -14.98
C LEU C 221 18.88 -16.39 -15.94
N LYS C 222 19.82 -17.16 -15.39
CA LYS C 222 20.57 -18.09 -16.21
C LYS C 222 19.63 -19.16 -16.73
N ALA C 223 18.79 -19.67 -15.83
CA ALA C 223 17.80 -20.69 -16.19
C ALA C 223 16.80 -20.12 -17.20
N ILE C 224 16.29 -18.93 -16.91
CA ILE C 224 15.37 -18.25 -17.81
C ILE C 224 15.98 -18.05 -19.21
N LYS C 225 17.25 -17.67 -19.24
CA LYS C 225 17.95 -17.45 -20.50
C LYS C 225 18.05 -18.77 -21.28
N LYS C 226 18.44 -19.84 -20.61
CA LYS C 226 18.54 -21.12 -21.27
C LYS C 226 17.22 -21.48 -21.96
N ALA C 227 16.11 -21.32 -21.23
CA ALA C 227 14.78 -21.64 -21.77
C ALA C 227 14.36 -20.67 -22.88
N THR C 228 14.66 -19.40 -22.70
CA THR C 228 14.30 -18.40 -23.68
C THR C 228 14.98 -18.74 -25.01
N ASP C 229 16.21 -19.22 -24.93
CA ASP C 229 16.96 -19.62 -26.11
C ASP C 229 16.25 -20.75 -26.83
N TYR C 230 15.90 -21.78 -26.07
CA TYR C 230 15.17 -22.92 -26.58
C TYR C 230 13.91 -22.45 -27.29
N VAL C 231 13.14 -21.61 -26.62
CA VAL C 231 11.89 -21.13 -27.19
C VAL C 231 12.10 -20.43 -28.52
N LEU C 232 13.14 -19.61 -28.62
CA LEU C 232 13.37 -18.85 -29.85
C LEU C 232 13.96 -19.73 -30.93
N ALA C 233 14.85 -20.62 -30.53
CA ALA C 233 15.47 -21.56 -31.47
C ALA C 233 14.46 -22.55 -32.07
N ASP C 234 13.65 -23.17 -31.22
CA ASP C 234 12.70 -24.16 -31.67
C ASP C 234 11.32 -23.94 -31.05
N PRO C 235 10.61 -22.93 -31.56
CA PRO C 235 9.34 -22.51 -30.96
C PRO C 235 8.32 -23.62 -30.94
N VAL C 236 8.35 -24.50 -31.94
CA VAL C 236 7.28 -25.49 -32.09
C VAL C 236 7.39 -26.64 -31.09
N LYS C 237 8.61 -27.16 -30.92
CA LYS C 237 8.84 -28.17 -29.91
C LYS C 237 8.57 -27.56 -28.53
N ALA C 238 9.08 -26.35 -28.32
CA ALA C 238 8.85 -25.64 -27.06
C ALA C 238 7.36 -25.58 -26.76
N TRP C 239 6.56 -25.12 -27.71
CA TRP C 239 5.13 -24.95 -27.50
C TRP C 239 4.49 -26.27 -27.08
N LYS C 240 4.88 -27.34 -27.77
CA LYS C 240 4.33 -28.66 -27.44
C LYS C 240 4.61 -29.04 -25.98
N GLU C 241 5.83 -28.83 -25.53
CA GLU C 241 6.13 -29.11 -24.13
C GLU C 241 5.26 -28.28 -23.22
N TYR C 242 5.20 -26.97 -23.50
CA TYR C 242 4.42 -26.05 -22.70
C TYR C 242 3.01 -26.54 -22.52
N ILE C 243 2.29 -26.78 -23.62
CA ILE C 243 0.88 -27.12 -23.53
C ILE C 243 0.61 -28.54 -23.04
N ASP C 244 1.68 -29.34 -22.93
CA ASP C 244 1.55 -30.67 -22.37
C ASP C 244 1.43 -30.52 -20.86
N PHE C 245 2.08 -29.48 -20.35
CA PHE C 245 2.05 -29.17 -18.93
C PHE C 245 0.85 -28.30 -18.59
N LYS C 246 0.52 -27.38 -19.48
CA LYS C 246 -0.55 -26.41 -19.25
C LYS C 246 -1.57 -26.50 -20.37
N PRO C 247 -2.42 -27.55 -20.33
CA PRO C 247 -3.41 -27.88 -21.37
C PRO C 247 -4.45 -26.79 -21.66
N GLN C 248 -4.66 -25.88 -20.71
CA GLN C 248 -5.60 -24.78 -20.92
C GLN C 248 -5.11 -23.90 -22.08
N LEU C 249 -3.85 -24.05 -22.45
CA LEU C 249 -3.26 -23.26 -23.52
C LEU C 249 -3.21 -24.05 -24.82
N ASN C 250 -3.77 -25.25 -24.81
CA ASN C 250 -3.78 -26.10 -25.99
C ASN C 250 -5.00 -25.87 -26.86
N ASN C 251 -5.07 -24.70 -27.46
CA ASN C 251 -6.17 -24.38 -28.35
C ASN C 251 -5.63 -23.49 -29.45
N ASP C 252 -6.44 -23.23 -30.47
CA ASP C 252 -5.92 -22.49 -31.60
C ASP C 252 -5.66 -21.04 -31.25
N LEU C 253 -6.54 -20.45 -30.43
CA LEU C 253 -6.32 -19.07 -30.02
C LEU C 253 -4.98 -18.88 -29.34
N SER C 254 -4.67 -19.76 -28.41
CA SER C 254 -3.40 -19.66 -27.69
C SER C 254 -2.20 -19.75 -28.62
N TYR C 255 -2.29 -20.64 -29.60
CA TYR C 255 -1.22 -20.83 -30.56
C TYR C 255 -1.01 -19.58 -31.45
N LYS C 256 -2.11 -19.01 -31.93
CA LYS C 256 -2.02 -17.82 -32.74
C LYS C 256 -1.39 -16.68 -31.90
N GLN C 257 -1.83 -16.56 -30.65
CA GLN C 257 -1.23 -15.61 -29.73
C GLN C 257 0.26 -15.86 -29.58
N TYR C 258 0.62 -17.11 -29.37
CA TYR C 258 2.01 -17.47 -29.21
C TYR C 258 2.82 -17.00 -30.40
N GLN C 259 2.29 -17.16 -31.61
CA GLN C 259 3.03 -16.77 -32.81
C GLN C 259 3.24 -15.27 -32.86
N ARG C 260 2.21 -14.52 -32.52
CA ARG C 260 2.31 -13.07 -32.49
C ARG C 260 3.28 -12.58 -31.42
N CYS C 261 3.42 -13.35 -30.35
CA CYS C 261 4.33 -13.01 -29.28
C CYS C 261 5.78 -13.23 -29.70
N TYR C 262 6.00 -14.16 -30.63
CA TYR C 262 7.34 -14.63 -30.92
C TYR C 262 8.33 -13.49 -31.22
N ALA C 263 7.90 -12.56 -32.07
CA ALA C 263 8.77 -11.46 -32.45
C ALA C 263 9.05 -10.48 -31.31
N TYR C 264 8.22 -10.45 -30.28
CA TYR C 264 8.39 -9.55 -29.14
C TYR C 264 9.25 -10.08 -27.99
N PHE C 265 9.43 -11.39 -27.90
CA PHE C 265 10.29 -11.93 -26.85
C PHE C 265 11.65 -11.25 -26.88
N SER C 266 12.19 -10.94 -25.71
CA SER C 266 13.54 -10.42 -25.64
C SER C 266 14.49 -11.60 -25.69
N SER C 267 15.42 -11.59 -26.64
CA SER C 267 16.40 -12.66 -26.76
C SER C 267 17.51 -12.56 -25.74
N SER C 268 17.76 -11.34 -25.26
CA SER C 268 18.88 -11.04 -24.36
C SER C 268 18.44 -10.82 -22.92
N LEU C 269 17.16 -10.55 -22.72
CA LEU C 269 16.63 -10.29 -21.38
C LEU C 269 17.00 -8.91 -20.85
N TYR C 270 17.81 -8.18 -21.60
CA TYR C 270 18.28 -6.88 -21.15
C TYR C 270 17.20 -5.82 -21.06
N ASN C 271 17.20 -5.05 -19.96
CA ASN C 271 16.39 -3.84 -19.87
C ASN C 271 16.89 -2.86 -20.91
N VAL C 272 15.97 -2.29 -21.67
CA VAL C 272 16.36 -1.32 -22.68
C VAL C 272 16.33 0.09 -22.10
N HIS C 273 17.50 0.74 -22.06
CA HIS C 273 17.66 2.02 -21.38
C HIS C 273 16.74 3.07 -21.97
N ARG C 274 16.75 3.19 -23.29
CA ARG C 274 15.93 4.17 -23.98
C ARG C 274 14.48 4.08 -23.54
N ASP C 275 13.92 2.87 -23.57
CA ASP C 275 12.53 2.66 -23.20
C ASP C 275 12.25 3.13 -21.76
N TRP C 276 13.09 2.72 -20.82
CA TRP C 276 12.86 3.05 -19.44
C TRP C 276 12.86 4.56 -19.29
N LYS C 277 13.79 5.19 -19.99
CA LYS C 277 13.92 6.64 -19.98
C LYS C 277 12.61 7.26 -20.42
N LYS C 278 12.10 6.84 -21.57
CA LYS C 278 10.84 7.37 -22.11
C LYS C 278 9.65 7.22 -21.17
N VAL C 279 9.44 6.01 -20.66
CA VAL C 279 8.30 5.71 -19.81
C VAL C 279 8.38 6.41 -18.46
N THR C 280 9.59 6.58 -17.94
CA THR C 280 9.78 7.39 -16.73
C THR C 280 9.33 8.82 -16.97
N GLY C 281 9.65 9.35 -18.15
CA GLY C 281 9.16 10.65 -18.55
C GLY C 281 7.66 10.68 -18.48
N TYR C 282 7.04 9.86 -19.32
CA TYR C 282 5.59 9.67 -19.30
C TYR C 282 5.06 9.62 -17.87
N GLY C 283 5.74 8.86 -17.04
CA GLY C 283 5.33 8.65 -15.66
C GLY C 283 5.26 9.94 -14.88
N LYS C 284 6.29 10.77 -15.02
CA LYS C 284 6.38 12.03 -14.29
C LYS C 284 5.30 13.00 -14.76
N ARG C 285 5.15 13.12 -16.07
CA ARG C 285 4.11 13.94 -16.66
C ARG C 285 2.70 13.55 -16.16
N LEU C 286 2.41 12.26 -16.16
CA LEU C 286 1.11 11.77 -15.67
C LEU C 286 0.93 11.96 -14.17
N ALA C 287 1.95 12.46 -13.49
CA ALA C 287 1.91 12.65 -12.04
C ALA C 287 2.02 11.34 -11.25
N ILE C 288 2.13 10.23 -11.98
CA ILE C 288 2.27 8.92 -11.36
C ILE C 288 3.59 8.82 -10.62
N LEU C 289 4.58 9.55 -11.13
CA LEU C 289 5.91 9.54 -10.53
C LEU C 289 6.31 10.93 -10.03
N PRO C 290 6.98 10.98 -8.86
CA PRO C 290 7.62 12.18 -8.29
C PRO C 290 8.66 12.77 -9.25
N PRO C 291 8.98 14.07 -9.10
CA PRO C 291 9.91 14.80 -9.97
C PRO C 291 11.36 14.28 -9.91
N ASP C 292 11.79 13.81 -8.75
CA ASP C 292 13.16 13.32 -8.56
C ASP C 292 13.24 11.79 -8.71
N TYR C 293 12.18 11.19 -9.26
CA TYR C 293 12.08 9.74 -9.34
C TYR C 293 13.19 9.14 -10.19
N VAL C 294 13.73 8.00 -9.75
CA VAL C 294 14.77 7.31 -10.51
C VAL C 294 14.33 5.90 -10.96
N SER C 295 14.52 5.59 -12.24
CA SER C 295 14.14 4.30 -12.83
C SER C 295 14.67 3.13 -12.03
N ASN C 296 13.78 2.22 -11.67
CA ASN C 296 14.12 1.09 -10.81
C ASN C 296 14.39 -0.20 -11.55
N TYR C 297 15.46 -0.21 -12.35
CA TYR C 297 15.89 -1.44 -13.02
C TYR C 297 17.40 -1.63 -12.96
N THR C 298 17.88 -2.80 -13.38
CA THR C 298 19.30 -3.07 -13.44
C THR C 298 19.66 -4.30 -14.27
N ASN C 299 20.70 -4.16 -15.08
CA ASN C 299 21.19 -5.30 -15.86
C ASN C 299 22.35 -6.05 -15.21
N GLU C 300 22.63 -5.73 -13.93
CA GLU C 300 23.76 -6.32 -13.22
C GLU C 300 23.71 -7.84 -13.10
N TYR C 301 22.50 -8.39 -13.01
CA TYR C 301 22.37 -9.81 -12.70
C TYR C 301 22.24 -10.69 -13.95
N LEU C 302 22.40 -10.05 -15.10
CA LEU C 302 22.54 -10.75 -16.38
C LEU C 302 24.01 -11.09 -16.61
N SER C 303 24.27 -12.30 -17.09
CA SER C 303 25.64 -12.82 -17.13
C SER C 303 26.14 -13.05 -18.56
N TRP C 304 25.74 -12.18 -19.48
CA TRP C 304 26.19 -12.24 -20.86
C TRP C 304 26.17 -10.84 -21.43
N PRO C 305 26.96 -10.60 -22.49
CA PRO C 305 27.09 -9.26 -23.06
C PRO C 305 25.77 -8.57 -23.48
N GLU C 306 25.65 -7.29 -23.14
CA GLU C 306 24.53 -6.47 -23.57
C GLU C 306 24.61 -6.28 -25.09
N PRO C 307 23.46 -6.23 -25.75
CA PRO C 307 23.42 -6.03 -27.20
C PRO C 307 23.56 -4.55 -27.55
N GLU C 308 23.86 -4.26 -28.81
CA GLU C 308 23.96 -2.89 -29.28
C GLU C 308 22.60 -2.20 -29.37
N GLU C 309 22.52 -0.96 -28.88
CA GLU C 309 21.27 -0.21 -28.93
C GLU C 309 20.75 -0.11 -30.36
N VAL C 310 19.46 -0.35 -30.54
CA VAL C 310 18.86 -0.26 -31.87
C VAL C 310 19.12 1.10 -32.49
N SER C 311 19.68 1.09 -33.69
CA SER C 311 20.13 2.32 -34.36
C SER C 311 18.99 3.32 -34.60
N ASP C 312 17.95 2.88 -35.30
CA ASP C 312 16.78 3.73 -35.52
C ASP C 312 15.53 3.08 -34.95
N PRO C 313 15.22 3.38 -33.68
CA PRO C 313 14.11 2.78 -32.93
C PRO C 313 12.74 2.99 -33.54
N LEU C 314 12.49 4.16 -34.14
CA LEU C 314 11.17 4.46 -34.70
C LEU C 314 10.92 3.76 -36.04
N GLU C 315 11.98 3.43 -36.76
CA GLU C 315 11.82 2.65 -37.99
C GLU C 315 11.65 1.18 -37.66
N ALA C 316 12.36 0.71 -36.63
CA ALA C 316 12.19 -0.65 -36.14
C ALA C 316 10.75 -0.88 -35.68
N THR C 317 10.13 0.17 -35.16
CA THR C 317 8.76 0.07 -34.69
C THR C 317 7.76 -0.02 -35.85
N ARG C 318 7.99 0.74 -36.92
CA ARG C 318 7.08 0.68 -38.05
C ARG C 318 7.36 -0.54 -38.91
N LEU C 319 8.57 -1.07 -38.76
CA LEU C 319 8.96 -2.32 -39.42
C LEU C 319 8.31 -3.51 -38.73
N MET C 320 8.22 -3.46 -37.41
CA MET C 320 7.57 -4.50 -36.64
C MET C 320 6.08 -4.55 -36.96
N ALA C 321 5.45 -3.39 -37.07
CA ALA C 321 4.03 -3.34 -37.44
C ALA C 321 3.75 -4.14 -38.70
N ILE C 322 4.66 -4.03 -39.66
CA ILE C 322 4.55 -4.77 -40.90
C ILE C 322 4.77 -6.25 -40.62
N HIS C 323 5.90 -6.55 -39.99
CA HIS C 323 6.29 -7.91 -39.61
C HIS C 323 5.16 -8.71 -38.96
N GLN C 324 4.43 -8.05 -38.06
CA GLN C 324 3.34 -8.65 -37.30
C GLN C 324 2.11 -8.86 -38.17
N GLU C 325 1.88 -7.98 -39.13
CA GLU C 325 0.79 -8.15 -40.07
C GLU C 325 1.06 -9.38 -40.94
N LYS C 326 2.32 -9.56 -41.35
CA LYS C 326 2.74 -10.75 -42.09
C LYS C 326 2.55 -12.01 -41.25
N CYS C 327 2.93 -11.94 -39.99
CA CYS C 327 2.74 -13.06 -39.09
C CYS C 327 1.28 -13.49 -39.00
N ARG C 328 0.37 -12.52 -39.04
CA ARG C 328 -1.05 -12.83 -38.94
C ARG C 328 -1.56 -13.63 -40.13
N GLN C 329 -1.14 -13.27 -41.34
CA GLN C 329 -1.68 -13.88 -42.54
C GLN C 329 -0.87 -15.07 -43.04
N GLU C 330 0.35 -15.24 -42.53
CA GLU C 330 1.21 -16.33 -42.94
C GLU C 330 1.33 -17.42 -41.88
N GLY C 331 0.96 -17.09 -40.64
CA GLY C 331 1.13 -18.01 -39.53
C GLY C 331 2.54 -18.57 -39.37
N THR C 332 3.51 -17.71 -39.07
CA THR C 332 4.90 -18.10 -39.06
C THR C 332 5.60 -17.69 -37.78
N PHE C 333 6.79 -18.25 -37.55
CA PHE C 333 7.65 -17.81 -36.45
C PHE C 333 8.90 -17.14 -36.98
N LYS C 334 8.85 -15.81 -37.12
CA LYS C 334 10.03 -15.08 -37.57
C LYS C 334 10.38 -13.93 -36.62
N ARG C 335 11.67 -13.77 -36.34
CA ARG C 335 12.16 -12.63 -35.56
C ARG C 335 12.32 -11.41 -36.46
N LEU C 336 12.09 -10.22 -35.94
CA LEU C 336 12.24 -9.00 -36.73
C LEU C 336 13.71 -8.77 -37.06
N ALA C 337 14.00 -8.54 -38.33
CA ALA C 337 15.38 -8.33 -38.77
C ALA C 337 15.71 -6.84 -38.96
N LEU C 338 16.93 -6.44 -38.59
CA LEU C 338 17.34 -5.03 -38.61
C LEU C 338 18.67 -4.79 -39.32
N ASP D 4 -39.99 22.72 -6.56
CA ASP D 4 -39.18 22.79 -7.78
C ASP D 4 -38.53 21.44 -8.17
N LYS D 5 -39.21 20.34 -7.84
CA LYS D 5 -38.81 19.02 -8.32
C LYS D 5 -39.24 18.88 -9.76
N ILE D 6 -38.52 18.06 -10.53
CA ILE D 6 -38.95 17.68 -11.86
C ILE D 6 -39.67 16.33 -11.86
N THR D 7 -40.87 16.31 -12.42
CA THR D 7 -41.63 15.07 -12.47
C THR D 7 -41.35 14.23 -13.72
N PHE D 8 -41.01 12.97 -13.47
CA PHE D 8 -40.78 12.00 -14.52
C PHE D 8 -41.78 10.85 -14.34
N LEU D 9 -42.67 10.68 -15.30
CA LEU D 9 -43.73 9.67 -15.20
C LEU D 9 -43.51 8.49 -16.16
N LEU D 10 -43.34 7.29 -15.60
CA LEU D 10 -43.07 6.12 -16.42
C LEU D 10 -44.26 5.80 -17.30
N ASN D 11 -44.04 4.89 -18.26
CA ASN D 11 -45.08 4.44 -19.19
C ASN D 11 -45.96 3.34 -18.59
N TRP D 12 -45.42 2.60 -17.61
CA TRP D 12 -46.02 1.37 -17.08
C TRP D 12 -45.80 1.34 -15.56
N GLN D 13 -46.21 0.25 -14.91
CA GLN D 13 -45.67 -0.13 -13.59
C GLN D 13 -44.16 -0.36 -13.74
N PRO D 14 -43.42 -0.33 -12.65
CA PRO D 14 -41.99 -0.61 -12.81
C PRO D 14 -41.73 -1.91 -13.59
N THR D 15 -40.91 -1.80 -14.62
CA THR D 15 -40.51 -2.95 -15.43
C THR D 15 -38.99 -3.11 -15.38
N PRO D 16 -38.50 -4.27 -15.79
CA PRO D 16 -37.06 -4.46 -15.89
C PRO D 16 -36.44 -3.40 -16.78
N TYR D 17 -37.16 -2.88 -17.77
CA TYR D 17 -36.52 -1.93 -18.70
C TYR D 17 -36.50 -0.48 -18.21
N HIS D 18 -36.99 -0.24 -17.01
CA HIS D 18 -36.89 1.07 -16.41
C HIS D 18 -35.59 1.24 -15.66
N ILE D 19 -34.82 0.16 -15.61
CA ILE D 19 -33.64 0.12 -14.78
C ILE D 19 -32.76 1.38 -14.90
N PRO D 20 -32.50 1.87 -16.12
CA PRO D 20 -31.53 2.98 -16.24
C PRO D 20 -31.98 4.23 -15.50
N ILE D 21 -33.28 4.42 -15.38
CA ILE D 21 -33.83 5.56 -14.71
C ILE D 21 -33.72 5.40 -13.21
N PHE D 22 -34.17 4.27 -12.69
CA PHE D 22 -34.08 4.07 -11.26
C PHE D 22 -32.63 4.10 -10.77
N LEU D 23 -31.72 3.55 -11.58
CA LEU D 23 -30.34 3.54 -11.18
C LEU D 23 -29.79 4.96 -11.19
N ALA D 24 -30.11 5.74 -12.23
CA ALA D 24 -29.69 7.14 -12.25
C ALA D 24 -30.10 7.84 -10.96
N GLN D 25 -31.21 7.41 -10.38
CA GLN D 25 -31.66 7.92 -9.10
C GLN D 25 -30.87 7.37 -7.92
N THR D 26 -30.78 6.04 -7.81
CA THR D 26 -30.20 5.41 -6.63
C THR D 26 -28.70 5.61 -6.52
N LYS D 27 -28.05 5.66 -7.68
CA LYS D 27 -26.60 5.79 -7.76
C LYS D 27 -26.14 7.24 -7.61
N GLY D 28 -27.09 8.16 -7.55
CA GLY D 28 -26.82 9.57 -7.36
C GLY D 28 -26.40 10.35 -8.59
N TYR D 29 -26.66 9.78 -9.75
CA TYR D 29 -26.34 10.47 -11.00
C TYR D 29 -27.21 11.72 -11.20
N PHE D 30 -28.50 11.63 -10.90
CA PHE D 30 -29.37 12.80 -10.98
C PHE D 30 -28.89 13.86 -10.02
N LYS D 31 -28.67 13.46 -8.77
CA LYS D 31 -28.21 14.38 -7.74
C LYS D 31 -26.94 15.10 -8.17
N GLU D 32 -25.98 14.35 -8.71
CA GLU D 32 -24.71 14.94 -9.10
C GLU D 32 -24.84 15.91 -10.29
N GLN D 33 -26.03 16.01 -10.84
CA GLN D 33 -26.28 16.96 -11.92
C GLN D 33 -27.10 18.12 -11.43
N GLY D 34 -27.37 18.16 -10.13
CA GLY D 34 -28.21 19.19 -9.57
C GLY D 34 -29.66 19.07 -9.98
N LEU D 35 -30.08 17.84 -10.31
CA LEU D 35 -31.47 17.58 -10.64
C LEU D 35 -32.14 16.87 -9.49
N ASP D 36 -33.40 17.26 -9.24
CA ASP D 36 -34.21 16.60 -8.23
C ASP D 36 -35.40 15.99 -8.94
N MET D 37 -35.29 14.71 -9.25
CA MET D 37 -36.31 14.05 -10.04
C MET D 37 -37.31 13.34 -9.16
N ALA D 38 -38.60 13.56 -9.45
CA ALA D 38 -39.65 12.83 -8.77
C ALA D 38 -40.23 11.82 -9.73
N ILE D 39 -39.74 10.59 -9.66
CA ILE D 39 -40.23 9.53 -10.54
C ILE D 39 -41.61 9.02 -10.12
N LEU D 40 -42.56 9.07 -11.05
CA LEU D 40 -43.91 8.59 -10.79
C LEU D 40 -44.30 7.42 -11.68
N GLU D 41 -45.14 6.53 -11.15
CA GLU D 41 -45.62 5.39 -11.92
C GLU D 41 -47.14 5.53 -12.11
N PRO D 42 -47.61 5.30 -13.33
CA PRO D 42 -49.03 5.43 -13.61
C PRO D 42 -49.82 4.20 -13.21
N THR D 43 -51.10 4.41 -12.95
CA THR D 43 -52.02 3.29 -12.74
C THR D 43 -52.58 2.83 -14.08
N ASN D 44 -52.58 3.75 -15.03
CA ASN D 44 -53.15 3.53 -16.34
C ASN D 44 -52.34 4.27 -17.38
N PRO D 45 -51.59 3.51 -18.19
CA PRO D 45 -50.61 4.08 -19.12
C PRO D 45 -51.23 5.12 -20.08
N SER D 46 -52.55 5.06 -20.22
CA SER D 46 -53.29 5.92 -21.11
C SER D 46 -53.28 7.34 -20.60
N ASP D 47 -53.35 7.47 -19.28
CA ASP D 47 -53.31 8.78 -18.65
C ASP D 47 -52.00 9.52 -18.97
N VAL D 48 -50.98 8.77 -19.42
CA VAL D 48 -49.61 9.31 -19.43
C VAL D 48 -49.35 10.48 -20.40
N THR D 49 -49.59 10.29 -21.69
CA THR D 49 -49.28 11.36 -22.64
C THR D 49 -50.10 12.61 -22.34
N GLU D 50 -51.37 12.44 -21.98
CA GLU D 50 -52.19 13.58 -21.65
C GLU D 50 -51.64 14.39 -20.46
N LEU D 51 -51.17 13.72 -19.42
CA LEU D 51 -50.61 14.40 -18.26
C LEU D 51 -49.33 15.18 -18.62
N ILE D 52 -48.45 14.56 -19.42
CA ILE D 52 -47.20 15.20 -19.81
C ILE D 52 -47.46 16.32 -20.80
N GLY D 53 -48.29 16.04 -21.80
CA GLY D 53 -48.64 17.03 -22.82
C GLY D 53 -49.20 18.30 -22.20
N SER D 54 -50.05 18.11 -21.18
CA SER D 54 -50.71 19.23 -20.52
C SER D 54 -49.82 19.98 -19.53
N GLY D 55 -48.55 19.54 -19.40
CA GLY D 55 -47.63 20.20 -18.50
C GLY D 55 -47.79 19.91 -17.01
N LYS D 56 -48.84 19.17 -16.64
CA LYS D 56 -49.03 18.75 -15.25
C LYS D 56 -47.80 17.98 -14.76
N VAL D 57 -47.26 17.15 -15.65
CA VAL D 57 -46.06 16.36 -15.43
C VAL D 57 -45.01 16.81 -16.44
N ASP D 58 -43.75 16.90 -16.03
CA ASP D 58 -42.71 17.45 -16.91
C ASP D 58 -42.18 16.47 -17.99
N MET D 59 -41.72 15.29 -17.54
CA MET D 59 -41.15 14.31 -18.47
C MET D 59 -41.70 12.91 -18.26
N GLY D 60 -41.25 11.98 -19.09
CA GLY D 60 -41.67 10.59 -18.95
C GLY D 60 -41.26 9.64 -20.07
N LEU D 61 -41.98 8.52 -20.17
CA LEU D 61 -41.74 7.59 -21.25
C LEU D 61 -43.07 7.21 -21.87
N LYS D 62 -43.11 7.06 -23.19
CA LYS D 62 -44.19 6.34 -23.86
C LYS D 62 -43.59 5.74 -25.13
N ALA D 63 -44.30 4.81 -25.78
CA ALA D 63 -43.78 4.23 -27.02
C ALA D 63 -43.97 5.21 -28.17
N MET D 64 -43.51 4.84 -29.35
CA MET D 64 -43.34 5.79 -30.45
C MET D 64 -44.67 6.29 -30.96
N ILE D 65 -45.59 5.36 -31.16
CA ILE D 65 -46.88 5.67 -31.76
C ILE D 65 -47.71 6.61 -30.88
N HIS D 66 -47.63 6.41 -29.58
CA HIS D 66 -48.31 7.23 -28.59
C HIS D 66 -47.80 8.64 -28.56
N THR D 67 -46.50 8.81 -28.65
CA THR D 67 -45.85 10.12 -28.69
C THR D 67 -46.26 10.87 -29.97
N LEU D 68 -46.37 10.13 -31.07
CA LEU D 68 -46.82 10.73 -32.31
C LEU D 68 -48.27 11.19 -32.14
N ALA D 69 -49.14 10.25 -31.82
CA ALA D 69 -50.55 10.53 -31.65
C ALA D 69 -50.81 11.62 -30.57
N ALA D 70 -49.87 11.78 -29.64
CA ALA D 70 -50.05 12.77 -28.58
C ALA D 70 -50.16 14.18 -29.14
N LYS D 71 -49.22 14.54 -30.02
CA LYS D 71 -49.20 15.88 -30.62
C LYS D 71 -50.38 16.04 -31.57
N ALA D 72 -50.59 15.05 -32.41
CA ALA D 72 -51.78 15.04 -33.25
C ALA D 72 -53.04 15.35 -32.43
N ARG D 73 -53.19 14.67 -31.29
CA ARG D 73 -54.42 14.78 -30.51
C ARG D 73 -54.41 16.02 -29.61
N GLY D 74 -53.39 16.86 -29.76
CA GLY D 74 -53.37 18.17 -29.11
C GLY D 74 -52.51 18.33 -27.86
N PHE D 75 -51.78 17.27 -27.52
CA PHE D 75 -50.86 17.32 -26.36
C PHE D 75 -49.42 17.42 -26.85
N PRO D 76 -48.80 18.56 -26.55
CA PRO D 76 -47.45 18.90 -27.04
C PRO D 76 -46.35 18.20 -26.26
N VAL D 77 -45.87 17.09 -26.83
CA VAL D 77 -44.74 16.40 -26.26
C VAL D 77 -43.69 16.16 -27.34
N THR D 78 -42.44 16.09 -26.89
CA THR D 78 -41.34 15.86 -27.81
C THR D 78 -40.47 14.72 -27.27
N SER D 79 -40.18 13.75 -28.12
CA SER D 79 -39.18 12.76 -27.79
C SER D 79 -37.78 13.34 -27.84
N VAL D 80 -37.05 13.28 -26.74
CA VAL D 80 -35.70 13.81 -26.66
C VAL D 80 -34.64 12.69 -26.56
N ALA D 81 -35.09 11.44 -26.53
CA ALA D 81 -34.18 10.30 -26.41
C ALA D 81 -34.93 9.00 -26.49
N SER D 82 -34.18 7.93 -26.69
CA SER D 82 -34.76 6.61 -26.88
C SER D 82 -34.29 5.61 -25.78
N LEU D 83 -35.23 4.88 -25.18
CA LEU D 83 -34.90 3.93 -24.13
C LEU D 83 -34.77 2.48 -24.61
N LEU D 84 -35.82 1.99 -25.28
CA LEU D 84 -35.90 0.61 -25.75
C LEU D 84 -36.22 0.58 -27.24
N ASP D 85 -35.31 0.07 -28.05
CA ASP D 85 -35.42 0.14 -29.52
C ASP D 85 -36.05 -1.08 -30.18
N GLU D 86 -37.13 -0.84 -30.93
CA GLU D 86 -37.77 -1.88 -31.75
C GLU D 86 -37.91 -3.24 -31.08
N PRO D 87 -38.58 -3.30 -29.93
CA PRO D 87 -38.87 -4.62 -29.35
C PRO D 87 -39.98 -5.29 -30.15
N PHE D 88 -39.82 -6.58 -30.47
CA PHE D 88 -40.87 -7.29 -31.21
C PHE D 88 -42.24 -7.15 -30.57
N THR D 89 -43.19 -6.55 -31.27
CA THR D 89 -44.56 -6.47 -30.81
C THR D 89 -45.43 -7.31 -31.71
N GLY D 90 -46.52 -7.86 -31.16
CA GLY D 90 -47.42 -8.65 -31.94
C GLY D 90 -48.57 -9.18 -31.12
N VAL D 91 -49.41 -10.00 -31.75
CA VAL D 91 -50.47 -10.67 -31.03
C VAL D 91 -49.94 -11.97 -30.44
N LEU D 92 -49.98 -12.08 -29.12
CA LEU D 92 -49.45 -13.25 -28.46
C LEU D 92 -50.58 -14.21 -28.19
N TYR D 93 -50.31 -15.51 -28.33
CA TYR D 93 -51.29 -16.53 -28.03
C TYR D 93 -50.58 -17.79 -27.62
N LEU D 94 -51.29 -18.70 -26.94
CA LEU D 94 -50.72 -20.00 -26.60
C LEU D 94 -51.16 -21.04 -27.61
N LYS D 95 -50.27 -21.95 -27.98
CA LYS D 95 -50.61 -23.03 -28.93
C LYS D 95 -51.79 -23.83 -28.41
N GLY D 96 -52.82 -23.98 -29.25
CA GLY D 96 -54.02 -24.70 -28.85
C GLY D 96 -55.08 -23.74 -28.36
N SER D 97 -54.99 -22.50 -28.81
CA SER D 97 -55.88 -21.43 -28.33
C SER D 97 -57.34 -21.55 -28.69
N GLY D 98 -57.69 -22.04 -29.88
CA GLY D 98 -56.74 -22.44 -30.90
C GLY D 98 -56.56 -21.38 -31.97
N ILE D 99 -55.36 -20.85 -32.03
CA ILE D 99 -55.06 -19.78 -32.96
C ILE D 99 -53.83 -20.21 -33.73
N THR D 100 -53.67 -19.67 -34.93
CA THR D 100 -52.60 -20.10 -35.80
C THR D 100 -51.91 -18.93 -36.50
N LYS D 101 -50.87 -19.24 -37.26
CA LYS D 101 -50.12 -18.23 -37.97
C LYS D 101 -51.01 -17.40 -38.92
N SER D 102 -52.17 -17.94 -39.29
CA SER D 102 -53.07 -17.23 -40.21
C SER D 102 -53.99 -16.29 -39.46
N PHE D 103 -53.85 -15.01 -39.74
CA PHE D 103 -54.64 -13.95 -39.12
C PHE D 103 -56.15 -14.24 -39.20
N GLN D 104 -56.54 -15.25 -39.97
CA GLN D 104 -57.96 -15.60 -40.09
C GLN D 104 -58.50 -16.28 -38.85
N SER D 105 -57.60 -16.89 -38.07
CA SER D 105 -57.97 -17.61 -36.86
C SER D 105 -58.53 -16.68 -35.80
N LEU D 106 -58.19 -15.40 -35.93
CA LEU D 106 -58.67 -14.40 -34.99
C LEU D 106 -60.18 -14.27 -35.00
N LYS D 107 -60.83 -14.90 -35.99
CA LYS D 107 -62.29 -14.83 -36.10
C LYS D 107 -62.99 -15.50 -34.91
N GLY D 108 -63.88 -14.74 -34.28
CA GLY D 108 -64.66 -15.23 -33.16
C GLY D 108 -63.88 -15.39 -31.87
N LYS D 109 -62.63 -14.95 -31.86
CA LYS D 109 -61.79 -15.04 -30.67
C LYS D 109 -61.87 -13.74 -29.88
N LYS D 110 -61.58 -13.83 -28.58
CA LYS D 110 -61.45 -12.61 -27.76
C LYS D 110 -60.01 -12.16 -27.76
N ILE D 111 -59.80 -10.91 -28.17
CA ILE D 111 -58.44 -10.42 -28.38
C ILE D 111 -58.19 -9.23 -27.51
N GLY D 112 -57.14 -9.33 -26.70
CA GLY D 112 -56.82 -8.28 -25.73
C GLY D 112 -55.84 -7.24 -26.27
N TYR D 113 -56.06 -6.00 -25.86
CA TYR D 113 -55.24 -4.87 -26.24
C TYR D 113 -55.01 -4.02 -25.01
N VAL D 114 -53.90 -3.33 -24.93
CA VAL D 114 -53.70 -2.54 -23.73
C VAL D 114 -54.51 -1.29 -23.53
N GLY D 115 -54.53 -0.43 -24.53
CA GLY D 115 -55.30 0.78 -24.36
C GLY D 115 -56.24 1.20 -25.45
N GLU D 116 -55.75 2.00 -26.38
CA GLU D 116 -56.56 2.49 -27.47
C GLU D 116 -56.10 2.08 -28.84
N PHE D 117 -54.84 2.35 -29.13
CA PHE D 117 -54.23 2.03 -30.41
C PHE D 117 -54.10 0.58 -30.74
N GLY D 118 -53.93 -0.22 -29.74
CA GLY D 118 -53.85 -1.63 -29.99
C GLY D 118 -55.13 -2.08 -30.67
N LYS D 119 -56.26 -1.53 -30.22
CA LYS D 119 -57.54 -1.85 -30.84
C LYS D 119 -57.55 -1.29 -32.25
N ILE D 120 -57.20 -0.01 -32.36
CA ILE D 120 -57.08 0.64 -33.66
C ILE D 120 -56.21 -0.18 -34.62
N GLN D 121 -55.14 -0.79 -34.10
CA GLN D 121 -54.24 -1.58 -34.93
C GLN D 121 -54.88 -2.87 -35.41
N ILE D 122 -55.49 -3.62 -34.51
CA ILE D 122 -56.18 -4.84 -34.88
C ILE D 122 -57.38 -4.54 -35.79
N ASP D 123 -58.20 -3.56 -35.39
CA ASP D 123 -59.35 -3.16 -36.21
C ASP D 123 -58.96 -2.97 -37.68
N GLU D 124 -57.79 -2.38 -37.91
CA GLU D 124 -57.37 -2.06 -39.28
C GLU D 124 -56.78 -3.26 -39.99
N LEU D 125 -56.10 -4.13 -39.24
CA LEU D 125 -55.55 -5.35 -39.82
C LEU D 125 -56.65 -6.30 -40.33
N THR D 126 -57.82 -6.23 -39.71
CA THR D 126 -58.92 -7.12 -40.09
C THR D 126 -59.38 -6.86 -41.53
N LYS D 127 -59.26 -5.61 -41.98
CA LYS D 127 -59.65 -5.25 -43.34
C LYS D 127 -58.73 -5.88 -44.37
N HIS D 128 -57.43 -5.85 -44.10
CA HIS D 128 -56.45 -6.43 -45.01
C HIS D 128 -56.55 -7.95 -45.15
N TYR D 129 -57.40 -8.56 -44.32
CA TYR D 129 -57.57 -10.02 -44.34
C TYR D 129 -59.01 -10.46 -44.53
N GLY D 130 -59.83 -9.54 -45.04
CA GLY D 130 -61.18 -9.86 -45.46
C GLY D 130 -62.25 -9.78 -44.39
N MET D 131 -61.84 -9.86 -43.13
CA MET D 131 -62.81 -9.80 -42.02
C MET D 131 -63.11 -8.37 -41.56
N LYS D 132 -64.19 -8.21 -40.81
CA LYS D 132 -64.62 -6.90 -40.36
C LYS D 132 -64.54 -6.74 -38.84
N PRO D 133 -64.25 -5.54 -38.36
CA PRO D 133 -64.62 -5.27 -36.97
C PRO D 133 -66.15 -5.13 -36.91
N GLU D 134 -66.82 -6.10 -36.30
CA GLU D 134 -66.15 -7.11 -35.49
C GLU D 134 -66.58 -8.54 -35.82
N ASP D 135 -65.64 -9.29 -36.37
CA ASP D 135 -65.77 -10.73 -36.49
C ASP D 135 -64.99 -11.29 -35.30
N TYR D 136 -64.53 -10.38 -34.45
CA TYR D 136 -63.76 -10.71 -33.26
C TYR D 136 -64.10 -9.73 -32.14
N THR D 137 -63.91 -10.15 -30.89
CA THR D 137 -64.17 -9.26 -29.77
C THR D 137 -62.90 -8.66 -29.18
N ALA D 138 -62.82 -7.34 -29.16
CA ALA D 138 -61.67 -6.67 -28.57
C ALA D 138 -61.89 -6.37 -27.09
N VAL D 139 -60.91 -6.72 -26.27
CA VAL D 139 -61.02 -6.55 -24.82
C VAL D 139 -59.89 -5.67 -24.24
N ARG D 140 -60.26 -4.54 -23.63
CA ARG D 140 -59.25 -3.69 -23.00
C ARG D 140 -58.72 -4.33 -21.71
N CYS D 141 -57.40 -4.53 -21.64
CA CYS D 141 -56.82 -5.27 -20.53
C CYS D 141 -55.80 -4.47 -19.77
N GLY D 142 -55.48 -3.29 -20.27
CA GLY D 142 -54.42 -2.51 -19.66
C GLY D 142 -53.12 -3.28 -19.47
N MET D 143 -52.53 -3.15 -18.29
CA MET D 143 -51.22 -3.76 -18.08
C MET D 143 -51.28 -5.26 -17.83
N ASN D 144 -52.45 -5.84 -18.03
CA ASN D 144 -52.70 -7.24 -17.66
C ASN D 144 -52.95 -8.19 -18.83
N VAL D 145 -52.52 -7.83 -20.03
CA VAL D 145 -52.80 -8.68 -21.17
C VAL D 145 -52.32 -10.11 -20.97
N ALA D 146 -51.03 -10.30 -20.67
CA ALA D 146 -50.51 -11.66 -20.58
C ALA D 146 -51.25 -12.42 -19.50
N LYS D 147 -51.47 -11.77 -18.36
CA LYS D 147 -52.19 -12.39 -17.25
C LYS D 147 -53.57 -12.90 -17.65
N TYR D 148 -54.37 -12.07 -18.32
CA TYR D 148 -55.67 -12.49 -18.86
C TYR D 148 -55.58 -13.59 -19.94
N ILE D 149 -54.47 -13.67 -20.66
CA ILE D 149 -54.29 -14.77 -21.59
C ILE D 149 -54.19 -16.07 -20.79
N ILE D 150 -53.26 -16.10 -19.85
CA ILE D 150 -53.03 -17.29 -19.04
C ILE D 150 -54.29 -17.78 -18.31
N GLU D 151 -55.16 -16.85 -17.93
CA GLU D 151 -56.37 -17.21 -17.20
C GLU D 151 -57.53 -17.55 -18.15
N GLY D 152 -57.31 -17.39 -19.45
CA GLY D 152 -58.31 -17.68 -20.45
C GLY D 152 -59.47 -16.70 -20.57
N LYS D 153 -59.28 -15.49 -20.09
CA LYS D 153 -60.31 -14.47 -20.23
C LYS D 153 -60.26 -13.86 -21.62
N ILE D 154 -59.11 -14.03 -22.27
CA ILE D 154 -58.95 -13.71 -23.69
C ILE D 154 -58.19 -14.83 -24.39
N ASP D 155 -58.26 -14.89 -25.71
CA ASP D 155 -57.65 -16.00 -26.44
C ASP D 155 -56.26 -15.64 -26.93
N ALA D 156 -56.11 -14.36 -27.24
CA ALA D 156 -54.82 -13.81 -27.58
C ALA D 156 -54.84 -12.31 -27.25
N GLY D 157 -53.67 -11.69 -27.15
CA GLY D 157 -53.60 -10.27 -26.86
C GLY D 157 -52.29 -9.64 -27.30
N ILE D 158 -52.29 -8.31 -27.37
CA ILE D 158 -51.11 -7.57 -27.83
C ILE D 158 -50.02 -7.40 -26.77
N GLY D 159 -48.76 -7.57 -27.16
CA GLY D 159 -47.66 -7.50 -26.21
C GLY D 159 -46.27 -7.45 -26.78
N ILE D 160 -45.29 -7.33 -25.91
CA ILE D 160 -43.87 -7.22 -26.27
C ILE D 160 -43.18 -8.57 -26.06
N GLU D 161 -42.29 -8.92 -26.98
CA GLU D 161 -41.56 -10.18 -26.89
C GLU D 161 -40.76 -10.36 -25.59
N CYS D 162 -40.29 -9.27 -25.02
CA CYS D 162 -39.40 -9.36 -23.86
C CYS D 162 -40.14 -9.09 -22.56
N MET D 163 -41.46 -8.96 -22.64
CA MET D 163 -42.26 -8.78 -21.44
C MET D 163 -43.39 -9.79 -21.42
N GLN D 164 -44.47 -9.50 -22.13
CA GLN D 164 -45.61 -10.40 -22.16
C GLN D 164 -45.27 -11.83 -22.62
N GLN D 165 -44.47 -11.94 -23.68
CA GLN D 165 -44.11 -13.27 -24.14
C GLN D 165 -43.37 -14.08 -23.08
N VAL D 166 -42.46 -13.44 -22.37
CA VAL D 166 -41.75 -14.10 -21.29
C VAL D 166 -42.70 -14.55 -20.18
N GLU D 167 -43.70 -13.73 -19.88
CA GLU D 167 -44.64 -14.09 -18.83
C GLU D 167 -45.38 -15.37 -19.21
N LEU D 168 -45.61 -15.54 -20.51
CA LEU D 168 -46.28 -16.75 -21.00
C LEU D 168 -45.35 -17.96 -20.96
N GLU D 169 -44.11 -17.77 -21.37
CA GLU D 169 -43.17 -18.86 -21.35
C GLU D 169 -43.00 -19.39 -19.94
N GLU D 170 -42.90 -18.47 -18.99
CA GLU D 170 -42.71 -18.87 -17.61
C GLU D 170 -43.92 -19.63 -17.10
N TYR D 171 -45.11 -19.22 -17.53
CA TYR D 171 -46.32 -19.94 -17.20
C TYR D 171 -46.33 -21.34 -17.79
N LEU D 172 -45.93 -21.43 -19.05
CA LEU D 172 -45.83 -22.70 -19.73
C LEU D 172 -44.88 -23.65 -19.02
N ALA D 173 -43.71 -23.14 -18.61
CA ALA D 173 -42.76 -23.95 -17.85
C ALA D 173 -43.41 -24.60 -16.62
N LYS D 174 -44.25 -23.85 -15.92
CA LYS D 174 -45.02 -24.39 -14.80
C LYS D 174 -45.95 -25.54 -15.22
N GLN D 175 -46.66 -25.37 -16.33
CA GLN D 175 -47.52 -26.42 -16.87
C GLN D 175 -46.73 -27.55 -17.57
N GLY D 176 -45.41 -27.45 -17.55
CA GLY D 176 -44.56 -28.46 -18.17
C GLY D 176 -44.52 -28.40 -19.70
N ARG D 177 -45.34 -27.53 -20.28
CA ARG D 177 -45.32 -27.25 -21.71
C ARG D 177 -43.99 -26.57 -22.09
N PRO D 178 -43.62 -26.63 -23.37
CA PRO D 178 -42.37 -26.02 -23.86
C PRO D 178 -42.53 -24.54 -24.17
N ALA D 179 -41.46 -23.76 -24.04
CA ALA D 179 -41.53 -22.31 -24.26
C ALA D 179 -42.03 -22.02 -25.67
N SER D 180 -41.76 -22.91 -26.60
CA SER D 180 -42.16 -22.71 -27.98
C SER D 180 -43.68 -22.61 -28.17
N ASP D 181 -44.45 -22.95 -27.14
CA ASP D 181 -45.92 -22.96 -27.24
C ASP D 181 -46.46 -21.55 -27.09
N ALA D 182 -45.59 -20.64 -26.68
CA ALA D 182 -45.94 -19.23 -26.60
C ALA D 182 -45.62 -18.59 -27.94
N LYS D 183 -46.65 -18.21 -28.68
CA LYS D 183 -46.46 -17.78 -30.06
C LYS D 183 -46.93 -16.35 -30.30
N MET D 184 -46.33 -15.72 -31.32
CA MET D 184 -46.66 -14.34 -31.69
C MET D 184 -46.93 -14.17 -33.19
N LEU D 185 -48.08 -13.58 -33.51
CA LEU D 185 -48.34 -13.07 -34.85
C LEU D 185 -47.76 -11.66 -34.90
N ARG D 186 -46.61 -11.50 -35.53
CA ARG D 186 -45.96 -10.19 -35.52
C ARG D 186 -46.65 -9.16 -36.42
N ILE D 187 -46.87 -7.97 -35.86
CA ILE D 187 -47.43 -6.84 -36.60
C ILE D 187 -46.37 -6.17 -37.47
N ASP D 188 -45.11 -6.49 -37.15
CA ASP D 188 -43.98 -6.06 -37.95
C ASP D 188 -43.99 -6.78 -39.31
N LYS D 189 -44.23 -8.08 -39.29
CA LYS D 189 -44.19 -8.91 -40.49
C LYS D 189 -45.47 -8.84 -41.35
N LEU D 190 -46.57 -8.36 -40.78
CA LEU D 190 -47.79 -8.27 -41.58
C LEU D 190 -48.17 -6.85 -42.09
N ALA D 191 -48.40 -5.91 -41.18
CA ALA D 191 -48.95 -4.59 -41.53
C ALA D 191 -48.17 -3.75 -42.55
N CYS D 192 -46.88 -4.01 -42.70
CA CYS D 192 -46.00 -3.05 -43.36
C CYS D 192 -44.58 -3.64 -43.51
N LEU D 193 -43.64 -2.79 -43.93
CA LEU D 193 -42.25 -3.17 -44.17
C LEU D 193 -41.47 -3.07 -42.86
N GLY D 194 -41.25 -4.20 -42.17
CA GLY D 194 -40.69 -4.16 -40.84
C GLY D 194 -41.58 -3.32 -39.94
N CYS D 195 -41.00 -2.25 -39.39
CA CYS D 195 -41.70 -1.24 -38.57
C CYS D 195 -42.31 -1.73 -37.26
N CYS D 196 -41.64 -2.67 -36.59
CA CYS D 196 -42.07 -3.09 -35.24
C CYS D 196 -41.69 -1.98 -34.29
N CYS D 197 -41.33 -0.86 -34.90
CA CYS D 197 -40.82 0.29 -34.18
C CYS D 197 -41.93 1.03 -33.44
N PHE D 198 -43.18 0.63 -33.64
CA PHE D 198 -44.27 1.37 -32.99
C PHE D 198 -44.14 1.30 -31.46
N CYS D 199 -43.61 0.18 -30.95
CA CYS D 199 -43.44 0.05 -29.50
C CYS D 199 -42.00 0.30 -28.99
N THR D 200 -41.24 1.13 -29.71
CA THR D 200 -40.00 1.69 -29.20
C THR D 200 -40.36 2.57 -28.04
N VAL D 201 -39.65 2.49 -26.93
CA VAL D 201 -40.01 3.33 -25.79
C VAL D 201 -39.08 4.53 -25.68
N LEU D 202 -39.68 5.71 -25.58
CA LEU D 202 -38.93 6.95 -25.67
C LEU D 202 -38.94 7.77 -24.39
N TYR D 203 -37.88 8.56 -24.21
CA TYR D 203 -37.86 9.59 -23.19
C TYR D 203 -38.56 10.81 -23.80
N ILE D 204 -39.68 11.25 -23.22
CA ILE D 204 -40.37 12.41 -23.74
C ILE D 204 -40.51 13.59 -22.78
N CYS D 205 -40.57 14.79 -23.35
CA CYS D 205 -40.75 16.02 -22.57
C CYS D 205 -42.00 16.79 -22.97
N ASN D 206 -42.54 17.54 -22.02
CA ASN D 206 -43.55 18.55 -22.33
C ASN D 206 -42.86 19.64 -23.16
N ASP D 207 -43.47 20.02 -24.29
CA ASP D 207 -42.82 20.97 -25.19
C ASP D 207 -42.45 22.27 -24.46
N GLU D 208 -43.39 22.80 -23.69
CA GLU D 208 -43.14 23.99 -22.91
C GLU D 208 -42.01 23.80 -21.89
N PHE D 209 -42.01 22.69 -21.19
CA PHE D 209 -40.95 22.40 -20.22
C PHE D 209 -39.58 22.39 -20.91
N LEU D 210 -39.52 21.76 -22.08
CA LEU D 210 -38.27 21.61 -22.78
C LEU D 210 -37.79 22.98 -23.22
N LYS D 211 -38.72 23.81 -23.64
CA LYS D 211 -38.39 25.17 -24.06
C LYS D 211 -37.72 25.97 -22.91
N LYS D 212 -38.29 25.90 -21.72
CA LYS D 212 -37.81 26.68 -20.58
C LYS D 212 -36.60 26.09 -19.86
N ASN D 213 -36.38 24.78 -19.99
CA ASN D 213 -35.31 24.14 -19.23
C ASN D 213 -34.37 23.27 -20.07
N PRO D 214 -33.87 23.78 -21.20
CA PRO D 214 -33.09 22.97 -22.13
C PRO D 214 -31.88 22.33 -21.47
N GLU D 215 -31.24 23.06 -20.57
CA GLU D 215 -30.02 22.59 -19.95
C GLU D 215 -30.30 21.47 -18.93
N LYS D 216 -31.46 21.52 -18.27
CA LYS D 216 -31.81 20.49 -17.28
C LYS D 216 -32.08 19.15 -17.97
N VAL D 217 -32.79 19.21 -19.10
CA VAL D 217 -32.98 18.08 -19.97
C VAL D 217 -31.66 17.53 -20.47
N ARG D 218 -30.76 18.40 -20.89
CA ARG D 218 -29.46 17.92 -21.35
C ARG D 218 -28.75 17.19 -20.23
N LYS D 219 -28.89 17.70 -19.01
CA LYS D 219 -28.22 17.13 -17.85
C LYS D 219 -28.91 15.83 -17.48
N PHE D 220 -30.22 15.83 -17.60
CA PHE D 220 -31.02 14.64 -17.34
C PHE D 220 -30.50 13.47 -18.18
N LEU D 221 -30.36 13.69 -19.47
CA LEU D 221 -29.90 12.65 -20.39
C LEU D 221 -28.44 12.26 -20.13
N LYS D 222 -27.66 13.16 -19.53
CA LYS D 222 -26.29 12.82 -19.18
C LYS D 222 -26.32 11.79 -18.06
N ALA D 223 -27.20 12.04 -17.09
CA ALA D 223 -27.35 11.10 -15.97
C ALA D 223 -27.89 9.74 -16.46
N ILE D 224 -28.93 9.78 -17.29
CA ILE D 224 -29.48 8.58 -17.90
C ILE D 224 -28.43 7.81 -18.72
N LYS D 225 -27.61 8.52 -19.47
CA LYS D 225 -26.52 7.90 -20.22
C LYS D 225 -25.52 7.19 -19.31
N LYS D 226 -25.12 7.85 -18.24
CA LYS D 226 -24.15 7.25 -17.34
C LYS D 226 -24.69 5.94 -16.77
N ALA D 227 -25.96 5.92 -16.42
CA ALA D 227 -26.59 4.71 -15.87
C ALA D 227 -26.77 3.63 -16.94
N THR D 228 -27.20 4.06 -18.12
CA THR D 228 -27.38 3.13 -19.22
C THR D 228 -26.07 2.41 -19.49
N ASP D 229 -24.97 3.14 -19.42
CA ASP D 229 -23.67 2.55 -19.67
C ASP D 229 -23.40 1.46 -18.65
N TYR D 230 -23.64 1.80 -17.39
CA TYR D 230 -23.42 0.87 -16.29
C TYR D 230 -24.26 -0.39 -16.46
N VAL D 231 -25.52 -0.22 -16.82
CA VAL D 231 -26.42 -1.34 -17.07
C VAL D 231 -25.92 -2.26 -18.20
N LEU D 232 -25.46 -1.68 -19.30
CA LEU D 232 -24.96 -2.49 -20.39
C LEU D 232 -23.60 -3.11 -20.10
N ALA D 233 -22.73 -2.36 -19.44
CA ALA D 233 -21.40 -2.88 -19.11
C ALA D 233 -21.45 -4.02 -18.10
N ASP D 234 -22.24 -3.85 -17.05
CA ASP D 234 -22.31 -4.84 -15.98
C ASP D 234 -23.76 -5.09 -15.55
N PRO D 235 -24.52 -5.79 -16.39
CA PRO D 235 -25.96 -5.97 -16.21
C PRO D 235 -26.30 -6.68 -14.90
N VAL D 236 -25.41 -7.54 -14.42
CA VAL D 236 -25.73 -8.33 -13.25
C VAL D 236 -25.64 -7.54 -11.96
N LYS D 237 -24.58 -6.75 -11.82
CA LYS D 237 -24.45 -5.87 -10.66
C LYS D 237 -25.56 -4.82 -10.71
N ALA D 238 -25.78 -4.26 -11.89
CA ALA D 238 -26.87 -3.32 -12.09
C ALA D 238 -28.18 -3.91 -11.55
N TRP D 239 -28.54 -5.09 -12.03
CA TRP D 239 -29.80 -5.74 -11.65
C TRP D 239 -29.94 -5.87 -10.13
N LYS D 240 -28.86 -6.29 -9.47
CA LYS D 240 -28.86 -6.44 -8.03
C LYS D 240 -29.18 -5.12 -7.30
N GLU D 241 -28.60 -4.03 -7.79
CA GLU D 241 -28.93 -2.73 -7.23
C GLU D 241 -30.38 -2.37 -7.43
N TYR D 242 -30.84 -2.53 -8.66
CA TYR D 242 -32.22 -2.24 -9.00
C TYR D 242 -33.19 -2.95 -8.05
N ILE D 243 -33.05 -4.27 -7.89
CA ILE D 243 -34.05 -5.03 -7.16
C ILE D 243 -33.87 -4.91 -5.66
N ASP D 244 -32.76 -4.30 -5.25
CA ASP D 244 -32.55 -3.97 -3.85
C ASP D 244 -33.45 -2.80 -3.49
N PHE D 245 -33.65 -1.91 -4.46
CA PHE D 245 -34.50 -0.76 -4.29
C PHE D 245 -35.95 -1.07 -4.59
N LYS D 246 -36.19 -1.89 -5.61
CA LYS D 246 -37.53 -2.23 -6.09
C LYS D 246 -37.76 -3.73 -6.01
N PRO D 247 -37.94 -4.27 -4.80
CA PRO D 247 -38.02 -5.70 -4.54
C PRO D 247 -39.15 -6.41 -5.31
N GLN D 248 -40.16 -5.67 -5.77
CA GLN D 248 -41.26 -6.28 -6.53
C GLN D 248 -40.72 -6.89 -7.82
N LEU D 249 -39.48 -6.54 -8.15
CA LEU D 249 -38.85 -7.02 -9.37
C LEU D 249 -37.88 -8.15 -9.06
N ASN D 250 -37.85 -8.56 -7.81
CA ASN D 250 -36.92 -9.58 -7.40
C ASN D 250 -37.52 -10.97 -7.50
N ASN D 251 -37.80 -11.40 -8.72
CA ASN D 251 -38.33 -12.73 -8.96
C ASN D 251 -37.76 -13.23 -10.24
N ASP D 252 -38.00 -14.50 -10.55
CA ASP D 252 -37.36 -15.10 -11.71
C ASP D 252 -37.96 -14.58 -13.01
N LEU D 253 -39.27 -14.37 -13.03
CA LEU D 253 -39.89 -13.74 -14.19
C LEU D 253 -39.22 -12.43 -14.58
N SER D 254 -39.07 -11.54 -13.61
CA SER D 254 -38.54 -10.22 -13.90
C SER D 254 -37.14 -10.32 -14.45
N TYR D 255 -36.36 -11.27 -13.94
CA TYR D 255 -34.98 -11.44 -14.38
C TYR D 255 -34.92 -11.97 -15.80
N LYS D 256 -35.80 -12.91 -16.12
CA LYS D 256 -35.84 -13.42 -17.50
C LYS D 256 -36.25 -12.30 -18.45
N GLN D 257 -37.24 -11.51 -18.05
CA GLN D 257 -37.61 -10.34 -18.81
C GLN D 257 -36.43 -9.39 -18.99
N TYR D 258 -35.71 -9.14 -17.92
CA TYR D 258 -34.54 -8.28 -17.98
C TYR D 258 -33.57 -8.76 -19.03
N GLN D 259 -33.31 -10.06 -19.08
CA GLN D 259 -32.33 -10.60 -20.02
C GLN D 259 -32.78 -10.43 -21.49
N ARG D 260 -34.06 -10.62 -21.73
CA ARG D 260 -34.64 -10.42 -23.03
C ARG D 260 -34.65 -8.95 -23.40
N CYS D 261 -34.69 -8.08 -22.41
CA CYS D 261 -34.65 -6.63 -22.67
C CYS D 261 -33.26 -6.16 -23.06
N TYR D 262 -32.24 -6.83 -22.54
CA TYR D 262 -30.86 -6.38 -22.67
C TYR D 262 -30.44 -5.96 -24.10
N ALA D 263 -30.79 -6.80 -25.07
CA ALA D 263 -30.40 -6.57 -26.46
C ALA D 263 -31.12 -5.39 -27.10
N TYR D 264 -32.26 -5.01 -26.55
CA TYR D 264 -33.06 -3.90 -27.09
C TYR D 264 -32.71 -2.53 -26.51
N PHE D 265 -32.05 -2.46 -25.35
CA PHE D 265 -31.70 -1.16 -24.78
C PHE D 265 -30.93 -0.38 -25.83
N SER D 266 -31.23 0.90 -25.94
CA SER D 266 -30.45 1.80 -26.79
C SER D 266 -29.18 2.20 -26.04
N SER D 267 -28.02 1.93 -26.61
CA SER D 267 -26.76 2.28 -25.98
C SER D 267 -26.44 3.75 -26.12
N SER D 268 -26.99 4.38 -27.17
CA SER D 268 -26.68 5.76 -27.49
C SER D 268 -27.80 6.75 -27.12
N LEU D 269 -29.00 6.23 -26.91
CA LEU D 269 -30.17 7.03 -26.57
C LEU D 269 -30.72 7.78 -27.76
N TYR D 270 -30.03 7.71 -28.88
CA TYR D 270 -30.47 8.46 -30.06
C TYR D 270 -31.80 8.01 -30.62
N ASN D 271 -32.65 8.97 -30.99
CA ASN D 271 -33.83 8.67 -31.80
C ASN D 271 -33.37 8.17 -33.17
N VAL D 272 -33.96 7.08 -33.65
CA VAL D 272 -33.58 6.56 -34.96
C VAL D 272 -34.46 7.12 -36.06
N HIS D 273 -33.85 7.86 -36.99
CA HIS D 273 -34.59 8.64 -37.98
C HIS D 273 -35.47 7.73 -38.84
N ARG D 274 -34.87 6.62 -39.28
CA ARG D 274 -35.57 5.69 -40.15
C ARG D 274 -36.86 5.26 -39.50
N ASP D 275 -36.77 4.83 -38.24
CA ASP D 275 -37.92 4.33 -37.49
C ASP D 275 -39.03 5.36 -37.35
N TRP D 276 -38.66 6.58 -36.97
CA TRP D 276 -39.65 7.63 -36.83
C TRP D 276 -40.35 7.87 -38.16
N LYS D 277 -39.56 7.89 -39.22
CA LYS D 277 -40.08 8.07 -40.56
C LYS D 277 -41.15 7.03 -40.87
N LYS D 278 -40.82 5.76 -40.68
CA LYS D 278 -41.75 4.66 -40.94
C LYS D 278 -43.05 4.78 -40.13
N VAL D 279 -42.93 4.97 -38.83
CA VAL D 279 -44.09 5.00 -37.94
C VAL D 279 -44.99 6.22 -38.21
N THR D 280 -44.39 7.34 -38.56
CA THR D 280 -45.17 8.52 -38.94
C THR D 280 -46.01 8.18 -40.16
N GLY D 281 -45.43 7.40 -41.07
CA GLY D 281 -46.14 6.92 -42.24
C GLY D 281 -47.36 6.14 -41.79
N TYR D 282 -47.09 5.01 -41.15
CA TYR D 282 -48.11 4.21 -40.52
C TYR D 282 -49.16 5.10 -39.85
N GLY D 283 -48.71 6.10 -39.11
CA GLY D 283 -49.60 6.99 -38.39
C GLY D 283 -50.58 7.72 -39.29
N LYS D 284 -50.08 8.24 -40.41
CA LYS D 284 -50.91 8.99 -41.36
C LYS D 284 -51.93 8.08 -42.04
N ARG D 285 -51.47 6.91 -42.46
CA ARG D 285 -52.34 5.92 -43.09
C ARG D 285 -53.49 5.50 -42.17
N LEU D 286 -53.18 5.23 -40.90
CA LEU D 286 -54.19 4.85 -39.90
C LEU D 286 -55.14 5.99 -39.53
N ALA D 287 -54.89 7.17 -40.10
CA ALA D 287 -55.71 8.37 -39.84
C ALA D 287 -55.46 8.95 -38.46
N ILE D 288 -54.56 8.32 -37.70
CA ILE D 288 -54.17 8.81 -36.37
C ILE D 288 -53.46 10.17 -36.46
N LEU D 289 -52.77 10.39 -37.58
CA LEU D 289 -52.01 11.62 -37.81
C LEU D 289 -52.53 12.38 -39.04
N PRO D 290 -52.59 13.72 -38.93
CA PRO D 290 -52.90 14.63 -40.05
C PRO D 290 -51.90 14.47 -41.20
N PRO D 291 -52.28 14.90 -42.42
CA PRO D 291 -51.46 14.77 -43.63
C PRO D 291 -50.15 15.58 -43.60
N ASP D 292 -50.17 16.74 -42.95
CA ASP D 292 -49.01 17.62 -42.87
C ASP D 292 -48.24 17.41 -41.56
N TYR D 293 -48.54 16.31 -40.86
CA TYR D 293 -47.94 16.05 -39.56
C TYR D 293 -46.41 15.92 -39.62
N VAL D 294 -45.73 16.50 -38.64
CA VAL D 294 -44.27 16.41 -38.54
C VAL D 294 -43.79 15.69 -37.24
N SER D 295 -42.92 14.69 -37.42
CA SER D 295 -42.38 13.88 -36.33
C SER D 295 -41.85 14.74 -35.21
N ASN D 296 -42.35 14.48 -34.00
CA ASN D 296 -42.01 15.28 -32.83
C ASN D 296 -40.88 14.70 -31.97
N TYR D 297 -39.67 14.67 -32.51
CA TYR D 297 -38.50 14.25 -31.76
C TYR D 297 -37.30 15.14 -32.03
N THR D 298 -36.23 14.96 -31.26
CA THR D 298 -34.98 15.68 -31.51
C THR D 298 -33.77 15.10 -30.79
N ASN D 299 -32.65 15.05 -31.48
CA ASN D 299 -31.43 14.58 -30.83
C ASN D 299 -30.52 15.71 -30.30
N GLU D 300 -31.07 16.92 -30.24
CA GLU D 300 -30.31 18.09 -29.85
C GLU D 300 -29.77 18.03 -28.42
N TYR D 301 -30.49 17.37 -27.53
CA TYR D 301 -30.14 17.42 -26.11
C TYR D 301 -29.25 16.24 -25.68
N LEU D 302 -28.86 15.42 -26.64
CA LEU D 302 -27.83 14.42 -26.42
C LEU D 302 -26.45 15.03 -26.68
N SER D 303 -25.49 14.70 -25.81
CA SER D 303 -24.22 15.39 -25.77
C SER D 303 -23.03 14.50 -26.16
N TRP D 304 -23.27 13.56 -27.08
CA TRP D 304 -22.23 12.66 -27.58
C TRP D 304 -22.57 12.32 -29.03
N PRO D 305 -21.57 11.90 -29.81
CA PRO D 305 -21.76 11.64 -31.24
C PRO D 305 -22.87 10.63 -31.57
N GLU D 306 -23.65 10.94 -32.60
CA GLU D 306 -24.65 10.02 -33.13
C GLU D 306 -23.97 8.82 -33.78
N PRO D 307 -24.58 7.63 -33.67
CA PRO D 307 -23.99 6.43 -34.27
C PRO D 307 -24.32 6.33 -35.76
N GLU D 308 -23.60 5.49 -36.49
CA GLU D 308 -23.89 5.29 -37.90
C GLU D 308 -25.17 4.51 -38.12
N GLU D 309 -26.00 4.97 -39.05
CA GLU D 309 -27.25 4.28 -39.37
C GLU D 309 -26.99 2.83 -39.73
N VAL D 310 -27.81 1.93 -39.18
CA VAL D 310 -27.67 0.51 -39.48
C VAL D 310 -27.73 0.29 -40.99
N SER D 311 -26.71 -0.38 -41.52
CA SER D 311 -26.58 -0.59 -42.97
C SER D 311 -27.75 -1.35 -43.60
N ASP D 312 -28.04 -2.54 -43.08
CA ASP D 312 -29.19 -3.32 -43.53
C ASP D 312 -30.16 -3.61 -42.39
N PRO D 313 -31.14 -2.73 -42.19
CA PRO D 313 -32.10 -2.79 -41.08
C PRO D 313 -32.95 -4.04 -41.04
N LEU D 314 -33.33 -4.58 -42.19
CA LEU D 314 -34.20 -5.76 -42.23
C LEU D 314 -33.47 -7.07 -41.90
N GLU D 315 -32.16 -7.10 -42.15
CA GLU D 315 -31.35 -8.26 -41.78
C GLU D 315 -31.01 -8.19 -40.30
N ALA D 316 -30.77 -6.99 -39.79
CA ALA D 316 -30.55 -6.80 -38.36
C ALA D 316 -31.78 -7.26 -37.57
N THR D 317 -32.96 -7.09 -38.15
CA THR D 317 -34.21 -7.46 -37.49
C THR D 317 -34.39 -8.98 -37.45
N ARG D 318 -34.02 -9.67 -38.53
CA ARG D 318 -34.15 -11.13 -38.55
C ARG D 318 -32.98 -11.76 -37.80
N LEU D 319 -31.91 -10.99 -37.64
CA LEU D 319 -30.75 -11.43 -36.87
C LEU D 319 -31.07 -11.35 -35.38
N MET D 320 -31.83 -10.32 -35.01
CA MET D 320 -32.26 -10.13 -33.63
C MET D 320 -33.20 -11.24 -33.19
N ALA D 321 -34.16 -11.59 -34.05
CA ALA D 321 -35.09 -12.67 -33.76
C ALA D 321 -34.34 -13.93 -33.36
N ILE D 322 -33.24 -14.21 -34.05
CA ILE D 322 -32.40 -15.36 -33.73
C ILE D 322 -31.72 -15.15 -32.39
N HIS D 323 -31.08 -13.99 -32.25
CA HIS D 323 -30.35 -13.58 -31.04
C HIS D 323 -31.19 -13.76 -29.79
N GLN D 324 -32.46 -13.38 -29.89
CA GLN D 324 -33.40 -13.43 -28.78
C GLN D 324 -33.84 -14.85 -28.45
N GLU D 325 -33.92 -15.68 -29.47
CA GLU D 325 -34.23 -17.09 -29.27
C GLU D 325 -33.08 -17.75 -28.50
N LYS D 326 -31.84 -17.38 -28.85
CA LYS D 326 -30.67 -17.88 -28.15
C LYS D 326 -30.70 -17.42 -26.71
N CYS D 327 -31.05 -16.15 -26.50
CA CYS D 327 -31.13 -15.61 -25.14
C CYS D 327 -32.10 -16.40 -24.28
N ARG D 328 -33.19 -16.86 -24.89
CA ARG D 328 -34.21 -17.59 -24.15
C ARG D 328 -33.72 -18.94 -23.65
N GLN D 329 -32.94 -19.64 -24.47
CA GLN D 329 -32.51 -20.99 -24.10
C GLN D 329 -31.13 -21.02 -23.41
N GLU D 330 -30.39 -19.92 -23.49
CA GLU D 330 -29.05 -19.88 -22.91
C GLU D 330 -29.00 -19.04 -21.65
N GLY D 331 -30.00 -18.17 -21.47
CA GLY D 331 -30.06 -17.26 -20.34
C GLY D 331 -28.82 -16.40 -20.18
N THR D 332 -28.57 -15.53 -21.16
CA THR D 332 -27.33 -14.77 -21.25
C THR D 332 -27.57 -13.29 -21.44
N PHE D 333 -26.51 -12.51 -21.25
CA PHE D 333 -26.55 -11.09 -21.56
C PHE D 333 -25.62 -10.79 -22.73
N LYS D 334 -26.16 -10.75 -23.95
CA LYS D 334 -25.35 -10.40 -25.10
C LYS D 334 -26.03 -9.34 -25.96
N ARG D 335 -25.25 -8.39 -26.45
CA ARG D 335 -25.73 -7.38 -27.38
C ARG D 335 -25.71 -7.93 -28.81
N LEU D 336 -26.67 -7.54 -29.64
CA LEU D 336 -26.68 -7.99 -31.02
C LEU D 336 -25.47 -7.41 -31.78
N ALA D 337 -24.73 -8.28 -32.45
CA ALA D 337 -23.55 -7.82 -33.21
C ALA D 337 -23.85 -7.63 -34.70
N LEU D 338 -23.26 -6.60 -35.31
CA LEU D 338 -23.52 -6.26 -36.71
C LEU D 338 -22.27 -6.09 -37.57
N ASP E 4 36.98 18.94 -16.25
CA ASP E 4 36.16 19.12 -15.04
C ASP E 4 36.12 17.87 -14.12
N LYS E 5 37.20 17.11 -14.13
CA LYS E 5 37.41 16.03 -13.18
C LYS E 5 37.79 16.63 -11.83
N ILE E 6 37.46 15.92 -10.75
CA ILE E 6 37.96 16.29 -9.42
C ILE E 6 39.16 15.44 -9.05
N THR E 7 40.26 16.11 -8.69
CA THR E 7 41.47 15.39 -8.31
C THR E 7 41.53 15.01 -6.83
N PHE E 8 41.74 13.73 -6.58
CA PHE E 8 41.92 13.23 -5.23
C PHE E 8 43.30 12.59 -5.09
N LEU E 9 44.17 13.18 -4.27
CA LEU E 9 45.55 12.72 -4.12
C LEU E 9 45.82 12.00 -2.80
N LEU E 10 46.13 10.72 -2.87
CA LEU E 10 46.40 9.93 -1.67
C LEU E 10 47.59 10.48 -0.88
N ASN E 11 47.81 9.93 0.32
CA ASN E 11 48.89 10.39 1.18
C ASN E 11 50.11 9.54 1.02
N TRP E 12 50.09 8.63 0.04
CA TRP E 12 51.03 7.51 0.04
C TRP E 12 50.88 6.72 -1.25
N GLN E 13 51.76 5.73 -1.45
CA GLN E 13 51.50 4.67 -2.42
C GLN E 13 50.22 3.96 -2.00
N PRO E 14 49.57 3.29 -2.93
CA PRO E 14 48.38 2.56 -2.49
C PRO E 14 48.66 1.64 -1.29
N THR E 15 47.83 1.77 -0.27
CA THR E 15 47.95 0.97 0.91
C THR E 15 46.65 0.23 1.11
N PRO E 16 46.64 -0.80 1.98
CA PRO E 16 45.42 -1.50 2.35
C PRO E 16 44.36 -0.53 2.85
N TYR E 17 44.76 0.55 3.51
CA TYR E 17 43.75 1.43 4.11
C TYR E 17 43.15 2.45 3.15
N HIS E 18 43.55 2.38 1.88
CA HIS E 18 42.93 3.24 0.87
C HIS E 18 41.72 2.54 0.28
N ILE E 19 41.47 1.32 0.71
CA ILE E 19 40.44 0.51 0.11
C ILE E 19 39.10 1.22 -0.09
N PRO E 20 38.62 1.99 0.90
CA PRO E 20 37.28 2.57 0.74
C PRO E 20 37.20 3.53 -0.43
N ILE E 21 38.32 4.17 -0.76
CA ILE E 21 38.36 5.10 -1.89
C ILE E 21 38.34 4.34 -3.21
N PHE E 22 39.29 3.43 -3.39
CA PHE E 22 39.32 2.66 -4.60
C PHE E 22 38.02 1.94 -4.87
N LEU E 23 37.42 1.35 -3.83
CA LEU E 23 36.16 0.68 -4.01
C LEU E 23 35.04 1.64 -4.40
N ALA E 24 35.01 2.83 -3.81
CA ALA E 24 34.01 3.81 -4.20
C ALA E 24 34.13 4.09 -5.70
N GLN E 25 35.35 3.96 -6.21
CA GLN E 25 35.61 4.10 -7.64
C GLN E 25 35.14 2.89 -8.44
N THR E 26 35.70 1.73 -8.13
CA THR E 26 35.43 0.50 -8.87
C THR E 26 33.97 0.05 -8.82
N LYS E 27 33.32 0.23 -7.67
CA LYS E 27 31.92 -0.16 -7.46
C LYS E 27 30.91 0.83 -8.07
N GLY E 28 31.40 1.94 -8.60
CA GLY E 28 30.56 2.91 -9.26
C GLY E 28 29.85 3.86 -8.34
N TYR E 29 30.28 3.94 -7.09
CA TYR E 29 29.63 4.80 -6.13
C TYR E 29 29.89 6.27 -6.47
N PHE E 30 31.10 6.59 -6.88
CA PHE E 30 31.38 7.95 -7.31
C PHE E 30 30.52 8.30 -8.50
N LYS E 31 30.52 7.41 -9.49
CA LYS E 31 29.75 7.61 -10.72
C LYS E 31 28.27 7.85 -10.41
N GLU E 32 27.71 7.06 -9.50
CA GLU E 32 26.29 7.18 -9.19
C GLU E 32 25.95 8.48 -8.48
N GLN E 33 26.97 9.25 -8.14
CA GLN E 33 26.78 10.55 -7.50
C GLN E 33 27.06 11.67 -8.48
N GLY E 34 27.38 11.32 -9.72
CA GLY E 34 27.68 12.31 -10.74
C GLY E 34 29.04 12.96 -10.51
N LEU E 35 29.90 12.24 -9.81
CA LEU E 35 31.26 12.69 -9.59
C LEU E 35 32.24 11.95 -10.50
N ASP E 36 33.16 12.70 -11.07
CA ASP E 36 34.23 12.12 -11.85
C ASP E 36 35.56 12.34 -11.13
N MET E 37 36.00 11.33 -10.38
CA MET E 37 37.17 11.47 -9.53
C MET E 37 38.40 10.94 -10.23
N ALA E 38 39.46 11.74 -10.20
CA ALA E 38 40.74 11.28 -10.71
C ALA E 38 41.65 11.05 -9.53
N ILE E 39 41.76 9.80 -9.13
CA ILE E 39 42.58 9.45 -7.98
C ILE E 39 44.05 9.46 -8.38
N LEU E 40 44.87 10.19 -7.62
CA LEU E 40 46.31 10.23 -7.86
C LEU E 40 47.10 9.75 -6.66
N GLU E 41 48.27 9.15 -6.93
CA GLU E 41 49.18 8.67 -5.88
C GLU E 41 50.45 9.46 -5.98
N PRO E 42 50.95 9.96 -4.84
CA PRO E 42 52.16 10.78 -4.83
C PRO E 42 53.43 9.90 -4.86
N THR E 43 54.53 10.48 -5.30
CA THR E 43 55.83 9.84 -5.25
C THR E 43 56.48 10.20 -3.93
N ASN E 44 56.05 11.34 -3.41
CA ASN E 44 56.57 11.87 -2.17
C ASN E 44 55.47 12.54 -1.34
N PRO E 45 55.10 11.95 -0.20
CA PRO E 45 54.00 12.44 0.63
C PRO E 45 54.16 13.91 1.02
N SER E 46 55.42 14.31 1.12
CA SER E 46 55.78 15.69 1.43
C SER E 46 55.38 16.71 0.38
N ASP E 47 54.99 16.23 -0.80
CA ASP E 47 54.44 17.09 -1.83
C ASP E 47 52.93 17.30 -1.63
N VAL E 48 52.32 16.41 -0.86
CA VAL E 48 50.85 16.35 -0.83
C VAL E 48 50.13 17.60 -0.32
N THR E 49 50.39 18.02 0.93
CA THR E 49 49.63 19.17 1.49
C THR E 49 49.83 20.45 0.68
N GLU E 50 51.06 20.69 0.25
CA GLU E 50 51.32 21.84 -0.58
C GLU E 50 50.53 21.83 -1.90
N LEU E 51 50.42 20.67 -2.53
CA LEU E 51 49.64 20.59 -3.78
C LEU E 51 48.14 20.86 -3.60
N ILE E 52 47.56 20.28 -2.54
CA ILE E 52 46.15 20.47 -2.23
C ILE E 52 45.88 21.88 -1.69
N GLY E 53 46.75 22.35 -0.80
CA GLY E 53 46.63 23.70 -0.27
C GLY E 53 46.60 24.75 -1.38
N SER E 54 47.46 24.55 -2.36
CA SER E 54 47.63 25.50 -3.46
C SER E 54 46.55 25.39 -4.52
N GLY E 55 45.62 24.46 -4.36
CA GLY E 55 44.51 24.33 -5.29
C GLY E 55 44.83 23.61 -6.59
N LYS E 56 46.09 23.23 -6.77
CA LYS E 56 46.49 22.47 -7.95
C LYS E 56 45.72 21.15 -7.97
N VAL E 57 45.58 20.56 -6.77
CA VAL E 57 44.81 19.35 -6.56
C VAL E 57 43.63 19.69 -5.65
N ASP E 58 42.46 19.13 -5.92
CA ASP E 58 41.24 19.46 -5.16
C ASP E 58 41.14 18.84 -3.76
N MET E 59 41.24 17.51 -3.68
CA MET E 59 41.14 16.83 -2.39
C MET E 59 42.25 15.81 -2.21
N GLY E 60 42.20 15.07 -1.13
CA GLY E 60 43.24 14.13 -0.82
C GLY E 60 43.18 13.66 0.62
N LEU E 61 44.30 13.10 1.10
CA LEU E 61 44.42 12.52 2.43
C LEU E 61 45.75 12.94 3.01
N LYS E 62 45.78 13.28 4.28
CA LYS E 62 47.06 13.35 4.99
C LYS E 62 46.74 13.11 6.44
N ALA E 63 47.77 12.93 7.27
CA ALA E 63 47.51 12.68 8.68
C ALA E 63 47.09 13.98 9.34
N MET E 64 46.82 13.94 10.64
CA MET E 64 46.34 15.12 11.38
C MET E 64 47.40 16.20 11.56
N ILE E 65 48.58 15.80 12.04
CA ILE E 65 49.65 16.77 12.25
C ILE E 65 49.97 17.55 10.95
N HIS E 66 50.17 16.82 9.85
CA HIS E 66 50.57 17.44 8.60
C HIS E 66 49.44 18.32 8.06
N THR E 67 48.22 18.03 8.48
CA THR E 67 47.07 18.80 8.05
C THR E 67 46.97 20.13 8.82
N LEU E 68 47.15 20.05 10.12
CA LEU E 68 47.26 21.23 10.96
C LEU E 68 48.39 22.12 10.46
N ALA E 69 49.60 21.56 10.42
CA ALA E 69 50.75 22.32 9.97
C ALA E 69 50.54 22.94 8.59
N ALA E 70 49.66 22.38 7.79
CA ALA E 70 49.48 22.87 6.43
C ALA E 70 48.92 24.28 6.40
N LYS E 71 47.91 24.53 7.22
CA LYS E 71 47.30 25.86 7.28
C LYS E 71 48.28 26.81 7.94
N ALA E 72 48.88 26.37 9.03
CA ALA E 72 49.92 27.16 9.68
C ALA E 72 50.95 27.64 8.66
N ARG E 73 51.43 26.71 7.84
CA ARG E 73 52.50 27.00 6.91
C ARG E 73 51.99 27.68 5.63
N GLY E 74 50.72 28.05 5.63
CA GLY E 74 50.19 28.90 4.57
C GLY E 74 49.40 28.23 3.48
N PHE E 75 49.17 26.93 3.63
CA PHE E 75 48.38 26.18 2.67
C PHE E 75 47.01 25.86 3.25
N PRO E 76 45.96 26.45 2.66
CA PRO E 76 44.58 26.36 3.13
C PRO E 76 43.87 25.04 2.81
N VAL E 77 43.93 24.11 3.75
CA VAL E 77 43.21 22.86 3.62
C VAL E 77 42.32 22.67 4.84
N THR E 78 41.23 21.95 4.63
CA THR E 78 40.31 21.64 5.71
C THR E 78 40.03 20.13 5.71
N SER E 79 40.09 19.51 6.89
CA SER E 79 39.66 18.14 7.04
C SER E 79 38.13 18.06 7.05
N VAL E 80 37.56 17.30 6.14
CA VAL E 80 36.11 17.18 6.04
C VAL E 80 35.61 15.79 6.46
N ALA E 81 36.54 14.92 6.85
CA ALA E 81 36.21 13.57 7.26
C ALA E 81 37.44 12.81 7.70
N SER E 82 37.22 11.67 8.31
CA SER E 82 38.29 10.88 8.88
C SER E 82 38.30 9.46 8.27
N LEU E 83 39.49 8.98 7.93
CA LEU E 83 39.64 7.66 7.31
C LEU E 83 40.10 6.58 8.30
N LEU E 84 41.24 6.84 8.94
CA LEU E 84 41.88 5.90 9.83
C LEU E 84 42.11 6.60 11.16
N ASP E 85 41.49 6.09 12.23
CA ASP E 85 41.51 6.76 13.55
C ASP E 85 42.58 6.24 14.51
N GLU E 86 43.43 7.14 14.97
CA GLU E 86 44.42 6.84 16.01
C GLU E 86 45.12 5.49 15.86
N PRO E 87 45.80 5.28 14.74
CA PRO E 87 46.66 4.09 14.64
C PRO E 87 47.94 4.27 15.48
N PHE E 88 48.35 3.25 16.21
CA PHE E 88 49.52 3.38 17.06
C PHE E 88 50.74 3.77 16.25
N THR E 89 51.32 4.92 16.58
CA THR E 89 52.53 5.38 15.93
C THR E 89 53.65 5.39 16.94
N GLY E 90 54.87 5.15 16.47
CA GLY E 90 56.03 5.20 17.34
C GLY E 90 57.32 4.89 16.61
N VAL E 91 58.40 4.79 17.36
CA VAL E 91 59.66 4.36 16.80
C VAL E 91 59.74 2.84 16.84
N LEU E 92 59.85 2.24 15.65
CA LEU E 92 59.92 0.79 15.53
C LEU E 92 61.38 0.37 15.47
N TYR E 93 61.65 -0.79 16.06
CA TYR E 93 62.99 -1.36 16.02
C TYR E 93 62.90 -2.86 16.23
N LEU E 94 63.93 -3.58 15.79
CA LEU E 94 63.97 -5.02 16.00
C LEU E 94 64.78 -5.32 17.25
N LYS E 95 64.32 -6.30 18.02
CA LYS E 95 65.06 -6.71 19.23
C LYS E 95 66.51 -7.14 18.93
N GLY E 96 67.45 -6.50 19.63
CA GLY E 96 68.87 -6.72 19.40
C GLY E 96 69.44 -5.68 18.47
N SER E 97 68.82 -4.51 18.45
CA SER E 97 69.19 -3.45 17.50
C SER E 97 70.59 -2.82 17.66
N GLY E 98 71.09 -2.66 18.89
CA GLY E 98 70.37 -3.00 20.12
C GLY E 98 69.69 -1.80 20.77
N ILE E 99 68.36 -1.82 20.77
CA ILE E 99 67.58 -0.71 21.27
C ILE E 99 66.62 -1.27 22.32
N THR E 100 66.22 -0.43 23.26
CA THR E 100 65.38 -0.92 24.36
C THR E 100 64.24 0.04 24.66
N LYS E 101 63.40 -0.35 25.61
CA LYS E 101 62.27 0.48 26.02
C LYS E 101 62.69 1.88 26.50
N SER E 102 63.94 2.07 26.88
CA SER E 102 64.35 3.40 27.31
C SER E 102 64.83 4.24 26.14
N PHE E 103 64.31 5.45 26.08
CA PHE E 103 64.62 6.38 25.02
C PHE E 103 66.07 6.71 25.00
N GLN E 104 66.78 6.32 26.05
CA GLN E 104 68.21 6.58 26.16
C GLN E 104 68.96 5.83 25.10
N SER E 105 68.41 4.70 24.73
CA SER E 105 68.95 3.79 23.74
C SER E 105 69.04 4.41 22.36
N LEU E 106 68.36 5.52 22.18
CA LEU E 106 68.39 6.18 20.91
C LEU E 106 69.69 6.92 20.69
N LYS E 107 70.63 6.86 21.65
CA LYS E 107 71.92 7.53 21.53
C LYS E 107 72.87 6.84 20.57
N GLY E 108 73.34 7.62 19.59
CA GLY E 108 74.25 7.18 18.55
C GLY E 108 73.72 6.14 17.57
N LYS E 109 72.41 5.99 17.58
CA LYS E 109 71.74 5.13 16.63
C LYS E 109 71.29 5.96 15.43
N LYS E 110 71.12 5.30 14.29
CA LYS E 110 70.55 5.93 13.11
C LYS E 110 69.03 5.72 13.14
N ILE E 111 68.30 6.84 13.14
CA ILE E 111 66.86 6.79 13.31
C ILE E 111 66.14 7.38 12.11
N GLY E 112 65.30 6.56 11.49
CA GLY E 112 64.59 6.96 10.28
C GLY E 112 63.25 7.62 10.54
N TYR E 113 62.99 8.67 9.77
CA TYR E 113 61.68 9.29 9.74
C TYR E 113 61.19 9.41 8.28
N VAL E 114 59.92 9.77 8.09
CA VAL E 114 59.34 9.87 6.74
C VAL E 114 59.67 11.20 6.06
N GLY E 115 59.01 12.27 6.50
CA GLY E 115 59.09 13.53 5.78
C GLY E 115 59.81 14.65 6.50
N GLU E 116 59.07 15.43 7.28
CA GLU E 116 59.59 16.66 7.86
C GLU E 116 59.31 16.70 9.35
N PHE E 117 58.14 16.20 9.72
CA PHE E 117 57.67 16.28 11.11
C PHE E 117 58.22 15.19 12.02
N GLY E 118 58.43 14.00 11.49
CA GLY E 118 58.95 12.91 12.28
C GLY E 118 60.27 13.27 12.92
N LYS E 119 61.09 14.01 12.17
CA LYS E 119 62.35 14.49 12.70
C LYS E 119 62.05 15.49 13.81
N ILE E 120 61.19 16.44 13.50
CA ILE E 120 60.77 17.44 14.49
C ILE E 120 60.30 16.76 15.77
N GLN E 121 59.61 15.63 15.65
CA GLN E 121 59.09 14.90 16.82
C GLN E 121 60.21 14.27 17.63
N ILE E 122 61.09 13.56 16.96
CA ILE E 122 62.22 12.95 17.65
C ILE E 122 63.13 14.01 18.24
N ASP E 123 63.46 15.03 17.44
CA ASP E 123 64.30 16.14 17.88
C ASP E 123 63.83 16.69 19.24
N GLU E 124 62.52 16.81 19.39
CA GLU E 124 61.96 17.40 20.60
C GLU E 124 61.91 16.42 21.76
N LEU E 125 61.67 15.14 21.45
CA LEU E 125 61.69 14.11 22.49
C LEU E 125 63.05 13.96 23.16
N THR E 126 64.13 14.27 22.42
CA THR E 126 65.48 14.11 22.94
C THR E 126 65.74 15.04 24.12
N LYS E 127 65.09 16.20 24.11
CA LYS E 127 65.26 17.16 25.19
C LYS E 127 64.63 16.64 26.50
N HIS E 128 63.46 16.02 26.40
CA HIS E 128 62.76 15.48 27.56
C HIS E 128 63.48 14.29 28.19
N TYR E 129 64.55 13.84 27.56
CA TYR E 129 65.31 12.71 28.10
C TYR E 129 66.80 13.02 28.24
N GLY E 130 67.14 14.31 28.27
CA GLY E 130 68.48 14.76 28.59
C GLY E 130 69.44 14.86 27.43
N MET E 131 69.15 14.16 26.34
CA MET E 131 70.03 14.16 25.17
C MET E 131 69.72 15.30 24.22
N LYS E 132 70.66 15.56 23.32
CA LYS E 132 70.53 16.67 22.39
C LYS E 132 70.43 16.21 20.94
N PRO E 133 69.68 16.97 20.12
CA PRO E 133 69.94 16.83 18.70
C PRO E 133 71.26 17.43 18.24
N GLU E 134 72.25 16.58 18.40
CA GLU E 134 72.22 15.29 17.72
C GLU E 134 73.17 14.38 18.46
N ASP E 135 72.59 13.59 19.38
CA ASP E 135 73.32 12.50 19.99
C ASP E 135 72.87 11.29 19.21
N TYR E 136 72.12 11.56 18.15
CA TYR E 136 71.60 10.53 17.25
C TYR E 136 71.53 11.07 15.81
N THR E 137 71.58 10.16 14.84
CA THR E 137 71.49 10.57 13.44
C THR E 137 70.09 10.32 12.89
N ALA E 138 69.45 11.40 12.44
CA ALA E 138 68.15 11.30 11.76
C ALA E 138 68.30 11.12 10.23
N VAL E 139 67.61 10.11 9.71
CA VAL E 139 67.69 9.79 8.30
C VAL E 139 66.30 9.85 7.64
N ARG E 140 66.14 10.72 6.64
CA ARG E 140 64.90 10.75 5.87
C ARG E 140 64.78 9.51 4.96
N CYS E 141 63.69 8.76 5.12
CA CYS E 141 63.52 7.49 4.39
C CYS E 141 62.25 7.46 3.56
N GLY E 142 61.46 8.52 3.62
CA GLY E 142 60.18 8.56 2.94
C GLY E 142 59.35 7.30 3.19
N MET E 143 58.83 6.70 2.13
CA MET E 143 57.89 5.60 2.31
C MET E 143 58.59 4.27 2.55
N ASN E 144 59.89 4.34 2.80
CA ASN E 144 60.70 3.12 2.94
C ASN E 144 61.28 2.86 4.32
N VAL E 145 60.69 3.43 5.36
CA VAL E 145 61.25 3.26 6.70
C VAL E 145 61.44 1.78 7.06
N ALA E 146 60.36 1.03 7.08
CA ALA E 146 60.48 -0.36 7.50
C ALA E 146 61.52 -1.09 6.66
N LYS E 147 61.49 -0.87 5.34
CA LYS E 147 62.45 -1.51 4.45
C LYS E 147 63.90 -1.21 4.86
N TYR E 148 64.21 0.05 5.12
CA TYR E 148 65.56 0.41 5.54
C TYR E 148 65.92 -0.15 6.94
N ILE E 149 64.91 -0.40 7.76
CA ILE E 149 65.18 -1.03 9.03
C ILE E 149 65.67 -2.44 8.74
N ILE E 150 64.89 -3.18 7.96
CA ILE E 150 65.18 -4.57 7.66
C ILE E 150 66.55 -4.78 7.02
N GLU E 151 66.97 -3.78 6.26
CA GLU E 151 68.26 -3.85 5.58
C GLU E 151 69.43 -3.33 6.43
N GLY E 152 69.12 -2.81 7.61
CA GLY E 152 70.12 -2.30 8.53
C GLY E 152 70.74 -0.96 8.14
N LYS E 153 70.08 -0.21 7.27
CA LYS E 153 70.57 1.12 6.92
C LYS E 153 70.24 2.12 8.02
N ILE E 154 69.25 1.76 8.83
CA ILE E 154 68.92 2.52 10.03
C ILE E 154 68.70 1.51 11.15
N ASP E 155 68.70 2.00 12.39
CA ASP E 155 68.59 1.11 13.55
C ASP E 155 67.15 0.99 14.01
N ALA E 156 66.46 2.12 13.94
CA ALA E 156 65.02 2.17 14.18
C ALA E 156 64.45 3.33 13.34
N GLY E 157 63.12 3.34 13.17
CA GLY E 157 62.49 4.43 12.45
C GLY E 157 61.03 4.58 12.80
N ILE E 158 60.43 5.71 12.39
CA ILE E 158 59.05 6.03 12.71
C ILE E 158 58.02 5.34 11.81
N GLY E 159 56.93 4.82 12.39
CA GLY E 159 55.94 4.08 11.62
C GLY E 159 54.64 3.75 12.35
N ILE E 160 53.74 3.09 11.62
CA ILE E 160 52.39 2.78 12.08
C ILE E 160 52.31 1.30 12.42
N GLU E 161 51.68 0.99 13.55
CA GLU E 161 51.56 -0.38 13.98
C GLU E 161 50.96 -1.33 12.92
N CYS E 162 50.12 -0.80 12.04
CA CYS E 162 49.36 -1.67 11.14
C CYS E 162 49.94 -1.66 9.76
N MET E 163 51.10 -1.01 9.61
CA MET E 163 51.78 -1.00 8.31
C MET E 163 53.24 -1.37 8.45
N GLN E 164 54.08 -0.42 8.90
CA GLN E 164 55.48 -0.72 9.12
C GLN E 164 55.73 -1.87 10.10
N GLN E 165 55.05 -1.88 11.22
CA GLN E 165 55.27 -2.95 12.18
C GLN E 165 54.97 -4.31 11.56
N VAL E 166 53.90 -4.40 10.79
CA VAL E 166 53.55 -5.66 10.13
C VAL E 166 54.64 -6.07 9.15
N GLU E 167 55.28 -5.09 8.50
CA GLU E 167 56.27 -5.42 7.49
C GLU E 167 57.45 -6.04 8.19
N LEU E 168 57.71 -5.58 9.41
CA LEU E 168 58.81 -6.13 10.19
C LEU E 168 58.46 -7.55 10.66
N GLU E 169 57.22 -7.74 11.10
CA GLU E 169 56.81 -9.02 11.63
C GLU E 169 56.92 -10.08 10.58
N GLU E 170 56.48 -9.73 9.37
CA GLU E 170 56.56 -10.65 8.26
C GLU E 170 58.01 -10.96 7.89
N TYR E 171 58.89 -9.97 7.99
CA TYR E 171 60.32 -10.22 7.79
C TYR E 171 60.88 -11.17 8.84
N LEU E 172 60.51 -10.93 10.09
CA LEU E 172 60.94 -11.78 11.18
C LEU E 172 60.50 -13.22 10.94
N ALA E 173 59.26 -13.42 10.50
CA ALA E 173 58.77 -14.79 10.26
C ALA E 173 59.66 -15.52 9.26
N LYS E 174 60.20 -14.79 8.28
CA LYS E 174 61.13 -15.36 7.31
C LYS E 174 62.43 -15.79 7.99
N GLN E 175 62.98 -14.94 8.85
CA GLN E 175 64.18 -15.26 9.63
C GLN E 175 63.90 -16.26 10.75
N GLY E 176 62.66 -16.72 10.86
CA GLY E 176 62.28 -17.67 11.89
C GLY E 176 62.15 -17.07 13.27
N ARG E 177 62.53 -15.79 13.41
CA ARG E 177 62.30 -15.03 14.64
C ARG E 177 60.79 -14.86 14.94
N PRO E 178 60.44 -14.62 16.21
CA PRO E 178 59.02 -14.44 16.60
C PRO E 178 58.54 -13.01 16.34
N ALA E 179 57.25 -12.84 16.07
CA ALA E 179 56.72 -11.52 15.79
C ALA E 179 57.01 -10.55 16.93
N SER E 180 57.08 -11.06 18.15
CA SER E 180 57.32 -10.22 19.32
C SER E 180 58.63 -9.44 19.24
N ASP E 181 59.52 -9.83 18.31
CA ASP E 181 60.83 -9.20 18.23
C ASP E 181 60.76 -7.84 17.54
N ALA E 182 59.61 -7.60 16.94
CA ALA E 182 59.32 -6.30 16.33
C ALA E 182 58.72 -5.39 17.41
N LYS E 183 59.48 -4.38 17.80
CA LYS E 183 59.09 -3.56 18.94
C LYS E 183 58.89 -2.07 18.63
N MET E 184 58.02 -1.43 19.41
CA MET E 184 57.75 -0.01 19.21
C MET E 184 57.88 0.79 20.51
N LEU E 185 58.64 1.86 20.45
CA LEU E 185 58.61 2.89 21.49
C LEU E 185 57.48 3.83 21.13
N ARG E 186 56.35 3.75 21.81
CA ARG E 186 55.21 4.58 21.40
C ARG E 186 55.35 6.06 21.78
N ILE E 187 55.05 6.94 20.83
CA ILE E 187 55.08 8.40 21.04
C ILE E 187 53.82 8.85 21.75
N ASP E 188 52.83 7.95 21.75
CA ASP E 188 51.59 8.15 22.49
C ASP E 188 51.84 8.08 23.99
N LYS E 189 52.61 7.07 24.40
CA LYS E 189 52.89 6.82 25.82
C LYS E 189 54.05 7.64 26.41
N LEU E 190 55.09 7.94 25.63
CA LEU E 190 56.21 8.69 26.22
C LEU E 190 56.21 10.21 25.93
N ALA E 191 55.92 10.60 24.69
CA ALA E 191 55.89 12.02 24.38
C ALA E 191 54.82 12.69 25.22
N CYS E 192 53.68 12.02 25.32
CA CYS E 192 52.51 12.61 25.97
C CYS E 192 51.69 11.53 26.67
N CYS E 195 47.34 10.70 22.85
CA CYS E 195 47.45 11.52 21.65
C CYS E 195 48.28 10.86 20.54
N CYS E 196 48.10 9.55 20.33
CA CYS E 196 48.69 8.86 19.17
C CYS E 196 47.90 9.27 17.93
N CYS E 197 47.06 10.27 18.14
CA CYS E 197 46.16 10.81 17.13
C CYS E 197 46.88 11.61 16.04
N PHE E 198 48.19 11.85 16.20
CA PHE E 198 48.89 12.67 15.21
C PHE E 198 48.84 11.99 13.84
N CYS E 199 48.87 10.65 13.81
CA CYS E 199 48.81 9.93 12.53
C CYS E 199 47.44 9.38 12.16
N THR E 200 46.37 9.98 12.67
CA THR E 200 45.04 9.75 12.16
C THR E 200 45.06 10.23 10.71
N VAL E 201 44.47 9.45 9.79
CA VAL E 201 44.46 9.85 8.38
C VAL E 201 43.11 10.44 7.95
N LEU E 202 43.15 11.65 7.41
CA LEU E 202 41.95 12.43 7.15
C LEU E 202 41.67 12.64 5.69
N TYR E 203 40.39 12.77 5.36
CA TYR E 203 39.96 13.28 4.07
C TYR E 203 40.04 14.80 4.12
N ILE E 204 40.89 15.40 3.29
CA ILE E 204 41.03 16.86 3.26
C ILE E 204 40.71 17.51 1.92
N CYS E 205 40.21 18.75 1.98
CA CYS E 205 39.89 19.53 0.80
C CYS E 205 40.69 20.82 0.78
N ASN E 206 40.89 21.35 -0.42
CA ASN E 206 41.36 22.72 -0.61
C ASN E 206 40.25 23.68 -0.15
N ASP E 207 40.61 24.66 0.68
CA ASP E 207 39.59 25.54 1.27
C ASP E 207 38.73 26.20 0.19
N GLU E 208 39.39 26.68 -0.86
CA GLU E 208 38.69 27.31 -1.97
C GLU E 208 37.79 26.34 -2.71
N PHE E 209 38.29 25.11 -2.93
CA PHE E 209 37.48 24.09 -3.58
C PHE E 209 36.23 23.79 -2.81
N LEU E 210 36.39 23.63 -1.50
CA LEU E 210 35.28 23.32 -0.62
C LEU E 210 34.25 24.45 -0.61
N LYS E 211 34.74 25.69 -0.65
CA LYS E 211 33.86 26.84 -0.69
C LYS E 211 32.96 26.80 -1.92
N LYS E 212 33.56 26.52 -3.08
CA LYS E 212 32.84 26.56 -4.35
C LYS E 212 32.00 25.33 -4.67
N ASN E 213 32.35 24.18 -4.07
CA ASN E 213 31.68 22.93 -4.40
C ASN E 213 31.19 22.13 -3.19
N PRO E 214 30.46 22.77 -2.27
CA PRO E 214 30.05 22.10 -1.03
C PRO E 214 29.27 20.83 -1.27
N GLU E 215 28.43 20.84 -2.29
CA GLU E 215 27.53 19.73 -2.55
C GLU E 215 28.26 18.53 -3.11
N LYS E 216 29.29 18.79 -3.90
CA LYS E 216 30.11 17.71 -4.49
C LYS E 216 30.90 16.97 -3.41
N VAL E 217 31.50 17.73 -2.49
CA VAL E 217 32.12 17.16 -1.31
C VAL E 217 31.11 16.35 -0.49
N ARG E 218 29.91 16.88 -0.29
CA ARG E 218 28.92 16.13 0.47
C ARG E 218 28.64 14.82 -0.25
N LYS E 219 28.60 14.87 -1.58
CA LYS E 219 28.26 13.69 -2.35
C LYS E 219 29.45 12.76 -2.36
N PHE E 220 30.64 13.32 -2.38
CA PHE E 220 31.85 12.53 -2.30
C PHE E 220 31.84 11.66 -1.05
N LEU E 221 31.59 12.27 0.10
CA LEU E 221 31.59 11.56 1.37
C LEU E 221 30.45 10.52 1.44
N LYS E 222 29.34 10.76 0.75
CA LYS E 222 28.27 9.77 0.66
C LYS E 222 28.77 8.52 -0.03
N ALA E 223 29.49 8.70 -1.12
CA ALA E 223 30.09 7.56 -1.84
C ALA E 223 31.11 6.87 -0.97
N ILE E 224 32.00 7.64 -0.36
CA ILE E 224 32.98 7.09 0.57
C ILE E 224 32.34 6.31 1.74
N LYS E 225 31.25 6.84 2.27
CA LYS E 225 30.53 6.17 3.33
C LYS E 225 29.96 4.84 2.86
N LYS E 226 29.31 4.83 1.72
CA LYS E 226 28.74 3.60 1.20
C LYS E 226 29.80 2.52 1.10
N ALA E 227 30.97 2.86 0.58
CA ALA E 227 32.04 1.89 0.42
C ALA E 227 32.64 1.48 1.75
N THR E 228 32.77 2.44 2.66
CA THR E 228 33.31 2.18 3.99
C THR E 228 32.44 1.17 4.74
N ASP E 229 31.13 1.30 4.57
CA ASP E 229 30.19 0.32 5.11
C ASP E 229 30.44 -1.08 4.57
N TYR E 230 30.53 -1.19 3.25
CA TYR E 230 30.81 -2.43 2.59
C TYR E 230 32.09 -3.04 3.12
N VAL E 231 33.15 -2.25 3.21
CA VAL E 231 34.42 -2.76 3.68
C VAL E 231 34.32 -3.30 5.10
N LEU E 232 33.58 -2.63 5.97
CA LEU E 232 33.48 -3.08 7.35
C LEU E 232 32.52 -4.27 7.49
N ALA E 233 31.43 -4.23 6.74
CA ALA E 233 30.45 -5.31 6.76
C ALA E 233 31.02 -6.62 6.21
N ASP E 234 31.70 -6.55 5.07
CA ASP E 234 32.23 -7.73 4.43
C ASP E 234 33.65 -7.52 3.94
N PRO E 235 34.61 -7.50 4.88
CA PRO E 235 36.00 -7.17 4.58
C PRO E 235 36.61 -8.07 3.53
N VAL E 236 36.20 -9.34 3.51
CA VAL E 236 36.88 -10.31 2.66
C VAL E 236 36.51 -10.16 1.19
N LYS E 237 35.22 -9.98 0.92
CA LYS E 237 34.80 -9.75 -0.43
C LYS E 237 35.39 -8.43 -0.88
N ALA E 238 35.29 -7.42 -0.03
CA ALA E 238 35.87 -6.12 -0.32
C ALA E 238 37.31 -6.30 -0.74
N TRP E 239 38.11 -7.00 0.05
CA TRP E 239 39.55 -7.11 -0.23
C TRP E 239 39.82 -7.72 -1.59
N LYS E 240 39.03 -8.73 -1.92
CA LYS E 240 39.17 -9.42 -3.20
C LYS E 240 38.92 -8.48 -4.38
N GLU E 241 37.88 -7.64 -4.29
CA GLU E 241 37.63 -6.64 -5.31
C GLU E 241 38.80 -5.67 -5.41
N TYR E 242 39.26 -5.19 -4.27
CA TYR E 242 40.34 -4.23 -4.22
C TYR E 242 41.56 -4.77 -4.98
N ILE E 243 42.03 -5.96 -4.60
CA ILE E 243 43.28 -6.47 -5.17
C ILE E 243 43.13 -6.96 -6.61
N ASP E 244 41.89 -7.05 -7.07
CA ASP E 244 41.61 -7.41 -8.44
C ASP E 244 41.93 -6.21 -9.28
N PHE E 245 41.72 -5.03 -8.69
CA PHE E 245 41.98 -3.77 -9.35
C PHE E 245 43.42 -3.33 -9.14
N LYS E 246 43.94 -3.56 -7.94
CA LYS E 246 45.28 -3.13 -7.59
C LYS E 246 46.10 -4.32 -7.13
N PRO E 247 46.52 -5.16 -8.10
CA PRO E 247 47.27 -6.40 -7.87
C PRO E 247 48.55 -6.25 -7.06
N GLN E 248 49.12 -5.05 -7.02
CA GLN E 248 50.36 -4.86 -6.26
C GLN E 248 50.09 -5.12 -4.80
N LEU E 249 48.81 -5.12 -4.43
CA LEU E 249 48.38 -5.33 -3.05
C LEU E 249 47.96 -6.78 -2.81
N ASN E 250 48.09 -7.62 -3.83
CA ASN E 250 47.72 -9.02 -3.72
C ASN E 250 48.87 -9.90 -3.22
N ASN E 251 49.27 -9.68 -1.98
CA ASN E 251 50.30 -10.50 -1.35
C ASN E 251 49.94 -10.69 0.09
N ASP E 252 50.69 -11.53 0.80
CA ASP E 252 50.31 -11.83 2.16
C ASP E 252 50.59 -10.65 3.10
N LEU E 253 51.69 -9.94 2.88
CA LEU E 253 51.97 -8.77 3.70
C LEU E 253 50.82 -7.79 3.67
N SER E 254 50.33 -7.48 2.47
CA SER E 254 49.25 -6.50 2.30
C SER E 254 47.98 -6.93 3.02
N TYR E 255 47.71 -8.23 3.01
CA TYR E 255 46.53 -8.77 3.66
C TYR E 255 46.65 -8.71 5.19
N LYS E 256 47.84 -8.98 5.71
CA LYS E 256 48.02 -8.92 7.14
C LYS E 256 47.89 -7.46 7.59
N GLN E 257 48.48 -6.54 6.82
CA GLN E 257 48.30 -5.10 7.05
C GLN E 257 46.83 -4.73 7.02
N TYR E 258 46.11 -5.23 6.04
CA TYR E 258 44.68 -4.96 5.92
C TYR E 258 43.95 -5.35 7.17
N GLN E 259 44.25 -6.55 7.69
CA GLN E 259 43.60 -7.03 8.90
C GLN E 259 43.87 -6.17 10.10
N ARG E 260 45.12 -5.79 10.30
CA ARG E 260 45.49 -4.84 11.35
C ARG E 260 44.86 -3.45 11.21
N CYS E 261 44.55 -3.05 9.98
CA CYS E 261 43.90 -1.78 9.71
C CYS E 261 42.42 -1.80 10.08
N TYR E 262 41.82 -2.97 9.98
CA TYR E 262 40.37 -3.13 10.10
C TYR E 262 39.81 -2.42 11.33
N ALA E 263 40.46 -2.62 12.48
CA ALA E 263 39.94 -2.07 13.72
C ALA E 263 40.06 -0.53 13.81
N TYR E 264 40.93 0.06 13.00
CA TYR E 264 41.18 1.50 13.02
C TYR E 264 40.33 2.32 12.05
N PHE E 265 39.68 1.67 11.08
CA PHE E 265 38.86 2.39 10.11
C PHE E 265 37.81 3.13 10.90
N SER E 266 37.51 4.35 10.51
CA SER E 266 36.40 5.09 11.09
C SER E 266 35.13 4.66 10.43
N SER E 267 34.17 4.22 11.22
CA SER E 267 32.91 3.73 10.66
C SER E 267 31.99 4.88 10.28
N SER E 268 32.19 6.02 10.94
CA SER E 268 31.29 7.17 10.79
C SER E 268 31.91 8.29 9.99
N LEU E 269 33.22 8.26 9.82
CA LEU E 269 33.95 9.26 9.06
C LEU E 269 34.09 10.58 9.82
N TYR E 270 33.50 10.65 11.01
CA TYR E 270 33.51 11.89 11.78
C TYR E 270 34.88 12.25 12.28
N ASN E 271 35.21 13.54 12.20
CA ASN E 271 36.37 14.07 12.88
C ASN E 271 36.13 13.98 14.38
N VAL E 272 37.09 13.46 15.12
CA VAL E 272 36.94 13.38 16.57
C VAL E 272 37.45 14.65 17.25
N HIS E 273 36.55 15.38 17.89
CA HIS E 273 36.87 16.67 18.48
C HIS E 273 37.99 16.58 19.50
N ARG E 274 37.90 15.61 20.40
CA ARG E 274 38.92 15.42 21.43
C ARG E 274 40.31 15.32 20.82
N ASP E 275 40.43 14.46 19.81
CA ASP E 275 41.72 14.23 19.16
C ASP E 275 42.29 15.51 18.55
N TRP E 276 41.48 16.21 17.79
CA TRP E 276 41.93 17.43 17.14
C TRP E 276 42.41 18.40 18.20
N LYS E 277 41.64 18.50 19.28
CA LYS E 277 41.98 19.36 20.41
C LYS E 277 43.38 19.04 20.94
N LYS E 278 43.61 17.76 21.25
CA LYS E 278 44.91 17.33 21.75
C LYS E 278 46.07 17.67 20.80
N VAL E 279 45.94 17.29 19.53
CA VAL E 279 47.02 17.46 18.55
C VAL E 279 47.31 18.92 18.26
N THR E 280 46.28 19.75 18.25
CA THR E 280 46.48 21.18 18.11
C THR E 280 47.33 21.70 19.26
N GLY E 281 47.08 21.17 20.46
CA GLY E 281 47.89 21.50 21.62
C GLY E 281 49.34 21.16 21.32
N TYR E 282 49.60 19.87 21.14
CA TYR E 282 50.90 19.38 20.70
C TYR E 282 51.49 20.31 19.65
N GLY E 283 50.68 20.70 18.68
CA GLY E 283 51.14 21.52 17.58
C GLY E 283 51.69 22.85 18.03
N LYS E 284 50.99 23.51 18.94
CA LYS E 284 51.40 24.82 19.46
C LYS E 284 52.66 24.72 20.31
N ARG E 285 52.72 23.72 21.17
CA ARG E 285 53.90 23.47 21.97
C ARG E 285 55.14 23.25 21.10
N LEU E 286 55.02 22.41 20.07
CA LEU E 286 56.13 22.15 19.16
C LEU E 286 56.52 23.35 18.28
N ALA E 287 55.78 24.45 18.42
CA ALA E 287 56.04 25.68 17.66
C ALA E 287 55.60 25.54 16.21
N ILE E 288 55.07 24.37 15.85
CA ILE E 288 54.57 24.12 14.51
C ILE E 288 53.37 25.00 14.21
N LEU E 289 52.61 25.31 15.26
CA LEU E 289 51.41 26.13 15.12
C LEU E 289 51.49 27.42 15.93
N PRO E 290 50.97 28.51 15.35
CA PRO E 290 50.83 29.82 16.00
C PRO E 290 49.96 29.73 17.26
N PRO E 291 50.08 30.69 18.18
CA PRO E 291 49.35 30.72 19.46
C PRO E 291 47.82 30.85 19.30
N ASP E 292 47.39 31.58 18.28
CA ASP E 292 45.96 31.80 18.08
C ASP E 292 45.38 30.84 17.04
N TYR E 293 46.14 29.78 16.73
CA TYR E 293 45.74 28.83 15.67
C TYR E 293 44.44 28.10 15.98
N VAL E 294 43.61 27.95 14.95
CA VAL E 294 42.33 27.26 15.07
C VAL E 294 42.23 26.00 14.21
N SER E 295 41.85 24.87 14.83
CA SER E 295 41.76 23.59 14.17
C SER E 295 40.97 23.67 12.89
N ASN E 296 41.57 23.19 11.79
CA ASN E 296 40.96 23.31 10.46
C ASN E 296 40.21 22.07 9.99
N TYR E 297 39.09 21.76 10.66
CA TYR E 297 38.26 20.63 10.27
C TYR E 297 36.79 20.98 10.33
N THR E 298 35.94 20.09 9.84
CA THR E 298 34.50 20.28 9.97
C THR E 298 33.70 19.03 9.65
N ASN E 299 32.65 18.80 10.41
CA ASN E 299 31.79 17.65 10.16
C ASN E 299 30.53 18.04 9.38
N GLU E 300 30.49 19.27 8.89
CA GLU E 300 29.31 19.78 8.20
C GLU E 300 28.89 18.99 6.97
N TYR E 301 29.86 18.38 6.29
CA TYR E 301 29.57 17.78 5.00
C TYR E 301 29.28 16.29 5.11
N LEU E 302 29.17 15.84 6.36
CA LEU E 302 28.71 14.49 6.66
C LEU E 302 27.20 14.51 6.83
N SER E 303 26.52 13.52 6.26
CA SER E 303 25.07 13.56 6.14
C SER E 303 24.36 12.48 6.96
N TRP E 304 24.93 12.15 8.12
CA TRP E 304 24.38 11.16 9.04
C TRP E 304 24.79 11.54 10.46
N PRO E 305 24.03 11.06 11.46
CA PRO E 305 24.25 11.47 12.84
C PRO E 305 25.66 11.19 13.37
N GLU E 306 26.19 12.14 14.14
CA GLU E 306 27.48 11.97 14.80
C GLU E 306 27.35 10.97 15.93
N PRO E 307 28.39 10.15 16.16
CA PRO E 307 28.34 9.14 17.21
C PRO E 307 28.64 9.74 18.57
N GLU E 308 28.33 9.01 19.63
CA GLU E 308 28.60 9.49 20.98
C GLU E 308 30.08 9.44 21.29
N GLU E 309 30.60 10.51 21.89
CA GLU E 309 32.02 10.56 22.26
C GLU E 309 32.38 9.38 23.14
N VAL E 310 33.53 8.75 22.86
CA VAL E 310 33.99 7.62 23.64
C VAL E 310 34.11 8.00 25.10
N SER E 311 33.44 7.23 25.96
CA SER E 311 33.34 7.55 27.39
C SER E 311 34.70 7.63 28.09
N ASP E 312 35.49 6.57 28.00
CA ASP E 312 36.84 6.56 28.56
C ASP E 312 37.88 6.27 27.50
N PRO E 313 38.41 7.33 26.87
CA PRO E 313 39.34 7.26 25.74
C PRO E 313 40.63 6.52 26.03
N LEU E 314 41.16 6.66 27.25
CA LEU E 314 42.45 6.05 27.57
C LEU E 314 42.33 4.54 27.83
N GLU E 315 41.15 4.08 28.24
CA GLU E 315 40.93 2.66 28.41
C GLU E 315 40.65 2.02 27.06
N ALA E 316 39.95 2.76 26.20
CA ALA E 316 39.73 2.29 24.83
C ALA E 316 41.05 2.13 24.09
N THR E 317 42.03 2.95 24.45
CA THR E 317 43.34 2.88 23.83
C THR E 317 44.16 1.68 24.28
N ARG E 318 44.09 1.35 25.57
CA ARG E 318 44.81 0.19 26.07
C ARG E 318 44.05 -1.08 25.75
N LEU E 319 42.75 -0.97 25.50
CA LEU E 319 41.93 -2.09 25.05
C LEU E 319 42.22 -2.45 23.60
N MET E 320 42.51 -1.42 22.79
CA MET E 320 42.85 -1.60 21.40
C MET E 320 44.18 -2.32 21.28
N ALA E 321 45.14 -1.91 22.09
CA ALA E 321 46.47 -2.53 22.07
C ALA E 321 46.36 -4.03 22.22
N ILE E 322 45.45 -4.46 23.10
CA ILE E 322 45.17 -5.87 23.32
C ILE E 322 44.51 -6.45 22.08
N HIS E 323 43.42 -5.83 21.65
CA HIS E 323 42.65 -6.21 20.45
C HIS E 323 43.55 -6.46 19.24
N GLN E 324 44.52 -5.58 19.04
CA GLN E 324 45.44 -5.67 17.91
C GLN E 324 46.44 -6.81 18.07
N GLU E 325 46.83 -7.09 19.30
CA GLU E 325 47.70 -8.22 19.57
C GLU E 325 46.97 -9.53 19.25
N LYS E 326 45.68 -9.60 19.58
CA LYS E 326 44.85 -10.75 19.24
C LYS E 326 44.74 -10.87 17.72
N CYS E 327 44.53 -9.76 17.03
CA CYS E 327 44.43 -9.76 15.59
C CYS E 327 45.68 -10.37 14.96
N ARG E 328 46.83 -10.05 15.53
CA ARG E 328 48.10 -10.55 14.99
C ARG E 328 48.22 -12.06 15.03
N GLN E 329 47.81 -12.68 16.13
CA GLN E 329 48.00 -14.10 16.32
C GLN E 329 46.79 -14.95 15.89
N GLU E 330 45.64 -14.31 15.70
CA GLU E 330 44.45 -15.03 15.30
C GLU E 330 44.10 -14.81 13.83
N GLY E 331 44.66 -13.76 13.24
CA GLY E 331 44.36 -13.37 11.87
C GLY E 331 42.88 -13.20 11.58
N THR E 332 42.25 -12.21 12.24
CA THR E 332 40.79 -12.05 12.19
C THR E 332 40.38 -10.63 11.84
N PHE E 333 39.11 -10.47 11.49
CA PHE E 333 38.53 -9.16 11.27
C PHE E 333 37.51 -8.84 12.36
N LYS E 334 37.95 -8.13 13.39
CA LYS E 334 37.04 -7.74 14.46
C LYS E 334 37.17 -6.29 14.79
N ARG E 335 36.04 -5.63 14.99
CA ARG E 335 36.01 -4.24 15.45
C ARG E 335 36.15 -4.17 16.97
N LEU E 336 36.85 -3.16 17.47
CA LEU E 336 36.99 -3.01 18.92
C LEU E 336 35.65 -2.71 19.57
N ALA E 337 35.31 -3.47 20.61
CA ALA E 337 34.04 -3.31 21.32
C ALA E 337 34.18 -2.48 22.60
N LEU E 338 33.19 -1.64 22.88
CA LEU E 338 33.23 -0.73 24.05
C LEU E 338 31.98 -0.79 24.92
N ASP F 4 54.66 26.33 -5.30
CA ASP F 4 55.34 26.52 -6.60
C ASP F 4 56.13 25.28 -7.06
N LYS F 5 55.64 24.10 -6.70
CA LYS F 5 56.17 22.86 -7.25
C LYS F 5 55.65 22.69 -8.67
N ILE F 6 56.42 21.99 -9.51
CA ILE F 6 55.92 21.55 -10.82
C ILE F 6 55.40 20.10 -10.79
N THR F 7 54.16 19.92 -11.24
CA THR F 7 53.57 18.59 -11.25
C THR F 7 53.88 17.79 -12.52
N PHE F 8 54.43 16.60 -12.31
CA PHE F 8 54.69 15.69 -13.41
C PHE F 8 53.90 14.40 -13.21
N LEU F 9 52.94 14.14 -14.09
CA LEU F 9 52.06 12.98 -13.96
C LEU F 9 52.36 11.87 -14.99
N LEU F 10 52.78 10.71 -14.49
CA LEU F 10 53.11 9.56 -15.34
C LEU F 10 51.89 9.09 -16.13
N ASN F 11 52.12 8.20 -17.10
CA ASN F 11 51.01 7.67 -17.92
C ASN F 11 50.43 6.35 -17.40
N TRP F 12 51.06 5.78 -16.37
CA TRP F 12 50.78 4.43 -15.91
C TRP F 12 51.18 4.35 -14.42
N GLN F 13 50.92 3.23 -13.71
CA GLN F 13 51.66 2.93 -12.46
C GLN F 13 53.15 2.99 -12.73
N PRO F 14 53.98 3.09 -11.69
CA PRO F 14 55.42 3.05 -12.00
C PRO F 14 55.80 1.81 -12.80
N THR F 15 56.52 2.03 -13.90
CA THR F 15 56.97 0.94 -14.77
C THR F 15 58.48 1.04 -14.87
N PRO F 16 59.13 -0.06 -15.28
CA PRO F 16 60.56 -0.04 -15.58
C PRO F 16 60.95 1.12 -16.50
N TYR F 17 60.09 1.51 -17.44
CA TYR F 17 60.50 2.56 -18.36
C TYR F 17 60.36 3.98 -17.85
N HIS F 18 59.99 4.14 -16.57
CA HIS F 18 59.91 5.47 -15.96
C HIS F 18 61.23 5.79 -15.31
N ILE F 19 62.13 4.82 -15.30
CA ILE F 19 63.41 4.98 -14.62
C ILE F 19 64.11 6.34 -14.81
N PRO F 20 64.16 6.86 -16.05
CA PRO F 20 64.92 8.11 -16.23
C PRO F 20 64.37 9.26 -15.38
N ILE F 21 63.06 9.26 -15.18
CA ILE F 21 62.42 10.31 -14.41
C ILE F 21 62.71 10.15 -12.94
N PHE F 22 62.42 8.99 -12.38
CA PHE F 22 62.69 8.76 -10.98
C PHE F 22 64.16 8.96 -10.62
N LEU F 23 65.07 8.61 -11.52
CA LEU F 23 66.49 8.79 -11.25
C LEU F 23 66.83 10.29 -11.26
N ALA F 24 66.25 11.04 -12.20
CA ALA F 24 66.52 12.48 -12.24
C ALA F 24 66.13 13.07 -10.91
N GLN F 25 65.17 12.42 -10.24
CA GLN F 25 64.71 12.85 -8.93
C GLN F 25 65.69 12.42 -7.84
N THR F 26 65.93 11.12 -7.75
CA THR F 26 66.74 10.54 -6.67
C THR F 26 68.21 10.98 -6.72
N LYS F 27 68.75 11.11 -7.93
CA LYS F 27 70.15 11.50 -8.11
C LYS F 27 70.40 13.00 -7.98
N GLY F 28 69.33 13.77 -7.79
CA GLY F 28 69.44 15.20 -7.57
C GLY F 28 69.60 16.05 -8.81
N TYR F 29 69.28 15.48 -9.96
CA TYR F 29 69.43 16.22 -11.21
C TYR F 29 68.38 17.32 -11.33
N PHE F 30 67.17 17.02 -10.88
CA PHE F 30 66.14 18.05 -10.88
C PHE F 30 66.53 19.17 -9.92
N LYS F 31 66.94 18.79 -8.72
CA LYS F 31 67.37 19.75 -7.71
C LYS F 31 68.49 20.65 -8.23
N GLU F 32 69.51 20.06 -8.85
CA GLU F 32 70.64 20.84 -9.36
C GLU F 32 70.25 21.79 -10.50
N GLN F 33 69.01 21.73 -10.96
CA GLN F 33 68.53 22.64 -11.98
C GLN F 33 67.60 23.69 -11.39
N GLY F 34 67.43 23.64 -10.08
CA GLY F 34 66.52 24.54 -9.39
C GLY F 34 65.06 24.23 -9.65
N LEU F 35 64.78 22.96 -9.97
CA LEU F 35 63.43 22.50 -10.20
C LEU F 35 62.95 21.68 -9.02
N ASP F 36 61.70 21.90 -8.64
CA ASP F 36 61.06 21.13 -7.60
C ASP F 36 59.90 20.33 -8.21
N MET F 37 60.19 19.07 -8.57
CA MET F 37 59.21 18.27 -9.30
C MET F 37 58.38 17.43 -8.36
N ALA F 38 57.07 17.47 -8.54
CA ALA F 38 56.19 16.58 -7.79
C ALA F 38 55.67 15.51 -8.72
N ILE F 39 56.33 14.37 -8.72
CA ILE F 39 55.96 13.26 -9.58
C ILE F 39 54.69 12.55 -9.08
N LEU F 40 53.65 12.50 -9.91
CA LEU F 40 52.43 11.81 -9.53
C LEU F 40 52.14 10.59 -10.42
N GLU F 41 51.51 9.58 -9.84
CA GLU F 41 51.10 8.40 -10.60
C GLU F 41 49.58 8.32 -10.64
N PRO F 42 49.02 8.05 -11.82
CA PRO F 42 47.57 8.00 -11.99
C PRO F 42 46.99 6.65 -11.57
N THR F 43 45.71 6.66 -11.22
CA THR F 43 45.01 5.43 -10.93
C THR F 43 44.38 4.94 -12.24
N ASN F 44 44.18 5.89 -13.15
CA ASN F 44 43.55 5.64 -14.44
C ASN F 44 44.14 6.51 -15.55
N PRO F 45 44.78 5.92 -16.58
CA PRO F 45 45.52 6.78 -17.52
C PRO F 45 44.63 7.64 -18.43
N SER F 46 43.37 7.23 -18.57
CA SER F 46 42.36 8.04 -19.26
C SER F 46 42.09 9.37 -18.56
N ASP F 47 42.51 9.48 -17.28
CA ASP F 47 42.46 10.75 -16.57
C ASP F 47 43.61 11.68 -17.00
N VAL F 48 44.70 11.10 -17.46
CA VAL F 48 45.96 11.84 -17.62
C VAL F 48 45.93 13.04 -18.60
N THR F 49 45.59 12.84 -19.87
CA THR F 49 45.66 13.96 -20.82
C THR F 49 44.72 15.08 -20.42
N GLU F 50 43.51 14.75 -19.99
CA GLU F 50 42.58 15.78 -19.54
C GLU F 50 43.12 16.62 -18.36
N LEU F 51 43.77 15.99 -17.40
CA LEU F 51 44.36 16.73 -16.28
C LEU F 51 45.48 17.68 -16.73
N ILE F 52 46.34 17.21 -17.63
CA ILE F 52 47.44 18.04 -18.10
C ILE F 52 46.94 19.11 -19.07
N GLY F 53 46.04 18.73 -19.96
CA GLY F 53 45.48 19.67 -20.91
C GLY F 53 44.79 20.83 -20.21
N SER F 54 44.07 20.52 -19.15
CA SER F 54 43.33 21.53 -18.39
C SER F 54 44.20 22.37 -17.44
N GLY F 55 45.50 22.11 -17.38
CA GLY F 55 46.38 22.91 -16.57
C GLY F 55 46.41 22.56 -15.09
N LYS F 56 45.55 21.63 -14.67
CA LYS F 56 45.53 21.19 -13.28
C LYS F 56 46.89 20.59 -12.93
N VAL F 57 47.45 19.86 -13.89
CA VAL F 57 48.78 19.26 -13.79
C VAL F 57 49.65 19.86 -14.88
N ASP F 58 50.93 20.12 -14.58
CA ASP F 58 51.79 20.85 -15.52
C ASP F 58 52.36 19.99 -16.65
N MET F 59 53.01 18.88 -16.28
CA MET F 59 53.63 17.98 -17.26
C MET F 59 53.32 16.51 -16.96
N GLY F 60 53.94 15.60 -17.71
CA GLY F 60 53.67 14.18 -17.58
C GLY F 60 54.03 13.39 -18.82
N LEU F 61 53.53 12.14 -18.90
CA LEU F 61 53.81 11.26 -20.03
C LEU F 61 52.52 10.88 -20.75
N LYS F 62 52.59 10.61 -22.05
CA LYS F 62 51.47 9.95 -22.73
C LYS F 62 51.84 9.46 -24.11
N ALA F 63 51.27 8.31 -24.47
CA ALA F 63 51.49 7.74 -25.79
C ALA F 63 51.14 8.79 -26.84
N MET F 64 51.78 8.69 -28.00
CA MET F 64 51.63 9.67 -29.06
C MET F 64 50.20 9.82 -29.56
N ILE F 65 49.50 8.71 -29.71
CA ILE F 65 48.14 8.76 -30.21
C ILE F 65 47.24 9.62 -29.30
N HIS F 66 47.44 9.53 -28.00
CA HIS F 66 46.69 10.26 -26.99
C HIS F 66 47.00 11.72 -26.98
N THR F 67 48.25 12.06 -27.12
CA THR F 67 48.67 13.44 -27.20
C THR F 67 48.04 14.08 -28.41
N LEU F 68 47.96 13.33 -29.50
CA LEU F 68 47.33 13.87 -30.69
C LEU F 68 45.87 14.08 -30.41
N ALA F 69 45.18 13.02 -30.04
CA ALA F 69 43.76 13.11 -29.71
C ALA F 69 43.44 14.13 -28.60
N ALA F 70 44.40 14.42 -27.74
CA ALA F 70 44.15 15.34 -26.64
C ALA F 70 43.84 16.74 -27.14
N LYS F 71 44.62 17.24 -28.10
CA LYS F 71 44.40 18.57 -28.65
C LYS F 71 43.14 18.58 -29.46
N ALA F 72 42.98 17.57 -30.31
CA ALA F 72 41.74 17.41 -31.05
C ALA F 72 40.53 17.51 -30.13
N ARG F 73 40.58 16.81 -29.00
CA ARG F 73 39.44 16.72 -28.10
C ARG F 73 39.33 17.96 -27.17
N GLY F 74 40.21 18.93 -27.40
CA GLY F 74 40.11 20.22 -26.74
C GLY F 74 41.07 20.47 -25.59
N PHE F 75 41.95 19.51 -25.33
CA PHE F 75 42.93 19.69 -24.27
C PHE F 75 44.28 20.02 -24.88
N PRO F 76 44.77 21.23 -24.64
CA PRO F 76 46.01 21.77 -25.20
C PRO F 76 47.28 21.21 -24.55
N VAL F 77 47.82 20.16 -25.15
CA VAL F 77 49.10 19.63 -24.71
C VAL F 77 50.10 19.62 -25.87
N THR F 78 51.37 19.69 -25.55
CA THR F 78 52.39 19.65 -26.54
C THR F 78 53.49 18.66 -26.12
N SER F 79 53.86 17.78 -27.03
CA SER F 79 54.98 16.87 -26.79
C SER F 79 56.29 17.65 -26.93
N VAL F 80 57.11 17.66 -25.90
CA VAL F 80 58.38 18.39 -25.93
C VAL F 80 59.57 17.46 -25.93
N ALA F 81 59.31 16.16 -25.90
CA ALA F 81 60.38 15.18 -25.90
C ALA F 81 59.81 13.77 -25.99
N SER F 82 60.69 12.80 -26.22
CA SER F 82 60.30 11.40 -26.41
C SER F 82 61.00 10.45 -25.41
N LEU F 83 60.24 9.55 -24.80
CA LEU F 83 60.79 8.69 -23.76
C LEU F 83 61.08 7.29 -24.29
N LEU F 84 60.05 6.66 -24.84
CA LEU F 84 60.12 5.29 -25.34
C LEU F 84 59.69 5.26 -26.80
N ASP F 85 60.59 4.88 -27.70
CA ASP F 85 60.34 4.95 -29.15
C ASP F 85 59.82 3.66 -29.79
N GLU F 86 58.67 3.74 -30.45
CA GLU F 86 58.10 2.64 -31.23
C GLU F 86 58.20 1.25 -30.59
N PRO F 87 57.64 1.08 -29.39
CA PRO F 87 57.59 -0.27 -28.84
C PRO F 87 56.51 -1.06 -29.56
N PHE F 88 56.79 -2.33 -29.87
CA PHE F 88 55.82 -3.16 -30.58
C PHE F 88 54.50 -3.24 -29.82
N THR F 89 53.43 -2.77 -30.46
CA THR F 89 52.10 -2.88 -29.87
C THR F 89 51.26 -3.81 -30.69
N GLY F 90 50.33 -4.50 -30.04
CA GLY F 90 49.47 -5.42 -30.76
C GLY F 90 48.53 -6.14 -29.84
N VAL F 91 47.73 -7.02 -30.40
CA VAL F 91 46.85 -7.87 -29.60
C VAL F 91 47.63 -9.09 -29.13
N LEU F 92 47.79 -9.21 -27.82
CA LEU F 92 48.49 -10.34 -27.23
C LEU F 92 47.51 -11.46 -26.88
N TYR F 93 47.95 -12.70 -27.07
CA TYR F 93 47.15 -13.87 -26.72
C TYR F 93 48.10 -15.02 -26.42
N LEU F 94 47.58 -16.01 -25.70
CA LEU F 94 48.34 -17.24 -25.43
C LEU F 94 47.95 -18.33 -26.44
N LYS F 95 48.95 -19.07 -26.92
CA LYS F 95 48.68 -20.17 -27.85
C LYS F 95 47.68 -21.16 -27.26
N GLY F 96 46.62 -21.43 -28.00
CA GLY F 96 45.56 -22.32 -27.53
C GLY F 96 44.41 -21.54 -26.93
N SER F 97 44.27 -20.29 -27.37
CA SER F 97 43.29 -19.36 -26.79
C SER F 97 41.81 -19.69 -27.02
N GLY F 98 41.42 -20.22 -28.18
CA GLY F 98 42.32 -20.45 -29.30
C GLY F 98 42.27 -19.35 -30.33
N ILE F 99 43.39 -18.67 -30.49
CA ILE F 99 43.47 -17.54 -31.41
C ILE F 99 44.67 -17.77 -32.30
N THR F 100 44.64 -17.23 -33.50
CA THR F 100 45.68 -17.50 -34.47
C THR F 100 46.15 -16.24 -35.17
N LYS F 101 47.12 -16.40 -36.06
CA LYS F 101 47.67 -15.28 -36.80
C LYS F 101 46.60 -14.58 -37.62
N SER F 102 45.50 -15.28 -37.92
CA SER F 102 44.43 -14.66 -38.71
C SER F 102 43.43 -13.86 -37.87
N PHE F 103 43.33 -12.58 -38.08
CA PHE F 103 42.48 -11.78 -37.26
C PHE F 103 41.09 -12.36 -37.22
N GLN F 104 40.74 -13.21 -38.13
CA GLN F 104 39.36 -13.76 -38.16
C GLN F 104 39.04 -14.55 -36.90
N SER F 105 40.07 -15.02 -36.22
CA SER F 105 39.90 -15.79 -34.99
C SER F 105 39.33 -14.95 -33.86
N LEU F 106 39.48 -13.63 -33.98
CA LEU F 106 38.96 -12.73 -32.97
C LEU F 106 37.44 -12.82 -32.85
N LYS F 107 36.80 -13.49 -33.80
CA LYS F 107 35.35 -13.63 -33.78
C LYS F 107 34.86 -14.40 -32.57
N GLY F 108 33.93 -13.79 -31.84
CA GLY F 108 33.34 -14.43 -30.67
C GLY F 108 34.25 -14.49 -29.45
N LYS F 109 35.42 -13.89 -29.54
CA LYS F 109 36.36 -13.86 -28.42
C LYS F 109 36.18 -12.59 -27.59
N LYS F 110 36.60 -12.64 -26.34
CA LYS F 110 36.60 -11.45 -25.49
C LYS F 110 37.97 -10.78 -25.62
N ILE F 111 37.98 -9.51 -26.00
CA ILE F 111 39.22 -8.83 -26.31
C ILE F 111 39.39 -7.61 -25.45
N GLY F 112 40.48 -7.56 -24.71
CA GLY F 112 40.73 -6.50 -23.76
C GLY F 112 41.48 -5.33 -24.35
N TYR F 113 41.10 -4.16 -23.85
CA TYR F 113 41.71 -2.93 -24.24
C TYR F 113 41.89 -2.15 -22.97
N VAL F 114 42.92 -1.33 -22.95
CA VAL F 114 43.21 -0.53 -21.81
C VAL F 114 42.30 0.62 -21.51
N GLY F 115 42.02 1.46 -22.48
CA GLY F 115 41.15 2.56 -22.17
C GLY F 115 40.14 2.91 -23.20
N GLU F 116 40.52 3.56 -24.28
CA GLU F 116 39.51 3.93 -25.23
C GLU F 116 39.95 3.94 -26.65
N PHE F 117 41.22 4.16 -26.87
CA PHE F 117 41.72 4.19 -28.21
C PHE F 117 42.05 2.84 -28.67
N GLY F 118 42.06 1.92 -27.73
CA GLY F 118 42.32 0.53 -28.05
C GLY F 118 41.08 -0.06 -28.66
N LYS F 119 39.93 0.27 -28.09
CA LYS F 119 38.67 -0.20 -28.61
C LYS F 119 38.47 0.38 -29.99
N ILE F 120 38.66 1.68 -30.11
CA ILE F 120 38.53 2.36 -31.39
C ILE F 120 39.43 1.71 -32.42
N GLN F 121 40.62 1.26 -32.03
CA GLN F 121 41.53 0.59 -32.96
C GLN F 121 41.02 -0.78 -33.43
N ILE F 122 40.61 -1.62 -32.50
CA ILE F 122 40.07 -2.91 -32.84
C ILE F 122 38.77 -2.79 -33.63
N ASP F 123 37.86 -1.95 -33.16
CA ASP F 123 36.60 -1.69 -33.85
C ASP F 123 36.81 -1.42 -35.34
N GLU F 124 37.84 -0.66 -35.67
CA GLU F 124 38.10 -0.25 -37.04
C GLU F 124 38.80 -1.37 -37.82
N LEU F 125 39.66 -2.13 -37.16
CA LEU F 125 40.32 -3.26 -37.80
C LEU F 125 39.33 -4.34 -38.25
N THR F 126 38.22 -4.47 -37.53
CA THR F 126 37.22 -5.48 -37.83
C THR F 126 36.62 -5.26 -39.22
N LYS F 127 36.51 -4.01 -39.64
CA LYS F 127 35.94 -3.70 -40.94
C LYS F 127 36.86 -4.17 -42.07
N HIS F 128 38.17 -3.98 -41.90
CA HIS F 128 39.15 -4.38 -42.91
C HIS F 128 39.27 -5.89 -43.07
N TYR F 129 38.57 -6.64 -42.21
CA TYR F 129 38.62 -8.10 -42.26
C TYR F 129 37.23 -8.72 -42.33
N GLY F 130 36.24 -7.92 -42.74
CA GLY F 130 34.91 -8.42 -43.06
C GLY F 130 33.95 -8.51 -41.89
N MET F 131 34.49 -8.53 -40.67
CA MET F 131 33.63 -8.64 -39.50
C MET F 131 33.16 -7.28 -38.98
N LYS F 132 32.14 -7.29 -38.13
CA LYS F 132 31.57 -6.06 -37.62
C LYS F 132 31.76 -5.92 -36.12
N PRO F 133 31.93 -4.69 -35.63
CA PRO F 133 31.62 -4.49 -34.20
C PRO F 133 30.09 -4.59 -34.01
N GLU F 134 29.62 -5.67 -33.39
CA GLU F 134 30.48 -6.57 -32.65
C GLU F 134 30.24 -8.03 -32.96
N ASP F 135 31.23 -8.63 -33.62
CA ASP F 135 31.31 -10.08 -33.75
C ASP F 135 32.26 -10.53 -32.66
N TYR F 136 32.67 -9.57 -31.84
CA TYR F 136 33.59 -9.81 -30.74
C TYR F 136 33.21 -8.91 -29.56
N THR F 137 33.58 -9.31 -28.35
CA THR F 137 33.30 -8.49 -27.17
C THR F 137 34.52 -7.73 -26.69
N ALA F 138 34.42 -6.41 -26.63
CA ALA F 138 35.51 -5.57 -26.13
C ALA F 138 35.36 -5.32 -24.63
N VAL F 139 36.46 -5.51 -23.91
CA VAL F 139 36.42 -5.38 -22.45
C VAL F 139 37.46 -4.38 -21.95
N ARG F 140 37.01 -3.33 -21.25
CA ARG F 140 37.95 -2.36 -20.69
C ARG F 140 38.66 -2.96 -19.49
N CYS F 141 40.00 -2.95 -19.51
CA CYS F 141 40.78 -3.63 -18.49
C CYS F 141 41.76 -2.71 -17.79
N GLY F 142 41.88 -1.49 -18.30
CA GLY F 142 42.84 -0.56 -17.75
C GLY F 142 44.23 -1.14 -17.68
N MET F 143 44.87 -0.95 -16.54
CA MET F 143 46.28 -1.35 -16.46
C MET F 143 46.45 -2.84 -16.24
N ASN F 144 45.36 -3.57 -16.36
CA ASN F 144 45.35 -4.99 -16.04
C ASN F 144 45.12 -5.95 -17.22
N VAL F 145 45.45 -5.53 -18.45
CA VAL F 145 45.19 -6.39 -19.60
C VAL F 145 45.89 -7.75 -19.48
N ALA F 146 47.20 -7.75 -19.28
CA ALA F 146 47.91 -9.03 -19.24
C ALA F 146 47.38 -9.88 -18.11
N LYS F 147 47.18 -9.29 -16.95
CA LYS F 147 46.65 -10.03 -15.82
C LYS F 147 45.33 -10.72 -16.15
N TYR F 148 44.41 -10.02 -16.77
CA TYR F 148 43.11 -10.60 -17.13
C TYR F 148 43.22 -11.67 -18.21
N ILE F 149 44.27 -11.60 -19.03
CA ILE F 149 44.51 -12.64 -20.02
C ILE F 149 44.87 -13.92 -19.29
N ILE F 150 45.88 -13.84 -18.44
CA ILE F 150 46.34 -14.98 -17.66
C ILE F 150 45.25 -15.67 -16.83
N GLU F 151 44.27 -14.88 -16.38
CA GLU F 151 43.21 -15.43 -15.55
C GLU F 151 42.03 -15.92 -16.38
N GLY F 152 42.12 -15.74 -17.71
CA GLY F 152 41.07 -16.16 -18.62
C GLY F 152 39.78 -15.34 -18.62
N LYS F 153 39.84 -14.12 -18.13
CA LYS F 153 38.66 -13.25 -18.14
C LYS F 153 38.51 -12.62 -19.52
N ILE F 154 39.59 -12.60 -20.27
CA ILE F 154 39.57 -12.23 -21.68
C ILE F 154 40.43 -13.23 -22.45
N ASP F 155 40.26 -13.30 -23.77
CA ASP F 155 40.96 -14.29 -24.57
C ASP F 155 42.25 -13.73 -25.15
N ALA F 156 42.19 -12.45 -25.50
CA ALA F 156 43.36 -11.69 -25.91
C ALA F 156 43.14 -10.24 -25.52
N GLY F 157 44.20 -9.44 -25.52
CA GLY F 157 44.10 -8.02 -25.16
C GLY F 157 45.25 -7.19 -25.70
N ILE F 158 45.07 -5.86 -25.76
CA ILE F 158 46.08 -4.98 -26.34
C ILE F 158 47.22 -4.65 -25.40
N GLY F 159 48.44 -4.62 -25.92
CA GLY F 159 49.59 -4.37 -25.07
C GLY F 159 50.92 -4.14 -25.74
N ILE F 160 51.94 -3.88 -24.91
CA ILE F 160 53.30 -3.60 -25.36
C ILE F 160 54.19 -4.84 -25.22
N GLU F 161 54.99 -5.08 -26.25
CA GLU F 161 55.91 -6.22 -26.26
C GLU F 161 56.85 -6.29 -25.03
N CYS F 162 57.25 -5.13 -24.50
CA CYS F 162 58.24 -5.10 -23.43
C CYS F 162 57.61 -4.96 -22.06
N MET F 163 56.29 -5.05 -22.01
CA MET F 163 55.57 -4.99 -20.74
C MET F 163 54.58 -6.13 -20.65
N GLN F 164 53.42 -5.99 -21.29
CA GLN F 164 52.41 -7.04 -21.21
C GLN F 164 52.93 -8.40 -21.71
N GLN F 165 53.59 -8.42 -22.86
CA GLN F 165 54.11 -9.67 -23.40
C GLN F 165 55.04 -10.37 -22.41
N VAL F 166 55.97 -9.62 -21.82
CA VAL F 166 56.85 -10.19 -20.81
C VAL F 166 56.07 -10.76 -19.63
N GLU F 167 54.96 -10.12 -19.24
CA GLU F 167 54.19 -10.60 -18.10
C GLU F 167 53.59 -11.94 -18.42
N LEU F 168 53.29 -12.15 -19.71
CA LEU F 168 52.75 -13.42 -20.17
C LEU F 168 53.83 -14.50 -20.21
N GLU F 169 54.98 -14.12 -20.74
CA GLU F 169 56.09 -15.05 -20.84
C GLU F 169 56.47 -15.58 -19.49
N GLU F 170 56.58 -14.67 -18.53
CA GLU F 170 56.89 -15.08 -17.17
C GLU F 170 55.84 -16.02 -16.58
N TYR F 171 54.58 -15.78 -16.89
CA TYR F 171 53.50 -16.65 -16.46
C TYR F 171 53.66 -18.02 -17.10
N LEU F 172 53.96 -18.02 -18.38
CA LEU F 172 54.14 -19.28 -19.10
C LEU F 172 55.28 -20.09 -18.46
N ALA F 173 56.38 -19.42 -18.12
CA ALA F 173 57.51 -20.10 -17.51
C ALA F 173 57.08 -20.85 -16.24
N LYS F 174 56.17 -20.25 -15.49
CA LYS F 174 55.61 -20.92 -14.31
C LYS F 174 54.83 -22.17 -14.68
N GLN F 175 53.99 -22.09 -15.72
CA GLN F 175 53.25 -23.25 -16.20
C GLN F 175 54.14 -24.26 -16.95
N GLY F 176 55.43 -23.96 -17.02
CA GLY F 176 56.38 -24.79 -17.76
C GLY F 176 56.26 -24.69 -19.29
N ARG F 177 55.27 -23.95 -19.79
CA ARG F 177 55.13 -23.65 -21.21
C ARG F 177 56.32 -22.79 -21.70
N PRO F 178 56.59 -22.81 -23.01
CA PRO F 178 57.68 -22.01 -23.59
C PRO F 178 57.27 -20.55 -23.85
N ALA F 179 58.24 -19.64 -23.78
CA ALA F 179 57.94 -18.22 -23.98
C ALA F 179 57.25 -17.99 -25.33
N SER F 180 57.58 -18.81 -26.32
CA SER F 180 57.02 -18.66 -27.67
C SER F 180 55.51 -18.80 -27.70
N ASP F 181 54.91 -19.26 -26.61
CA ASP F 181 53.46 -19.47 -26.58
C ASP F 181 52.70 -18.18 -26.34
N ALA F 182 53.46 -17.14 -26.00
CA ALA F 182 52.93 -15.79 -25.83
C ALA F 182 53.02 -15.08 -27.17
N LYS F 183 51.88 -14.85 -27.80
CA LYS F 183 51.84 -14.38 -29.19
C LYS F 183 51.15 -13.03 -29.40
N MET F 184 51.58 -12.30 -30.43
CA MET F 184 51.04 -10.99 -30.74
C MET F 184 50.63 -10.86 -32.19
N LEU F 185 49.39 -10.45 -32.42
CA LEU F 185 48.96 -9.94 -33.71
C LEU F 185 49.33 -8.46 -33.78
N ARG F 186 50.37 -8.12 -34.53
CA ARG F 186 50.85 -6.74 -34.53
C ARG F 186 49.98 -5.79 -35.35
N CYS F 195 54.13 1.85 -38.58
CA CYS F 195 53.47 2.80 -37.68
C CYS F 195 53.06 2.20 -36.34
N CYS F 196 53.91 1.37 -35.75
CA CYS F 196 53.68 0.87 -34.39
C CYS F 196 54.01 2.02 -33.43
N CYS F 197 54.16 3.19 -34.02
CA CYS F 197 54.53 4.40 -33.34
C CYS F 197 53.41 4.96 -32.47
N PHE F 198 52.20 4.40 -32.57
CA PHE F 198 51.08 4.94 -31.80
C PHE F 198 51.36 4.89 -30.31
N CYS F 199 52.07 3.85 -29.86
CA CYS F 199 52.37 3.76 -28.44
C CYS F 199 53.79 4.18 -28.08
N THR F 200 54.37 5.09 -28.86
CA THR F 200 55.57 5.80 -28.42
C THR F 200 55.20 6.61 -27.18
N VAL F 201 56.03 6.61 -26.15
CA VAL F 201 55.69 7.38 -24.95
C VAL F 201 56.44 8.71 -24.87
N LEU F 202 55.69 9.80 -24.71
CA LEU F 202 56.22 11.14 -24.84
C LEU F 202 56.21 11.92 -23.54
N TYR F 203 57.17 12.83 -23.40
CA TYR F 203 57.12 13.87 -22.37
C TYR F 203 56.23 14.99 -22.87
N ILE F 204 55.12 15.25 -22.21
CA ILE F 204 54.19 16.29 -22.65
C ILE F 204 54.01 17.45 -21.66
N CYS F 205 53.70 18.64 -22.17
CA CYS F 205 53.44 19.80 -21.34
C CYS F 205 52.07 20.38 -21.63
N ASN F 206 51.53 21.07 -20.63
CA ASN F 206 50.37 21.90 -20.84
C ASN F 206 50.81 23.09 -21.68
N ASP F 207 50.07 23.39 -22.74
CA ASP F 207 50.47 24.43 -23.67
C ASP F 207 50.70 25.75 -22.93
N GLU F 208 49.77 26.11 -22.07
CA GLU F 208 49.91 27.33 -21.27
C GLU F 208 51.14 27.30 -20.36
N PHE F 209 51.38 26.17 -19.70
CA PHE F 209 52.54 26.05 -18.81
C PHE F 209 53.82 26.24 -19.58
N LEU F 210 53.88 25.66 -20.78
CA LEU F 210 55.08 25.71 -21.61
C LEU F 210 55.33 27.15 -22.05
N LYS F 211 54.24 27.84 -22.37
CA LYS F 211 54.33 29.24 -22.79
C LYS F 211 54.97 30.09 -21.70
N LYS F 212 54.53 29.90 -20.47
CA LYS F 212 54.97 30.72 -19.34
C LYS F 212 56.31 30.29 -18.70
N ASN F 213 56.71 29.03 -18.89
CA ASN F 213 57.95 28.56 -18.27
C ASN F 213 58.92 27.85 -19.21
N PRO F 214 59.19 28.43 -20.38
CA PRO F 214 60.02 27.75 -21.39
C PRO F 214 61.39 27.30 -20.86
N GLU F 215 61.96 28.07 -19.95
CA GLU F 215 63.30 27.78 -19.46
C GLU F 215 63.29 26.66 -18.45
N LYS F 216 62.21 26.53 -17.68
CA LYS F 216 62.09 25.42 -16.73
C LYS F 216 61.94 24.07 -17.44
N VAL F 217 61.13 24.06 -18.48
CA VAL F 217 61.02 22.90 -19.36
C VAL F 217 62.39 22.54 -19.94
N ARG F 218 63.09 23.55 -20.45
CA ARG F 218 64.41 23.29 -21.04
C ARG F 218 65.33 22.66 -19.99
N LYS F 219 65.19 23.13 -18.76
CA LYS F 219 66.02 22.62 -17.67
C LYS F 219 65.55 21.24 -17.25
N PHE F 220 64.23 21.06 -17.30
CA PHE F 220 63.67 19.75 -17.02
C PHE F 220 64.29 18.70 -17.94
N LEU F 221 64.29 18.98 -19.24
CA LEU F 221 64.78 18.01 -20.20
C LEU F 221 66.28 17.81 -20.03
N LYS F 222 66.98 18.83 -19.55
CA LYS F 222 68.40 18.67 -19.28
C LYS F 222 68.64 17.63 -18.20
N ALA F 223 67.86 17.72 -17.13
CA ALA F 223 67.95 16.76 -16.05
C ALA F 223 67.56 15.36 -16.53
N ILE F 224 66.43 15.27 -17.26
CA ILE F 224 66.01 14.00 -17.87
C ILE F 224 67.10 13.40 -18.78
N LYS F 225 67.73 14.24 -19.59
CA LYS F 225 68.81 13.78 -20.46
C LYS F 225 69.96 13.20 -19.65
N LYS F 226 70.38 13.91 -18.62
CA LYS F 226 71.49 13.44 -17.82
C LYS F 226 71.22 12.04 -17.28
N ALA F 227 70.00 11.84 -16.78
CA ALA F 227 69.63 10.54 -16.21
C ALA F 227 69.48 9.48 -17.30
N THR F 228 68.94 9.88 -18.44
CA THR F 228 68.73 8.94 -19.53
C THR F 228 70.08 8.38 -19.96
N ASP F 229 71.08 9.26 -20.00
CA ASP F 229 72.44 8.86 -20.34
C ASP F 229 72.94 7.81 -19.35
N TYR F 230 72.85 8.13 -18.06
CA TYR F 230 73.25 7.21 -17.02
C TYR F 230 72.57 5.84 -17.19
N VAL F 231 71.26 5.85 -17.44
CA VAL F 231 70.52 4.60 -17.59
C VAL F 231 71.06 3.77 -18.75
N LEU F 232 71.34 4.43 -19.87
CA LEU F 232 71.82 3.71 -21.06
C LEU F 232 73.28 3.28 -20.90
N ALA F 233 74.09 4.14 -20.29
CA ALA F 233 75.51 3.84 -20.08
C ALA F 233 75.72 2.70 -19.09
N ASP F 234 74.99 2.73 -17.97
CA ASP F 234 75.13 1.72 -16.94
C ASP F 234 73.76 1.27 -16.42
N PRO F 235 73.06 0.47 -17.22
CA PRO F 235 71.69 0.07 -16.90
C PRO F 235 71.59 -0.65 -15.57
N VAL F 236 72.60 -1.42 -15.22
CA VAL F 236 72.48 -2.26 -14.04
C VAL F 236 72.58 -1.47 -12.74
N LYS F 237 73.55 -0.55 -12.68
CA LYS F 237 73.66 0.30 -11.51
C LYS F 237 72.40 1.15 -11.42
N ALA F 238 72.00 1.73 -12.56
CA ALA F 238 70.76 2.49 -12.63
C ALA F 238 69.61 1.69 -12.02
N TRP F 239 69.43 0.46 -12.48
CA TRP F 239 68.30 -0.32 -12.02
C TRP F 239 68.27 -0.44 -10.49
N LYS F 240 69.40 -0.49 -9.82
CA LYS F 240 69.30 -0.62 -8.38
C LYS F 240 69.15 0.75 -7.71
N GLU F 241 69.63 1.80 -8.38
CA GLU F 241 69.32 3.15 -7.96
C GLU F 241 67.80 3.24 -7.89
N TYR F 242 67.14 2.62 -8.86
CA TYR F 242 65.69 2.75 -9.06
C TYR F 242 64.89 1.91 -8.06
N ILE F 243 65.16 0.61 -8.01
CA ILE F 243 64.38 -0.30 -7.15
C ILE F 243 64.67 -0.14 -5.66
N ASP F 244 65.71 0.63 -5.33
CA ASP F 244 66.00 0.89 -3.94
C ASP F 244 64.99 1.92 -3.48
N PHE F 245 64.60 2.79 -4.41
CA PHE F 245 63.60 3.82 -4.15
C PHE F 245 62.17 3.31 -4.34
N LYS F 246 61.98 2.45 -5.34
CA LYS F 246 60.68 1.95 -5.71
C LYS F 246 60.67 0.42 -5.67
N PRO F 247 60.68 -0.16 -4.46
CA PRO F 247 60.78 -1.61 -4.23
C PRO F 247 59.69 -2.44 -4.91
N GLN F 248 58.59 -1.83 -5.30
CA GLN F 248 57.52 -2.60 -5.94
C GLN F 248 58.01 -3.09 -7.28
N LEU F 249 59.13 -2.52 -7.73
CA LEU F 249 59.72 -2.91 -8.99
C LEU F 249 60.89 -3.88 -8.80
N ASN F 250 61.09 -4.30 -7.55
CA ASN F 250 62.20 -5.19 -7.25
C ASN F 250 61.79 -6.65 -7.32
N ASN F 251 61.49 -7.10 -8.54
CA ASN F 251 61.12 -8.50 -8.77
C ASN F 251 61.60 -8.92 -10.12
N ASP F 252 61.50 -10.21 -10.44
CA ASP F 252 62.14 -10.66 -11.64
C ASP F 252 61.37 -10.16 -12.86
N LEU F 253 60.05 -10.17 -12.78
CA LEU F 253 59.24 -9.66 -13.89
C LEU F 253 59.67 -8.26 -14.30
N SER F 254 59.76 -7.39 -13.31
CA SER F 254 60.09 -5.99 -13.58
C SER F 254 61.44 -5.87 -14.27
N TYR F 255 62.37 -6.75 -13.88
CA TYR F 255 63.73 -6.70 -14.42
C TYR F 255 63.74 -7.16 -15.86
N LYS F 256 62.97 -8.20 -16.14
CA LYS F 256 62.89 -8.70 -17.51
C LYS F 256 62.24 -7.65 -18.41
N GLN F 257 61.19 -7.02 -17.90
CA GLN F 257 60.57 -5.89 -18.60
C GLN F 257 61.59 -4.80 -18.87
N TYR F 258 62.42 -4.51 -17.87
CA TYR F 258 63.41 -3.45 -17.97
C TYR F 258 64.34 -3.74 -19.13
N GLN F 259 64.76 -4.99 -19.22
CA GLN F 259 65.71 -5.39 -20.26
C GLN F 259 65.12 -5.23 -21.66
N ARG F 260 63.88 -5.68 -21.81
CA ARG F 260 63.18 -5.51 -23.06
C ARG F 260 62.94 -4.03 -23.41
N CYS F 261 62.84 -3.18 -22.39
CA CYS F 261 62.63 -1.75 -22.63
C CYS F 261 63.91 -1.08 -23.11
N TYR F 262 65.05 -1.63 -22.71
CA TYR F 262 66.34 -0.99 -22.93
C TYR F 262 66.54 -0.50 -24.36
N ALA F 263 66.22 -1.36 -25.33
CA ALA F 263 66.46 -1.05 -26.73
C ALA F 263 65.52 0.02 -27.28
N TYR F 264 64.41 0.26 -26.60
CA TYR F 264 63.41 1.25 -27.02
C TYR F 264 63.60 2.67 -26.44
N PHE F 265 64.37 2.80 -25.37
CA PHE F 265 64.58 4.13 -24.80
C PHE F 265 65.12 5.03 -25.89
N SER F 266 64.68 6.28 -25.92
CA SER F 266 65.22 7.26 -26.82
C SER F 266 66.47 7.81 -26.17
N SER F 267 67.59 7.73 -26.87
CA SER F 267 68.86 8.25 -26.35
C SER F 267 68.97 9.78 -26.47
N SER F 268 68.25 10.35 -27.42
CA SER F 268 68.32 11.77 -27.73
C SER F 268 67.11 12.55 -27.24
N LEU F 269 66.02 11.84 -26.94
CA LEU F 269 64.79 12.48 -26.49
C LEU F 269 64.02 13.19 -27.61
N TYR F 270 64.62 13.24 -28.80
CA TYR F 270 63.97 13.90 -29.93
C TYR F 270 62.66 13.27 -30.38
N ASN F 271 61.67 14.10 -30.66
CA ASN F 271 60.47 13.66 -31.37
C ASN F 271 60.89 13.25 -32.77
N VAL F 272 60.41 12.10 -33.23
CA VAL F 272 60.74 11.65 -34.57
C VAL F 272 59.69 12.11 -35.57
N HIS F 273 60.09 12.98 -36.49
CA HIS F 273 59.14 13.60 -37.42
C HIS F 273 58.34 12.60 -38.25
N ARG F 274 59.04 11.61 -38.81
CA ARG F 274 58.39 10.59 -39.61
C ARG F 274 57.25 9.96 -38.86
N ASP F 275 57.52 9.54 -37.63
CA ASP F 275 56.54 8.86 -36.78
C ASP F 275 55.31 9.72 -36.53
N TRP F 276 55.53 10.95 -36.08
CA TRP F 276 54.44 11.87 -35.85
C TRP F 276 53.62 12.03 -37.11
N LYS F 277 54.30 12.18 -38.24
CA LYS F 277 53.63 12.28 -39.54
C LYS F 277 52.68 11.10 -39.79
N LYS F 278 53.20 9.88 -39.60
CA LYS F 278 52.41 8.68 -39.83
C LYS F 278 51.19 8.58 -38.93
N VAL F 279 51.40 8.77 -37.63
CA VAL F 279 50.33 8.62 -36.66
C VAL F 279 49.24 9.69 -36.81
N THR F 280 49.63 10.90 -37.20
CA THR F 280 48.67 11.95 -37.50
C THR F 280 47.78 11.54 -38.66
N GLY F 281 48.37 10.90 -39.66
CA GLY F 281 47.62 10.34 -40.77
C GLY F 281 46.61 9.35 -40.23
N TYR F 282 47.10 8.30 -39.57
CA TYR F 282 46.25 7.32 -38.92
C TYR F 282 45.13 8.03 -38.16
N GLY F 283 45.49 9.06 -37.42
CA GLY F 283 44.55 9.81 -36.61
C GLY F 283 43.39 10.42 -37.39
N LYS F 284 43.71 11.05 -38.53
CA LYS F 284 42.69 11.67 -39.38
C LYS F 284 41.78 10.64 -40.02
N ARG F 285 42.35 9.54 -40.50
CA ARG F 285 41.56 8.44 -41.08
C ARG F 285 40.59 7.85 -40.07
N LEU F 286 41.06 7.59 -38.85
CA LEU F 286 40.20 7.06 -37.78
C LEU F 286 39.14 8.07 -37.30
N ALA F 287 39.19 9.29 -37.83
CA ALA F 287 38.23 10.35 -37.47
C ALA F 287 38.52 10.93 -36.08
N ILE F 288 39.57 10.45 -35.45
CA ILE F 288 40.00 10.93 -34.15
C ILE F 288 40.50 12.36 -34.26
N LEU F 289 41.04 12.71 -35.43
CA LEU F 289 41.58 14.04 -35.67
C LEU F 289 40.87 14.73 -36.83
N PRO F 290 40.65 16.06 -36.71
CA PRO F 290 40.10 16.94 -37.76
C PRO F 290 40.99 17.00 -38.99
N PRO F 291 40.43 17.39 -40.14
CA PRO F 291 41.13 17.38 -41.42
C PRO F 291 42.33 18.32 -41.47
N ASP F 292 42.22 19.44 -40.77
CA ASP F 292 43.26 20.46 -40.79
C ASP F 292 44.15 20.36 -39.56
N TYR F 293 44.10 19.23 -38.88
CA TYR F 293 44.83 19.06 -37.64
C TYR F 293 46.33 19.12 -37.85
N VAL F 294 47.03 19.73 -36.91
CA VAL F 294 48.48 19.86 -36.98
C VAL F 294 49.15 19.23 -35.77
N SER F 295 50.17 18.43 -36.02
CA SER F 295 50.91 17.70 -34.99
C SER F 295 51.39 18.59 -33.88
N ASN F 296 51.08 18.22 -32.64
CA ASN F 296 51.41 19.03 -31.47
C ASN F 296 52.66 18.60 -30.73
N TYR F 297 53.82 18.76 -31.37
CA TYR F 297 55.09 18.50 -30.72
C TYR F 297 56.13 19.54 -31.08
N THR F 298 57.28 19.49 -30.42
CA THR F 298 58.37 20.38 -30.76
C THR F 298 59.69 20.00 -30.12
N ASN F 299 60.77 20.12 -30.88
CA ASN F 299 62.08 19.79 -30.35
C ASN F 299 62.85 21.02 -29.90
N GLU F 300 62.16 22.16 -29.80
CA GLU F 300 62.80 23.43 -29.43
C GLU F 300 63.46 23.43 -28.07
N TYR F 301 62.93 22.65 -27.14
CA TYR F 301 63.38 22.76 -25.76
C TYR F 301 64.45 21.74 -25.43
N LEU F 302 64.90 21.04 -26.47
CA LEU F 302 66.04 20.15 -26.35
C LEU F 302 67.31 20.93 -26.68
N SER F 303 68.36 20.72 -25.90
CA SER F 303 69.53 21.57 -25.96
C SER F 303 70.77 20.82 -26.45
N TRP F 304 70.58 19.93 -27.43
CA TRP F 304 71.69 19.21 -28.03
C TRP F 304 71.27 18.84 -29.45
N PRO F 305 72.25 18.58 -30.33
CA PRO F 305 71.96 18.33 -31.74
C PRO F 305 71.02 17.15 -31.99
N GLU F 306 70.09 17.35 -32.92
CA GLU F 306 69.20 16.31 -33.40
C GLU F 306 70.02 15.24 -34.13
N PRO F 307 69.61 13.97 -33.99
CA PRO F 307 70.31 12.88 -34.68
C PRO F 307 69.85 12.76 -36.15
N GLU F 308 70.61 12.02 -36.96
CA GLU F 308 70.24 11.78 -38.36
C GLU F 308 69.05 10.82 -38.51
N GLN F 329 66.03 -14.31 -24.86
CA GLN F 329 66.63 -15.61 -24.56
C GLN F 329 68.06 -15.48 -24.03
N GLU F 330 68.64 -14.28 -24.15
CA GLU F 330 70.01 -14.04 -23.67
C GLU F 330 70.04 -13.21 -22.40
N GLY F 331 68.93 -12.51 -22.11
CA GLY F 331 68.84 -11.64 -20.95
C GLY F 331 69.97 -10.62 -20.90
N THR F 332 70.00 -9.72 -21.88
CA THR F 332 71.13 -8.79 -22.06
C THR F 332 70.66 -7.35 -22.20
N PHE F 333 71.60 -6.41 -22.05
CA PHE F 333 71.34 -4.99 -22.33
C PHE F 333 72.10 -4.54 -23.59
N ASP G 4 -57.72 17.59 -18.76
CA ASP G 4 -58.59 17.88 -17.61
C ASP G 4 -58.88 16.66 -16.72
N LYS G 5 -57.90 15.76 -16.63
CA LYS G 5 -57.92 14.69 -15.64
C LYS G 5 -57.58 15.24 -14.26
N ILE G 6 -58.09 14.61 -13.21
CA ILE G 6 -57.65 14.94 -11.86
C ILE G 6 -56.58 13.96 -11.38
N THR G 7 -55.47 14.49 -10.88
CA THR G 7 -54.40 13.62 -10.44
C THR G 7 -54.52 13.24 -8.97
N PHE G 8 -54.45 11.94 -8.70
CA PHE G 8 -54.48 11.44 -7.34
C PHE G 8 -53.23 10.63 -7.09
N LEU G 9 -52.36 11.13 -6.21
CA LEU G 9 -51.08 10.48 -5.94
C LEU G 9 -51.03 9.76 -4.59
N LEU G 10 -50.84 8.44 -4.63
CA LEU G 10 -50.80 7.63 -3.41
C LEU G 10 -49.62 8.06 -2.51
N ASN G 11 -49.61 7.50 -1.30
CA ASN G 11 -48.54 7.76 -0.36
C ASN G 11 -47.42 6.73 -0.49
N TRP G 12 -47.68 5.65 -1.20
CA TRP G 12 -46.81 4.49 -1.14
C TRP G 12 -46.90 3.73 -2.49
N GLN G 13 -46.11 2.68 -2.67
CA GLN G 13 -46.40 1.70 -3.70
C GLN G 13 -47.81 1.20 -3.40
N PRO G 14 -48.48 0.58 -4.37
CA PRO G 14 -49.78 0.02 -4.04
C PRO G 14 -49.72 -0.91 -2.82
N THR G 15 -50.61 -0.66 -1.86
CA THR G 15 -50.70 -1.46 -0.64
C THR G 15 -52.11 -2.00 -0.54
N PRO G 16 -52.30 -3.00 0.30
CA PRO G 16 -53.65 -3.50 0.57
C PRO G 16 -54.61 -2.39 1.00
N TYR G 17 -54.13 -1.36 1.70
CA TYR G 17 -55.07 -0.34 2.20
C TYR G 17 -55.43 0.72 1.17
N HIS G 18 -54.96 0.56 -0.06
CA HIS G 18 -55.35 1.48 -1.12
C HIS G 18 -56.59 0.98 -1.83
N ILE G 19 -57.00 -0.22 -1.46
CA ILE G 19 -58.13 -0.87 -2.10
C ILE G 19 -59.35 0.06 -2.40
N PRO G 20 -59.78 0.89 -1.43
CA PRO G 20 -61.01 1.64 -1.69
C PRO G 20 -60.86 2.54 -2.90
N ILE G 21 -59.65 3.03 -3.14
CA ILE G 21 -59.42 3.95 -4.24
C ILE G 21 -59.41 3.19 -5.55
N PHE G 22 -58.63 2.12 -5.60
CA PHE G 22 -58.57 1.33 -6.82
C PHE G 22 -59.95 0.80 -7.21
N LEU G 23 -60.70 0.34 -6.22
CA LEU G 23 -62.04 -0.15 -6.51
C LEU G 23 -62.95 0.96 -7.05
N ALA G 24 -62.90 2.13 -6.43
CA ALA G 24 -63.71 3.25 -6.93
C ALA G 24 -63.39 3.48 -8.41
N GLN G 25 -62.18 3.14 -8.81
CA GLN G 25 -61.80 3.25 -10.21
C GLN G 25 -62.39 2.10 -11.03
N THR G 26 -62.06 0.86 -10.64
CA THR G 26 -62.39 -0.32 -11.44
C THR G 26 -63.90 -0.55 -11.52
N LYS G 27 -64.59 -0.30 -10.41
CA LYS G 27 -66.04 -0.52 -10.33
C LYS G 27 -66.85 0.59 -10.99
N GLY G 28 -66.17 1.62 -11.46
CA GLY G 28 -66.83 2.69 -12.19
C GLY G 28 -67.49 3.75 -11.33
N TYR G 29 -67.16 3.77 -10.04
CA TYR G 29 -67.74 4.78 -9.16
C TYR G 29 -67.25 6.18 -9.49
N PHE G 30 -65.97 6.31 -9.84
CA PHE G 30 -65.46 7.63 -10.24
C PHE G 30 -66.16 8.06 -11.51
N LYS G 31 -66.16 7.17 -12.50
CA LYS G 31 -66.83 7.43 -13.78
C LYS G 31 -68.28 7.89 -13.59
N GLU G 32 -69.05 7.16 -12.77
CA GLU G 32 -70.45 7.51 -12.55
C GLU G 32 -70.65 8.88 -11.87
N GLN G 33 -69.56 9.51 -11.43
CA GLN G 33 -69.62 10.83 -10.81
C GLN G 33 -69.12 11.90 -11.77
N GLY G 34 -68.78 11.49 -12.98
CA GLY G 34 -68.26 12.41 -13.97
C GLY G 34 -66.84 12.85 -13.65
N LEU G 35 -66.14 12.02 -12.86
CA LEU G 35 -64.76 12.26 -12.53
C LEU G 35 -63.83 11.38 -13.35
N ASP G 36 -62.74 11.98 -13.82
CA ASP G 36 -61.71 11.26 -14.54
C ASP G 36 -60.41 11.29 -13.72
N MET G 37 -60.23 10.26 -12.90
CA MET G 37 -59.11 10.25 -11.98
C MET G 37 -57.88 9.57 -12.60
N ALA G 38 -56.73 10.23 -12.50
CA ALA G 38 -55.47 9.63 -12.90
C ALA G 38 -54.69 9.28 -11.65
N ILE G 39 -54.81 8.03 -11.22
CA ILE G 39 -54.13 7.57 -10.01
C ILE G 39 -52.64 7.34 -10.27
N LEU G 40 -51.81 7.95 -9.44
CA LEU G 40 -50.36 7.82 -9.58
C LEU G 40 -49.72 7.23 -8.31
N GLU G 41 -48.65 6.46 -8.51
CA GLU G 41 -47.89 5.91 -7.40
C GLU G 41 -46.51 6.56 -7.38
N PRO G 42 -46.05 6.98 -6.20
CA PRO G 42 -44.72 7.60 -6.06
C PRO G 42 -43.62 6.56 -5.99
N THR G 43 -42.40 6.97 -6.33
CA THR G 43 -41.21 6.17 -6.18
C THR G 43 -40.63 6.47 -4.82
N ASN G 44 -40.94 7.67 -4.34
CA ASN G 44 -40.44 8.15 -3.07
C ASN G 44 -41.51 8.93 -2.31
N PRO G 45 -42.06 8.32 -1.26
CA PRO G 45 -43.08 8.95 -0.42
C PRO G 45 -42.75 10.42 -0.08
N SER G 46 -41.49 10.72 0.21
CA SER G 46 -41.06 12.08 0.50
C SER G 46 -41.49 13.10 -0.58
N ASP G 47 -41.46 12.71 -1.85
CA ASP G 47 -41.86 13.60 -2.95
C ASP G 47 -43.32 14.03 -2.88
N VAL G 48 -44.13 13.24 -2.20
CA VAL G 48 -45.59 13.41 -2.28
C VAL G 48 -46.17 14.77 -1.82
N THR G 49 -45.97 15.15 -0.56
CA THR G 49 -46.61 16.38 -0.07
C THR G 49 -46.17 17.58 -0.88
N GLU G 50 -44.89 17.66 -1.21
CA GLU G 50 -44.40 18.76 -2.03
C GLU G 50 -45.11 18.84 -3.40
N LEU G 51 -45.28 17.71 -4.07
CA LEU G 51 -45.97 17.69 -5.35
C LEU G 51 -47.43 18.16 -5.26
N ILE G 52 -48.15 17.65 -4.27
CA ILE G 52 -49.54 18.06 -4.07
C ILE G 52 -49.61 19.52 -3.59
N GLY G 53 -48.76 19.89 -2.63
CA GLY G 53 -48.79 21.23 -2.08
C GLY G 53 -48.58 22.25 -3.18
N SER G 54 -47.72 21.89 -4.13
CA SER G 54 -47.31 22.82 -5.18
C SER G 54 -48.30 22.85 -6.34
N GLY G 55 -49.39 22.11 -6.23
CA GLY G 55 -50.42 22.10 -7.28
C GLY G 55 -50.07 21.33 -8.56
N LYS G 56 -48.83 20.82 -8.67
CA LYS G 56 -48.48 19.94 -9.78
C LYS G 56 -49.45 18.72 -9.82
N VAL G 57 -49.77 18.19 -8.64
CA VAL G 57 -50.70 17.07 -8.48
C VAL G 57 -51.86 17.58 -7.64
N ASP G 58 -53.09 17.16 -7.97
CA ASP G 58 -54.29 17.70 -7.33
C ASP G 58 -54.57 17.11 -5.95
N MET G 59 -54.68 15.78 -5.87
CA MET G 59 -54.99 15.12 -4.61
C MET G 59 -54.05 13.95 -4.31
N GLY G 60 -54.33 13.25 -3.22
CA GLY G 60 -53.52 12.09 -2.86
C GLY G 60 -53.65 11.71 -1.40
N LEU G 61 -52.75 10.83 -0.93
CA LEU G 61 -52.76 10.38 0.45
C LEU G 61 -51.41 10.62 1.12
N LYS G 62 -51.42 11.06 2.38
CA LYS G 62 -50.22 10.99 3.22
C LYS G 62 -50.66 10.77 4.66
N ALA G 63 -49.73 10.32 5.49
CA ALA G 63 -50.04 10.13 6.89
C ALA G 63 -50.27 11.51 7.50
N MET G 64 -50.87 11.56 8.68
CA MET G 64 -51.21 12.80 9.37
C MET G 64 -50.04 13.76 9.64
N ILE G 65 -49.07 13.28 10.42
CA ILE G 65 -47.95 14.09 10.83
C ILE G 65 -47.26 14.74 9.62
N HIS G 66 -47.27 14.02 8.49
CA HIS G 66 -46.61 14.47 7.27
C HIS G 66 -47.38 15.57 6.57
N THR G 67 -48.70 15.59 6.83
CA THR G 67 -49.62 16.57 6.25
C THR G 67 -49.57 17.88 7.02
N LEU G 68 -49.61 17.76 8.34
CA LEU G 68 -49.40 18.91 9.19
C LEU G 68 -48.12 19.62 8.76
N ALA G 69 -47.00 18.90 8.80
CA ALA G 69 -45.71 19.48 8.46
C ALA G 69 -45.69 20.08 7.04
N ALA G 70 -46.56 19.59 6.18
CA ALA G 70 -46.60 20.12 4.82
C ALA G 70 -46.94 21.61 4.77
N LYS G 71 -47.98 22.02 5.48
CA LYS G 71 -48.42 23.42 5.50
C LYS G 71 -47.36 24.25 6.23
N ALA G 72 -46.92 23.74 7.38
CA ALA G 72 -45.84 24.37 8.11
C ALA G 72 -44.67 24.66 7.18
N ARG G 73 -44.27 23.66 6.39
CA ARG G 73 -43.10 23.82 5.54
C ARG G 73 -43.40 24.56 4.22
N GLY G 74 -44.61 25.12 4.13
CA GLY G 74 -44.95 25.99 3.02
C GLY G 74 -45.75 25.40 1.88
N PHE G 75 -46.12 24.14 2.01
CA PHE G 75 -46.93 23.49 0.99
C PHE G 75 -48.38 23.39 1.44
N PRO G 76 -49.28 24.13 0.76
CA PRO G 76 -50.70 24.21 1.10
C PRO G 76 -51.51 22.97 0.72
N VAL G 77 -51.70 22.08 1.71
CA VAL G 77 -52.57 20.93 1.54
C VAL G 77 -53.58 20.88 2.67
N THR G 78 -54.75 20.33 2.37
CA THR G 78 -55.79 20.17 3.37
C THR G 78 -56.34 18.74 3.37
N SER G 79 -56.42 18.14 4.56
CA SER G 79 -57.02 16.82 4.70
C SER G 79 -58.52 16.96 4.60
N VAL G 80 -59.13 16.25 3.64
CA VAL G 80 -60.57 16.35 3.42
C VAL G 80 -61.26 15.05 3.80
N ALA G 81 -60.49 14.05 4.23
CA ALA G 81 -61.06 12.78 4.62
C ALA G 81 -59.99 11.86 5.18
N SER G 82 -60.43 10.76 5.79
CA SER G 82 -59.52 9.84 6.47
C SER G 82 -59.64 8.43 5.86
N LEU G 83 -58.52 7.78 5.58
CA LEU G 83 -58.53 6.46 4.98
C LEU G 83 -58.26 5.36 6.01
N LEU G 84 -57.14 5.49 6.74
CA LEU G 84 -56.73 4.47 7.70
C LEU G 84 -56.50 5.11 9.06
N ASP G 85 -57.27 4.70 10.07
CA ASP G 85 -57.26 5.38 11.38
C ASP G 85 -56.36 4.73 12.41
N GLU G 86 -55.43 5.52 12.96
CA GLU G 86 -54.60 5.10 14.09
C GLU G 86 -54.06 3.66 13.99
N PRO G 87 -53.31 3.34 12.92
CA PRO G 87 -52.62 2.05 12.89
C PRO G 87 -51.42 2.07 13.83
N PHE G 88 -51.21 1.01 14.59
CA PHE G 88 -50.09 0.97 15.53
C PHE G 88 -48.77 1.19 14.83
N THR G 89 -48.07 2.26 15.19
CA THR G 89 -46.75 2.57 14.65
C THR G 89 -45.71 2.42 15.74
N GLY G 90 -44.49 2.08 15.37
CA GLY G 90 -43.45 1.90 16.36
C GLY G 90 -42.17 1.37 15.76
N VAL G 91 -41.16 1.17 16.59
CA VAL G 91 -39.93 0.59 16.12
C VAL G 91 -40.05 -0.93 16.15
N LEU G 92 -39.93 -1.53 14.97
CA LEU G 92 -40.07 -2.99 14.87
C LEU G 92 -38.71 -3.63 14.93
N TYR G 93 -38.63 -4.80 15.56
CA TYR G 93 -37.38 -5.54 15.63
C TYR G 93 -37.67 -7.01 15.81
N LEU G 94 -36.71 -7.86 15.47
CA LEU G 94 -36.88 -9.28 15.70
C LEU G 94 -36.22 -9.69 17.02
N LYS G 95 -36.87 -10.57 17.77
CA LYS G 95 -36.30 -11.07 19.02
C LYS G 95 -34.91 -11.70 18.83
N GLY G 96 -33.94 -11.22 19.60
CA GLY G 96 -32.56 -11.66 19.46
C GLY G 96 -31.79 -10.72 18.56
N SER G 97 -32.26 -9.47 18.47
CA SER G 97 -31.67 -8.47 17.57
C SER G 97 -30.21 -8.03 17.85
N GLY G 98 -29.79 -7.90 19.12
CA GLY G 98 -30.63 -8.11 20.30
C GLY G 98 -31.18 -6.80 20.85
N ILE G 99 -32.50 -6.65 20.77
CA ILE G 99 -33.15 -5.44 21.22
C ILE G 99 -34.25 -5.85 22.18
N THR G 100 -34.63 -4.95 23.07
CA THR G 100 -35.60 -5.29 24.10
C THR G 100 -36.63 -4.18 24.31
N LYS G 101 -37.57 -4.44 25.20
CA LYS G 101 -38.62 -3.47 25.49
C LYS G 101 -38.03 -2.15 26.01
N SER G 102 -36.80 -2.18 26.48
CA SER G 102 -36.17 -0.95 26.98
C SER G 102 -35.51 -0.13 25.87
N PHE G 103 -35.93 1.08 25.67
CA PHE G 103 -35.43 1.92 24.63
C PHE G 103 -33.93 2.08 24.71
N GLN G 104 -33.36 1.65 25.80
CA GLN G 104 -31.91 1.79 25.99
C GLN G 104 -31.14 0.84 25.10
N SER G 105 -31.78 -0.24 24.70
CA SER G 105 -31.15 -1.23 23.81
C SER G 105 -30.83 -0.64 22.42
N LEU G 106 -31.53 0.42 22.05
CA LEU G 106 -31.28 1.06 20.77
C LEU G 106 -29.86 1.59 20.66
N LYS G 107 -29.13 1.62 21.77
CA LYS G 107 -27.76 2.15 21.76
C LYS G 107 -26.83 1.30 20.91
N GLY G 108 -26.15 1.96 19.97
CA GLY G 108 -25.20 1.32 19.09
C GLY G 108 -25.83 0.46 18.00
N LYS G 109 -27.16 0.50 17.89
CA LYS G 109 -27.87 -0.28 16.89
C LYS G 109 -28.11 0.58 15.65
N LYS G 110 -28.27 -0.08 14.51
CA LYS G 110 -28.67 0.61 13.28
C LYS G 110 -30.19 0.61 13.20
N ILE G 111 -30.77 1.80 13.12
CA ILE G 111 -32.22 1.94 13.17
C ILE G 111 -32.75 2.61 11.93
N GLY G 112 -33.68 1.98 11.24
CA GLY G 112 -34.22 2.54 10.03
C GLY G 112 -35.52 3.28 10.10
N TYR G 113 -35.60 4.32 9.30
CA TYR G 113 -36.77 5.14 9.22
C TYR G 113 -37.12 5.35 7.77
N VAL G 114 -38.38 5.43 7.43
CA VAL G 114 -38.63 5.62 6.03
C VAL G 114 -38.15 6.91 5.47
N GLY G 115 -38.57 8.01 6.05
CA GLY G 115 -38.17 9.29 5.55
C GLY G 115 -37.41 10.46 6.10
N GLU G 116 -38.10 11.42 6.68
CA GLU G 116 -37.53 12.37 7.59
C GLU G 116 -38.15 12.47 8.94
N PHE G 117 -39.45 12.58 8.98
CA PHE G 117 -40.12 12.72 10.25
C PHE G 117 -39.94 11.51 11.07
N GLY G 118 -39.56 10.43 10.43
CA GLY G 118 -39.34 9.22 11.15
C GLY G 118 -38.08 9.43 11.92
N LYS G 119 -37.09 10.00 11.30
CA LYS G 119 -35.84 10.22 11.98
C LYS G 119 -35.99 11.17 13.10
N ILE G 120 -36.79 12.19 12.87
CA ILE G 120 -37.03 13.19 13.86
C ILE G 120 -37.60 12.58 15.09
N GLN G 121 -38.52 11.65 14.93
CA GLN G 121 -39.06 11.08 16.14
C GLN G 121 -38.05 10.34 16.95
N ILE G 122 -37.26 9.50 16.33
CA ILE G 122 -36.27 8.75 17.10
C ILE G 122 -35.27 9.70 17.76
N ASP G 123 -34.73 10.63 16.99
CA ASP G 123 -33.77 11.63 17.50
C ASP G 123 -34.28 12.27 18.81
N GLU G 124 -35.58 12.56 18.85
CA GLU G 124 -36.15 13.26 20.00
C GLU G 124 -36.43 12.29 21.16
N LEU G 125 -36.80 11.05 20.83
CA LEU G 125 -37.03 10.06 21.86
C LEU G 125 -35.75 9.71 22.64
N THR G 126 -34.61 9.86 21.99
CA THR G 126 -33.33 9.53 22.62
C THR G 126 -33.03 10.45 23.82
N LYS G 127 -33.52 11.68 23.75
CA LYS G 127 -33.31 12.63 24.83
C LYS G 127 -34.10 12.24 26.08
N HIS G 128 -35.34 11.79 25.89
CA HIS G 128 -36.19 11.36 27.01
C HIS G 128 -35.68 10.09 27.71
N TYR G 129 -34.64 9.47 27.16
CA TYR G 129 -34.10 8.26 27.76
C TYR G 129 -32.59 8.36 28.01
N GLY G 130 -32.08 9.59 28.07
CA GLY G 130 -30.72 9.84 28.49
C GLY G 130 -29.66 9.79 27.41
N MET G 131 -29.96 9.13 26.30
CA MET G 131 -28.99 8.99 25.21
C MET G 131 -29.06 10.15 24.21
N LYS G 132 -28.02 10.28 23.40
CA LYS G 132 -27.94 11.39 22.46
C LYS G 132 -27.96 10.91 21.03
N PRO G 133 -28.55 11.70 20.12
CA PRO G 133 -28.19 11.51 18.71
C PRO G 133 -26.76 12.02 18.51
N GLU G 134 -25.81 11.11 18.30
CA GLU G 134 -26.13 9.73 17.98
C GLU G 134 -25.36 8.72 18.82
N ASP G 135 -26.09 8.02 19.67
CA ASP G 135 -25.56 6.84 20.33
C ASP G 135 -26.09 5.68 19.51
N TYR G 136 -26.72 6.04 18.39
CA TYR G 136 -27.31 5.07 17.49
C TYR G 136 -27.19 5.60 16.06
N THR G 137 -27.18 4.70 15.08
CA THR G 137 -27.12 5.09 13.68
C THR G 137 -28.49 5.04 13.01
N ALA G 138 -28.92 6.17 12.46
CA ALA G 138 -30.17 6.24 11.72
C ALA G 138 -29.95 5.98 10.24
N VAL G 139 -30.74 5.07 9.67
CA VAL G 139 -30.60 4.71 8.27
C VAL G 139 -31.89 4.95 7.47
N ARG G 140 -31.82 5.79 6.45
CA ARG G 140 -32.99 6.00 5.58
C ARG G 140 -33.23 4.79 4.67
N CYS G 141 -34.42 4.21 4.76
CA CYS G 141 -34.72 2.97 4.04
C CYS G 141 -35.89 3.10 3.07
N GLY G 142 -36.54 4.26 3.08
CA GLY G 142 -37.74 4.43 2.28
C GLY G 142 -38.75 3.31 2.49
N MET G 143 -39.27 2.78 1.38
CA MET G 143 -40.36 1.82 1.49
C MET G 143 -39.87 0.41 1.79
N ASN G 144 -38.60 0.30 2.16
CA ASN G 144 -37.99 -1.01 2.37
C ASN G 144 -37.54 -1.30 3.79
N VAL G 145 -38.18 -0.68 4.78
CA VAL G 145 -37.74 -0.87 6.16
C VAL G 145 -37.79 -2.34 6.59
N ALA G 146 -38.96 -2.95 6.49
CA ALA G 146 -39.06 -4.34 6.92
C ALA G 146 -38.07 -5.22 6.17
N LYS G 147 -37.97 -5.03 4.85
CA LYS G 147 -37.03 -5.79 4.04
C LYS G 147 -35.59 -5.71 4.56
N TYR G 148 -35.13 -4.49 4.85
CA TYR G 148 -33.77 -4.30 5.37
C TYR G 148 -33.59 -4.90 6.77
N ILE G 149 -34.68 -4.99 7.53
CA ILE G 149 -34.60 -5.64 8.83
C ILE G 149 -34.31 -7.12 8.62
N ILE G 150 -35.14 -7.78 7.83
CA ILE G 150 -34.98 -9.19 7.54
C ILE G 150 -33.59 -9.55 6.99
N GLU G 151 -32.99 -8.64 6.25
CA GLU G 151 -31.70 -8.93 5.64
C GLU G 151 -30.54 -8.56 6.57
N GLY G 152 -30.87 -7.96 7.72
CA GLY G 152 -29.87 -7.59 8.70
C GLY G 152 -29.02 -6.38 8.35
N LYS G 153 -29.51 -5.54 7.44
CA LYS G 153 -28.84 -4.28 7.13
C LYS G 153 -29.12 -3.21 8.20
N ILE G 154 -30.22 -3.41 8.93
CA ILE G 154 -30.52 -2.61 10.09
C ILE G 154 -30.97 -3.56 11.20
N ASP G 155 -30.98 -3.06 12.44
CA ASP G 155 -31.31 -3.93 13.58
C ASP G 155 -32.78 -3.83 13.92
N ALA G 156 -33.31 -2.62 13.75
CA ALA G 156 -34.73 -2.36 13.91
C ALA G 156 -35.09 -1.18 13.01
N GLY G 157 -36.38 -0.96 12.78
CA GLY G 157 -36.81 0.17 11.99
C GLY G 157 -38.26 0.53 12.22
N ILE G 158 -38.65 1.71 11.74
CA ILE G 158 -40.00 2.23 11.96
C ILE G 158 -41.02 1.69 10.97
N GLY G 159 -42.20 1.34 11.48
CA GLY G 159 -43.22 0.69 10.65
C GLY G 159 -44.61 0.57 11.26
N ILE G 160 -45.54 0.11 10.44
CA ILE G 160 -46.95 -0.04 10.81
C ILE G 160 -47.24 -1.50 11.16
N GLU G 161 -48.01 -1.71 12.22
CA GLU G 161 -48.37 -3.06 12.65
C GLU G 161 -49.04 -3.93 11.56
N CYS G 162 -49.77 -3.30 10.64
CA CYS G 162 -50.51 -4.06 9.66
C CYS G 162 -49.83 -4.12 8.29
N MET G 163 -48.57 -3.67 8.24
CA MET G 163 -47.79 -3.78 7.02
C MET G 163 -46.40 -4.33 7.30
N GLN G 164 -45.51 -3.51 7.82
CA GLN G 164 -44.16 -3.96 8.15
C GLN G 164 -44.12 -5.11 9.14
N GLN G 165 -44.91 -5.02 10.21
CA GLN G 165 -44.93 -6.12 11.18
C GLN G 165 -45.35 -7.46 10.53
N VAL G 166 -46.38 -7.43 9.70
CA VAL G 166 -46.82 -8.62 9.01
C VAL G 166 -45.73 -9.18 8.10
N GLU G 167 -44.97 -8.30 7.46
CA GLU G 167 -43.92 -8.79 6.57
C GLU G 167 -42.88 -9.55 7.39
N LEU G 168 -42.69 -9.12 8.64
CA LEU G 168 -41.72 -9.79 9.50
C LEU G 168 -42.26 -11.14 9.96
N GLU G 169 -43.54 -11.17 10.32
CA GLU G 169 -44.16 -12.37 10.81
C GLU G 169 -44.10 -13.43 9.73
N GLU G 170 -44.41 -13.03 8.52
CA GLU G 170 -44.36 -13.97 7.40
C GLU G 170 -42.95 -14.52 7.16
N TYR G 171 -41.96 -13.66 7.30
CA TYR G 171 -40.58 -14.11 7.23
C TYR G 171 -40.22 -15.08 8.35
N LEU G 172 -40.66 -14.78 9.55
CA LEU G 172 -40.44 -15.67 10.68
C LEU G 172 -41.05 -17.05 10.45
N ALA G 173 -42.25 -17.07 9.89
CA ALA G 173 -42.92 -18.34 9.62
C ALA G 173 -42.03 -19.20 8.72
N LYS G 174 -41.39 -18.58 7.74
CA LYS G 174 -40.45 -19.29 6.86
C LYS G 174 -39.27 -19.86 7.64
N GLN G 175 -38.73 -19.09 8.57
CA GLN G 175 -37.64 -19.57 9.44
C GLN G 175 -38.13 -20.51 10.53
N GLY G 176 -39.43 -20.80 10.52
CA GLY G 176 -40.02 -21.66 11.53
C GLY G 176 -40.16 -21.02 12.90
N ARG G 177 -39.63 -19.80 13.06
CA ARG G 177 -39.84 -19.02 14.28
C ARG G 177 -41.32 -18.62 14.45
N PRO G 178 -41.74 -18.30 15.69
CA PRO G 178 -43.13 -17.91 15.96
C PRO G 178 -43.39 -16.43 15.66
N ALA G 179 -44.61 -16.10 15.27
CA ALA G 179 -44.96 -14.71 14.94
C ALA G 179 -44.62 -13.76 16.09
N SER G 180 -44.72 -14.26 17.32
CA SER G 180 -44.43 -13.46 18.52
C SER G 180 -43.01 -12.89 18.55
N ASP G 181 -42.13 -13.42 17.71
CA ASP G 181 -40.73 -12.96 17.72
C ASP G 181 -40.57 -11.63 17.00
N ALA G 182 -41.62 -11.21 16.30
CA ALA G 182 -41.67 -9.90 15.66
C ALA G 182 -42.24 -8.91 16.65
N LYS G 183 -41.37 -8.04 17.16
CA LYS G 183 -41.76 -7.15 18.25
C LYS G 183 -41.74 -5.67 17.90
N MET G 184 -42.57 -4.87 18.58
CA MET G 184 -42.63 -3.43 18.36
C MET G 184 -42.50 -2.62 19.65
N LEU G 185 -41.58 -1.67 19.65
CA LEU G 185 -41.54 -0.63 20.67
C LEU G 185 -42.49 0.46 20.20
N ARG G 186 -43.67 0.54 20.82
CA ARG G 186 -44.67 1.49 20.34
C ARG G 186 -44.33 2.95 20.72
N ILE G 187 -44.43 3.85 19.74
CA ILE G 187 -44.23 5.28 19.95
C ILE G 187 -45.47 5.91 20.56
N ASP G 188 -46.58 5.17 20.47
CA ASP G 188 -47.83 5.55 21.10
C ASP G 188 -47.72 5.46 22.62
N LYS G 189 -47.14 4.36 23.10
CA LYS G 189 -47.03 4.09 24.54
C LYS G 189 -45.81 4.77 25.19
N LEU G 190 -44.72 4.92 24.44
CA LEU G 190 -43.51 5.58 24.93
C LEU G 190 -43.25 6.85 24.14
N CYS G 195 -51.69 8.66 21.11
CA CYS G 195 -51.36 9.43 19.91
C CYS G 195 -50.56 8.64 18.87
N CYS G 196 -50.90 7.36 18.66
CA CYS G 196 -50.32 6.59 17.56
C CYS G 196 -50.94 7.08 16.26
N CYS G 197 -51.63 8.20 16.39
CA CYS G 197 -52.39 8.82 15.31
C CYS G 197 -51.47 9.48 14.28
N PHE G 198 -50.16 9.55 14.55
CA PHE G 198 -49.30 10.25 13.61
C PHE G 198 -49.34 9.57 12.24
N CYS G 199 -49.51 8.24 12.23
CA CYS G 199 -49.55 7.49 10.97
C CYS G 199 -50.95 7.14 10.45
N THR G 200 -51.96 7.88 10.88
CA THR G 200 -53.26 7.81 10.23
C THR G 200 -53.07 8.26 8.80
N VAL G 201 -53.69 7.57 7.85
CA VAL G 201 -53.54 7.97 6.45
C VAL G 201 -54.75 8.74 5.95
N LEU G 202 -54.51 9.90 5.36
CA LEU G 202 -55.57 10.83 5.00
C LEU G 202 -55.68 11.09 3.50
N TYR G 203 -56.91 11.36 3.08
CA TYR G 203 -57.17 11.94 1.78
C TYR G 203 -56.87 13.43 1.83
N ILE G 204 -55.87 13.88 1.07
CA ILE G 204 -55.55 15.30 1.05
C ILE G 204 -55.70 15.98 -0.32
N CYS G 205 -56.03 17.26 -0.29
CA CYS G 205 -56.11 18.08 -1.51
C CYS G 205 -55.14 19.28 -1.48
N ASN G 206 -54.77 19.73 -2.68
CA ASN G 206 -54.08 21.00 -2.82
C ASN G 206 -55.09 22.10 -2.47
N ASP G 207 -54.70 23.01 -1.59
CA ASP G 207 -55.62 24.06 -1.10
C ASP G 207 -56.29 24.80 -2.27
N GLU G 208 -55.48 25.21 -3.24
CA GLU G 208 -56.01 25.90 -4.41
C GLU G 208 -56.98 25.02 -5.20
N PHE G 209 -56.62 23.75 -5.39
CA PHE G 209 -57.49 22.85 -6.14
C PHE G 209 -58.85 22.78 -5.45
N LEU G 210 -58.82 22.66 -4.12
CA LEU G 210 -60.02 22.44 -3.33
C LEU G 210 -60.89 23.68 -3.39
N LYS G 211 -60.23 24.84 -3.40
CA LYS G 211 -60.94 26.11 -3.55
C LYS G 211 -61.72 26.15 -4.87
N LYS G 212 -61.08 25.78 -5.96
CA LYS G 212 -61.70 25.90 -7.27
C LYS G 212 -62.65 24.77 -7.63
N ASN G 213 -62.51 23.61 -6.99
CA ASN G 213 -63.32 22.45 -7.39
C ASN G 213 -64.04 21.76 -6.24
N PRO G 214 -64.72 22.53 -5.36
CA PRO G 214 -65.33 21.96 -4.15
C PRO G 214 -66.28 20.79 -4.45
N GLU G 215 -67.04 20.91 -5.52
CA GLU G 215 -68.04 19.91 -5.86
C GLU G 215 -67.41 18.60 -6.35
N LYS G 216 -66.29 18.71 -7.07
CA LYS G 216 -65.61 17.52 -7.59
C LYS G 216 -65.05 16.70 -6.43
N VAL G 217 -64.45 17.40 -5.48
CA VAL G 217 -63.97 16.77 -4.25
C VAL G 217 -65.12 16.07 -3.53
N ARG G 218 -66.25 16.75 -3.44
CA ARG G 218 -67.39 16.20 -2.73
C ARG G 218 -67.80 14.93 -3.46
N LYS G 219 -67.75 14.99 -4.78
CA LYS G 219 -68.15 13.84 -5.58
C LYS G 219 -67.10 12.74 -5.46
N PHE G 220 -65.84 13.14 -5.35
CA PHE G 220 -64.76 12.19 -5.19
C PHE G 220 -64.96 11.36 -3.95
N LEU G 221 -65.29 12.03 -2.86
CA LEU G 221 -65.47 11.34 -1.59
C LEU G 221 -66.74 10.47 -1.60
N LYS G 222 -67.72 10.84 -2.41
CA LYS G 222 -68.90 10.00 -2.55
C LYS G 222 -68.53 8.66 -3.17
N ALA G 223 -67.72 8.72 -4.22
CA ALA G 223 -67.26 7.51 -4.87
C ALA G 223 -66.41 6.69 -3.91
N ILE G 224 -65.49 7.36 -3.22
CA ILE G 224 -64.64 6.69 -2.24
C ILE G 224 -65.48 6.02 -1.15
N LYS G 225 -66.52 6.73 -0.70
CA LYS G 225 -67.41 6.18 0.31
C LYS G 225 -68.08 4.91 -0.19
N LYS G 226 -68.64 4.99 -1.39
CA LYS G 226 -69.33 3.84 -1.95
C LYS G 226 -68.43 2.62 -1.94
N ALA G 227 -67.18 2.80 -2.36
CA ALA G 227 -66.25 1.68 -2.46
C ALA G 227 -65.84 1.21 -1.06
N THR G 228 -65.64 2.17 -0.16
CA THR G 228 -65.25 1.82 1.20
C THR G 228 -66.28 0.92 1.85
N ASP G 229 -67.54 1.21 1.55
CA ASP G 229 -68.66 0.44 2.08
C ASP G 229 -68.54 -0.98 1.57
N TYR G 230 -68.36 -1.10 0.27
CA TYR G 230 -68.24 -2.41 -0.36
C TYR G 230 -67.12 -3.21 0.31
N VAL G 231 -65.97 -2.56 0.49
CA VAL G 231 -64.80 -3.23 1.06
C VAL G 231 -65.11 -3.76 2.47
N LEU G 232 -65.78 -2.94 3.26
CA LEU G 232 -66.07 -3.34 4.63
C LEU G 232 -67.19 -4.37 4.70
N ALA G 233 -68.19 -4.20 3.82
CA ALA G 233 -69.31 -5.14 3.74
C ALA G 233 -68.89 -6.54 3.28
N ASP G 234 -68.11 -6.58 2.20
CA ASP G 234 -67.69 -7.85 1.61
C ASP G 234 -66.21 -7.83 1.25
N PRO G 235 -65.35 -7.93 2.27
CA PRO G 235 -63.91 -7.78 2.08
C PRO G 235 -63.35 -8.78 1.11
N VAL G 236 -63.89 -9.99 1.09
CA VAL G 236 -63.30 -11.04 0.28
C VAL G 236 -63.54 -10.88 -1.22
N LYS G 237 -64.76 -10.52 -1.61
CA LYS G 237 -65.07 -10.26 -3.01
C LYS G 237 -64.30 -9.03 -3.46
N ALA G 238 -64.30 -8.01 -2.60
CA ALA G 238 -63.51 -6.81 -2.83
C ALA G 238 -62.06 -7.15 -3.15
N TRP G 239 -61.43 -7.92 -2.26
CA TRP G 239 -60.02 -8.26 -2.43
C TRP G 239 -59.79 -8.92 -3.78
N LYS G 240 -60.65 -9.85 -4.14
CA LYS G 240 -60.52 -10.57 -5.41
C LYS G 240 -60.53 -9.61 -6.60
N GLU G 241 -61.46 -8.67 -6.61
CA GLU G 241 -61.46 -7.65 -7.65
C GLU G 241 -60.15 -6.86 -7.65
N TYR G 242 -59.75 -6.38 -6.46
CA TYR G 242 -58.54 -5.60 -6.34
C TYR G 242 -57.34 -6.30 -6.99
N ILE G 243 -57.07 -7.53 -6.58
CA ILE G 243 -55.87 -8.23 -7.06
C ILE G 243 -55.99 -8.73 -8.50
N ASP G 244 -57.19 -8.63 -9.05
CA ASP G 244 -57.39 -9.01 -10.45
C ASP G 244 -56.84 -7.87 -11.28
N PHE G 245 -56.92 -6.68 -10.73
CA PHE G 245 -56.44 -5.49 -11.40
C PHE G 245 -54.97 -5.24 -11.06
N LYS G 246 -54.62 -5.49 -9.80
CA LYS G 246 -53.25 -5.27 -9.30
C LYS G 246 -52.64 -6.58 -8.78
N PRO G 247 -52.24 -7.47 -9.72
CA PRO G 247 -51.72 -8.81 -9.41
C PRO G 247 -50.49 -8.83 -8.51
N GLN G 248 -49.75 -7.71 -8.42
CA GLN G 248 -48.56 -7.66 -7.57
C GLN G 248 -48.98 -7.83 -6.14
N LEU G 249 -50.28 -7.62 -5.87
CA LEU G 249 -50.84 -7.80 -4.54
C LEU G 249 -51.45 -9.19 -4.32
N ASN G 250 -51.33 -10.06 -5.32
CA ASN G 250 -51.93 -11.36 -5.24
C ASN G 250 -50.99 -12.39 -4.64
N ASN G 251 -50.68 -12.22 -3.36
CA ASN G 251 -49.80 -13.15 -2.64
C ASN G 251 -50.26 -13.26 -1.24
N ASP G 252 -49.72 -14.20 -0.48
CA ASP G 252 -50.24 -14.43 0.86
C ASP G 252 -49.88 -13.27 1.79
N LEU G 253 -48.66 -12.76 1.68
CA LEU G 253 -48.28 -11.58 2.47
C LEU G 253 -49.32 -10.46 2.33
N SER G 254 -49.62 -10.08 1.10
CA SER G 254 -50.54 -8.97 0.87
C SER G 254 -51.89 -9.24 1.49
N TYR G 255 -52.33 -10.49 1.43
CA TYR G 255 -53.63 -10.84 1.99
C TYR G 255 -53.63 -10.71 3.51
N LYS G 256 -52.56 -11.20 4.14
CA LYS G 256 -52.48 -11.12 5.59
C LYS G 256 -52.46 -9.66 6.01
N GLN G 257 -51.70 -8.85 5.30
CA GLN G 257 -51.69 -7.40 5.49
C GLN G 257 -53.09 -6.81 5.36
N TYR G 258 -53.82 -7.23 4.34
CA TYR G 258 -55.17 -6.75 4.09
C TYR G 258 -56.05 -7.03 5.27
N GLN G 259 -55.92 -8.22 5.85
CA GLN G 259 -56.75 -8.61 6.99
C GLN G 259 -56.45 -7.73 8.21
N ARG G 260 -55.17 -7.49 8.45
CA ARG G 260 -54.76 -6.64 9.56
C ARG G 260 -55.19 -5.20 9.34
N CYS G 261 -55.34 -4.82 8.08
CA CYS G 261 -55.77 -3.46 7.77
C CYS G 261 -57.26 -3.26 8.02
N TYR G 262 -58.00 -4.35 7.92
CA TYR G 262 -59.45 -4.30 7.90
C TYR G 262 -59.99 -3.48 9.06
N ALA G 263 -59.51 -3.76 10.26
CA ALA G 263 -60.04 -3.11 11.47
C ALA G 263 -59.71 -1.60 11.55
N TYR G 264 -58.71 -1.15 10.81
CA TYR G 264 -58.26 0.24 10.84
C TYR G 264 -58.95 1.12 9.81
N PHE G 265 -59.58 0.53 8.80
CA PHE G 265 -60.22 1.36 7.79
C PHE G 265 -61.22 2.26 8.47
N SER G 266 -61.30 3.51 8.03
CA SER G 266 -62.34 4.40 8.50
C SER G 266 -63.61 4.10 7.74
N SER G 267 -64.68 3.77 8.45
CA SER G 267 -65.97 3.48 7.80
C SER G 267 -66.67 4.77 7.36
N SER G 268 -66.38 5.88 8.05
CA SER G 268 -67.08 7.14 7.82
C SER G 268 -66.25 8.16 7.05
N LEU G 269 -64.94 7.92 6.96
CA LEU G 269 -64.05 8.85 6.27
C LEU G 269 -63.78 10.15 7.03
N TYR G 270 -64.49 10.34 8.14
CA TYR G 270 -64.33 11.56 8.93
C TYR G 270 -62.97 11.74 9.59
N ASN G 271 -62.44 12.97 9.52
CA ASN G 271 -61.25 13.35 10.29
C ASN G 271 -61.64 13.30 11.73
N VAL G 272 -60.84 12.63 12.56
CA VAL G 272 -61.10 12.61 13.99
C VAL G 272 -60.46 13.82 14.72
N HIS G 273 -61.32 14.68 15.28
CA HIS G 273 -60.87 15.94 15.89
C HIS G 273 -59.86 15.70 17.00
N ARG G 274 -60.14 14.74 17.88
CA ARG G 274 -59.25 14.44 18.99
C ARG G 274 -57.85 14.14 18.50
N ASP G 275 -57.76 13.27 17.50
CA ASP G 275 -56.48 12.85 16.95
C ASP G 275 -55.69 14.00 16.36
N TRP G 276 -56.33 14.78 15.50
CA TRP G 276 -55.68 15.95 14.94
C TRP G 276 -55.16 16.88 16.04
N LYS G 277 -55.99 17.12 17.05
CA LYS G 277 -55.61 17.94 18.18
C LYS G 277 -54.32 17.42 18.81
N LYS G 278 -54.26 16.11 19.11
CA LYS G 278 -53.09 15.52 19.75
C LYS G 278 -51.82 15.64 18.91
N VAL G 279 -51.91 15.28 17.64
CA VAL G 279 -50.76 15.30 16.75
C VAL G 279 -50.24 16.72 16.49
N THR G 280 -51.15 17.67 16.37
CA THR G 280 -50.76 19.08 16.29
C THR G 280 -49.93 19.49 17.50
N GLY G 281 -50.33 19.01 18.67
CA GLY G 281 -49.57 19.25 19.87
C GLY G 281 -48.17 18.70 19.68
N TYR G 282 -48.09 17.39 19.52
CA TYR G 282 -46.83 16.71 19.20
C TYR G 282 -46.02 17.53 18.20
N GLY G 283 -46.69 18.00 17.15
CA GLY G 283 -46.04 18.76 16.10
C GLY G 283 -45.33 20.00 16.59
N LYS G 284 -46.03 20.79 17.42
CA LYS G 284 -45.49 22.03 17.98
C LYS G 284 -44.32 21.77 18.92
N ARG G 285 -44.47 20.79 19.80
CA ARG G 285 -43.38 20.40 20.69
C ARG G 285 -42.12 19.99 19.92
N LEU G 286 -42.29 19.19 18.88
CA LEU G 286 -41.16 18.73 18.06
C LEU G 286 -40.53 19.85 17.23
N ALA G 287 -41.13 21.04 17.29
CA ALA G 287 -40.65 22.21 16.55
C ALA G 287 -40.98 22.12 15.07
N ILE G 288 -41.63 21.03 14.67
CA ILE G 288 -42.03 20.82 13.28
C ILE G 288 -43.07 21.86 12.87
N LEU G 289 -43.86 22.30 13.85
CA LEU G 289 -44.94 23.27 13.61
C LEU G 289 -44.74 24.54 14.42
N PRO G 290 -45.06 25.69 13.81
CA PRO G 290 -45.08 27.00 14.45
C PRO G 290 -46.05 27.04 15.64
N PRO G 291 -45.86 27.99 16.57
CA PRO G 291 -46.70 28.14 17.78
C PRO G 291 -48.18 28.46 17.48
N ASP G 292 -48.43 29.22 16.43
CA ASP G 292 -49.79 29.65 16.09
C ASP G 292 -50.39 28.77 15.02
N TYR G 293 -49.77 27.62 14.77
CA TYR G 293 -50.19 26.73 13.69
C TYR G 293 -51.60 26.20 13.91
N VAL G 294 -52.37 26.13 12.82
CA VAL G 294 -53.75 25.63 12.87
C VAL G 294 -53.94 24.37 12.00
N SER G 295 -54.54 23.34 12.60
CA SER G 295 -54.79 22.06 11.93
C SER G 295 -55.45 22.23 10.56
N ASN G 296 -54.84 21.63 9.53
CA ASN G 296 -55.30 21.81 8.16
C ASN G 296 -56.19 20.67 7.62
N TYR G 297 -57.35 20.51 8.24
CA TYR G 297 -58.29 19.51 7.76
C TYR G 297 -59.70 20.07 7.72
N THR G 298 -60.63 19.31 7.16
CA THR G 298 -62.03 19.69 7.18
C THR G 298 -62.99 18.56 6.79
N ASN G 299 -64.11 18.48 7.49
CA ASN G 299 -65.11 17.48 7.17
C ASN G 299 -66.23 18.02 6.30
N GLU G 300 -66.07 19.24 5.79
CA GLU G 300 -67.10 19.89 4.98
C GLU G 300 -67.53 19.12 3.72
N TYR G 301 -66.60 18.40 3.11
CA TYR G 301 -66.87 17.81 1.80
C TYR G 301 -67.37 16.37 1.91
N LEU G 302 -67.62 15.94 3.15
CA LEU G 302 -68.28 14.67 3.42
C LEU G 302 -69.80 14.91 3.48
N SER G 303 -70.54 14.03 2.84
CA SER G 303 -71.97 14.26 2.62
C SER G 303 -72.87 13.27 3.39
N TRP G 304 -72.44 12.90 4.58
CA TRP G 304 -73.22 12.03 5.46
C TRP G 304 -72.90 12.39 6.91
N PRO G 305 -73.80 12.05 7.85
CA PRO G 305 -73.62 12.44 9.26
C PRO G 305 -72.31 11.96 9.90
N GLU G 306 -71.68 12.85 10.64
CA GLU G 306 -70.51 12.52 11.45
C GLU G 306 -70.89 11.52 12.57
N PRO G 307 -69.99 10.59 12.87
CA PRO G 307 -70.25 9.61 13.94
C PRO G 307 -69.99 10.21 15.33
N GLU G 308 -70.47 9.54 16.36
CA GLU G 308 -70.24 10.00 17.72
C GLU G 308 -68.80 9.74 18.16
N GLU G 309 -68.18 10.74 18.81
CA GLU G 309 -66.81 10.61 19.29
C GLU G 309 -66.68 9.40 20.20
N VAL G 310 -65.63 8.61 19.99
CA VAL G 310 -65.38 7.44 20.84
C VAL G 310 -65.35 7.85 22.31
N SER G 311 -66.17 7.20 23.12
CA SER G 311 -66.32 7.53 24.52
C SER G 311 -65.02 7.44 25.32
N ASP G 312 -64.39 6.27 25.29
CA ASP G 312 -63.11 6.08 25.96
C ASP G 312 -62.03 5.64 24.96
N PRO G 313 -61.33 6.60 24.37
CA PRO G 313 -60.33 6.38 23.34
C PRO G 313 -59.17 5.48 23.76
N LEU G 314 -58.72 5.57 25.01
CA LEU G 314 -57.56 4.81 25.45
C LEU G 314 -57.89 3.33 25.69
N GLU G 315 -59.14 3.05 25.99
CA GLU G 315 -59.58 1.68 26.16
C GLU G 315 -59.81 1.06 24.79
N ALA G 316 -60.35 1.86 23.86
CA ALA G 316 -60.54 1.39 22.49
C ALA G 316 -59.21 1.03 21.85
N THR G 317 -58.15 1.72 22.28
CA THR G 317 -56.81 1.46 21.76
C THR G 317 -56.20 0.16 22.31
N ARG G 318 -56.43 -0.13 23.59
CA ARG G 318 -55.90 -1.37 24.16
C ARG G 318 -56.80 -2.55 23.78
N LEU G 319 -58.03 -2.24 23.41
CA LEU G 319 -58.98 -3.24 22.93
C LEU G 319 -58.60 -3.64 21.50
N MET G 320 -58.17 -2.65 20.72
CA MET G 320 -57.72 -2.91 19.36
C MET G 320 -56.49 -3.81 19.36
N ALA G 321 -55.55 -3.53 20.24
CA ALA G 321 -54.33 -4.32 20.35
C ALA G 321 -54.67 -5.79 20.49
N ILE G 322 -55.70 -6.07 21.29
CA ILE G 322 -56.18 -7.43 21.48
C ILE G 322 -56.81 -7.93 20.19
N HIS G 323 -57.75 -7.15 19.66
CA HIS G 323 -58.46 -7.46 18.43
C HIS G 323 -57.55 -7.86 17.29
N GLN G 324 -56.42 -7.17 17.17
CA GLN G 324 -55.45 -7.39 16.11
C GLN G 324 -54.63 -8.64 16.34
N GLU G 325 -54.36 -8.94 17.61
CA GLU G 325 -53.69 -10.18 17.96
C GLU G 325 -54.56 -11.39 17.59
N LYS G 326 -55.87 -11.27 17.82
CA LYS G 326 -56.83 -12.29 17.41
C LYS G 326 -56.84 -12.45 15.90
N CYS G 327 -56.86 -11.33 15.18
CA CYS G 327 -56.82 -11.33 13.73
C CYS G 327 -55.61 -12.11 13.20
N ARG G 328 -54.48 -11.99 13.89
CA ARG G 328 -53.27 -12.65 13.44
C ARG G 328 -53.36 -14.15 13.52
N GLN G 329 -53.97 -14.66 14.58
CA GLN G 329 -53.97 -16.09 14.79
C GLN G 329 -55.21 -16.79 14.27
N GLU G 330 -56.24 -16.00 13.94
CA GLU G 330 -57.51 -16.54 13.45
C GLU G 330 -57.71 -16.30 11.96
N GLY G 331 -56.96 -15.34 11.41
CA GLY G 331 -57.09 -14.96 10.02
C GLY G 331 -58.51 -14.59 9.65
N THR G 332 -59.04 -13.53 10.24
CA THR G 332 -60.45 -13.17 10.06
C THR G 332 -60.65 -11.72 9.66
N PHE G 333 -61.85 -11.39 9.20
CA PHE G 333 -62.23 -10.01 8.95
C PHE G 333 -63.27 -9.51 9.95
N LYS G 334 -62.81 -8.87 11.02
CA LYS G 334 -63.74 -8.35 12.02
C LYS G 334 -63.43 -6.90 12.35
N ARG G 335 -64.48 -6.08 12.43
CA ARG G 335 -64.36 -4.68 12.87
C ARG G 335 -64.31 -4.63 14.40
N LEU G 336 -63.54 -3.71 14.97
CA LEU G 336 -63.50 -3.59 16.42
C LEU G 336 -64.86 -3.10 16.95
N ALA G 337 -65.37 -3.78 17.97
CA ALA G 337 -66.67 -3.42 18.55
C ALA G 337 -66.51 -2.59 19.84
N LEU G 338 -67.41 -1.62 20.05
CA LEU G 338 -67.33 -0.71 21.20
C LEU G 338 -68.63 -0.57 21.97
N ASP H 4 -0.65 -4.74 2.88
CA ASP H 4 -1.49 -5.35 3.91
C ASP H 4 -2.68 -6.14 3.34
N LYS H 5 -2.49 -6.70 2.15
CA LYS H 5 -3.43 -7.69 1.61
C LYS H 5 -3.26 -9.05 2.31
N ILE H 6 -4.33 -9.82 2.37
CA ILE H 6 -4.22 -11.20 2.83
C ILE H 6 -4.14 -12.19 1.66
N THR H 7 -3.12 -13.04 1.69
CA THR H 7 -2.93 -13.98 0.60
C THR H 7 -3.65 -15.30 0.85
N PHE H 8 -4.47 -15.69 -0.13
CA PHE H 8 -5.17 -16.95 -0.10
C PHE H 8 -4.76 -17.77 -1.33
N LEU H 9 -4.11 -18.91 -1.09
CA LEU H 9 -3.55 -19.73 -2.16
C LEU H 9 -4.34 -21.03 -2.34
N LEU H 10 -5.00 -21.17 -3.49
CA LEU H 10 -5.77 -22.37 -3.79
C LEU H 10 -4.93 -23.63 -3.76
N ASN H 11 -5.59 -24.78 -3.72
CA ASN H 11 -4.88 -26.05 -3.76
C ASN H 11 -4.62 -26.61 -5.18
N TRP H 12 -5.11 -25.90 -6.20
CA TRP H 12 -5.14 -26.41 -7.57
C TRP H 12 -5.23 -25.20 -8.52
N GLN H 13 -5.22 -25.45 -9.85
CA GLN H 13 -5.73 -24.48 -10.84
C GLN H 13 -7.18 -24.24 -10.48
N PRO H 14 -7.74 -23.11 -10.92
CA PRO H 14 -9.18 -22.89 -10.64
C PRO H 14 -10.04 -24.09 -11.01
N THR H 15 -10.86 -24.56 -10.06
CA THR H 15 -11.74 -25.69 -10.31
C THR H 15 -13.16 -25.25 -10.04
N PRO H 16 -14.13 -26.02 -10.54
CA PRO H 16 -15.53 -25.75 -10.22
C PRO H 16 -15.74 -25.64 -8.71
N TYR H 17 -15.02 -26.42 -7.92
CA TYR H 17 -15.27 -26.36 -6.48
C TYR H 17 -14.65 -25.17 -5.71
N HIS H 18 -14.01 -24.26 -6.44
CA HIS H 18 -13.46 -23.07 -5.82
C HIS H 18 -14.47 -21.95 -5.85
N ILE H 19 -15.61 -22.23 -6.49
CA ILE H 19 -16.64 -21.22 -6.69
C ILE H 19 -16.94 -20.33 -5.46
N PRO H 20 -17.07 -20.93 -4.25
CA PRO H 20 -17.50 -20.11 -3.12
C PRO H 20 -16.50 -19.01 -2.84
N ILE H 21 -15.23 -19.28 -3.11
CA ILE H 21 -14.18 -18.31 -2.84
C ILE H 21 -14.23 -17.20 -3.87
N PHE H 22 -14.20 -17.56 -5.14
CA PHE H 22 -14.24 -16.55 -6.18
C PHE H 22 -15.50 -15.68 -6.05
N LEU H 23 -16.63 -16.30 -5.73
CA LEU H 23 -17.84 -15.52 -5.58
C LEU H 23 -17.75 -14.55 -4.40
N ALA H 24 -17.19 -15.02 -3.28
CA ALA H 24 -16.99 -14.14 -2.11
C ALA H 24 -16.21 -12.90 -2.54
N GLN H 25 -15.35 -13.08 -3.53
CA GLN H 25 -14.60 -11.97 -4.11
C GLN H 25 -15.42 -11.09 -5.05
N THR H 26 -16.02 -11.69 -6.07
CA THR H 26 -16.72 -10.95 -7.10
C THR H 26 -17.99 -10.27 -6.61
N LYS H 27 -18.68 -10.92 -5.67
CA LYS H 27 -19.93 -10.38 -5.13
C LYS H 27 -19.72 -9.36 -4.03
N GLY H 28 -18.45 -9.15 -3.64
CA GLY H 28 -18.10 -8.12 -2.69
C GLY H 28 -18.28 -8.49 -1.23
N TYR H 29 -18.40 -9.77 -0.96
CA TYR H 29 -18.54 -10.24 0.42
C TYR H 29 -17.25 -10.01 1.20
N PHE H 30 -16.10 -10.24 0.58
CA PHE H 30 -14.85 -9.98 1.27
C PHE H 30 -14.75 -8.49 1.57
N LYS H 31 -15.01 -7.68 0.55
CA LYS H 31 -14.95 -6.24 0.68
C LYS H 31 -15.83 -5.76 1.82
N GLU H 32 -17.07 -6.24 1.86
CA GLU H 32 -18.00 -5.78 2.89
C GLU H 32 -17.58 -6.20 4.32
N GLN H 33 -16.52 -7.00 4.43
CA GLN H 33 -16.00 -7.40 5.74
C GLN H 33 -14.70 -6.65 6.07
N GLY H 34 -14.33 -5.72 5.19
CA GLY H 34 -13.08 -4.98 5.33
C GLY H 34 -11.86 -5.85 5.10
N LEU H 35 -12.04 -6.91 4.32
CA LEU H 35 -10.93 -7.79 3.95
C LEU H 35 -10.47 -7.54 2.51
N ASP H 36 -9.17 -7.53 2.32
CA ASP H 36 -8.59 -7.39 1.00
C ASP H 36 -7.83 -8.67 0.69
N MET H 37 -8.52 -9.59 0.01
CA MET H 37 -7.97 -10.90 -0.28
C MET H 37 -7.28 -10.93 -1.64
N ALA H 38 -6.04 -11.43 -1.64
CA ALA H 38 -5.32 -11.70 -2.87
C ALA H 38 -5.29 -13.20 -3.12
N ILE H 39 -6.27 -13.66 -3.89
CA ILE H 39 -6.36 -15.08 -4.24
C ILE H 39 -5.27 -15.47 -5.23
N LEU H 40 -4.48 -16.47 -4.87
CA LEU H 40 -3.43 -16.99 -5.76
C LEU H 40 -3.64 -18.46 -6.16
N GLU H 41 -3.22 -18.80 -7.37
CA GLU H 41 -3.31 -20.17 -7.88
C GLU H 41 -1.90 -20.74 -8.05
N PRO H 42 -1.68 -21.96 -7.56
CA PRO H 42 -0.36 -22.58 -7.66
C PRO H 42 -0.14 -23.22 -9.02
N THR H 43 1.13 -23.38 -9.38
CA THR H 43 1.49 -24.08 -10.59
C THR H 43 1.70 -25.53 -10.20
N ASN H 44 1.99 -25.73 -8.91
CA ASN H 44 2.30 -27.06 -8.37
C ASN H 44 1.78 -27.23 -6.94
N PRO H 45 0.83 -28.16 -6.72
CA PRO H 45 0.22 -28.22 -5.38
C PRO H 45 1.22 -28.58 -4.28
N SER H 46 2.28 -29.27 -4.67
CA SER H 46 3.35 -29.66 -3.74
C SER H 46 4.03 -28.47 -3.11
N ASP H 47 3.83 -27.30 -3.73
CA ASP H 47 4.38 -26.08 -3.17
C ASP H 47 3.46 -25.51 -2.08
N VAL H 48 2.19 -25.87 -2.12
CA VAL H 48 1.18 -25.16 -1.32
C VAL H 48 1.38 -25.16 0.21
N THR H 49 1.40 -26.34 0.83
CA THR H 49 1.47 -26.40 2.30
C THR H 49 2.74 -25.77 2.83
N GLU H 50 3.86 -26.04 2.15
CA GLU H 50 5.10 -25.39 2.53
C GLU H 50 5.02 -23.84 2.53
N LEU H 51 4.45 -23.24 1.47
CA LEU H 51 4.31 -21.78 1.41
C LEU H 51 3.44 -21.22 2.54
N ILE H 52 2.32 -21.90 2.82
CA ILE H 52 1.41 -21.42 3.86
C ILE H 52 2.00 -21.67 5.25
N GLY H 53 2.58 -22.87 5.43
CA GLY H 53 3.20 -23.21 6.71
C GLY H 53 4.30 -22.22 7.08
N SER H 54 5.07 -21.81 6.08
CA SER H 54 6.21 -20.91 6.29
C SER H 54 5.81 -19.43 6.43
N GLY H 55 4.51 -19.14 6.36
CA GLY H 55 4.05 -17.77 6.55
C GLY H 55 4.20 -16.85 5.34
N LYS H 56 4.87 -17.35 4.29
CA LYS H 56 5.00 -16.58 3.06
C LYS H 56 3.63 -16.26 2.50
N VAL H 57 2.73 -17.24 2.61
CA VAL H 57 1.33 -17.06 2.25
C VAL H 57 0.45 -17.23 3.50
N ASP H 58 -0.62 -16.43 3.63
CA ASP H 58 -1.43 -16.45 4.86
C ASP H 58 -2.42 -17.62 4.97
N MET H 59 -3.28 -17.76 3.96
CA MET H 59 -4.27 -18.83 3.96
C MET H 59 -4.30 -19.59 2.62
N GLY H 60 -5.16 -20.59 2.50
CA GLY H 60 -5.32 -21.28 1.25
C GLY H 60 -6.11 -22.56 1.44
N LEU H 61 -5.92 -23.52 0.54
CA LEU H 61 -6.59 -24.80 0.64
C LEU H 61 -5.60 -25.94 0.51
N LYS H 62 -5.89 -27.08 1.16
CA LYS H 62 -5.23 -28.35 0.87
C LYS H 62 -6.13 -29.51 1.28
N ALA H 63 -5.66 -30.74 1.12
CA ALA H 63 -6.48 -31.88 1.52
C ALA H 63 -6.16 -32.33 2.93
N MET H 64 -7.08 -33.06 3.54
CA MET H 64 -6.91 -33.44 4.93
C MET H 64 -5.52 -34.02 5.14
N ILE H 65 -5.27 -35.22 4.63
CA ILE H 65 -3.95 -35.86 4.81
C ILE H 65 -2.81 -34.87 4.58
N HIS H 66 -2.98 -33.92 3.63
CA HIS H 66 -1.92 -32.92 3.34
C HIS H 66 -1.76 -32.00 4.48
N THR H 67 -2.83 -31.38 4.87
CA THR H 67 -2.87 -30.58 6.07
C THR H 67 -2.15 -31.28 7.22
N LEU H 68 -2.55 -32.53 7.50
CA LEU H 68 -1.98 -33.30 8.61
C LEU H 68 -0.47 -33.43 8.47
N ALA H 69 -0.05 -33.99 7.35
CA ALA H 69 1.38 -34.17 7.07
C ALA H 69 2.16 -32.87 7.09
N ALA H 70 1.50 -31.73 6.84
CA ALA H 70 2.18 -30.44 6.86
C ALA H 70 2.77 -30.11 8.24
N LYS H 71 1.98 -30.27 9.30
CA LYS H 71 2.46 -30.01 10.66
C LYS H 71 3.50 -31.04 11.06
N ALA H 72 3.19 -32.30 10.80
CA ALA H 72 4.18 -33.34 11.01
C ALA H 72 5.52 -32.97 10.38
N ARG H 73 5.49 -32.52 9.12
CA ARG H 73 6.72 -32.25 8.38
C ARG H 73 7.32 -30.88 8.70
N GLY H 74 6.74 -30.19 9.68
CA GLY H 74 7.36 -28.99 10.24
C GLY H 74 6.72 -27.67 9.85
N PHE H 75 5.65 -27.75 9.06
CA PHE H 75 4.97 -26.55 8.60
C PHE H 75 3.67 -26.38 9.38
N PRO H 76 3.62 -25.34 10.20
CA PRO H 76 2.50 -25.04 11.10
C PRO H 76 1.29 -24.46 10.36
N VAL H 77 0.35 -25.32 10.01
CA VAL H 77 -0.93 -24.91 9.45
C VAL H 77 -2.10 -25.50 10.23
N THR H 78 -3.20 -24.78 10.23
CA THR H 78 -4.37 -25.25 10.95
C THR H 78 -5.60 -25.16 10.07
N SER H 79 -6.36 -26.24 10.00
CA SER H 79 -7.63 -26.20 9.28
C SER H 79 -8.66 -25.45 10.10
N VAL H 80 -9.23 -24.40 9.52
CA VAL H 80 -10.22 -23.59 10.24
C VAL H 80 -11.63 -23.75 9.66
N ALA H 81 -11.75 -24.59 8.63
CA ALA H 81 -13.04 -24.80 7.98
C ALA H 81 -12.88 -25.83 6.87
N SER H 82 -14.02 -26.32 6.37
CA SER H 82 -14.07 -27.38 5.39
C SER H 82 -14.81 -26.92 4.12
N LEU H 83 -14.25 -27.21 2.94
CA LEU H 83 -14.84 -26.76 1.67
C LEU H 83 -15.59 -27.90 0.98
N LEU H 84 -14.90 -29.02 0.78
CA LEU H 84 -15.42 -30.15 0.02
C LEU H 84 -15.28 -31.41 0.87
N ASP H 85 -16.40 -32.02 1.22
CA ASP H 85 -16.40 -33.13 2.19
C ASP H 85 -16.40 -34.49 1.54
N GLU H 86 -15.41 -35.31 1.89
CA GLU H 86 -15.35 -36.73 1.50
C GLU H 86 -15.73 -37.01 0.04
N PRO H 87 -15.03 -36.40 -0.91
CA PRO H 87 -15.27 -36.77 -2.29
C PRO H 87 -14.63 -38.12 -2.58
N PHE H 88 -15.31 -39.00 -3.33
CA PHE H 88 -14.77 -40.33 -3.62
C PHE H 88 -13.43 -40.26 -4.31
N THR H 89 -12.40 -40.80 -3.67
CA THR H 89 -11.06 -40.84 -4.23
C THR H 89 -10.66 -42.26 -4.50
N GLY H 90 -9.82 -42.47 -5.49
CA GLY H 90 -9.44 -43.83 -5.85
C GLY H 90 -8.59 -43.84 -7.09
N VAL H 91 -8.20 -45.04 -7.50
CA VAL H 91 -7.46 -45.22 -8.75
C VAL H 91 -8.46 -45.32 -9.90
N LEU H 92 -8.38 -44.36 -10.82
CA LEU H 92 -9.24 -44.32 -11.99
C LEU H 92 -8.58 -45.03 -13.16
N TYR H 93 -9.38 -45.73 -13.96
CA TYR H 93 -8.87 -46.41 -15.14
C TYR H 93 -10.01 -46.56 -16.13
N LEU H 94 -9.66 -46.75 -17.40
CA LEU H 94 -10.67 -47.02 -18.42
C LEU H 94 -10.82 -48.51 -18.67
N LYS H 95 -12.04 -48.99 -18.84
CA LYS H 95 -12.29 -50.41 -19.12
C LYS H 95 -11.53 -50.85 -20.35
N GLY H 96 -10.73 -51.90 -20.20
CA GLY H 96 -9.91 -52.38 -21.28
C GLY H 96 -8.49 -51.85 -21.17
N SER H 97 -8.11 -51.49 -19.95
CA SER H 97 -6.81 -50.86 -19.69
C SER H 97 -5.55 -51.69 -19.95
N GLY H 98 -5.55 -52.99 -19.65
CA GLY H 98 -6.67 -53.70 -19.06
C GLY H 98 -6.50 -53.84 -17.56
N ILE H 99 -7.39 -53.19 -16.82
CA ILE H 99 -7.33 -53.20 -15.37
C ILE H 99 -8.70 -53.63 -14.86
N THR H 100 -8.73 -54.24 -13.69
CA THR H 100 -9.97 -54.78 -13.16
C THR H 100 -10.15 -54.44 -11.70
N LYS H 101 -11.29 -54.87 -11.15
CA LYS H 101 -11.62 -54.60 -9.76
C LYS H 101 -10.57 -55.17 -8.81
N SER H 102 -9.79 -56.15 -9.28
CA SER H 102 -8.75 -56.74 -8.43
C SER H 102 -7.45 -55.96 -8.44
N PHE H 103 -7.08 -55.44 -7.28
CA PHE H 103 -5.87 -54.66 -7.12
C PHE H 103 -4.64 -55.40 -7.69
N GLN H 104 -4.80 -56.66 -8.07
CA GLN H 104 -3.68 -57.43 -8.62
C GLN H 104 -3.36 -57.01 -10.05
N SER H 105 -4.35 -56.44 -10.73
CA SER H 105 -4.18 -56.01 -12.12
C SER H 105 -3.19 -54.87 -12.25
N LEU H 106 -2.94 -54.17 -11.14
CA LEU H 106 -2.00 -53.05 -11.16
C LEU H 106 -0.58 -53.49 -11.45
N LYS H 107 -0.34 -54.81 -11.44
CA LYS H 107 0.99 -55.35 -11.70
C LYS H 107 1.46 -55.04 -13.11
N GLY H 108 2.63 -54.43 -13.21
CA GLY H 108 3.22 -54.10 -14.49
C GLY H 108 2.59 -52.94 -15.23
N LYS H 109 1.63 -52.27 -14.58
CA LYS H 109 0.96 -51.12 -15.16
C LYS H 109 1.65 -49.83 -14.72
N LYS H 110 1.50 -48.77 -15.51
CA LYS H 110 1.98 -47.46 -15.12
C LYS H 110 0.84 -46.74 -14.42
N ILE H 111 1.09 -46.31 -13.19
CA ILE H 111 0.04 -45.74 -12.36
C ILE H 111 0.40 -44.33 -11.92
N GLY H 112 -0.48 -43.38 -12.25
CA GLY H 112 -0.19 -41.98 -12.02
C GLY H 112 -0.67 -41.51 -10.67
N TYR H 113 0.08 -40.60 -10.10
CA TYR H 113 -0.25 -39.99 -8.85
C TYR H 113 0.06 -38.52 -9.01
N VAL H 114 -0.62 -37.67 -8.25
CA VAL H 114 -0.39 -36.24 -8.34
C VAL H 114 0.93 -35.66 -7.85
N GLY H 115 1.37 -36.04 -6.66
CA GLY H 115 2.60 -35.50 -6.10
C GLY H 115 3.52 -36.27 -5.20
N GLU H 116 3.01 -36.63 -4.04
CA GLU H 116 3.77 -37.37 -3.07
C GLU H 116 2.95 -38.44 -2.38
N PHE H 117 1.95 -38.00 -1.67
CA PHE H 117 1.08 -38.83 -0.86
C PHE H 117 0.23 -39.83 -1.58
N GLY H 118 0.20 -39.71 -2.89
CA GLY H 118 -0.53 -40.65 -3.72
C GLY H 118 0.36 -41.85 -3.95
N LYS H 119 1.64 -41.59 -4.17
CA LYS H 119 2.60 -42.68 -4.33
C LYS H 119 2.70 -43.46 -3.04
N ILE H 120 2.87 -42.73 -1.93
CA ILE H 120 2.92 -43.32 -0.61
C ILE H 120 1.71 -44.20 -0.34
N GLN H 121 0.52 -43.77 -0.78
CA GLN H 121 -0.69 -44.56 -0.63
C GLN H 121 -0.68 -45.85 -1.44
N ILE H 122 -0.36 -45.75 -2.72
CA ILE H 122 -0.27 -46.93 -3.58
C ILE H 122 0.82 -47.87 -3.10
N ASP H 123 2.02 -47.31 -2.84
CA ASP H 123 3.16 -48.07 -2.35
C ASP H 123 2.75 -48.98 -1.19
N GLU H 124 1.94 -48.44 -0.29
CA GLU H 124 1.55 -49.17 0.90
C GLU H 124 0.44 -50.20 0.61
N LEU H 125 -0.46 -49.86 -0.30
CA LEU H 125 -1.53 -50.78 -0.68
C LEU H 125 -0.98 -52.06 -1.33
N THR H 126 0.18 -51.95 -1.98
CA THR H 126 0.77 -53.09 -2.67
C THR H 126 1.16 -54.19 -1.71
N LYS H 127 1.52 -53.81 -0.49
CA LYS H 127 1.89 -54.81 0.52
C LYS H 127 0.69 -55.64 0.97
N HIS H 128 -0.46 -54.99 1.15
CA HIS H 128 -1.69 -55.67 1.58
C HIS H 128 -2.26 -56.62 0.54
N TYR H 129 -1.65 -56.65 -0.65
CA TYR H 129 -2.12 -57.51 -1.74
C TYR H 129 -0.97 -58.35 -2.33
N GLY H 130 0.09 -58.51 -1.55
CA GLY H 130 1.14 -59.46 -1.88
C GLY H 130 2.24 -58.96 -2.78
N MET H 131 1.96 -57.89 -3.52
CA MET H 131 2.95 -57.32 -4.43
C MET H 131 3.86 -56.28 -3.75
N LYS H 132 4.97 -55.98 -4.41
CA LYS H 132 5.97 -55.07 -3.86
C LYS H 132 6.10 -53.80 -4.70
N PRO H 133 6.38 -52.67 -4.05
CA PRO H 133 6.98 -51.58 -4.83
C PRO H 133 8.43 -51.98 -5.17
N GLU H 134 8.69 -52.27 -6.44
CA GLU H 134 7.76 -51.96 -7.51
C GLU H 134 7.51 -53.14 -8.45
N ASP H 135 6.29 -53.66 -8.40
CA ASP H 135 5.78 -54.57 -9.41
C ASP H 135 4.96 -53.71 -10.35
N TYR H 136 5.01 -52.40 -10.11
CA TYR H 136 4.28 -51.41 -10.89
C TYR H 136 5.11 -50.13 -10.98
N THR H 137 4.88 -49.34 -12.03
CA THR H 137 5.59 -48.07 -12.16
C THR H 137 4.74 -46.87 -11.75
N ALA H 138 5.22 -46.10 -10.78
CA ALA H 138 4.52 -44.90 -10.33
C ALA H 138 5.01 -43.69 -11.11
N VAL H 139 4.06 -42.91 -11.64
CA VAL H 139 4.38 -41.75 -12.45
C VAL H 139 3.80 -40.45 -11.85
N ARG H 140 4.65 -39.48 -11.52
CA ARG H 140 4.14 -38.20 -11.05
C ARG H 140 3.55 -37.38 -12.20
N CYS H 141 2.28 -36.98 -12.06
CA CYS H 141 1.53 -36.34 -13.14
C CYS H 141 1.02 -34.95 -12.79
N GLY H 142 1.18 -34.56 -11.53
CA GLY H 142 0.60 -33.32 -11.07
C GLY H 142 -0.89 -33.19 -11.37
N MET H 143 -1.27 -32.03 -11.87
CA MET H 143 -2.69 -31.76 -12.09
C MET H 143 -3.23 -32.41 -13.37
N ASN H 144 -2.42 -33.26 -13.99
CA ASN H 144 -2.72 -33.82 -15.30
C ASN H 144 -3.01 -35.32 -15.31
N VAL H 145 -3.41 -35.88 -14.18
CA VAL H 145 -3.61 -37.33 -14.12
C VAL H 145 -4.61 -37.81 -15.17
N ALA H 146 -5.82 -37.24 -15.15
CA ALA H 146 -6.84 -37.70 -16.07
C ALA H 146 -6.39 -37.54 -17.51
N LYS H 147 -5.78 -36.39 -17.82
CA LYS H 147 -5.27 -36.13 -19.15
C LYS H 147 -4.30 -37.21 -19.61
N TYR H 148 -3.33 -37.55 -18.76
CA TYR H 148 -2.36 -38.60 -19.11
C TYR H 148 -2.98 -40.00 -19.25
N ILE H 149 -4.08 -40.24 -18.55
CA ILE H 149 -4.79 -41.50 -18.71
C ILE H 149 -5.36 -41.57 -20.13
N ILE H 150 -6.11 -40.55 -20.50
CA ILE H 150 -6.74 -40.49 -21.82
C ILE H 150 -5.72 -40.61 -22.97
N GLU H 151 -4.51 -40.11 -22.75
CA GLU H 151 -3.50 -40.15 -23.80
C GLU H 151 -2.68 -41.45 -23.78
N GLY H 152 -2.97 -42.31 -22.82
CA GLY H 152 -2.26 -43.57 -22.69
C GLY H 152 -0.83 -43.50 -22.19
N LYS H 153 -0.46 -42.41 -21.55
CA LYS H 153 0.88 -42.31 -20.98
C LYS H 153 0.93 -43.05 -19.64
N ILE H 154 -0.23 -43.27 -19.05
CA ILE H 154 -0.36 -44.09 -17.85
C ILE H 154 -1.58 -44.96 -18.04
N ASP H 155 -1.69 -46.02 -17.24
CA ASP H 155 -2.73 -47.02 -17.45
C ASP H 155 -3.90 -46.70 -16.54
N ALA H 156 -3.57 -46.21 -15.36
CA ALA H 156 -4.54 -45.71 -14.38
C ALA H 156 -3.85 -44.65 -13.54
N GLY H 157 -4.63 -43.87 -12.80
CA GLY H 157 -4.06 -42.87 -11.93
C GLY H 157 -5.01 -42.43 -10.84
N ILE H 158 -4.49 -41.74 -9.84
CA ILE H 158 -5.27 -41.30 -8.69
C ILE H 158 -6.09 -40.03 -8.93
N GLY H 159 -7.35 -40.03 -8.48
CA GLY H 159 -8.23 -38.90 -8.75
C GLY H 159 -9.53 -38.85 -7.98
N ILE H 160 -10.26 -37.76 -8.16
CA ILE H 160 -11.54 -37.50 -7.49
C ILE H 160 -12.72 -37.82 -8.41
N GLU H 161 -13.74 -38.46 -7.86
CA GLU H 161 -14.90 -38.84 -8.66
C GLU H 161 -15.55 -37.65 -9.38
N CYS H 162 -15.48 -36.46 -8.79
CA CYS H 162 -16.22 -35.33 -9.36
C CYS H 162 -15.32 -34.41 -10.18
N MET H 163 -14.10 -34.86 -10.41
CA MET H 163 -13.18 -34.08 -11.25
C MET H 163 -12.56 -34.98 -12.30
N GLN H 164 -11.53 -35.75 -11.92
CA GLN H 164 -10.89 -36.65 -12.85
C GLN H 164 -11.84 -37.64 -13.55
N GLN H 165 -12.74 -38.25 -12.76
CA GLN H 165 -13.65 -39.24 -13.32
C GLN H 165 -14.55 -38.62 -14.36
N VAL H 166 -15.03 -37.41 -14.09
CA VAL H 166 -15.84 -36.70 -15.06
C VAL H 166 -15.06 -36.43 -16.35
N GLU H 167 -13.78 -36.10 -16.20
CA GLU H 167 -12.98 -35.78 -17.37
C GLU H 167 -12.89 -37.02 -18.28
N LEU H 168 -12.87 -38.20 -17.65
CA LEU H 168 -12.80 -39.45 -18.40
C LEU H 168 -14.14 -39.75 -19.05
N GLU H 169 -15.21 -39.52 -18.31
CA GLU H 169 -16.52 -39.82 -18.84
C GLU H 169 -16.77 -38.97 -20.06
N GLU H 170 -16.34 -37.71 -20.00
CA GLU H 170 -16.55 -36.80 -21.12
C GLU H 170 -15.72 -37.20 -22.35
N TYR H 171 -14.51 -37.69 -22.10
CA TYR H 171 -13.71 -38.25 -23.17
C TYR H 171 -14.35 -39.48 -23.78
N LEU H 172 -14.87 -40.37 -22.94
CA LEU H 172 -15.55 -41.56 -23.41
C LEU H 172 -16.72 -41.21 -24.31
N ALA H 173 -17.52 -40.22 -23.92
CA ALA H 173 -18.68 -39.81 -24.70
C ALA H 173 -18.27 -39.39 -26.12
N LYS H 174 -17.11 -38.75 -26.25
CA LYS H 174 -16.54 -38.43 -27.55
C LYS H 174 -16.21 -39.69 -28.36
N GLN H 175 -15.62 -40.69 -27.71
CA GLN H 175 -15.31 -41.96 -28.37
C GLN H 175 -16.56 -42.84 -28.56
N GLY H 176 -17.70 -42.33 -28.14
CA GLY H 176 -18.94 -43.08 -28.25
C GLY H 176 -19.10 -44.19 -27.25
N ARG H 177 -18.05 -44.44 -26.47
CA ARG H 177 -18.10 -45.36 -25.33
C ARG H 177 -19.07 -44.85 -24.23
N PRO H 178 -19.58 -45.76 -23.37
CA PRO H 178 -20.49 -45.38 -22.29
C PRO H 178 -19.76 -44.86 -21.04
N ALA H 179 -20.40 -43.99 -20.29
CA ALA H 179 -19.76 -43.41 -19.11
C ALA H 179 -19.29 -44.50 -18.14
N SER H 180 -20.03 -45.61 -18.11
CA SER H 180 -19.71 -46.69 -17.18
C SER H 180 -18.32 -47.28 -17.41
N ASP H 181 -17.68 -46.94 -18.53
CA ASP H 181 -16.37 -47.50 -18.86
C ASP H 181 -15.26 -46.80 -18.09
N ALA H 182 -15.61 -45.69 -17.45
CA ALA H 182 -14.69 -44.99 -16.57
C ALA H 182 -14.84 -45.57 -15.17
N LYS H 183 -13.82 -46.30 -14.72
CA LYS H 183 -13.93 -47.03 -13.48
C LYS H 183 -12.94 -46.59 -12.40
N MET H 184 -13.32 -46.82 -11.13
CA MET H 184 -12.47 -46.46 -10.00
C MET H 184 -12.32 -47.61 -9.00
N LEU H 185 -11.07 -47.93 -8.69
CA LEU H 185 -10.76 -48.75 -7.53
C LEU H 185 -10.71 -47.84 -6.31
N ARG H 186 -11.73 -47.90 -5.47
CA ARG H 186 -11.80 -46.95 -4.34
C ARG H 186 -10.85 -47.28 -3.19
N ILE H 187 -10.09 -46.28 -2.73
CA ILE H 187 -9.16 -46.43 -1.61
C ILE H 187 -9.93 -46.38 -0.30
N ASP H 188 -11.17 -45.91 -0.39
CA ASP H 188 -12.09 -45.89 0.73
C ASP H 188 -12.52 -47.33 1.08
N LYS H 189 -12.86 -48.10 0.05
CA LYS H 189 -13.35 -49.47 0.22
C LYS H 189 -12.22 -50.50 0.37
N LEU H 190 -11.08 -50.21 -0.24
CA LEU H 190 -9.96 -51.15 -0.28
C LEU H 190 -8.64 -50.47 0.06
N CYS H 195 -13.25 -43.98 5.15
CA CYS H 195 -12.20 -42.98 5.24
C CYS H 195 -11.72 -42.44 3.87
N CYS H 196 -12.66 -42.21 2.95
CA CYS H 196 -12.33 -41.55 1.69
C CYS H 196 -12.12 -40.07 1.99
N CYS H 197 -12.04 -39.79 3.28
CA CYS H 197 -11.94 -38.45 3.81
C CYS H 197 -10.55 -37.85 3.59
N PHE H 198 -9.58 -38.65 3.13
CA PHE H 198 -8.25 -38.11 2.94
C PHE H 198 -8.26 -36.93 1.97
N CYS H 199 -9.13 -36.98 0.97
CA CYS H 199 -9.19 -35.88 0.00
C CYS H 199 -10.33 -34.88 0.24
N THR H 200 -10.76 -34.76 1.50
CA THR H 200 -11.58 -33.61 1.90
C THR H 200 -10.77 -32.33 1.72
N VAL H 201 -11.37 -31.29 1.14
CA VAL H 201 -10.59 -30.08 0.90
C VAL H 201 -10.92 -29.03 1.96
N LEU H 202 -9.88 -28.51 2.58
CA LEU H 202 -10.01 -27.64 3.76
C LEU H 202 -9.54 -26.20 3.56
N TYR H 203 -10.21 -25.27 4.23
CA TYR H 203 -9.69 -23.95 4.43
C TYR H 203 -8.61 -24.02 5.52
N ILE H 204 -7.37 -23.71 5.17
CA ILE H 204 -6.29 -23.69 6.16
C ILE H 204 -5.60 -22.32 6.36
N CYS H 205 -5.08 -22.12 7.57
CA CYS H 205 -4.33 -20.91 7.92
C CYS H 205 -2.94 -21.21 8.43
N ASN H 206 -2.05 -20.26 8.22
CA ASN H 206 -0.74 -20.30 8.87
C ASN H 206 -0.96 -20.10 10.37
N ASP H 207 -0.34 -20.95 11.18
CA ASP H 207 -0.63 -20.94 12.62
C ASP H 207 -0.38 -19.53 13.19
N GLU H 208 0.76 -18.96 12.85
CA GLU H 208 1.12 -17.63 13.30
C GLU H 208 0.13 -16.57 12.80
N PHE H 209 -0.29 -16.67 11.53
CA PHE H 209 -1.25 -15.72 11.00
C PHE H 209 -2.57 -15.77 11.79
N LEU H 210 -3.02 -16.98 12.10
CA LEU H 210 -4.29 -17.19 12.81
C LEU H 210 -4.21 -16.64 14.23
N LYS H 211 -3.06 -16.84 14.87
CA LYS H 211 -2.82 -16.29 16.19
C LYS H 211 -2.96 -14.77 16.20
N LYS H 212 -2.37 -14.08 15.22
CA LYS H 212 -2.35 -12.62 15.21
C LYS H 212 -3.62 -11.98 14.64
N ASN H 213 -4.38 -12.72 13.83
CA ASN H 213 -5.54 -12.11 13.17
C ASN H 213 -6.84 -12.90 13.30
N PRO H 214 -7.17 -13.37 14.51
CA PRO H 214 -8.31 -14.25 14.70
C PRO H 214 -9.62 -13.69 14.15
N GLU H 215 -9.81 -12.39 14.30
CA GLU H 215 -11.05 -11.75 13.88
C GLU H 215 -11.18 -11.66 12.35
N LYS H 216 -10.05 -11.49 11.67
CA LYS H 216 -10.05 -11.43 10.21
C LYS H 216 -10.45 -12.79 9.62
N VAL H 217 -9.87 -13.86 10.17
CA VAL H 217 -10.25 -15.22 9.80
C VAL H 217 -11.73 -15.46 10.06
N ARG H 218 -12.22 -15.02 11.22
CA ARG H 218 -13.63 -15.19 11.53
C ARG H 218 -14.47 -14.48 10.47
N LYS H 219 -14.02 -13.31 10.05
CA LYS H 219 -14.73 -12.49 9.07
C LYS H 219 -14.62 -13.13 7.70
N PHE H 220 -13.45 -13.70 7.43
CA PHE H 220 -13.20 -14.39 6.18
C PHE H 220 -14.24 -15.49 5.99
N LEU H 221 -14.39 -16.32 7.02
CA LEU H 221 -15.30 -17.44 6.96
C LEU H 221 -16.74 -16.95 6.87
N LYS H 222 -17.02 -15.76 7.39
CA LYS H 222 -18.37 -15.22 7.28
C LYS H 222 -18.69 -14.95 5.83
N ALA H 223 -17.72 -14.37 5.12
CA ALA H 223 -17.87 -14.06 3.70
C ALA H 223 -18.02 -15.36 2.93
N ILE H 224 -17.11 -16.31 3.21
CA ILE H 224 -17.16 -17.62 2.58
C ILE H 224 -18.52 -18.30 2.81
N LYS H 225 -19.02 -18.22 4.04
CA LYS H 225 -20.32 -18.80 4.34
C LYS H 225 -21.41 -18.17 3.48
N LYS H 226 -21.40 -16.85 3.40
CA LYS H 226 -22.45 -16.15 2.68
C LYS H 226 -22.50 -16.62 1.24
N ALA H 227 -21.32 -16.77 0.63
CA ALA H 227 -21.22 -17.20 -0.77
C ALA H 227 -21.60 -18.67 -0.91
N THR H 228 -21.18 -19.48 0.06
CA THR H 228 -21.47 -20.90 0.02
C THR H 228 -22.98 -21.13 0.03
N ASP H 229 -23.68 -20.31 0.79
CA ASP H 229 -25.14 -20.37 0.84
C ASP H 229 -25.74 -20.07 -0.53
N TYR H 230 -25.25 -18.98 -1.13
CA TYR H 230 -25.70 -18.57 -2.45
C TYR H 230 -25.49 -19.70 -3.46
N VAL H 231 -24.30 -20.30 -3.45
CA VAL H 231 -23.98 -21.39 -4.36
C VAL H 231 -24.93 -22.59 -4.20
N LEU H 232 -25.24 -22.94 -2.95
CA LEU H 232 -26.11 -24.09 -2.70
C LEU H 232 -27.57 -23.75 -3.00
N ALA H 233 -27.96 -22.53 -2.62
CA ALA H 233 -29.33 -22.07 -2.84
C ALA H 233 -29.66 -21.95 -4.33
N ASP H 234 -28.77 -21.30 -5.07
CA ASP H 234 -29.01 -21.07 -6.49
C ASP H 234 -27.78 -21.38 -7.35
N PRO H 235 -27.51 -22.67 -7.56
CA PRO H 235 -26.26 -23.11 -8.17
C PRO H 235 -26.11 -22.59 -9.58
N VAL H 236 -27.23 -22.38 -10.27
CA VAL H 236 -27.14 -22.02 -11.67
C VAL H 236 -26.75 -20.58 -11.90
N LYS H 237 -27.40 -19.67 -11.18
CA LYS H 237 -27.03 -18.26 -11.25
C LYS H 237 -25.58 -18.15 -10.77
N ALA H 238 -25.27 -18.80 -9.66
CA ALA H 238 -23.91 -18.79 -9.11
C ALA H 238 -22.91 -19.16 -10.21
N TRP H 239 -23.16 -20.29 -10.87
CA TRP H 239 -22.23 -20.76 -11.89
C TRP H 239 -21.99 -19.71 -12.98
N LYS H 240 -23.08 -19.10 -13.44
CA LYS H 240 -22.99 -18.09 -14.48
C LYS H 240 -22.11 -16.90 -14.07
N GLU H 241 -22.24 -16.46 -12.83
CA GLU H 241 -21.37 -15.43 -12.32
C GLU H 241 -19.91 -15.90 -12.34
N TYR H 242 -19.69 -17.08 -11.78
CA TYR H 242 -18.34 -17.64 -11.68
C TYR H 242 -17.64 -17.63 -13.04
N ILE H 243 -18.29 -18.17 -14.06
CA ILE H 243 -17.64 -18.34 -15.35
C ILE H 243 -17.60 -17.06 -16.15
N ASP H 244 -18.31 -16.04 -15.68
CA ASP H 244 -18.23 -14.72 -16.28
C ASP H 244 -16.91 -14.11 -15.88
N PHE H 245 -16.49 -14.44 -14.68
CA PHE H 245 -15.22 -13.98 -14.15
C PHE H 245 -14.06 -14.87 -14.59
N LYS H 246 -14.29 -16.19 -14.61
CA LYS H 246 -13.25 -17.18 -14.93
C LYS H 246 -13.68 -18.01 -16.13
N PRO H 247 -13.65 -17.41 -17.33
CA PRO H 247 -14.12 -18.04 -18.58
C PRO H 247 -13.46 -19.41 -18.90
N GLN H 248 -12.28 -19.68 -18.33
CA GLN H 248 -11.62 -20.95 -18.60
C GLN H 248 -12.49 -22.08 -18.09
N LEU H 249 -13.43 -21.75 -17.23
CA LEU H 249 -14.34 -22.73 -16.67
C LEU H 249 -15.67 -22.77 -17.42
N ASN H 250 -15.76 -21.98 -18.49
CA ASN H 250 -16.98 -21.94 -19.26
C ASN H 250 -17.04 -22.98 -20.39
N ASN H 251 -17.08 -24.25 -19.99
CA ASN H 251 -17.18 -25.34 -20.94
C ASN H 251 -18.03 -26.42 -20.33
N ASP H 252 -18.42 -27.40 -21.14
CA ASP H 252 -19.31 -28.43 -20.65
C ASP H 252 -18.68 -29.36 -19.61
N LEU H 253 -17.39 -29.66 -19.78
CA LEU H 253 -16.69 -30.45 -18.78
C LEU H 253 -16.79 -29.80 -17.41
N SER H 254 -16.49 -28.51 -17.37
CA SER H 254 -16.42 -27.81 -16.09
C SER H 254 -17.78 -27.79 -15.42
N TYR H 255 -18.82 -27.69 -16.23
CA TYR H 255 -20.17 -27.68 -15.70
C TYR H 255 -20.59 -29.03 -15.15
N LYS H 256 -20.25 -30.09 -15.87
CA LYS H 256 -20.56 -31.44 -15.40
C LYS H 256 -19.82 -31.71 -14.08
N GLN H 257 -18.55 -31.29 -14.02
CA GLN H 257 -17.78 -31.40 -12.79
C GLN H 257 -18.48 -30.62 -11.68
N TYR H 258 -18.96 -29.43 -12.01
CA TYR H 258 -19.62 -28.58 -11.04
C TYR H 258 -20.80 -29.33 -10.44
N GLN H 259 -21.57 -29.98 -11.30
CA GLN H 259 -22.75 -30.71 -10.85
C GLN H 259 -22.41 -31.84 -9.92
N ARG H 260 -21.34 -32.55 -10.24
CA ARG H 260 -20.87 -33.64 -9.41
C ARG H 260 -20.30 -33.15 -8.08
N CYS H 261 -19.83 -31.92 -8.08
CA CYS H 261 -19.28 -31.31 -6.86
C CYS H 261 -20.38 -30.90 -5.88
N TYR H 262 -21.54 -30.54 -6.44
CA TYR H 262 -22.63 -29.94 -5.68
C TYR H 262 -22.97 -30.68 -4.38
N ALA H 263 -23.12 -31.99 -4.48
CA ALA H 263 -23.49 -32.78 -3.31
C ALA H 263 -22.39 -32.86 -2.26
N TYR H 264 -21.14 -32.58 -2.63
CA TYR H 264 -20.01 -32.67 -1.70
C TYR H 264 -19.65 -31.37 -0.95
N PHE H 265 -20.15 -30.23 -1.44
CA PHE H 265 -19.88 -28.96 -0.77
C PHE H 265 -20.34 -29.09 0.65
N SER H 266 -19.56 -28.54 1.58
CA SER H 266 -19.96 -28.48 2.98
C SER H 266 -20.88 -27.28 3.13
N SER H 267 -22.10 -27.52 3.61
CA SER H 267 -23.04 -26.40 3.81
C SER H 267 -22.73 -25.57 5.06
N SER H 268 -22.12 -26.21 6.05
CA SER H 268 -21.81 -25.60 7.34
C SER H 268 -20.35 -25.15 7.51
N LEU H 269 -19.46 -25.66 6.66
CA LEU H 269 -18.03 -25.34 6.74
C LEU H 269 -17.34 -26.05 7.89
N TYR H 270 -18.10 -26.72 8.75
CA TYR H 270 -17.52 -27.39 9.91
C TYR H 270 -16.54 -28.51 9.58
N ASN H 271 -15.39 -28.52 10.26
CA ASN H 271 -14.53 -29.72 10.27
C ASN H 271 -15.30 -30.87 10.89
N VAL H 272 -15.31 -32.02 10.21
CA VAL H 272 -15.97 -33.20 10.78
C VAL H 272 -15.03 -34.03 11.66
N HIS H 273 -15.35 -34.11 12.96
CA HIS H 273 -14.45 -34.73 13.95
C HIS H 273 -14.13 -36.19 13.61
N ARG H 274 -15.16 -36.95 13.27
CA ARG H 274 -15.01 -38.36 12.92
C ARG H 274 -13.95 -38.52 11.84
N ASP H 275 -14.11 -37.75 10.75
CA ASP H 275 -13.21 -37.81 9.61
C ASP H 275 -11.76 -37.55 9.99
N TRP H 276 -11.53 -36.45 10.69
CA TRP H 276 -10.19 -36.08 11.13
C TRP H 276 -9.59 -37.18 11.98
N LYS H 277 -10.41 -37.71 12.88
CA LYS H 277 -9.99 -38.85 13.70
C LYS H 277 -9.50 -40.03 12.84
N LYS H 278 -10.31 -40.45 11.87
CA LYS H 278 -9.95 -41.56 10.99
C LYS H 278 -8.64 -41.33 10.24
N VAL H 279 -8.55 -40.19 9.57
CA VAL H 279 -7.39 -39.86 8.73
C VAL H 279 -6.09 -39.72 9.54
N THR H 280 -6.21 -39.16 10.75
CA THR H 280 -5.06 -39.09 11.62
C THR H 280 -4.56 -40.51 11.92
N GLY H 281 -5.50 -41.44 12.10
CA GLY H 281 -5.17 -42.83 12.31
C GLY H 281 -4.35 -43.33 11.14
N TYR H 282 -4.99 -43.34 9.98
CA TYR H 282 -4.33 -43.64 8.72
C TYR H 282 -2.94 -43.03 8.68
N GLY H 283 -2.86 -41.75 9.06
CA GLY H 283 -1.61 -41.00 8.99
C GLY H 283 -0.50 -41.62 9.82
N LYS H 284 -0.83 -41.97 11.07
CA LYS H 284 0.14 -42.58 11.99
C LYS H 284 0.60 -43.95 11.49
N ARG H 285 -0.36 -44.77 11.05
CA ARG H 285 -0.04 -46.08 10.47
C ARG H 285 0.92 -45.97 9.27
N LEU H 286 0.63 -45.06 8.35
CA LEU H 286 1.48 -44.82 7.18
C LEU H 286 2.85 -44.22 7.53
N ALA H 287 3.07 -43.94 8.81
CA ALA H 287 4.33 -43.37 9.28
C ALA H 287 4.48 -41.88 8.89
N ILE H 288 3.47 -41.36 8.21
CA ILE H 288 3.45 -39.95 7.84
C ILE H 288 3.36 -39.06 9.07
N LEU H 289 2.71 -39.56 10.12
CA LEU H 289 2.53 -38.82 11.35
C LEU H 289 3.19 -39.52 12.54
N PRO H 290 3.82 -38.73 13.43
CA PRO H 290 4.37 -39.18 14.72
C PRO H 290 3.29 -39.82 15.60
N PRO H 291 3.69 -40.64 16.58
CA PRO H 291 2.79 -41.36 17.49
C PRO H 291 1.94 -40.45 18.38
N ASP H 292 2.51 -39.33 18.81
CA ASP H 292 1.81 -38.41 19.70
C ASP H 292 1.15 -37.27 18.94
N TYR H 293 1.03 -37.42 17.62
CA TYR H 293 0.53 -36.35 16.77
C TYR H 293 -0.91 -35.98 17.10
N VAL H 294 -1.19 -34.68 17.07
CA VAL H 294 -2.54 -34.17 17.36
C VAL H 294 -3.15 -33.43 16.16
N SER H 295 -4.40 -33.77 15.82
CA SER H 295 -5.11 -33.19 14.68
C SER H 295 -5.11 -31.68 14.71
N ASN H 296 -4.65 -31.06 13.62
CA ASN H 296 -4.50 -29.61 13.55
C ASN H 296 -5.67 -28.87 12.88
N TYR H 297 -6.83 -28.90 13.54
CA TYR H 297 -7.99 -28.18 13.04
C TYR H 297 -8.74 -27.51 14.18
N THR H 298 -9.72 -26.68 13.84
CA THR H 298 -10.55 -26.04 14.85
C THR H 298 -11.81 -25.35 14.29
N ASN H 299 -12.93 -25.54 14.98
CA ASN H 299 -14.17 -24.91 14.54
C ASN H 299 -14.48 -23.60 15.26
N GLU H 300 -13.47 -23.09 15.99
CA GLU H 300 -13.64 -21.89 16.82
C GLU H 300 -14.01 -20.64 16.04
N TYR H 301 -13.54 -20.54 14.80
CA TYR H 301 -13.69 -19.30 14.04
C TYR H 301 -14.93 -19.30 13.13
N LEU H 302 -15.74 -20.36 13.28
CA LEU H 302 -17.04 -20.42 12.65
C LEU H 302 -18.07 -19.82 13.61
N SER H 303 -18.96 -19.02 13.05
CA SER H 303 -19.85 -18.19 13.87
C SER H 303 -21.33 -18.57 13.76
N TRP H 304 -21.59 -19.88 13.65
CA TRP H 304 -22.94 -20.42 13.61
C TRP H 304 -22.91 -21.83 14.19
N PRO H 305 -24.08 -22.32 14.62
CA PRO H 305 -24.16 -23.63 15.30
C PRO H 305 -23.62 -24.80 14.46
N GLU H 306 -22.87 -25.68 15.13
CA GLU H 306 -22.41 -26.92 14.52
C GLU H 306 -23.60 -27.85 14.24
N PRO H 307 -23.55 -28.60 13.12
CA PRO H 307 -24.64 -29.54 12.80
C PRO H 307 -24.53 -30.83 13.60
N GLU H 308 -25.60 -31.61 13.66
CA GLU H 308 -25.57 -32.92 14.30
C GLU H 308 -24.74 -33.96 13.53
N GLU H 309 -23.90 -34.71 14.25
CA GLU H 309 -23.08 -35.74 13.62
C GLU H 309 -23.95 -36.72 12.84
N VAL H 310 -23.54 -37.04 11.62
CA VAL H 310 -24.27 -38.01 10.80
C VAL H 310 -24.44 -39.31 11.59
N SER H 311 -25.70 -39.75 11.71
CA SER H 311 -26.05 -40.93 12.51
C SER H 311 -25.36 -42.22 12.06
N ASP H 312 -25.55 -42.58 10.78
CA ASP H 312 -24.88 -43.74 10.20
C ASP H 312 -24.02 -43.32 9.00
N PRO H 313 -22.73 -43.02 9.25
CA PRO H 313 -21.78 -42.51 8.26
C PRO H 313 -21.54 -43.46 7.07
N LEU H 314 -21.51 -44.77 7.31
CA LEU H 314 -21.21 -45.73 6.24
C LEU H 314 -22.39 -45.95 5.28
N GLU H 315 -23.61 -45.73 5.78
CA GLU H 315 -24.80 -45.79 4.93
C GLU H 315 -24.95 -44.51 4.12
N ALA H 316 -24.64 -43.37 4.74
CA ALA H 316 -24.60 -42.10 4.03
C ALA H 316 -23.60 -42.15 2.88
N THR H 317 -22.52 -42.92 3.07
CA THR H 317 -21.47 -43.04 2.05
C THR H 317 -21.90 -43.90 0.86
N ARG H 318 -22.63 -45.00 1.14
CA ARG H 318 -23.12 -45.84 0.05
C ARG H 318 -24.38 -45.23 -0.58
N LEU H 319 -25.05 -44.35 0.17
CA LEU H 319 -26.18 -43.56 -0.33
C LEU H 319 -25.72 -42.48 -1.30
N MET H 320 -24.59 -41.87 -0.99
CA MET H 320 -23.96 -40.85 -1.84
C MET H 320 -23.53 -41.46 -3.18
N ALA H 321 -22.91 -42.64 -3.14
CA ALA H 321 -22.47 -43.33 -4.35
C ALA H 321 -23.63 -43.46 -5.35
N ILE H 322 -24.83 -43.78 -4.82
CA ILE H 322 -26.04 -43.85 -5.62
C ILE H 322 -26.43 -42.46 -6.14
N HIS H 323 -26.56 -41.53 -5.19
CA HIS H 323 -26.89 -40.12 -5.45
C HIS H 323 -26.07 -39.51 -6.59
N GLN H 324 -24.78 -39.83 -6.59
CA GLN H 324 -23.82 -39.34 -7.59
C GLN H 324 -24.00 -40.01 -8.95
N GLU H 325 -24.38 -41.28 -8.92
CA GLU H 325 -24.68 -42.00 -10.15
C GLU H 325 -25.91 -41.38 -10.81
N LYS H 326 -26.91 -41.03 -9.99
CA LYS H 326 -28.10 -40.34 -10.50
C LYS H 326 -27.75 -38.97 -11.09
N CYS H 327 -26.87 -38.25 -10.41
CA CYS H 327 -26.43 -36.93 -10.87
C CYS H 327 -25.80 -37.02 -12.26
N ARG H 328 -25.07 -38.11 -12.50
CA ARG H 328 -24.37 -38.30 -13.77
C ARG H 328 -25.34 -38.47 -14.96
N GLN H 329 -26.41 -39.23 -14.74
CA GLN H 329 -27.31 -39.54 -15.85
C GLN H 329 -28.51 -38.59 -15.93
N GLU H 330 -28.75 -37.82 -14.87
CA GLU H 330 -29.87 -36.88 -14.85
C GLU H 330 -29.44 -35.42 -15.03
N GLY H 331 -28.15 -35.15 -14.80
CA GLY H 331 -27.63 -33.80 -14.86
C GLY H 331 -28.40 -32.81 -13.98
N THR H 332 -28.33 -33.02 -12.66
CA THR H 332 -29.14 -32.26 -11.72
C THR H 332 -28.32 -31.69 -10.58
N PHE H 333 -28.91 -30.74 -9.87
CA PHE H 333 -28.32 -30.22 -8.63
C PHE H 333 -29.14 -30.63 -7.40
N LYS H 334 -28.78 -31.75 -6.78
CA LYS H 334 -29.48 -32.19 -5.58
C LYS H 334 -28.51 -32.51 -4.45
N ARG H 335 -28.86 -32.08 -3.24
CA ARG H 335 -28.09 -32.38 -2.03
C ARG H 335 -28.41 -33.79 -1.50
N1 PLP I . 8.76 24.86 21.29
C2 PLP I . 8.34 23.74 20.64
C2A PLP I . 6.93 23.68 20.16
C3 PLP I . 9.21 22.68 20.42
O3 PLP I . 8.76 21.71 19.82
C4 PLP I . 10.54 22.71 20.87
C4A PLP I . 11.43 21.54 20.58
C5 PLP I . 10.97 23.87 21.52
C6 PLP I . 10.06 24.91 21.72
C5A PLP I . 12.30 24.21 22.10
O4P PLP I . 13.58 23.60 22.08
P PLP I . 14.72 24.70 21.85
O1P PLP I . 15.78 23.93 21.16
O2P PLP I . 13.95 25.65 21.01
O3P PLP I . 15.15 25.32 23.14
N1 PLP J . -1.92 -5.57 -18.49
C2 PLP J . -0.83 -6.30 -18.07
C2A PLP J . 0.01 -7.09 -19.05
C3 PLP J . -0.47 -6.30 -16.73
O3 PLP J . 0.52 -6.96 -16.40
C4 PLP J . -1.21 -5.55 -15.79
C4A PLP J . -0.84 -5.56 -14.32
C5 PLP J . -2.31 -4.82 -16.20
C6 PLP J . -2.65 -4.84 -17.56
C5A PLP J . -3.17 -4.02 -15.25
O4P PLP J . -2.95 -2.61 -15.06
P PLP J . -3.76 -1.40 -15.77
O1P PLP J . -5.08 -1.80 -16.31
O2P PLP J . -3.89 -0.45 -14.66
O3P PLP J . -2.86 -1.03 -16.89
N1 PLP K . 48.21 2.50 -23.06
C2 PLP K . 49.20 3.33 -22.61
C2A PLP K . 50.59 2.76 -22.61
C3 PLP K . 48.87 4.64 -22.18
O3 PLP K . 49.74 5.43 -21.76
C4 PLP K . 47.54 5.05 -22.24
C4A PLP K . 47.11 6.40 -21.79
C5 PLP K . 46.54 4.18 -22.70
C6 PLP K . 46.90 2.91 -23.11
C5A PLP K . 45.10 4.62 -22.75
O4P PLP K . 44.43 4.74 -24.04
P PLP K . 44.02 3.33 -24.64
O1P PLP K . 44.93 3.09 -25.79
O2P PLP K . 42.59 3.43 -25.00
O3P PLP K . 44.32 2.53 -23.45
N1 PLP L . -4.73 -33.91 -4.72
C2 PLP L . -5.21 -32.70 -4.29
C2A PLP L . -6.69 -32.46 -4.40
C3 PLP L . -4.34 -31.74 -3.75
O3 PLP L . -4.83 -30.67 -3.36
C4 PLP L . -2.96 -32.00 -3.66
C4A PLP L . -1.98 -31.01 -3.10
C5 PLP L . -2.49 -33.23 -4.12
C6 PLP L . -3.37 -34.17 -4.65
C5A PLP L . -1.03 -33.58 -4.07
O4P PLP L . -0.50 -34.55 -3.13
P PLP L . -0.57 -36.13 -3.50
O1P PLP L . -0.74 -36.24 -4.97
O2P PLP L . 0.77 -36.57 -3.06
O3P PLP L . -1.75 -36.65 -2.77
#